data_7XLQ
#
_entry.id   7XLQ
#
_cell.length_a   1.00
_cell.length_b   1.00
_cell.length_c   1.00
_cell.angle_alpha   90.00
_cell.angle_beta   90.00
_cell.angle_gamma   90.00
#
_symmetry.space_group_name_H-M   'P 1'
#
loop_
_entity.id
_entity.type
_entity.pdbx_description
1 polymer 'Voltage-dependent R-type calcium channel subunit alpha-1E'
2 polymer 'Voltage-dependent calcium channel subunit alpha-2/delta-1'
3 polymer 'Voltage-dependent L-type calcium channel subunit beta-1'
4 branched beta-D-mannopyranose-(1-4)-2-acetamido-2-deoxy-beta-D-glucopyranose-(1-4)-2-acetamido-2-deoxy-beta-D-glucopyranose
5 branched beta-D-mannopyranose-(1-3)-2-acetamido-2-deoxy-beta-D-glucopyranose-(1-4)-2-acetamido-2-deoxy-beta-D-glucopyranose
6 non-polymer 'CHOLESTEROL HEMISUCCINATE'
7 non-polymer HEXADECANE
8 non-polymer 1,2-Distearoyl-sn-glycerophosphoethanolamine
9 non-polymer 'CALCIUM ION'
10 non-polymer 2-acetamido-2-deoxy-beta-D-glucopyranose
#
loop_
_entity_poly.entity_id
_entity_poly.type
_entity_poly.pdbx_seq_one_letter_code
_entity_poly.pdbx_strand_id
1 'polypeptide(L)'
;MARFGEAVVARPGSGDGDSDQSRNRQGTPVPASGQAAAYKQTKAQRARTMALYNPIPVRQNCFTVNRSLFIFGEDNIVRK
YAKKLIDWPPFEYMILATIIANCIVLALEQHLPEDDKTPMSRRLEKTEPYFIGIFCFEAGIKIVALGFIFHKGSYLRNGW
NVMDFIVVLSGILATAGTHFNTHVDLRTLRAVRVLRPLKLVSGIPSLQIVLKSIMKAMVPLLQIGLLLFFAILMFAIIGL
EFYSGKLHRACFMNNSGILEGFDPPHPCGVQGCPAGYECKDWIGPNDGITQFDNILFAVLTVFQCITMEGWTTVLYNTND
ALGATWNWLYFIPLIIIGSFFVLNLVLGVLSGEFAKERERVENRRAFMKLRRQQQIERELNGYRAWIDKAEEVMLAEENK
NAGTSALEVLRRATIKRSRTEAMTRDSSDEHCVDISSVGTPLARASIKSAKVDGVSYFRHKERLLRISIRHMVKSQVFYW
IVLSLVALNTACVAIVHHNQPQWLTHLLYYAEFLFLGLFLLEMSLKMYGMGPRLYFHSSFNCFDFGVTVGSIFEVVWAIF
RPGTSFGISVLRALRLLRIFKITKYWASLRNLVVSLMSSMKSIISLLFLLFLFIVVFALLGMQLFGGRFNFNDGTPSANF
DTFPAAIMTVFQILTGEDWNEVMYNGIRSQGGVSSGMWSAIYFIVLTLFGNYTLLNVFLAIAVDNLANAQELTKDEQEEE
EAFNQKHALQKAKEVSPMSAPNMPSIERDRRRRHHMSMWEPRSSHLRERRRRHHMSVWEQRTSQLRKHMQMSSQEALNRE
EAPTMNPLNPLNPLSSLNPLNAHPSLYRRPRAIEGLALGLALEKFEEERISRGGSLKGDGGDRSSALDNQRTPLSLGQRE
PPWLARPCHGNCDPTQQEAGGGEAVVTFEDRARHRQSQRRSRHRRVRTEGKESSSASRSRSASQERSLDEAMPTEGEKDH
ELRGNHGAKEPTIQEERAQDLRRTNSLMVSRGSGLAGGLDEADTPLVLPHPELEVGKHVVLTEQEPEGSSEQALLGNVQL
DMGRVISQSEPDLSCITANTDKATTESTSVTVAIPDVDPLVDSTVVHISNKTDGEASPLKEAEIREDEEEVEKKKQKKEK
RETGKAMVPHSSMFIFSTTNPIRRACHYIVNLRYFEMCILLVIAASSIALAAEDPVLTNSERNKVLRYFDYVFTGVFTFE
MVIKMIDQGLILQDGSYFRDLWNILDFVVVVGALVAFALANALGTNKGRDIKTIKSLRVLRVLRPLKTIKRLPKLKAVFD
CVVTSLKNVFNILIVYKLFMFIFAVIAVQLFKGKFFYCTDSSKDTEKECIGNYVDHEKNKMEVKGREWKRHEFHYDNIIW
ALLTLFTVSTGEGWPQVLQHSVDVTEEDRGPSRSNRMEMSIFYVVYFVVFPFFFVNIFVALIIITFQEQGDKMMEECSLE
KNERACIDFAISAKPLTRYMPQNRHTFQYRVWHFVVSPSFEYTIMAMIALNTVVLMMKYYSAPCTYELALKYLNIAFTMV
FSLECVLKVIAFGFLNYFRDTWNIFDFITVIGSITEIILTDSKLVNTSGFNMSFLKLFRAARLIKLLRQGYTIRILLWTF
VQSFKALPYVCLLIAMLFFIYAIIGMQVFGNIKLDEESHINRHNNFRSFFGSLMLLFRSATGEAWQEIMLSCLGEKGCEP
DTTAPSGQNENERCGTDLAYVYFVSFIFFCSFLMLNLFVAVIMDNFEYLTRDSSILGPHHLDEFVRVWAEYDRAACGRIH
YTEMYEMLTLMSPPLGLGKRCPSKVAYKRLVLMNMPVAEDMTVHFTSTLMALIRTALDIKIAKGGADRQQLDSELQKETL
AIWPHLSQKMLDLLVPMPKASDLTVGKIYAAMMIMDYYKQSKVKKQRQQLEEQKNAPMFQRMEPSSLPQEIIANAKALPY
LQQDPVSGLSGRSGYPSMSPLSPQDIFQLACMDPADDGQFQERQSLEPEVSELKSVQPSNHGIYLPSDTQEHAGSGRASS
MPRLTVDPQVVTDPSSMRRSFSTIRDKRSNSSWLEEFSMERSSENTYKSRRRSYHSSLRLSAHRLNSDSGHKSDTHRSGG
RERGRSKERKHLLSPDVSRCNSEERGTQADWESPERRQSRSPSEGRSQTPNRQGTGSLSESSIPSVSDTSTPRRSRRQLP
PVPPKPRPLLSYSSLIRHAGSISPPADGSEEGSPLTSQALESNNACLTESSNSPHPQQSQHASPQRYISEPYLALHEDSH
ASDCGEEETLTFEAAVATSLGRSNTIGSAPPLRHSWQMPNGHYRRRRRGGPGPGMMCGAVNNLLSDTEEDDKC
;
A
2 'polypeptide(L)'
;FPSAVTIKSWVDKMQEDLVTLAKTASGVNQLVDIYEKYQDLYTVEPNNARQLVEIAARDIEKLLSNRSKALVRLALEAEK
VQAAHQWREDFASNEVVYYNAKDDLDPEKNDSEPGSQRIKPVFIEDANFGRQISYQHAAVHIPTDIYEGSTIVLNELNWT
SALDEVFKKNREEDPSLLWQVFGSATGLARYYPASPWVDNSRTPNKIDLYDVRRRPWYIQGAASPKDMLILVDVSGSVSG
LTLKLIRTSVSEMLETLSDDDFVNVASFNSNAQDVSCFQHLVQANVRNKKVLKDAVNNITAKGITDYKKGFSFAFEQLLN
YNVSRANCNKIIMLFTDGGEERAQEIFNKYNKDKKVRVFTFSVGQHNYDRGPIQWMACENKGYYYEIPSIGAIRINTQEY
LDVLGRPMVLAGDKAKQVQWTNVYLDALELGLVITGTLPVFNITGQFENKTNLKNQLILGVMGVDVSLEDIKRLTPRFTL
CPNGYYFAIDPNGYVLLHPNLQPKPIGVGIPTINLRKRRPNIQNPKSQEPVTLDFLDAELENDIKVEIRNKMIDGESGEK
TFRTLVKSQDERYIDKGNRTYTWTPVNGTDYSLALVLPTYSFYYIKAKLEETITQARYSETLKPDNFEESGYTFIAPRDY
CNDLKISDNNTEFLLNFNEFIDRKTPNNPSCNADLINRVLLDAGFTNELVQNYWSKQKNIKGVKARFVVTDGGITRVYPK
EAGENWQENPETYEDSFYKRSLDNDNYVFTAPYFNKSGPGAYESGIMVSKAVEIYIQGKLLKPAVVGIKIDVNSWIENFT
KTSIRDPCAGPVCDCKRNSDVMDCVILDDGGFLLMANHDDYTNQIGRFFGEIDPSLMRHLVNISVYAFNKSYDYQSVCEP
GAAPKQGAGHRSAYVPSVADILQIGWWATAAAWSILQQFLLSLTFPRLLEAVEMEDDDFTASLSKQSCITEQTQYFFDND
SKSFSGVLDCGNCSRIFHGEKLMNTNLIFIMVESKGTCPCDTRLLIQAEQTSDGPNPCDMVKQPRYRKGPDVCFDNNVLE
DYTDCGGVSGLNPSLWYIIGIQFLLLWLVSGSTHRLL
;
D
3 'polypeptide(L)'
;MVQKTSMSRGPYPPSQEIPMEVFDPSPQGKYSKRKGRFKRSDGSTSSDTTSNSFVRQGSAESYTSRPSDSDVSLEEDREA
LRKEAERQALAQLEKAKTKPVAFAVRTNVGYNPSPGDEVPVQGVAITFEPKDFLHIKEKYNNDWWIGRLVKEGCEVGFIP
SPVKLDSLRLLQEQKLRQNRLGSSKSGDNSSSSLGDVVTGTRRPTPPASAKQKQKSTEHVPPYDVVPSMRPIILVGPSLK
GYEVTDMMQKALFDFLKHRFDGRISITRVTADISLAKRSVLNNPSKHIIIERSNTRSSLAEVQSEIERIFELARTLQLVA
LDADTINHPAQLSKTSLAPIIVYIKITSPKVLQRLIKSRGKSQSKHLNVQIAASEKLAQCPPEMFDIILDENQLEDACEH
LAEYLEAYWKATHPPSSTPPNPLLNRTMATAALAASPAPVSNLQGPYLASGDQPLERATGEHASMHEYPGELGQPPGLYP
SSHPPGRAGTLRALSRQDTFDADTPGSRNSAYTELGDSCVDMETDPSEGPGLGDPAGGGTPPARQGSWEDEEEDYEEELT
DNRNRGRNKARYCAEGGGPVLGRNKNELEGWGRGVYIR
;
B
#
loop_
_chem_comp.id
_chem_comp.type
_chem_comp.name
_chem_comp.formula
3PE non-polymer 1,2-Distearoyl-sn-glycerophosphoethanolamine 'C41 H82 N O8 P'
BMA D-saccharide, beta linking beta-D-mannopyranose 'C6 H12 O6'
CA non-polymer 'CALCIUM ION' 'Ca 2'
NAG D-saccharide, beta linking 2-acetamido-2-deoxy-beta-D-glucopyranose 'C8 H15 N O6'
R16 non-polymer HEXADECANE 'C16 H34'
Y01 non-polymer 'CHOLESTEROL HEMISUCCINATE' 'C31 H50 O4'
#
# COMPACT_ATOMS: atom_id res chain seq x y z
N ASN A 76 56.98 -11.03 -22.78
CA ASN A 76 55.60 -11.17 -22.35
C ASN A 76 55.34 -12.57 -21.82
N ILE A 77 55.88 -13.57 -22.51
CA ILE A 77 55.69 -14.97 -22.15
C ILE A 77 56.83 -15.46 -21.25
N VAL A 78 57.64 -14.54 -20.73
CA VAL A 78 58.83 -14.85 -19.94
C VAL A 78 58.54 -15.89 -18.87
N ARG A 79 59.36 -16.94 -18.82
CA ARG A 79 59.19 -18.00 -17.85
C ARG A 79 59.80 -17.57 -16.52
N LYS A 80 59.99 -18.52 -15.60
CA LYS A 80 60.36 -18.22 -14.22
C LYS A 80 59.42 -17.16 -13.65
N TYR A 81 58.14 -17.55 -13.57
CA TYR A 81 57.13 -16.63 -13.06
C TYR A 81 57.35 -16.32 -11.58
N ALA A 82 57.59 -17.36 -10.77
CA ALA A 82 57.63 -17.26 -9.31
C ALA A 82 56.28 -16.78 -8.80
N LYS A 83 55.26 -16.82 -9.66
CA LYS A 83 53.90 -16.41 -9.35
C LYS A 83 52.92 -17.56 -9.33
N LYS A 84 53.11 -18.54 -10.21
CA LYS A 84 52.29 -19.76 -10.16
C LYS A 84 52.53 -20.52 -8.87
N LEU A 85 53.73 -20.36 -8.28
CA LEU A 85 54.00 -20.96 -6.98
C LEU A 85 53.20 -20.26 -5.88
N ILE A 86 52.68 -19.06 -6.15
CA ILE A 86 51.99 -18.30 -5.12
C ILE A 86 50.54 -18.76 -4.96
N ASP A 87 50.00 -19.54 -5.90
CA ASP A 87 48.63 -19.99 -5.79
C ASP A 87 48.53 -21.16 -4.82
N TRP A 88 49.12 -20.98 -3.62
CA TRP A 88 49.09 -22.03 -2.59
C TRP A 88 47.83 -21.91 -1.76
N PRO A 89 47.38 -22.98 -1.12
CA PRO A 89 46.11 -23.03 -0.40
C PRO A 89 46.02 -22.03 0.75
N PRO A 90 47.14 -21.57 1.36
CA PRO A 90 47.00 -20.44 2.30
C PRO A 90 46.69 -19.13 1.60
N PHE A 91 46.88 -19.11 0.29
CA PHE A 91 46.74 -17.87 -0.48
C PHE A 91 45.35 -17.71 -1.07
N GLU A 92 44.67 -18.82 -1.37
CA GLU A 92 43.33 -18.74 -1.94
C GLU A 92 42.22 -18.89 -0.92
N TYR A 93 42.55 -19.06 0.36
CA TYR A 93 41.57 -18.90 1.43
C TYR A 93 41.64 -17.54 2.10
N MET A 94 42.50 -16.65 1.64
CA MET A 94 42.43 -15.26 2.05
C MET A 94 41.69 -14.40 1.04
N ILE A 95 41.62 -14.86 -0.22
CA ILE A 95 40.72 -14.23 -1.18
C ILE A 95 39.27 -14.62 -0.88
N LEU A 96 39.03 -15.88 -0.53
CA LEU A 96 37.70 -16.26 -0.12
C LEU A 96 37.33 -15.67 1.23
N ALA A 97 38.32 -15.12 1.95
CA ALA A 97 38.03 -14.42 3.18
C ALA A 97 37.77 -12.93 2.94
N THR A 98 38.45 -12.33 1.96
CA THR A 98 38.19 -10.93 1.66
C THR A 98 36.91 -10.76 0.86
N ILE A 99 36.45 -11.80 0.17
CA ILE A 99 35.18 -11.70 -0.54
C ILE A 99 34.01 -11.75 0.43
N ILE A 100 34.03 -12.69 1.37
CA ILE A 100 32.96 -12.74 2.37
C ILE A 100 32.96 -11.47 3.21
N ALA A 101 34.14 -10.94 3.51
CA ALA A 101 34.22 -9.64 4.16
C ALA A 101 33.62 -8.56 3.27
N ASN A 102 33.92 -8.62 1.98
CA ASN A 102 33.34 -7.66 1.04
C ASN A 102 31.82 -7.80 0.97
N CYS A 103 31.32 -9.03 0.97
CA CYS A 103 29.87 -9.25 0.88
C CYS A 103 29.16 -8.78 2.13
N ILE A 104 29.90 -8.54 3.22
CA ILE A 104 29.28 -8.05 4.45
C ILE A 104 29.26 -6.53 4.45
N VAL A 105 30.31 -5.90 3.88
CA VAL A 105 30.30 -4.45 3.75
C VAL A 105 29.14 -4.00 2.88
N LEU A 106 28.94 -4.66 1.74
CA LEU A 106 27.79 -4.37 0.89
C LEU A 106 26.46 -4.68 1.58
N ALA A 107 26.43 -5.66 2.47
CA ALA A 107 25.22 -5.96 3.22
C ALA A 107 24.88 -4.90 4.25
N LEU A 108 25.88 -4.18 4.76
CA LEU A 108 25.66 -3.20 5.82
C LEU A 108 25.29 -1.81 5.29
N GLU A 109 25.48 -1.56 4.01
CA GLU A 109 25.22 -0.23 3.47
C GLU A 109 23.73 0.05 3.42
N GLN A 110 23.34 1.24 3.87
CA GLN A 110 21.96 1.69 3.79
C GLN A 110 21.87 2.86 2.82
N HIS A 111 20.84 2.84 1.99
CA HIS A 111 20.70 3.78 0.89
C HIS A 111 19.68 4.84 1.26
N LEU A 112 20.13 6.07 1.39
CA LEU A 112 19.30 7.21 1.75
C LEU A 112 19.01 8.08 0.54
N PRO A 113 17.87 8.76 0.50
CA PRO A 113 17.29 9.19 -0.78
C PRO A 113 18.13 10.07 -1.69
N GLU A 114 18.52 11.27 -1.27
CA GLU A 114 19.06 12.27 -2.18
C GLU A 114 20.40 12.78 -1.67
N ASP A 115 21.47 12.08 -2.06
CA ASP A 115 22.85 12.38 -1.70
C ASP A 115 23.11 12.20 -0.22
N ASP A 116 22.09 11.87 0.57
CA ASP A 116 22.27 11.69 2.00
C ASP A 116 22.96 10.36 2.26
N LYS A 117 23.73 10.31 3.34
CA LYS A 117 24.42 9.09 3.72
C LYS A 117 24.47 9.00 5.24
N THR A 118 24.17 7.81 5.75
CA THR A 118 24.29 7.57 7.18
C THR A 118 25.76 7.65 7.58
N PRO A 119 26.04 7.94 8.85
CA PRO A 119 27.44 7.98 9.30
C PRO A 119 28.17 6.67 9.08
N MET A 120 27.49 5.53 9.25
CA MET A 120 28.14 4.24 9.04
C MET A 120 28.53 4.05 7.58
N SER A 121 27.61 4.33 6.65
CA SER A 121 27.89 4.18 5.23
C SER A 121 29.01 5.07 4.75
N ARG A 122 29.33 6.13 5.47
CA ARG A 122 30.51 6.94 5.20
C ARG A 122 31.78 6.27 5.69
N ARG A 123 31.68 5.44 6.74
CA ARG A 123 32.83 4.68 7.20
C ARG A 123 33.15 3.54 6.25
N LEU A 124 32.12 2.80 5.80
CA LEU A 124 32.34 1.64 4.94
C LEU A 124 32.87 2.05 3.57
N GLU A 125 32.67 3.30 3.17
CA GLU A 125 33.23 3.75 1.90
C GLU A 125 34.74 3.91 1.96
N LYS A 126 35.34 3.80 3.14
CA LYS A 126 36.78 3.90 3.30
C LYS A 126 37.48 2.57 3.07
N THR A 127 36.73 1.47 2.97
CA THR A 127 37.29 0.16 2.71
C THR A 127 37.40 -0.18 1.24
N GLU A 128 36.74 0.56 0.36
CA GLU A 128 36.78 0.26 -1.06
C GLU A 128 38.18 0.27 -1.66
N PRO A 129 39.08 1.21 -1.34
CA PRO A 129 40.45 1.09 -1.85
C PRO A 129 41.16 -0.18 -1.42
N TYR A 130 40.85 -0.70 -0.22
CA TYR A 130 41.49 -1.94 0.22
C TYR A 130 40.97 -3.13 -0.58
N PHE A 131 39.65 -3.25 -0.73
CA PHE A 131 39.08 -4.39 -1.44
C PHE A 131 39.49 -4.38 -2.91
N ILE A 132 39.56 -3.20 -3.53
CA ILE A 132 40.15 -3.10 -4.86
C ILE A 132 41.62 -3.46 -4.81
N GLY A 133 42.32 -3.05 -3.76
CA GLY A 133 43.74 -3.34 -3.67
C GLY A 133 44.04 -4.83 -3.69
N ILE A 134 43.18 -5.62 -3.03
CA ILE A 134 43.38 -7.06 -3.00
C ILE A 134 42.90 -7.70 -4.30
N PHE A 135 41.70 -7.29 -4.77
CA PHE A 135 41.17 -7.88 -5.99
C PHE A 135 42.01 -7.51 -7.20
N CYS A 136 42.63 -6.32 -7.19
CA CYS A 136 43.51 -5.95 -8.29
C CYS A 136 44.84 -6.68 -8.20
N PHE A 137 45.25 -7.04 -6.98
CA PHE A 137 46.43 -7.88 -6.81
C PHE A 137 46.24 -9.23 -7.46
N GLU A 138 45.05 -9.82 -7.31
CA GLU A 138 44.80 -11.15 -7.85
C GLU A 138 44.85 -11.15 -9.37
N ALA A 139 44.23 -10.16 -10.01
CA ALA A 139 44.30 -10.08 -11.47
C ALA A 139 45.74 -9.96 -11.93
N GLY A 140 46.53 -9.11 -11.27
CA GLY A 140 47.92 -8.96 -11.66
C GLY A 140 48.73 -10.23 -11.46
N ILE A 141 48.55 -10.88 -10.31
CA ILE A 141 49.33 -12.07 -10.02
C ILE A 141 48.88 -13.24 -10.88
N LYS A 142 47.64 -13.21 -11.37
CA LYS A 142 47.15 -14.27 -12.24
C LYS A 142 47.51 -14.03 -13.70
N ILE A 143 47.42 -12.78 -14.18
CA ILE A 143 47.82 -12.53 -15.56
C ILE A 143 49.32 -12.67 -15.73
N VAL A 144 50.06 -12.74 -14.63
CA VAL A 144 51.48 -13.06 -14.70
C VAL A 144 51.70 -14.56 -14.65
N ALA A 145 51.18 -15.21 -13.59
CA ALA A 145 51.34 -16.66 -13.46
C ALA A 145 50.69 -17.41 -14.62
N LEU A 146 49.65 -16.82 -15.20
CA LEU A 146 49.03 -17.35 -16.40
C LEU A 146 49.27 -16.36 -17.54
N GLY A 147 48.67 -16.61 -18.70
CA GLY A 147 48.70 -15.66 -19.80
C GLY A 147 47.64 -14.60 -19.62
N PHE A 148 47.35 -13.88 -20.71
CA PHE A 148 46.29 -12.89 -20.69
C PHE A 148 45.14 -13.24 -21.63
N ILE A 149 45.37 -13.30 -22.93
CA ILE A 149 44.36 -13.75 -23.88
C ILE A 149 44.98 -14.78 -24.82
N PHE A 150 46.12 -14.41 -25.41
CA PHE A 150 46.71 -15.16 -26.52
C PHE A 150 46.99 -16.61 -26.15
N HIS A 151 47.62 -16.86 -25.01
CA HIS A 151 47.93 -18.22 -24.62
C HIS A 151 46.65 -19.00 -24.39
N LYS A 152 46.69 -20.31 -24.68
CA LYS A 152 45.50 -21.12 -24.57
C LYS A 152 44.96 -21.19 -23.14
N GLY A 153 45.84 -21.41 -22.16
CA GLY A 153 45.43 -21.42 -20.77
C GLY A 153 45.64 -20.09 -20.09
N SER A 154 45.21 -19.01 -20.71
CA SER A 154 45.48 -17.67 -20.20
C SER A 154 44.33 -17.19 -19.32
N TYR A 155 44.49 -16.00 -18.77
CA TYR A 155 43.53 -15.47 -17.80
C TYR A 155 42.14 -15.31 -18.41
N LEU A 156 42.04 -14.49 -19.45
CA LEU A 156 40.73 -14.17 -20.03
C LEU A 156 40.07 -15.34 -20.74
N ARG A 157 40.70 -16.53 -20.76
CA ARG A 157 40.07 -17.66 -21.41
C ARG A 157 38.96 -18.25 -20.55
N ASN A 158 39.13 -18.23 -19.22
CA ASN A 158 38.16 -18.83 -18.34
C ASN A 158 36.90 -17.98 -18.27
N GLY A 159 35.75 -18.64 -18.14
CA GLY A 159 34.50 -17.91 -18.15
C GLY A 159 34.27 -17.10 -16.89
N TRP A 160 34.96 -17.47 -15.80
CA TRP A 160 34.78 -16.78 -14.54
C TRP A 160 35.79 -15.64 -14.38
N ASN A 161 37.05 -15.90 -14.73
CA ASN A 161 38.07 -14.86 -14.63
C ASN A 161 37.76 -13.67 -15.51
N VAL A 162 36.92 -13.84 -16.54
CA VAL A 162 36.39 -12.69 -17.26
C VAL A 162 35.53 -11.84 -16.33
N MET A 163 34.64 -12.50 -15.58
CA MET A 163 33.76 -11.76 -14.68
C MET A 163 34.52 -11.25 -13.46
N ASP A 164 35.61 -11.93 -13.08
CA ASP A 164 36.48 -11.41 -12.04
C ASP A 164 37.29 -10.23 -12.54
N PHE A 165 37.37 -10.06 -13.85
CA PHE A 165 38.13 -8.95 -14.42
C PHE A 165 37.27 -7.70 -14.54
N ILE A 166 36.02 -7.86 -15.02
CA ILE A 166 35.12 -6.71 -15.10
C ILE A 166 34.90 -6.10 -13.72
N VAL A 167 34.77 -6.94 -12.69
CA VAL A 167 34.53 -6.43 -11.34
C VAL A 167 35.69 -5.56 -10.87
N VAL A 168 36.92 -6.05 -11.03
CA VAL A 168 38.07 -5.23 -10.63
C VAL A 168 38.25 -4.06 -11.58
N LEU A 169 38.06 -4.28 -12.88
CA LEU A 169 38.22 -3.19 -13.85
C LEU A 169 37.18 -2.09 -13.60
N SER A 170 35.93 -2.48 -13.38
CA SER A 170 34.91 -1.49 -13.03
C SER A 170 35.18 -0.87 -11.67
N GLY A 171 36.03 -1.50 -10.85
CA GLY A 171 36.39 -0.91 -9.58
C GLY A 171 37.59 0.00 -9.63
N ILE A 172 38.43 -0.14 -10.66
CA ILE A 172 39.52 0.80 -10.87
C ILE A 172 38.99 2.13 -11.36
N LEU A 173 38.12 2.09 -12.37
CA LEU A 173 37.60 3.32 -12.95
C LEU A 173 36.66 4.03 -11.99
N ALA A 174 35.75 3.27 -11.35
CA ALA A 174 34.73 3.90 -10.51
C ALA A 174 35.33 4.57 -9.28
N THR A 175 36.50 4.14 -8.83
CA THR A 175 37.17 4.83 -7.74
C THR A 175 38.07 5.96 -8.23
N ALA A 176 38.16 6.16 -9.54
CA ALA A 176 38.95 7.22 -10.14
C ALA A 176 38.05 8.35 -10.63
N GLY A 177 36.99 8.64 -9.88
CA GLY A 177 36.10 9.74 -10.19
C GLY A 177 36.63 11.11 -9.83
N THR A 178 37.93 11.22 -9.54
CA THR A 178 38.56 12.49 -9.22
C THR A 178 39.61 12.92 -10.22
N HIS A 179 40.57 12.04 -10.54
CA HIS A 179 41.69 12.43 -11.40
C HIS A 179 41.24 12.64 -12.84
N PHE A 180 40.47 11.71 -13.39
CA PHE A 180 40.03 11.80 -14.77
C PHE A 180 38.54 12.06 -14.89
N ASN A 181 37.82 12.03 -13.77
CA ASN A 181 36.45 12.52 -13.59
C ASN A 181 35.37 11.71 -14.31
N THR A 182 35.71 10.69 -15.10
CA THR A 182 34.70 9.93 -15.82
C THR A 182 33.86 10.90 -16.64
N HIS A 183 34.45 11.45 -17.71
CA HIS A 183 34.31 12.84 -18.11
C HIS A 183 32.99 13.50 -17.75
N VAL A 184 31.86 12.88 -18.07
CA VAL A 184 30.58 13.48 -17.69
C VAL A 184 30.19 13.07 -16.27
N ASP A 185 29.90 11.78 -16.08
CA ASP A 185 29.58 11.17 -14.79
C ASP A 185 29.30 9.70 -15.03
N LEU A 186 29.20 8.88 -13.98
CA LEU A 186 28.79 7.51 -14.19
C LEU A 186 27.49 7.15 -13.50
N ARG A 187 27.43 7.23 -12.17
CA ARG A 187 26.27 6.82 -11.36
C ARG A 187 25.88 5.37 -11.64
N THR A 188 26.63 4.68 -12.50
CA THR A 188 26.17 3.38 -12.99
C THR A 188 27.31 2.39 -13.11
N LEU A 189 28.48 2.76 -12.62
CA LEU A 189 29.63 1.86 -12.65
C LEU A 189 29.95 1.31 -11.27
N ARG A 190 29.24 1.78 -10.24
CA ARG A 190 29.21 1.12 -8.95
C ARG A 190 28.20 -0.03 -8.92
N ALA A 191 27.38 -0.17 -9.95
CA ALA A 191 26.43 -1.26 -10.03
C ALA A 191 27.08 -2.55 -10.48
N VAL A 192 28.40 -2.55 -10.68
CA VAL A 192 29.14 -3.78 -10.93
C VAL A 192 29.67 -4.37 -9.64
N ARG A 193 29.62 -3.64 -8.53
CA ARG A 193 29.99 -4.20 -7.24
C ARG A 193 29.07 -5.34 -6.84
N VAL A 194 27.84 -5.36 -7.36
CA VAL A 194 26.88 -6.39 -6.98
C VAL A 194 27.30 -7.76 -7.49
N LEU A 195 28.24 -7.82 -8.43
CA LEU A 195 28.75 -9.09 -8.91
C LEU A 195 29.91 -9.62 -8.06
N ARG A 196 30.18 -8.98 -6.92
CA ARG A 196 31.22 -9.48 -6.03
C ARG A 196 30.82 -10.73 -5.26
N PRO A 197 29.57 -10.92 -4.82
CA PRO A 197 29.20 -12.23 -4.27
C PRO A 197 29.41 -13.38 -5.24
N LEU A 198 29.31 -13.12 -6.54
CA LEU A 198 29.57 -14.18 -7.51
C LEU A 198 31.05 -14.45 -7.71
N LYS A 199 31.93 -13.81 -6.93
CA LYS A 199 33.31 -14.24 -6.90
C LYS A 199 33.53 -15.36 -5.89
N LEU A 200 32.52 -15.69 -5.09
CA LEU A 200 32.58 -16.90 -4.28
C LEU A 200 32.40 -18.13 -5.16
N VAL A 201 31.52 -18.05 -6.15
CA VAL A 201 31.33 -19.16 -7.07
C VAL A 201 32.59 -19.38 -7.89
N SER A 202 33.27 -18.29 -8.29
CA SER A 202 34.53 -18.43 -9.01
C SER A 202 35.62 -19.01 -8.12
N GLY A 203 35.65 -18.60 -6.85
CA GLY A 203 36.74 -19.02 -5.98
C GLY A 203 36.64 -20.47 -5.55
N ILE A 204 35.42 -21.01 -5.52
CA ILE A 204 35.19 -22.36 -5.04
C ILE A 204 34.82 -23.28 -6.21
N PRO A 205 35.75 -24.08 -6.72
CA PRO A 205 35.40 -25.01 -7.81
C PRO A 205 34.23 -25.92 -7.50
N SER A 206 34.02 -26.21 -6.21
CA SER A 206 32.92 -27.07 -5.82
C SER A 206 31.56 -26.46 -6.11
N LEU A 207 31.50 -25.16 -6.40
CA LEU A 207 30.25 -24.48 -6.70
C LEU A 207 30.00 -24.29 -8.18
N GLN A 208 31.06 -24.28 -9.00
CA GLN A 208 30.86 -24.13 -10.44
C GLN A 208 30.29 -25.40 -11.05
N ILE A 209 30.57 -26.56 -10.44
CA ILE A 209 30.03 -27.81 -10.95
C ILE A 209 28.64 -28.05 -10.36
N VAL A 210 28.17 -27.13 -9.52
CA VAL A 210 26.79 -27.18 -9.06
C VAL A 210 25.94 -26.17 -9.82
N LEU A 211 26.51 -25.01 -10.13
CA LEU A 211 25.83 -24.04 -10.98
C LEU A 211 25.64 -24.59 -12.39
N LYS A 212 26.66 -25.28 -12.90
CA LYS A 212 26.55 -25.90 -14.22
C LYS A 212 25.47 -26.96 -14.25
N SER A 213 25.06 -27.46 -13.08
CA SER A 213 23.97 -28.44 -13.04
C SER A 213 22.62 -27.78 -13.26
N ILE A 214 22.45 -26.54 -12.81
CA ILE A 214 21.20 -25.84 -13.03
C ILE A 214 21.12 -25.32 -14.46
N MET A 215 22.16 -24.64 -14.92
CA MET A 215 22.19 -24.11 -16.28
C MET A 215 22.23 -25.21 -17.34
N LYS A 216 22.23 -26.47 -16.94
CA LYS A 216 22.10 -27.60 -17.87
C LYS A 216 20.73 -28.22 -17.85
N ALA A 217 20.06 -28.20 -16.70
CA ALA A 217 18.69 -28.70 -16.63
C ALA A 217 17.67 -27.71 -17.18
N MET A 218 18.06 -26.45 -17.37
CA MET A 218 17.16 -25.45 -17.93
C MET A 218 17.33 -25.27 -19.43
N VAL A 219 18.32 -25.94 -20.05
CA VAL A 219 18.43 -25.89 -21.50
C VAL A 219 17.18 -26.40 -22.19
N PRO A 220 16.54 -27.51 -21.75
CA PRO A 220 15.28 -27.91 -22.38
C PRO A 220 14.17 -26.88 -22.21
N LEU A 221 14.28 -26.01 -21.21
CA LEU A 221 13.25 -25.01 -20.98
C LEU A 221 13.31 -23.87 -21.96
N LEU A 222 14.44 -23.67 -22.66
CA LEU A 222 14.50 -22.61 -23.64
C LEU A 222 13.92 -23.05 -24.98
N GLN A 223 12.79 -23.74 -24.94
CA GLN A 223 11.86 -23.89 -26.06
C GLN A 223 10.42 -23.78 -25.62
N ILE A 224 10.14 -23.87 -24.32
CA ILE A 224 8.88 -23.39 -23.79
C ILE A 224 8.94 -21.88 -23.64
N GLY A 225 10.15 -21.31 -23.57
CA GLY A 225 10.29 -19.87 -23.59
C GLY A 225 9.91 -19.28 -24.93
N LEU A 226 10.31 -19.94 -26.02
CA LEU A 226 9.92 -19.49 -27.35
C LEU A 226 8.46 -19.80 -27.62
N LEU A 227 7.91 -20.81 -26.94
CA LEU A 227 6.49 -21.09 -27.03
C LEU A 227 5.69 -20.17 -26.14
N LEU A 228 6.31 -19.66 -25.07
CA LEU A 228 5.64 -18.70 -24.21
C LEU A 228 5.70 -17.30 -24.79
N PHE A 229 6.84 -16.92 -25.38
CA PHE A 229 6.95 -15.60 -25.98
C PHE A 229 6.14 -15.50 -27.28
N PHE A 230 5.69 -16.63 -27.82
CA PHE A 230 4.79 -16.58 -28.96
C PHE A 230 3.35 -16.39 -28.49
N ALA A 231 3.06 -16.87 -27.27
CA ALA A 231 1.70 -16.64 -26.70
C ALA A 231 1.63 -15.18 -26.23
N ILE A 232 2.64 -14.73 -25.49
CA ILE A 232 2.68 -13.32 -25.00
C ILE A 232 2.42 -12.40 -26.19
N LEU A 233 3.36 -12.35 -27.14
CA LEU A 233 3.20 -11.47 -28.34
C LEU A 233 1.79 -11.64 -28.90
N MET A 234 1.39 -12.88 -29.21
CA MET A 234 0.06 -13.15 -29.80
C MET A 234 -0.99 -12.30 -29.07
N PHE A 235 -1.23 -12.59 -27.79
CA PHE A 235 -2.30 -11.85 -27.04
C PHE A 235 -1.99 -10.35 -27.05
N ALA A 236 -0.73 -9.97 -26.80
CA ALA A 236 -0.34 -8.55 -26.81
C ALA A 236 -0.82 -7.90 -28.11
N ILE A 237 -0.61 -8.57 -29.25
CA ILE A 237 -1.09 -8.04 -30.57
C ILE A 237 -2.60 -7.82 -30.48
N ILE A 238 -3.34 -8.86 -30.10
CA ILE A 238 -4.82 -8.70 -29.91
C ILE A 238 -5.04 -7.49 -29.01
N GLY A 239 -4.32 -7.43 -27.89
CA GLY A 239 -4.43 -6.28 -26.96
C GLY A 239 -4.27 -4.97 -27.72
N LEU A 240 -3.35 -4.91 -28.68
CA LEU A 240 -3.20 -3.69 -29.46
C LEU A 240 -4.42 -3.42 -30.33
N GLU A 241 -4.96 -4.46 -30.95
CA GLU A 241 -6.06 -4.25 -31.89
C GLU A 241 -7.33 -3.81 -31.17
N PHE A 242 -7.57 -4.33 -29.97
CA PHE A 242 -8.87 -4.16 -29.32
C PHE A 242 -8.86 -3.20 -28.14
N TYR A 243 -7.73 -3.04 -27.44
CA TYR A 243 -7.66 -2.17 -26.27
C TYR A 243 -6.60 -1.08 -26.43
N SER A 244 -6.32 -0.65 -27.65
CA SER A 244 -5.16 0.19 -27.90
C SER A 244 -5.20 1.49 -27.13
N GLY A 245 -6.35 2.15 -27.10
CA GLY A 245 -6.48 3.41 -26.39
C GLY A 245 -7.69 3.52 -25.51
N LYS A 246 -8.45 2.44 -25.32
CA LYS A 246 -9.73 2.53 -24.62
C LYS A 246 -9.59 2.27 -23.13
N LEU A 247 -8.62 2.94 -22.49
CA LEU A 247 -8.48 2.92 -21.05
C LEU A 247 -8.03 4.26 -20.51
N HIS A 248 -8.42 5.36 -21.16
CA HIS A 248 -7.92 6.68 -20.84
C HIS A 248 -8.99 7.60 -20.25
N ARG A 249 -10.23 7.15 -20.12
CA ARG A 249 -11.29 7.93 -19.51
C ARG A 249 -11.78 7.21 -18.27
N ALA A 250 -11.89 7.94 -17.15
CA ALA A 250 -12.40 7.44 -15.90
C ALA A 250 -13.62 8.27 -15.49
N CYS A 251 -14.27 7.90 -14.39
CA CYS A 251 -15.50 8.55 -13.95
C CYS A 251 -15.20 9.29 -12.66
N PHE A 252 -15.43 10.60 -12.66
CA PHE A 252 -15.09 11.48 -11.54
C PHE A 252 -16.36 12.16 -11.04
N MET A 253 -16.40 12.47 -9.74
CA MET A 253 -17.51 13.22 -9.15
C MET A 253 -17.80 14.50 -9.92
N ASN A 254 -19.06 14.94 -9.90
CA ASN A 254 -19.42 16.18 -10.57
C ASN A 254 -18.57 17.32 -10.04
N ASN A 255 -18.79 17.68 -8.77
CA ASN A 255 -17.81 18.31 -7.88
C ASN A 255 -16.83 19.20 -8.62
N SER A 256 -17.35 20.18 -9.37
CA SER A 256 -16.48 21.07 -10.14
C SER A 256 -15.41 21.68 -9.24
N GLY A 257 -14.19 21.76 -9.76
CA GLY A 257 -13.04 22.02 -8.94
C GLY A 257 -12.27 20.75 -8.63
N ILE A 258 -12.51 20.16 -7.46
CA ILE A 258 -11.78 18.97 -7.03
C ILE A 258 -12.43 17.75 -7.69
N LEU A 259 -11.72 17.13 -8.62
CA LEU A 259 -12.11 15.84 -9.16
C LEU A 259 -11.65 14.73 -8.24
N GLU A 260 -12.58 13.86 -7.84
CA GLU A 260 -12.33 12.91 -6.76
C GLU A 260 -12.23 11.48 -7.25
N GLY A 261 -13.26 10.96 -7.92
CA GLY A 261 -13.19 9.62 -8.48
C GLY A 261 -13.15 8.50 -7.46
N PHE A 262 -13.38 7.27 -7.91
CA PHE A 262 -13.43 6.13 -7.01
C PHE A 262 -12.04 5.82 -6.46
N ASP A 263 -11.98 4.98 -5.42
CA ASP A 263 -10.67 4.57 -4.92
C ASP A 263 -10.03 3.55 -5.85
N PRO A 264 -10.67 2.44 -6.23
CA PRO A 264 -10.27 1.77 -7.46
C PRO A 264 -10.91 2.45 -8.65
N PRO A 265 -10.14 3.13 -9.48
CA PRO A 265 -10.72 3.99 -10.52
C PRO A 265 -11.66 3.21 -11.43
N HIS A 266 -12.77 3.86 -11.80
CA HIS A 266 -13.80 3.23 -12.62
C HIS A 266 -13.63 3.75 -14.04
N PRO A 267 -12.97 3.02 -14.93
CA PRO A 267 -12.86 3.49 -16.31
C PRO A 267 -14.24 3.58 -16.95
N CYS A 268 -14.28 4.25 -18.10
CA CYS A 268 -15.53 4.40 -18.83
C CYS A 268 -15.24 4.56 -20.31
N GLY A 269 -16.30 4.55 -21.09
CA GLY A 269 -16.22 4.52 -22.54
C GLY A 269 -17.61 4.72 -23.11
N VAL A 270 -17.99 3.87 -24.06
CA VAL A 270 -19.38 3.84 -24.51
C VAL A 270 -20.25 3.51 -23.31
N GLN A 271 -19.72 2.67 -22.41
CA GLN A 271 -20.37 2.39 -21.13
C GLN A 271 -19.97 3.48 -20.13
N GLY A 272 -20.77 4.54 -20.06
CA GLY A 272 -20.43 5.69 -19.22
C GLY A 272 -20.72 5.52 -17.74
N CYS A 273 -20.47 6.57 -16.97
CA CYS A 273 -20.60 6.68 -15.51
C CYS A 273 -22.01 6.37 -15.05
N PRO A 274 -22.13 5.67 -13.92
CA PRO A 274 -23.44 5.17 -13.49
C PRO A 274 -24.47 6.26 -13.20
N ALA A 275 -24.21 7.10 -12.21
CA ALA A 275 -25.26 7.98 -11.70
C ALA A 275 -24.95 9.47 -11.80
N GLY A 276 -23.83 9.90 -11.23
CA GLY A 276 -23.55 11.31 -11.09
C GLY A 276 -22.12 11.69 -11.39
N TYR A 277 -21.50 10.98 -12.33
CA TYR A 277 -20.11 11.18 -12.67
C TYR A 277 -19.99 11.46 -14.17
N GLU A 278 -18.87 12.05 -14.55
CA GLU A 278 -18.64 12.40 -15.96
C GLU A 278 -17.29 11.85 -16.39
N CYS A 279 -17.23 11.38 -17.63
CA CYS A 279 -16.02 10.79 -18.17
C CYS A 279 -14.97 11.85 -18.49
N LYS A 280 -14.08 12.11 -17.55
CA LYS A 280 -12.96 13.01 -17.77
C LYS A 280 -11.74 12.18 -18.15
N ASP A 281 -10.71 12.88 -18.62
CA ASP A 281 -9.49 12.21 -19.03
C ASP A 281 -8.80 11.61 -17.80
N TRP A 282 -7.91 10.66 -18.05
CA TRP A 282 -7.35 9.83 -17.00
C TRP A 282 -6.12 9.13 -17.55
N ILE A 283 -5.03 9.13 -16.77
CA ILE A 283 -3.89 8.29 -17.10
C ILE A 283 -4.35 6.85 -16.95
N GLY A 284 -3.55 5.90 -17.44
CA GLY A 284 -3.95 4.52 -17.41
C GLY A 284 -4.18 3.97 -16.01
N PRO A 285 -4.50 2.69 -15.91
CA PRO A 285 -4.89 2.11 -14.63
C PRO A 285 -3.89 2.27 -13.50
N ASN A 286 -2.68 1.75 -13.66
CA ASN A 286 -1.70 1.78 -12.58
C ASN A 286 -0.72 2.94 -12.77
N ASP A 287 -1.27 4.16 -12.70
CA ASP A 287 -0.55 5.39 -13.02
C ASP A 287 -0.05 5.38 -14.45
N GLY A 288 -0.80 4.74 -15.33
CA GLY A 288 -0.49 4.70 -16.74
C GLY A 288 0.31 3.50 -17.19
N ILE A 289 0.51 2.51 -16.32
CA ILE A 289 1.48 1.45 -16.57
C ILE A 289 0.83 0.18 -17.12
N THR A 290 -0.44 -0.05 -16.78
CA THR A 290 -1.13 -1.29 -17.22
C THR A 290 -2.11 -0.98 -18.34
N GLN A 291 -1.60 -0.64 -19.54
CA GLN A 291 -2.48 -0.38 -20.70
C GLN A 291 -1.76 -0.87 -21.97
N PHE A 292 -2.52 -1.39 -22.94
CA PHE A 292 -1.90 -1.96 -24.17
C PHE A 292 -1.64 -0.84 -25.19
N ASP A 293 -1.35 0.38 -24.74
CA ASP A 293 -1.18 1.48 -25.69
C ASP A 293 -0.17 1.10 -26.77
N ASN A 294 1.04 0.75 -26.37
CA ASN A 294 2.10 0.44 -27.30
C ASN A 294 2.14 -1.07 -27.54
N ILE A 295 3.16 -1.54 -28.24
CA ILE A 295 3.41 -2.98 -28.26
C ILE A 295 4.23 -3.37 -27.04
N LEU A 296 5.10 -2.49 -26.58
CA LEU A 296 5.87 -2.76 -25.37
C LEU A 296 5.02 -2.60 -24.12
N PHE A 297 3.96 -1.81 -24.18
CA PHE A 297 3.01 -1.72 -23.08
C PHE A 297 2.04 -2.87 -23.07
N ALA A 298 1.96 -3.62 -24.16
CA ALA A 298 1.02 -4.73 -24.24
C ALA A 298 1.70 -6.07 -23.96
N VAL A 299 3.00 -6.19 -24.25
CA VAL A 299 3.71 -7.44 -23.96
C VAL A 299 4.18 -7.41 -22.53
N LEU A 300 3.81 -6.37 -21.79
CA LEU A 300 4.02 -6.33 -20.35
C LEU A 300 2.71 -6.40 -19.57
N THR A 301 1.62 -5.92 -20.14
CA THR A 301 0.29 -6.17 -19.59
C THR A 301 -0.15 -7.60 -19.79
N VAL A 302 0.42 -8.32 -20.76
CA VAL A 302 0.00 -9.69 -21.03
C VAL A 302 0.99 -10.63 -20.35
N PHE A 303 2.21 -10.16 -20.09
CA PHE A 303 3.12 -10.92 -19.26
C PHE A 303 2.70 -10.85 -17.80
N GLN A 304 2.14 -9.72 -17.38
CA GLN A 304 1.58 -9.63 -16.03
C GLN A 304 0.44 -10.61 -15.84
N CYS A 305 -0.43 -10.77 -16.84
CA CYS A 305 -1.59 -11.65 -16.69
C CYS A 305 -1.19 -13.13 -16.75
N ILE A 306 -0.18 -13.47 -17.55
CA ILE A 306 0.31 -14.84 -17.58
C ILE A 306 0.96 -15.23 -16.26
N THR A 307 1.73 -14.32 -15.65
CA THR A 307 2.18 -14.58 -14.30
C THR A 307 1.06 -14.60 -13.29
N MET A 308 -0.18 -14.34 -13.72
CA MET A 308 -1.40 -14.43 -12.93
C MET A 308 -1.39 -13.47 -11.74
N GLU A 309 -0.62 -12.39 -11.84
CA GLU A 309 -0.63 -11.33 -10.84
C GLU A 309 -1.45 -10.17 -11.35
N GLY A 310 -2.54 -9.85 -10.67
CA GLY A 310 -3.36 -8.74 -11.08
C GLY A 310 -3.89 -8.88 -12.50
N TRP A 311 -4.32 -10.08 -12.88
CA TRP A 311 -4.95 -10.24 -14.18
C TRP A 311 -6.44 -9.95 -14.15
N THR A 312 -7.00 -9.69 -12.98
CA THR A 312 -8.42 -9.35 -12.87
C THR A 312 -8.64 -7.85 -12.90
N THR A 313 -7.76 -7.07 -12.27
CA THR A 313 -7.83 -5.63 -12.45
C THR A 313 -7.68 -5.25 -13.90
N VAL A 314 -6.87 -5.98 -14.66
CA VAL A 314 -6.80 -5.78 -16.10
C VAL A 314 -8.09 -6.19 -16.78
N LEU A 315 -8.71 -7.26 -16.29
CA LEU A 315 -9.96 -7.73 -16.88
C LEU A 315 -11.13 -6.85 -16.46
N TYR A 316 -11.08 -6.30 -15.24
CA TYR A 316 -12.19 -5.49 -14.76
C TYR A 316 -12.11 -4.07 -15.29
N ASN A 317 -10.93 -3.64 -15.71
CA ASN A 317 -10.81 -2.34 -16.36
C ASN A 317 -11.40 -2.38 -17.75
N THR A 318 -11.14 -3.45 -18.50
CA THR A 318 -11.65 -3.55 -19.85
C THR A 318 -13.08 -4.05 -19.89
N ASN A 319 -13.70 -4.30 -18.74
CA ASN A 319 -15.14 -4.54 -18.69
C ASN A 319 -15.88 -3.22 -18.52
N ASP A 320 -15.34 -2.35 -17.67
CA ASP A 320 -15.87 -1.01 -17.52
C ASP A 320 -15.65 -0.20 -18.79
N ALA A 321 -14.43 -0.22 -19.31
CA ALA A 321 -14.09 0.61 -20.45
C ALA A 321 -14.84 0.20 -21.71
N LEU A 322 -14.96 -1.11 -21.95
CA LEU A 322 -15.50 -1.60 -23.22
C LEU A 322 -16.89 -2.21 -23.06
N GLY A 323 -17.04 -3.13 -22.12
CA GLY A 323 -18.27 -3.91 -22.01
C GLY A 323 -17.96 -5.36 -21.70
N ALA A 324 -18.71 -5.93 -20.76
CA ALA A 324 -18.33 -7.18 -20.12
C ALA A 324 -18.79 -8.42 -20.88
N THR A 325 -19.17 -8.29 -22.15
CA THR A 325 -19.68 -9.43 -22.90
C THR A 325 -18.59 -10.23 -23.60
N TRP A 326 -17.57 -9.56 -24.17
CA TRP A 326 -16.58 -10.23 -24.98
C TRP A 326 -15.21 -10.33 -24.34
N ASN A 327 -14.97 -9.64 -23.23
CA ASN A 327 -13.63 -9.53 -22.69
C ASN A 327 -13.13 -10.86 -22.13
N TRP A 328 -14.04 -11.70 -21.65
CA TRP A 328 -13.65 -12.98 -21.09
C TRP A 328 -13.07 -13.92 -22.14
N LEU A 329 -13.38 -13.71 -23.41
CA LEU A 329 -12.76 -14.50 -24.47
C LEU A 329 -11.29 -14.16 -24.67
N TYR A 330 -10.82 -13.06 -24.10
CA TYR A 330 -9.42 -12.70 -24.22
C TYR A 330 -8.60 -13.15 -23.04
N PHE A 331 -9.16 -13.15 -21.84
CA PHE A 331 -8.38 -13.34 -20.62
C PHE A 331 -8.41 -14.76 -20.09
N ILE A 332 -9.57 -15.44 -20.12
CA ILE A 332 -9.58 -16.86 -19.78
C ILE A 332 -8.78 -17.70 -20.77
N PRO A 333 -8.93 -17.55 -22.09
CA PRO A 333 -8.00 -18.24 -22.98
C PRO A 333 -6.56 -17.80 -22.82
N LEU A 334 -6.29 -16.73 -22.07
CA LEU A 334 -4.91 -16.28 -21.91
C LEU A 334 -4.30 -16.81 -20.62
N ILE A 335 -5.11 -16.95 -19.58
CA ILE A 335 -4.63 -17.58 -18.36
C ILE A 335 -4.49 -19.08 -18.56
N ILE A 336 -5.44 -19.70 -19.27
CA ILE A 336 -5.40 -21.13 -19.51
C ILE A 336 -4.21 -21.51 -20.39
N ILE A 337 -4.04 -20.81 -21.51
CA ILE A 337 -2.96 -21.13 -22.42
C ILE A 337 -1.63 -20.65 -21.86
N GLY A 338 -1.60 -19.41 -21.37
CA GLY A 338 -0.33 -18.81 -21.00
C GLY A 338 0.25 -19.30 -19.69
N SER A 339 -0.61 -19.64 -18.73
CA SER A 339 -0.14 -20.01 -17.39
C SER A 339 -0.40 -21.46 -17.05
N PHE A 340 -1.63 -21.94 -17.22
CA PHE A 340 -1.91 -23.34 -16.91
C PHE A 340 -1.28 -24.28 -17.92
N PHE A 341 -1.44 -23.99 -19.21
CA PHE A 341 -0.88 -24.85 -20.24
C PHE A 341 0.63 -24.74 -20.37
N VAL A 342 1.26 -23.75 -19.72
CA VAL A 342 2.71 -23.70 -19.70
C VAL A 342 3.30 -24.39 -18.47
N LEU A 343 2.53 -24.50 -17.38
CA LEU A 343 2.92 -25.41 -16.31
C LEU A 343 2.89 -26.86 -16.75
N ASN A 344 1.90 -27.23 -17.56
CA ASN A 344 1.85 -28.59 -18.07
C ASN A 344 3.07 -28.90 -18.92
N LEU A 345 3.49 -27.95 -19.75
CA LEU A 345 4.66 -28.16 -20.61
C LEU A 345 5.95 -28.12 -19.79
N VAL A 346 6.04 -27.20 -18.84
CA VAL A 346 7.27 -27.06 -18.06
C VAL A 346 7.42 -28.23 -17.11
N LEU A 347 6.33 -28.66 -16.48
CA LEU A 347 6.39 -29.86 -15.65
C LEU A 347 6.73 -31.09 -16.48
N GLY A 348 6.17 -31.19 -17.68
CA GLY A 348 6.45 -32.33 -18.53
C GLY A 348 7.88 -32.32 -19.07
N VAL A 349 8.31 -31.18 -19.59
CA VAL A 349 9.65 -31.09 -20.16
C VAL A 349 10.70 -31.32 -19.09
N LEU A 350 10.46 -30.81 -17.89
CA LEU A 350 11.41 -31.04 -16.79
C LEU A 350 11.38 -32.49 -16.35
N SER A 351 10.19 -33.07 -16.17
CA SER A 351 10.08 -34.42 -15.65
C SER A 351 10.76 -35.44 -16.56
N GLY A 352 10.62 -35.28 -17.88
CA GLY A 352 11.33 -36.15 -18.79
C GLY A 352 12.82 -35.94 -18.73
N GLU A 353 13.26 -34.71 -18.53
CA GLU A 353 14.68 -34.40 -18.41
C GLU A 353 15.28 -34.98 -17.14
N PHE A 354 14.52 -35.05 -16.05
CA PHE A 354 15.01 -35.62 -14.82
C PHE A 354 15.07 -37.14 -14.89
N ALA A 355 14.31 -37.75 -15.79
CA ALA A 355 14.37 -39.20 -15.93
C ALA A 355 15.50 -39.62 -16.85
N LYS A 356 15.87 -38.78 -17.81
CA LYS A 356 17.00 -39.06 -18.68
C LYS A 356 18.32 -38.85 -17.96
N GLU A 357 18.33 -38.04 -16.91
CA GLU A 357 19.56 -37.78 -16.17
C GLU A 357 19.74 -38.75 -15.02
N ARG A 358 18.66 -39.35 -14.53
CA ARG A 358 18.78 -40.34 -13.48
C ARG A 358 19.50 -41.59 -13.97
N GLU A 359 19.50 -41.82 -15.28
CA GLU A 359 20.10 -43.01 -15.86
C GLU A 359 21.43 -42.74 -16.52
N ARG A 360 22.00 -41.56 -16.34
CA ARG A 360 23.35 -41.34 -16.78
C ARG A 360 24.30 -42.26 -16.03
N VAL A 361 25.41 -42.60 -16.69
CA VAL A 361 26.36 -43.53 -16.09
C VAL A 361 26.94 -42.95 -14.81
N GLU A 362 27.15 -41.63 -14.78
CA GLU A 362 27.65 -40.99 -13.58
C GLU A 362 26.62 -40.90 -12.47
N ASN A 363 25.34 -41.17 -12.78
CA ASN A 363 24.28 -41.04 -11.78
C ASN A 363 23.75 -42.39 -11.30
N ARG A 364 23.89 -43.44 -12.11
CA ARG A 364 23.70 -44.79 -11.58
C ARG A 364 24.86 -45.19 -10.68
N ARG A 365 26.08 -44.87 -11.09
CA ARG A 365 27.26 -45.23 -10.30
C ARG A 365 27.17 -44.70 -8.88
N ALA A 366 26.59 -43.51 -8.70
CA ALA A 366 26.47 -42.90 -7.39
C ALA A 366 25.18 -43.30 -6.68
N PHE A 367 24.29 -44.03 -7.34
CA PHE A 367 23.13 -44.60 -6.67
C PHE A 367 23.39 -46.01 -6.18
N MET A 368 23.97 -46.86 -7.04
CA MET A 368 24.36 -48.20 -6.61
C MET A 368 25.33 -48.13 -5.45
N LYS A 369 26.07 -47.03 -5.32
CA LYS A 369 26.91 -46.82 -4.15
C LYS A 369 26.07 -46.41 -2.94
N LEU A 370 24.80 -46.05 -3.16
CA LEU A 370 23.89 -45.79 -2.04
C LEU A 370 23.03 -47.01 -1.76
N ARG A 371 22.61 -47.72 -2.79
CA ARG A 371 21.89 -48.97 -2.60
C ARG A 371 22.76 -50.00 -1.87
N ARG A 372 24.08 -49.87 -2.00
CA ARG A 372 24.97 -50.84 -1.36
C ARG A 372 25.05 -50.61 0.14
N GLN A 373 25.28 -49.37 0.57
CA GLN A 373 25.39 -49.13 2.01
C GLN A 373 24.05 -49.30 2.71
N GLN A 374 22.96 -49.36 1.94
CA GLN A 374 21.68 -49.73 2.53
C GLN A 374 21.59 -51.23 2.75
N GLN A 375 22.20 -52.01 1.86
CA GLN A 375 22.29 -53.44 2.09
C GLN A 375 23.14 -53.76 3.30
N ILE A 376 24.31 -53.12 3.42
CA ILE A 376 25.19 -53.36 4.56
C ILE A 376 24.48 -53.01 5.85
N GLU A 377 23.84 -51.84 5.89
CA GLU A 377 23.15 -51.42 7.11
C GLU A 377 21.97 -52.33 7.43
N ARG A 378 21.32 -52.89 6.40
CA ARG A 378 20.16 -53.72 6.63
C ARG A 378 20.57 -55.08 7.19
N GLU A 379 21.61 -55.69 6.63
CA GLU A 379 22.04 -56.99 7.13
C GLU A 379 22.81 -56.86 8.43
N LEU A 380 23.55 -55.77 8.61
CA LEU A 380 24.27 -55.57 9.86
C LEU A 380 23.32 -55.42 11.03
N ASN A 381 22.11 -54.91 10.80
CA ASN A 381 21.16 -54.79 11.88
C ASN A 381 20.78 -56.15 12.45
N GLY A 382 20.56 -57.15 11.58
CA GLY A 382 20.35 -58.49 12.06
C GLY A 382 21.54 -59.05 12.81
N TYR A 383 22.74 -58.79 12.31
CA TYR A 383 23.95 -59.26 12.97
C TYR A 383 24.21 -58.55 14.29
N ARG A 384 23.65 -57.35 14.47
CA ARG A 384 23.68 -56.74 15.80
C ARG A 384 22.49 -57.15 16.63
N ALA A 385 21.50 -57.83 16.02
CA ALA A 385 20.42 -58.42 16.81
C ALA A 385 20.87 -59.70 17.48
N TRP A 386 21.78 -60.46 16.86
CA TRP A 386 22.28 -61.66 17.50
C TRP A 386 23.06 -61.35 18.78
N ILE A 387 23.70 -60.19 18.85
CA ILE A 387 24.40 -59.83 20.08
C ILE A 387 23.32 -59.51 21.09
N ASP A 388 22.99 -60.50 21.91
CA ASP A 388 21.80 -60.53 22.74
C ASP A 388 22.16 -61.05 24.13
N LYS A 389 23.20 -60.45 24.72
CA LYS A 389 23.81 -60.97 25.94
C LYS A 389 22.76 -61.29 27.01
N ALA A 390 22.89 -62.49 27.57
CA ALA A 390 21.94 -62.98 28.57
C ALA A 390 22.58 -63.02 29.96
N HIS A 460 27.96 -54.33 42.42
CA HIS A 460 26.77 -55.00 41.91
C HIS A 460 26.00 -54.10 40.96
N LYS A 461 25.78 -52.85 41.38
CA LYS A 461 25.00 -51.91 40.58
C LYS A 461 25.61 -51.66 39.22
N GLU A 462 26.90 -51.94 39.05
CA GLU A 462 27.51 -51.84 37.73
C GLU A 462 26.84 -52.78 36.73
N ARG A 463 26.29 -53.90 37.22
CA ARG A 463 25.70 -54.92 36.37
C ARG A 463 24.37 -55.43 36.91
N LEU A 464 23.77 -54.70 37.86
CA LEU A 464 22.48 -55.08 38.42
C LEU A 464 21.36 -54.13 38.04
N LEU A 465 21.63 -52.82 37.99
CA LEU A 465 20.66 -51.87 37.48
C LEU A 465 20.79 -51.68 35.98
N ARG A 466 22.03 -51.52 35.50
CA ARG A 466 22.31 -51.31 34.08
C ARG A 466 21.93 -52.52 33.23
N ILE A 467 21.46 -53.61 33.84
CA ILE A 467 21.02 -54.78 33.09
C ILE A 467 19.50 -54.77 32.96
N SER A 468 18.80 -54.40 34.03
CA SER A 468 17.34 -54.39 34.00
C SER A 468 16.81 -53.09 33.42
N ILE A 469 17.56 -51.98 33.58
CA ILE A 469 17.16 -50.72 32.98
C ILE A 469 17.06 -50.88 31.47
N ARG A 470 18.16 -51.27 30.82
CA ARG A 470 18.17 -51.39 29.37
C ARG A 470 17.23 -52.50 28.92
N HIS A 471 16.85 -53.40 29.82
CA HIS A 471 15.75 -54.32 29.56
C HIS A 471 14.42 -53.57 29.45
N MET A 472 14.11 -52.73 30.43
CA MET A 472 12.83 -52.03 30.44
C MET A 472 12.81 -50.89 29.41
N VAL A 473 13.89 -50.11 29.35
CA VAL A 473 13.85 -48.85 28.60
C VAL A 473 13.95 -49.08 27.10
N LYS A 474 14.01 -50.34 26.67
CA LYS A 474 13.90 -50.70 25.27
C LYS A 474 12.71 -51.61 25.01
N SER A 475 11.88 -51.86 26.02
CA SER A 475 10.73 -52.74 25.87
C SER A 475 9.64 -52.06 25.04
N GLN A 476 8.78 -52.90 24.45
CA GLN A 476 7.71 -52.40 23.59
C GLN A 476 6.61 -51.70 24.39
N VAL A 477 6.54 -51.89 25.70
CA VAL A 477 5.62 -51.12 26.51
C VAL A 477 6.23 -49.77 26.89
N PHE A 478 7.54 -49.61 26.72
CA PHE A 478 8.15 -48.31 26.97
C PHE A 478 7.85 -47.32 25.86
N TYR A 479 8.06 -47.73 24.60
CA TYR A 479 7.77 -46.85 23.48
C TYR A 479 6.35 -46.32 23.56
N TRP A 480 5.38 -47.21 23.76
CA TRP A 480 3.99 -46.78 23.79
C TRP A 480 3.63 -45.99 25.04
N ILE A 481 4.56 -45.83 25.98
CA ILE A 481 4.38 -44.88 27.07
C ILE A 481 4.89 -43.50 26.68
N VAL A 482 6.11 -43.43 26.16
CA VAL A 482 6.67 -42.14 25.77
C VAL A 482 5.88 -41.54 24.63
N LEU A 483 5.51 -42.35 23.63
CA LEU A 483 4.74 -41.83 22.52
C LEU A 483 3.27 -41.64 22.85
N SER A 484 2.80 -42.12 23.99
CA SER A 484 1.52 -41.69 24.55
C SER A 484 1.69 -40.55 25.53
N LEU A 485 2.93 -40.14 25.78
CA LEU A 485 3.23 -39.04 26.67
C LEU A 485 3.92 -37.90 25.94
N VAL A 486 4.33 -38.12 24.69
CA VAL A 486 4.67 -37.03 23.79
C VAL A 486 3.48 -36.66 22.91
N ALA A 487 2.39 -37.41 22.99
CA ALA A 487 1.14 -37.03 22.36
C ALA A 487 0.25 -36.23 23.30
N LEU A 488 0.70 -36.00 24.54
CA LEU A 488 0.07 -35.04 25.43
C LEU A 488 0.87 -33.76 25.51
N ASN A 489 2.20 -33.85 25.44
CA ASN A 489 3.03 -32.65 25.41
C ASN A 489 2.77 -31.86 24.13
N THR A 490 2.22 -32.52 23.11
CA THR A 490 1.92 -31.86 21.84
C THR A 490 0.42 -31.62 21.69
N ALA A 491 -0.28 -31.79 22.81
CA ALA A 491 -1.63 -31.26 22.97
C ALA A 491 -1.72 -30.35 24.18
N CYS A 492 -0.70 -30.31 25.03
CA CYS A 492 -0.60 -29.25 26.01
C CYS A 492 -0.19 -27.94 25.33
N VAL A 493 0.88 -27.96 24.54
CA VAL A 493 1.12 -26.81 23.68
C VAL A 493 0.45 -27.09 22.33
N ALA A 494 -0.86 -27.09 22.36
CA ALA A 494 -1.69 -26.92 21.17
C ALA A 494 -2.98 -26.22 21.53
N ILE A 495 -3.13 -25.75 22.77
CA ILE A 495 -4.34 -25.12 23.25
C ILE A 495 -4.07 -23.74 23.84
N VAL A 496 -2.86 -23.22 23.72
CA VAL A 496 -2.54 -21.90 24.22
C VAL A 496 -3.04 -20.85 23.23
N HIS A 497 -4.25 -20.37 23.46
CA HIS A 497 -4.81 -19.31 22.65
C HIS A 497 -4.55 -17.97 23.33
N HIS A 498 -5.10 -16.90 22.78
CA HIS A 498 -4.98 -15.60 23.39
C HIS A 498 -6.16 -15.38 24.33
N ASN A 499 -5.87 -14.86 25.51
CA ASN A 499 -6.80 -14.62 26.61
C ASN A 499 -7.26 -15.94 27.22
N GLN A 500 -6.44 -16.98 27.17
CA GLN A 500 -6.79 -18.28 27.73
C GLN A 500 -7.06 -18.14 29.22
N PRO A 501 -7.95 -18.95 29.79
CA PRO A 501 -8.32 -18.76 31.20
C PRO A 501 -7.13 -18.85 32.12
N GLN A 502 -7.20 -18.15 33.25
CA GLN A 502 -6.05 -18.04 34.15
C GLN A 502 -5.64 -19.40 34.73
N TRP A 503 -6.54 -20.38 34.77
CA TRP A 503 -6.16 -21.69 35.28
C TRP A 503 -5.30 -22.45 34.28
N LEU A 504 -5.56 -22.26 32.98
CA LEU A 504 -4.72 -22.86 31.95
C LEU A 504 -3.30 -22.29 31.98
N THR A 505 -3.17 -20.98 32.15
CA THR A 505 -1.86 -20.37 32.07
C THR A 505 -0.93 -20.89 33.15
N HIS A 506 -1.48 -21.20 34.33
CA HIS A 506 -0.68 -21.81 35.38
C HIS A 506 -0.56 -23.32 35.20
N LEU A 507 -1.66 -23.98 34.80
CA LEU A 507 -1.63 -25.42 34.60
C LEU A 507 -0.61 -25.81 33.55
N LEU A 508 -0.68 -25.17 32.39
CA LEU A 508 0.29 -25.44 31.34
C LEU A 508 1.67 -24.89 31.64
N TYR A 509 1.83 -24.06 32.68
CA TYR A 509 3.15 -23.59 33.07
C TYR A 509 3.94 -24.67 33.77
N TYR A 510 3.27 -25.48 34.60
CA TYR A 510 3.89 -26.67 35.14
C TYR A 510 4.04 -27.76 34.10
N ALA A 511 3.22 -27.72 33.04
CA ALA A 511 3.23 -28.79 32.06
C ALA A 511 4.54 -28.85 31.28
N GLU A 512 5.28 -27.75 31.18
CA GLU A 512 6.65 -27.88 30.68
C GLU A 512 7.50 -28.65 31.68
N PHE A 513 7.45 -28.25 32.94
CA PHE A 513 8.39 -28.79 33.92
C PHE A 513 8.10 -30.25 34.22
N LEU A 514 6.82 -30.62 34.25
CA LEU A 514 6.48 -32.03 34.35
C LEU A 514 7.02 -32.81 33.16
N PHE A 515 6.93 -32.22 31.96
CA PHE A 515 7.38 -32.92 30.77
C PHE A 515 8.86 -32.72 30.50
N LEU A 516 9.39 -31.52 30.78
CA LEU A 516 10.83 -31.32 30.65
C LEU A 516 11.58 -32.22 31.63
N GLY A 517 11.09 -32.30 32.87
CA GLY A 517 11.72 -33.16 33.85
C GLY A 517 11.59 -34.63 33.48
N LEU A 518 10.41 -35.03 33.02
CA LEU A 518 10.19 -36.44 32.69
C LEU A 518 10.96 -36.83 31.44
N PHE A 519 10.97 -35.97 30.42
CA PHE A 519 11.77 -36.29 29.24
C PHE A 519 13.25 -36.17 29.50
N LEU A 520 13.65 -35.50 30.59
CA LEU A 520 15.03 -35.60 31.06
C LEU A 520 15.26 -36.90 31.79
N LEU A 521 14.23 -37.43 32.45
CA LEU A 521 14.35 -38.73 33.11
C LEU A 521 14.66 -39.82 32.09
N GLU A 522 13.95 -39.82 30.97
CA GLU A 522 14.18 -40.84 29.95
C GLU A 522 15.40 -40.52 29.11
N MET A 523 15.90 -39.29 29.18
CA MET A 523 17.17 -38.97 28.55
C MET A 523 18.33 -39.53 29.36
N SER A 524 18.10 -39.78 30.65
CA SER A 524 19.10 -40.45 31.47
C SER A 524 19.13 -41.94 31.21
N LEU A 525 17.96 -42.59 31.25
CA LEU A 525 17.88 -44.04 31.06
C LEU A 525 18.44 -44.49 29.72
N LYS A 526 18.46 -43.62 28.71
CA LYS A 526 19.17 -43.88 27.47
C LYS A 526 20.64 -43.51 27.53
N MET A 527 21.09 -42.89 28.62
CA MET A 527 22.48 -42.46 28.74
C MET A 527 23.22 -43.25 29.82
N TYR A 528 22.65 -43.33 31.03
CA TYR A 528 23.25 -44.04 32.14
C TYR A 528 22.70 -45.45 32.27
N GLY A 529 22.02 -45.96 31.25
CA GLY A 529 21.53 -47.33 31.26
C GLY A 529 21.87 -48.05 29.97
N MET A 530 22.33 -47.32 28.98
CA MET A 530 22.76 -47.91 27.71
C MET A 530 24.10 -47.39 27.23
N GLY A 531 24.51 -46.19 27.66
CA GLY A 531 25.86 -45.73 27.42
C GLY A 531 25.96 -44.32 26.85
N PRO A 532 26.89 -43.53 27.39
CA PRO A 532 27.08 -42.17 26.85
C PRO A 532 27.61 -42.15 25.43
N ARG A 533 28.70 -42.86 25.16
CA ARG A 533 29.18 -42.99 23.79
C ARG A 533 28.19 -43.79 22.94
N LEU A 534 27.60 -44.84 23.50
CA LEU A 534 26.59 -45.62 22.80
C LEU A 534 25.21 -45.04 23.11
N TYR A 535 25.03 -43.78 22.70
CA TYR A 535 23.79 -43.03 22.84
C TYR A 535 23.39 -42.32 21.55
N PHE A 536 24.36 -41.98 20.69
CA PHE A 536 24.13 -41.18 19.51
C PHE A 536 24.25 -41.97 18.22
N HIS A 537 23.90 -43.26 18.24
CA HIS A 537 24.04 -44.06 17.02
C HIS A 537 22.75 -44.07 16.21
N SER A 538 21.62 -43.74 16.83
CA SER A 538 20.37 -43.65 16.10
C SER A 538 20.09 -42.21 15.69
N SER A 539 19.21 -42.06 14.70
CA SER A 539 18.92 -40.72 14.18
C SER A 539 18.01 -39.95 15.13
N PHE A 540 16.78 -40.42 15.32
CA PHE A 540 15.87 -39.73 16.23
C PHE A 540 16.32 -39.81 17.68
N ASN A 541 17.25 -40.71 18.01
CA ASN A 541 17.83 -40.67 19.34
C ASN A 541 18.74 -39.46 19.50
N CYS A 542 19.43 -39.06 18.43
CA CYS A 542 20.13 -37.78 18.43
C CYS A 542 19.15 -36.63 18.40
N PHE A 543 18.00 -36.81 17.75
CA PHE A 543 16.96 -35.79 17.77
C PHE A 543 16.43 -35.59 19.18
N ASP A 544 16.29 -36.67 19.95
CA ASP A 544 15.79 -36.56 21.32
C ASP A 544 16.67 -35.64 22.14
N PHE A 545 17.99 -35.81 22.05
CA PHE A 545 18.90 -34.88 22.70
C PHE A 545 18.75 -33.47 22.15
N GLY A 546 18.48 -33.35 20.85
CA GLY A 546 18.46 -32.03 20.22
C GLY A 546 17.42 -31.10 20.82
N VAL A 547 16.31 -31.65 21.30
CA VAL A 547 15.25 -30.79 21.81
C VAL A 547 15.16 -30.84 23.32
N THR A 548 15.73 -31.86 23.96
CA THR A 548 15.76 -31.85 25.42
C THR A 548 16.67 -30.74 25.95
N VAL A 549 17.84 -30.55 25.31
CA VAL A 549 18.63 -29.36 25.62
C VAL A 549 17.96 -28.12 25.08
N GLY A 550 17.31 -28.23 23.91
CA GLY A 550 16.60 -27.09 23.35
C GLY A 550 15.46 -26.61 24.23
N SER A 551 14.73 -27.55 24.83
CA SER A 551 13.63 -27.16 25.69
C SER A 551 14.12 -26.52 26.99
N ILE A 552 15.26 -26.98 27.51
CA ILE A 552 15.86 -26.32 28.67
C ILE A 552 16.26 -24.90 28.32
N PHE A 553 16.78 -24.69 27.12
CA PHE A 553 17.19 -23.36 26.69
C PHE A 553 16.02 -22.38 26.73
N GLU A 554 14.84 -22.80 26.30
CA GLU A 554 13.67 -21.93 26.35
C GLU A 554 13.32 -21.55 27.77
N VAL A 555 13.44 -22.51 28.70
CA VAL A 555 13.06 -22.24 30.09
C VAL A 555 13.94 -21.16 30.69
N VAL A 556 15.26 -21.29 30.52
CA VAL A 556 16.18 -20.29 31.06
C VAL A 556 15.99 -18.96 30.34
N TRP A 557 15.96 -19.00 29.01
CA TRP A 557 15.86 -17.79 28.20
C TRP A 557 14.56 -17.02 28.45
N ALA A 558 13.51 -17.68 28.94
CA ALA A 558 12.25 -17.00 29.17
C ALA A 558 12.18 -16.29 30.53
N ILE A 559 12.95 -16.76 31.51
CA ILE A 559 13.05 -16.07 32.80
C ILE A 559 13.84 -14.78 32.67
N PHE A 560 14.92 -14.80 31.90
CA PHE A 560 15.74 -13.61 31.66
C PHE A 560 15.08 -12.62 30.72
N ARG A 561 14.05 -13.02 29.99
CA ARG A 561 13.46 -12.16 28.98
C ARG A 561 12.04 -12.65 28.66
N PRO A 562 11.09 -12.47 29.56
CA PRO A 562 9.71 -12.90 29.26
C PRO A 562 9.15 -12.12 28.08
N GLY A 563 8.34 -12.81 27.28
CA GLY A 563 7.85 -12.23 26.05
C GLY A 563 7.83 -13.25 24.92
N THR A 564 8.58 -12.98 23.86
CA THR A 564 8.68 -13.93 22.77
C THR A 564 9.10 -15.30 23.28
N SER A 565 8.30 -16.31 22.97
CA SER A 565 8.44 -17.64 23.54
C SER A 565 8.32 -18.70 22.45
N PHE A 566 9.11 -18.54 21.38
CA PHE A 566 8.93 -19.36 20.18
C PHE A 566 8.87 -20.85 20.48
N GLY A 567 9.34 -21.27 21.65
CA GLY A 567 8.96 -22.55 22.21
C GLY A 567 9.28 -23.78 21.39
N ILE A 568 10.54 -24.18 21.35
CA ILE A 568 10.93 -25.40 20.64
C ILE A 568 10.82 -26.54 21.65
N SER A 569 9.58 -26.94 21.90
CA SER A 569 9.25 -28.20 22.55
C SER A 569 8.11 -28.90 21.84
N VAL A 570 7.47 -28.24 20.87
CA VAL A 570 6.58 -28.91 19.94
C VAL A 570 7.39 -29.64 18.88
N LEU A 571 8.68 -29.33 18.74
CA LEU A 571 9.54 -30.11 17.86
C LEU A 571 9.67 -31.54 18.35
N ARG A 572 9.29 -31.82 19.58
CA ARG A 572 9.19 -33.19 20.05
C ARG A 572 8.02 -33.95 19.43
N ALA A 573 7.11 -33.25 18.74
CA ALA A 573 6.03 -33.93 18.04
C ALA A 573 6.53 -34.72 16.85
N LEU A 574 7.77 -34.48 16.42
CA LEU A 574 8.34 -35.21 15.30
C LEU A 574 8.61 -36.67 15.64
N ARG A 575 8.49 -37.05 16.91
CA ARG A 575 8.62 -38.45 17.27
C ARG A 575 7.34 -39.23 17.05
N LEU A 576 6.22 -38.55 16.82
CA LEU A 576 5.00 -39.25 16.44
C LEU A 576 5.11 -39.84 15.05
N LEU A 577 6.11 -39.41 14.28
CA LEU A 577 6.38 -40.04 12.99
C LEU A 577 6.82 -41.48 13.13
N ARG A 578 7.30 -41.87 14.31
CA ARG A 578 7.70 -43.25 14.54
C ARG A 578 6.52 -44.18 14.77
N ILE A 579 5.29 -43.65 14.79
CA ILE A 579 4.11 -44.50 14.74
C ILE A 579 4.02 -45.19 13.39
N PHE A 580 4.73 -44.68 12.38
CA PHE A 580 4.76 -45.32 11.08
C PHE A 580 5.51 -46.65 11.10
N LYS A 581 6.35 -46.89 12.10
CA LYS A 581 7.10 -48.14 12.16
C LYS A 581 6.18 -49.33 12.24
N ILE A 582 4.99 -49.16 12.83
CA ILE A 582 4.03 -50.25 12.96
C ILE A 582 3.22 -50.48 11.69
N THR A 583 3.49 -49.74 10.62
CA THR A 583 2.77 -49.86 9.37
C THR A 583 3.70 -50.32 8.26
N LYS A 584 3.11 -50.71 7.14
CA LYS A 584 3.92 -51.11 5.98
C LYS A 584 4.46 -49.91 5.22
N TYR A 585 4.25 -48.71 5.74
CA TYR A 585 4.67 -47.48 5.11
C TYR A 585 5.93 -46.90 5.72
N TRP A 586 6.72 -47.72 6.41
CA TRP A 586 7.98 -47.25 6.97
C TRP A 586 9.09 -47.30 5.93
N ALA A 587 9.13 -48.36 5.12
CA ALA A 587 10.19 -48.49 4.13
C ALA A 587 10.10 -47.39 3.08
N SER A 588 8.88 -47.04 2.68
CA SER A 588 8.72 -45.96 1.71
C SER A 588 9.20 -44.62 2.27
N LEU A 589 8.97 -44.39 3.57
CA LEU A 589 9.26 -43.12 4.22
C LEU A 589 10.68 -43.04 4.77
N ARG A 590 11.23 -44.13 5.30
CA ARG A 590 12.61 -44.09 5.75
C ARG A 590 13.57 -43.98 4.59
N ASN A 591 13.24 -44.60 3.46
CA ASN A 591 14.11 -44.53 2.29
C ASN A 591 14.11 -43.13 1.69
N LEU A 592 13.08 -42.34 1.98
CA LEU A 592 13.07 -40.95 1.53
C LEU A 592 14.09 -40.14 2.33
N VAL A 593 14.08 -40.29 3.66
CA VAL A 593 15.04 -39.61 4.51
C VAL A 593 16.44 -40.15 4.33
N VAL A 594 16.58 -41.46 4.07
CA VAL A 594 17.89 -42.01 3.78
C VAL A 594 18.46 -41.42 2.50
N SER A 595 17.61 -41.16 1.51
CA SER A 595 18.03 -40.55 0.27
C SER A 595 18.22 -39.05 0.40
N LEU A 596 17.41 -38.38 1.22
CA LEU A 596 17.60 -36.96 1.47
C LEU A 596 18.85 -36.67 2.28
N MET A 597 19.23 -37.57 3.17
CA MET A 597 20.44 -37.38 3.98
C MET A 597 21.70 -37.68 3.19
N SER A 598 21.66 -38.64 2.27
CA SER A 598 22.83 -38.94 1.46
C SER A 598 23.15 -37.78 0.52
N SER A 599 22.13 -37.26 -0.15
CA SER A 599 22.28 -36.09 -1.00
C SER A 599 21.87 -34.84 -0.22
N MET A 600 22.71 -34.49 0.76
CA MET A 600 22.49 -33.29 1.54
C MET A 600 23.59 -32.26 1.35
N LYS A 601 24.81 -32.67 1.03
CA LYS A 601 25.82 -31.70 0.62
C LYS A 601 25.56 -31.14 -0.76
N SER A 602 24.59 -31.68 -1.49
CA SER A 602 24.21 -31.17 -2.79
C SER A 602 22.86 -30.46 -2.77
N ILE A 603 22.11 -30.56 -1.67
CA ILE A 603 20.95 -29.71 -1.46
C ILE A 603 21.33 -28.44 -0.74
N ILE A 604 22.24 -28.54 0.24
CA ILE A 604 22.73 -27.38 0.94
C ILE A 604 23.56 -26.48 0.04
N SER A 605 24.42 -27.06 -0.80
CA SER A 605 25.18 -26.29 -1.77
C SER A 605 24.36 -25.99 -3.02
N LEU A 606 23.05 -26.17 -2.96
CA LEU A 606 22.14 -25.74 -4.01
C LEU A 606 21.13 -24.71 -3.52
N LEU A 607 20.77 -24.76 -2.24
CA LEU A 607 20.11 -23.66 -1.57
C LEU A 607 21.04 -22.47 -1.35
N PHE A 608 22.34 -22.67 -1.43
CA PHE A 608 23.31 -21.61 -1.25
C PHE A 608 23.64 -20.89 -2.55
N LEU A 609 23.39 -21.53 -3.70
CA LEU A 609 23.44 -20.83 -4.98
C LEU A 609 22.11 -20.19 -5.31
N LEU A 610 21.02 -20.65 -4.71
CA LEU A 610 19.77 -19.90 -4.78
C LEU A 610 19.75 -18.75 -3.79
N PHE A 611 20.74 -18.69 -2.90
CA PHE A 611 20.89 -17.56 -1.99
C PHE A 611 21.95 -16.57 -2.44
N LEU A 612 22.95 -17.03 -3.20
CA LEU A 612 23.90 -16.08 -3.77
C LEU A 612 23.32 -15.34 -4.96
N PHE A 613 22.20 -15.78 -5.50
CA PHE A 613 21.52 -15.05 -6.57
C PHE A 613 20.32 -14.26 -6.06
N ILE A 614 19.93 -14.46 -4.81
CA ILE A 614 19.04 -13.54 -4.11
C ILE A 614 19.80 -12.34 -3.58
N VAL A 615 21.04 -12.59 -3.13
CA VAL A 615 21.88 -11.48 -2.59
C VAL A 615 22.25 -10.54 -3.74
N VAL A 616 23.07 -11.02 -4.68
CA VAL A 616 23.48 -10.18 -5.85
C VAL A 616 22.27 -9.36 -6.31
N PHE A 617 21.13 -10.03 -6.53
CA PHE A 617 19.91 -9.32 -7.02
C PHE A 617 19.50 -8.26 -5.99
N ALA A 618 19.27 -8.66 -4.74
CA ALA A 618 18.93 -7.68 -3.69
C ALA A 618 19.92 -6.51 -3.78
N LEU A 619 21.22 -6.81 -3.80
CA LEU A 619 22.24 -5.74 -3.96
C LEU A 619 21.87 -4.91 -5.20
N LEU A 620 21.78 -5.55 -6.36
CA LEU A 620 21.48 -4.81 -7.58
C LEU A 620 20.18 -4.05 -7.46
N GLY A 621 19.22 -4.57 -6.69
CA GLY A 621 18.00 -3.85 -6.46
C GLY A 621 18.14 -2.64 -5.57
N MET A 622 19.14 -2.63 -4.69
CA MET A 622 19.39 -1.42 -3.91
C MET A 622 20.05 -0.35 -4.77
N GLN A 623 21.01 -0.72 -5.62
CA GLN A 623 21.64 0.27 -6.48
C GLN A 623 20.64 1.02 -7.34
N LEU A 624 19.61 0.35 -7.83
CA LEU A 624 18.63 1.00 -8.69
C LEU A 624 17.52 1.70 -7.93
N PHE A 625 17.00 1.09 -6.85
CA PHE A 625 15.87 1.65 -6.12
C PHE A 625 16.19 1.89 -4.65
N GLY A 626 17.45 2.04 -4.29
CA GLY A 626 17.78 2.31 -2.90
C GLY A 626 17.62 3.77 -2.57
N GLY A 627 16.74 4.07 -1.62
CA GLY A 627 16.46 5.44 -1.27
C GLY A 627 15.49 6.14 -2.18
N ARG A 628 15.05 5.49 -3.25
CA ARG A 628 14.17 6.12 -4.22
C ARG A 628 12.70 5.82 -3.97
N PHE A 629 12.39 5.06 -2.93
CA PHE A 629 11.01 4.71 -2.61
C PHE A 629 10.40 5.62 -1.56
N ASN A 630 10.93 6.83 -1.40
CA ASN A 630 10.35 7.79 -0.44
C ASN A 630 9.30 8.60 -1.16
N PHE A 631 8.15 7.97 -1.40
CA PHE A 631 7.04 8.65 -2.07
C PHE A 631 6.33 9.52 -1.05
N ASN A 632 5.59 10.51 -1.53
CA ASN A 632 4.88 11.44 -0.66
C ASN A 632 3.77 10.77 0.14
N ASP A 633 3.28 9.62 -0.32
CA ASP A 633 2.36 8.81 0.47
C ASP A 633 3.04 8.11 1.63
N GLY A 634 4.34 7.87 1.52
CA GLY A 634 5.07 7.11 2.50
C GLY A 634 5.80 5.98 1.84
N THR A 635 6.99 5.63 2.33
CA THR A 635 7.74 4.55 1.71
C THR A 635 7.02 3.23 1.93
N PRO A 636 6.85 2.41 0.90
CA PRO A 636 6.16 1.13 1.07
C PRO A 636 6.96 0.17 1.94
N SER A 637 6.27 -0.83 2.46
CA SER A 637 6.96 -1.86 3.24
C SER A 637 7.90 -2.67 2.39
N ALA A 638 7.66 -2.75 1.08
CA ALA A 638 8.54 -3.46 0.16
C ALA A 638 9.57 -2.50 -0.42
N ASN A 639 10.51 -2.11 0.44
CA ASN A 639 11.56 -1.19 0.04
C ASN A 639 12.69 -1.93 -0.63
N PHE A 640 13.69 -1.16 -1.05
CA PHE A 640 15.01 -1.65 -1.40
C PHE A 640 16.08 -0.86 -0.67
N ASP A 641 15.77 -0.29 0.50
CA ASP A 641 16.66 0.66 1.13
C ASP A 641 17.74 -0.04 1.96
N THR A 642 17.32 -0.93 2.85
CA THR A 642 18.24 -1.73 3.65
C THR A 642 18.34 -3.13 3.09
N PHE A 643 19.39 -3.85 3.51
CA PHE A 643 19.57 -5.22 3.03
C PHE A 643 18.52 -6.18 3.54
N PRO A 644 18.15 -6.20 4.83
CA PRO A 644 17.04 -7.07 5.24
C PRO A 644 15.73 -6.77 4.54
N ALA A 645 15.53 -5.55 4.08
CA ALA A 645 14.33 -5.19 3.33
C ALA A 645 14.51 -5.34 1.83
N ALA A 646 15.75 -5.43 1.34
CA ALA A 646 16.00 -5.76 -0.05
C ALA A 646 15.99 -7.25 -0.32
N ILE A 647 16.36 -8.05 0.69
CA ILE A 647 16.28 -9.51 0.54
C ILE A 647 14.84 -9.97 0.51
N MET A 648 13.99 -9.40 1.36
CA MET A 648 12.65 -9.93 1.52
C MET A 648 11.66 -9.30 0.55
N THR A 649 12.12 -8.47 -0.38
CA THR A 649 11.32 -8.07 -1.52
C THR A 649 11.78 -8.69 -2.82
N VAL A 650 13.02 -9.16 -2.90
CA VAL A 650 13.41 -10.09 -3.95
C VAL A 650 12.78 -11.45 -3.70
N PHE A 651 12.51 -11.78 -2.45
CA PHE A 651 11.78 -13.00 -2.11
C PHE A 651 10.29 -12.89 -2.37
N GLN A 652 9.76 -11.67 -2.48
CA GLN A 652 8.40 -11.51 -3.00
C GLN A 652 8.36 -11.73 -4.50
N ILE A 653 9.34 -11.19 -5.22
CA ILE A 653 9.34 -11.25 -6.67
C ILE A 653 9.65 -12.66 -7.15
N LEU A 654 10.61 -13.34 -6.51
CA LEU A 654 10.90 -14.73 -6.87
C LEU A 654 9.68 -15.61 -6.70
N THR A 655 9.15 -15.70 -5.47
CA THR A 655 7.91 -16.43 -5.29
C THR A 655 6.74 -15.80 -6.04
N GLY A 656 6.96 -14.63 -6.63
CA GLY A 656 6.12 -14.11 -7.68
C GLY A 656 4.79 -13.55 -7.25
N GLU A 657 4.54 -13.37 -5.97
CA GLU A 657 3.23 -12.90 -5.55
C GLU A 657 3.35 -11.41 -5.26
N ASP A 658 2.59 -10.61 -6.01
CA ASP A 658 2.67 -9.14 -5.97
C ASP A 658 4.06 -8.64 -6.36
N TRP A 659 4.73 -9.34 -7.26
CA TRP A 659 5.82 -8.70 -8.00
C TRP A 659 5.29 -7.54 -8.81
N ASN A 660 3.98 -7.53 -9.05
CA ASN A 660 3.32 -6.46 -9.77
C ASN A 660 3.49 -5.14 -9.06
N GLU A 661 2.98 -5.04 -7.83
CA GLU A 661 2.96 -3.77 -7.11
C GLU A 661 4.36 -3.27 -6.81
N VAL A 662 5.32 -4.17 -6.59
CA VAL A 662 6.69 -3.73 -6.37
C VAL A 662 7.28 -3.17 -7.65
N MET A 663 6.67 -3.47 -8.80
CA MET A 663 7.18 -2.94 -10.06
C MET A 663 6.60 -1.56 -10.36
N TYR A 664 5.35 -1.32 -9.96
CA TYR A 664 4.78 0.01 -10.13
C TYR A 664 5.52 1.02 -9.27
N ASN A 665 5.86 0.65 -8.03
CA ASN A 665 6.71 1.50 -7.21
C ASN A 665 8.08 1.67 -7.85
N GLY A 666 8.64 0.61 -8.40
CA GLY A 666 9.96 0.69 -9.01
C GLY A 666 9.98 1.39 -10.35
N ILE A 667 8.82 1.60 -10.95
CA ILE A 667 8.73 2.37 -12.19
C ILE A 667 8.52 3.85 -11.89
N ARG A 668 7.59 4.19 -11.01
CA ARG A 668 7.41 5.57 -10.61
C ARG A 668 8.55 6.08 -9.75
N SER A 669 9.35 5.18 -9.19
CA SER A 669 10.60 5.52 -8.53
C SER A 669 11.57 6.20 -9.46
N GLN A 670 11.72 5.67 -10.68
CA GLN A 670 12.72 6.16 -11.63
C GLN A 670 12.12 7.10 -12.65
N GLY A 671 11.03 7.79 -12.30
CA GLY A 671 10.30 8.57 -13.27
C GLY A 671 8.82 8.34 -13.15
N GLY A 672 8.23 7.76 -14.18
CA GLY A 672 6.83 7.35 -14.17
C GLY A 672 6.57 6.44 -15.34
N VAL A 673 5.42 6.63 -15.97
CA VAL A 673 5.21 6.01 -17.27
C VAL A 673 5.83 6.97 -18.28
N SER A 674 7.15 6.87 -18.40
CA SER A 674 7.99 7.95 -18.90
C SER A 674 9.41 7.43 -19.08
N SER A 675 10.38 8.33 -19.11
CA SER A 675 11.79 7.95 -19.23
C SER A 675 12.23 6.95 -18.18
N GLY A 676 11.39 6.65 -17.20
CA GLY A 676 11.75 5.73 -16.14
C GLY A 676 11.04 4.40 -16.11
N MET A 677 10.67 3.83 -17.25
CA MET A 677 9.97 2.55 -17.26
C MET A 677 10.83 1.49 -17.94
N TRP A 678 12.12 1.81 -18.02
CA TRP A 678 13.15 0.84 -18.34
C TRP A 678 13.43 -0.12 -17.20
N SER A 679 12.87 0.14 -16.02
CA SER A 679 13.13 -0.64 -14.82
C SER A 679 12.13 -1.76 -14.62
N ALA A 680 11.29 -2.02 -15.62
CA ALA A 680 10.48 -3.22 -15.64
C ALA A 680 11.28 -4.44 -16.06
N ILE A 681 12.50 -4.25 -16.53
CA ILE A 681 13.38 -5.37 -16.86
C ILE A 681 13.86 -6.08 -15.61
N TYR A 682 14.03 -5.37 -14.49
CA TYR A 682 14.50 -5.97 -13.24
C TYR A 682 13.41 -6.86 -12.73
N PHE A 683 12.20 -6.38 -12.75
CA PHE A 683 11.11 -7.12 -12.17
C PHE A 683 10.52 -8.16 -13.11
N ILE A 684 11.05 -8.26 -14.32
CA ILE A 684 10.65 -9.28 -15.28
C ILE A 684 11.66 -10.42 -15.33
N VAL A 685 12.94 -10.08 -15.45
CA VAL A 685 14.01 -11.05 -15.39
C VAL A 685 14.06 -11.78 -14.06
N LEU A 686 13.56 -11.16 -12.99
CA LEU A 686 13.66 -11.72 -11.66
C LEU A 686 12.43 -12.51 -11.24
N THR A 687 11.27 -12.24 -11.83
CA THR A 687 10.08 -13.06 -11.60
C THR A 687 9.89 -14.11 -12.67
N LEU A 688 10.72 -14.11 -13.70
CA LEU A 688 10.74 -15.16 -14.72
C LEU A 688 11.81 -16.19 -14.47
N PHE A 689 12.97 -15.76 -13.96
CA PHE A 689 14.05 -16.66 -13.59
C PHE A 689 14.01 -17.03 -12.12
N GLY A 690 12.88 -16.84 -11.45
CA GLY A 690 12.70 -17.37 -10.11
C GLY A 690 11.39 -18.12 -10.00
N ASN A 691 10.53 -17.93 -11.00
CA ASN A 691 9.33 -18.73 -11.12
C ASN A 691 9.66 -20.10 -11.66
N TYR A 692 10.66 -20.19 -12.56
CA TYR A 692 11.00 -21.42 -13.23
C TYR A 692 12.36 -21.97 -12.83
N THR A 693 13.15 -21.22 -12.06
CA THR A 693 14.38 -21.73 -11.49
C THR A 693 14.18 -22.33 -10.10
N LEU A 694 13.20 -21.85 -9.34
CA LEU A 694 12.81 -22.51 -8.11
C LEU A 694 12.03 -23.79 -8.38
N LEU A 695 11.17 -23.79 -9.40
CA LEU A 695 10.49 -25.02 -9.79
C LEU A 695 11.48 -26.07 -10.27
N ASN A 696 12.44 -25.65 -11.09
CA ASN A 696 13.44 -26.59 -11.60
C ASN A 696 14.30 -27.14 -10.47
N VAL A 697 14.78 -26.28 -9.58
CA VAL A 697 15.69 -26.72 -8.53
C VAL A 697 14.97 -27.57 -7.50
N PHE A 698 13.79 -27.13 -7.07
CA PHE A 698 13.09 -27.79 -5.97
C PHE A 698 12.28 -29.00 -6.43
N LEU A 699 12.11 -29.21 -7.73
CA LEU A 699 11.52 -30.43 -8.24
C LEU A 699 12.58 -31.46 -8.59
N ALA A 700 13.78 -31.01 -8.96
CA ALA A 700 14.90 -31.93 -9.11
C ALA A 700 15.27 -32.54 -7.76
N ILE A 701 15.22 -31.74 -6.70
CA ILE A 701 15.48 -32.23 -5.36
C ILE A 701 14.40 -33.23 -4.94
N ALA A 702 13.16 -33.00 -5.36
CA ALA A 702 12.04 -33.81 -4.93
C ALA A 702 11.72 -34.95 -5.89
N VAL A 703 12.38 -35.03 -7.05
CA VAL A 703 12.26 -36.16 -7.94
C VAL A 703 13.46 -37.08 -7.86
N ASP A 704 14.68 -36.54 -7.79
CA ASP A 704 15.85 -37.38 -7.61
C ASP A 704 15.80 -38.13 -6.30
N ASN A 705 15.42 -37.47 -5.21
CA ASN A 705 15.39 -38.07 -3.89
C ASN A 705 14.11 -38.85 -3.63
N LEU A 706 13.20 -38.89 -4.59
CA LEU A 706 11.95 -39.59 -4.44
C LEU A 706 11.77 -40.73 -5.43
N ALA A 707 12.54 -40.74 -6.51
CA ALA A 707 12.69 -41.92 -7.34
C ALA A 707 13.76 -42.85 -6.81
N ASN A 708 14.68 -42.35 -5.99
CA ASN A 708 15.58 -43.21 -5.24
C ASN A 708 14.86 -43.95 -4.13
N ALA A 709 14.03 -43.25 -3.36
CA ALA A 709 13.22 -43.86 -2.32
C ALA A 709 12.12 -44.73 -2.89
N GLN A 710 12.07 -44.91 -4.21
CA GLN A 710 11.13 -45.83 -4.84
C GLN A 710 11.82 -47.07 -5.39
N GLU A 711 13.12 -46.99 -5.66
CA GLU A 711 13.90 -48.18 -6.01
C GLU A 711 14.53 -48.80 -4.78
N LEU A 712 14.92 -47.96 -3.81
CA LEU A 712 15.42 -48.47 -2.55
C LEU A 712 14.38 -49.31 -1.82
N THR A 713 13.12 -48.87 -1.81
CA THR A 713 12.05 -49.61 -1.17
C THR A 713 11.53 -50.73 -2.05
N LYS A 714 12.04 -50.85 -3.26
CA LYS A 714 11.65 -51.92 -4.17
C LYS A 714 12.70 -53.01 -4.20
N ASP A 715 13.96 -52.67 -3.90
CA ASP A 715 15.01 -53.66 -3.77
C ASP A 715 15.13 -54.15 -2.34
N GLU A 716 14.12 -53.89 -1.51
CA GLU A 716 13.92 -54.60 -0.25
C GLU A 716 12.91 -55.71 -0.47
N GLN A 717 11.73 -55.40 -1.00
CA GLN A 717 10.72 -56.41 -1.29
C GLN A 717 11.23 -57.45 -2.29
N GLU A 718 12.12 -57.01 -3.19
CA GLU A 718 12.56 -57.87 -4.28
C GLU A 718 13.81 -58.64 -3.88
N GLU A 719 14.31 -58.41 -2.66
CA GLU A 719 15.31 -59.29 -2.09
C GLU A 719 14.80 -59.97 -0.84
N GLU A 720 14.32 -59.18 0.12
CA GLU A 720 13.98 -59.69 1.44
C GLU A 720 12.71 -60.53 1.40
N GLU A 721 11.98 -60.47 0.30
CA GLU A 721 10.74 -61.24 0.19
C GLU A 721 10.69 -62.04 -1.11
N ALA A 722 11.72 -61.94 -1.94
CA ALA A 722 11.75 -62.69 -3.19
C ALA A 722 13.04 -63.49 -3.35
N PHE A 723 14.16 -62.94 -2.88
CA PHE A 723 15.45 -63.57 -3.10
C PHE A 723 15.74 -64.63 -2.05
N ASN A 724 15.54 -64.28 -0.77
CA ASN A 724 15.87 -65.20 0.32
C ASN A 724 14.74 -66.19 0.59
N GLN A 725 13.49 -65.75 0.45
CA GLN A 725 12.34 -66.63 0.67
C GLN A 725 12.39 -67.82 -0.29
N LYS A 726 13.03 -67.64 -1.45
CA LYS A 726 13.26 -68.77 -2.35
C LYS A 726 14.47 -69.58 -1.90
N HIS A 727 15.59 -68.90 -1.62
CA HIS A 727 16.83 -69.60 -1.29
C HIS A 727 16.91 -69.93 0.20
N ALA A 728 15.76 -69.88 0.89
CA ALA A 728 15.63 -70.51 2.20
C ALA A 728 14.77 -71.75 2.12
N LEU A 729 14.40 -72.19 0.92
CA LEU A 729 13.59 -73.37 0.73
C LEU A 729 14.36 -74.41 -0.08
N ARG A 772 7.49 -56.05 -14.97
CA ARG A 772 6.36 -55.15 -14.74
C ARG A 772 5.71 -55.41 -13.40
N HIS A 773 4.56 -56.08 -13.41
CA HIS A 773 3.79 -56.36 -12.20
C HIS A 773 3.41 -55.07 -11.47
N HIS A 774 2.55 -54.29 -12.14
CA HIS A 774 2.08 -53.00 -11.64
C HIS A 774 3.24 -52.02 -11.44
N MET A 775 3.89 -51.68 -12.55
CA MET A 775 4.90 -50.65 -12.56
C MET A 775 4.32 -49.37 -13.15
N SER A 776 4.55 -48.26 -12.48
CA SER A 776 4.07 -46.98 -12.97
C SER A 776 4.77 -46.60 -14.27
N VAL A 777 4.25 -45.57 -14.93
CA VAL A 777 4.83 -45.14 -16.19
C VAL A 777 6.26 -44.64 -15.99
N TRP A 778 6.53 -44.02 -14.84
CA TRP A 778 7.89 -43.59 -14.56
C TRP A 778 8.83 -44.77 -14.38
N GLU A 779 8.37 -45.83 -13.70
CA GLU A 779 9.22 -46.99 -13.45
C GLU A 779 9.52 -47.76 -14.74
N GLN A 780 8.52 -47.97 -15.59
CA GLN A 780 8.78 -48.65 -16.84
C GLN A 780 9.71 -47.88 -17.75
N ARG A 781 9.46 -46.60 -17.96
CA ARG A 781 10.23 -45.80 -18.90
C ARG A 781 11.65 -45.53 -18.43
N THR A 782 11.90 -45.56 -17.12
CA THR A 782 13.25 -45.39 -16.60
C THR A 782 14.00 -46.70 -16.48
N SER A 783 13.38 -47.81 -16.85
CA SER A 783 14.08 -49.09 -16.99
C SER A 783 14.45 -49.37 -18.44
N GLN A 784 13.59 -48.99 -19.38
CA GLN A 784 13.97 -49.03 -20.79
C GLN A 784 15.09 -48.06 -21.09
N LEU A 785 15.15 -46.94 -20.37
CA LEU A 785 16.26 -45.99 -20.54
C LEU A 785 17.53 -46.52 -19.91
N ARG A 786 17.40 -47.39 -18.91
CA ARG A 786 18.58 -48.00 -18.30
C ARG A 786 19.15 -49.09 -19.19
N LYS A 787 18.27 -49.86 -19.84
CA LYS A 787 18.69 -50.89 -20.77
C LYS A 787 19.06 -50.32 -22.13
N HIS A 788 19.02 -48.99 -22.29
CA HIS A 788 19.32 -48.32 -23.54
C HIS A 788 18.54 -48.88 -24.72
N ARG A 1144 -44.55 -56.61 -7.70
CA ARG A 1144 -43.53 -57.17 -6.83
C ARG A 1144 -42.14 -57.07 -7.46
N ALA A 1145 -41.25 -57.98 -7.09
CA ALA A 1145 -39.88 -58.00 -7.59
C ALA A 1145 -39.77 -58.33 -9.07
N CYS A 1146 -40.89 -58.51 -9.77
CA CYS A 1146 -40.86 -58.73 -11.22
C CYS A 1146 -40.46 -57.49 -12.00
N HIS A 1147 -40.19 -56.37 -11.33
CA HIS A 1147 -39.75 -55.14 -11.97
C HIS A 1147 -38.32 -55.21 -12.49
N TYR A 1148 -37.68 -56.39 -12.44
CA TYR A 1148 -36.30 -56.50 -12.91
C TYR A 1148 -36.17 -56.17 -14.39
N ILE A 1149 -37.25 -56.34 -15.16
CA ILE A 1149 -37.19 -56.04 -16.59
C ILE A 1149 -37.03 -54.55 -16.82
N VAL A 1150 -37.38 -53.72 -15.83
CA VAL A 1150 -37.28 -52.27 -16.01
C VAL A 1150 -35.83 -51.86 -16.17
N ASN A 1151 -34.95 -52.34 -15.30
CA ASN A 1151 -33.54 -51.97 -15.37
C ASN A 1151 -32.92 -52.43 -16.68
N LEU A 1152 -33.26 -53.64 -17.13
CA LEU A 1152 -32.76 -54.15 -18.40
C LEU A 1152 -33.55 -53.51 -19.53
N ARG A 1153 -33.12 -52.32 -19.92
CA ARG A 1153 -33.79 -51.51 -20.96
C ARG A 1153 -32.87 -50.32 -21.22
N TYR A 1154 -33.33 -49.39 -22.07
CA TYR A 1154 -32.69 -48.09 -22.17
C TYR A 1154 -33.11 -47.24 -20.97
N PHE A 1155 -32.82 -47.74 -19.77
CA PHE A 1155 -33.23 -47.05 -18.55
C PHE A 1155 -32.12 -46.19 -17.99
N GLU A 1156 -30.89 -46.71 -17.99
CA GLU A 1156 -29.75 -45.95 -17.48
C GLU A 1156 -29.47 -44.73 -18.34
N MET A 1157 -30.00 -44.70 -19.57
CA MET A 1157 -29.79 -43.53 -20.41
C MET A 1157 -30.94 -42.53 -20.27
N CYS A 1158 -32.16 -43.03 -20.08
CA CYS A 1158 -33.28 -42.14 -19.78
C CYS A 1158 -33.09 -41.47 -18.44
N ILE A 1159 -32.60 -42.21 -17.45
CA ILE A 1159 -32.25 -41.60 -16.17
C ILE A 1159 -31.14 -40.57 -16.35
N LEU A 1160 -30.07 -40.94 -17.07
CA LEU A 1160 -28.91 -40.08 -17.24
C LEU A 1160 -29.23 -38.76 -17.90
N LEU A 1161 -30.34 -38.65 -18.63
CA LEU A 1161 -30.77 -37.37 -19.14
C LEU A 1161 -31.58 -36.57 -18.13
N VAL A 1162 -32.29 -37.25 -17.22
CA VAL A 1162 -32.91 -36.56 -16.10
C VAL A 1162 -31.85 -36.03 -15.15
N ILE A 1163 -30.75 -36.77 -15.00
CA ILE A 1163 -29.63 -36.28 -14.20
C ILE A 1163 -29.06 -35.00 -14.79
N ALA A 1164 -28.88 -34.98 -16.12
CA ALA A 1164 -28.24 -33.85 -16.77
C ALA A 1164 -29.22 -32.73 -17.12
N ALA A 1165 -30.52 -32.96 -16.98
CA ALA A 1165 -31.50 -31.90 -17.10
C ALA A 1165 -31.91 -31.30 -15.77
N SER A 1166 -31.82 -32.06 -14.68
CA SER A 1166 -32.04 -31.50 -13.36
C SER A 1166 -30.87 -30.67 -12.89
N SER A 1167 -29.64 -31.04 -13.25
CA SER A 1167 -28.48 -30.29 -12.84
C SER A 1167 -28.38 -28.92 -13.50
N ILE A 1168 -29.08 -28.72 -14.62
CA ILE A 1168 -29.14 -27.38 -15.21
C ILE A 1168 -30.29 -26.59 -14.61
N ALA A 1169 -31.27 -27.26 -14.00
CA ALA A 1169 -32.28 -26.54 -13.25
C ALA A 1169 -31.69 -25.95 -11.97
N LEU A 1170 -30.48 -26.36 -11.60
CA LEU A 1170 -29.76 -25.71 -10.51
C LEU A 1170 -29.03 -24.47 -10.98
N ALA A 1171 -28.51 -24.49 -12.21
CA ALA A 1171 -27.72 -23.40 -12.74
C ALA A 1171 -28.58 -22.26 -13.27
N ALA A 1172 -29.89 -22.43 -13.34
CA ALA A 1172 -30.79 -21.39 -13.79
C ALA A 1172 -31.52 -20.68 -12.67
N GLU A 1173 -31.51 -21.23 -11.46
CA GLU A 1173 -32.24 -20.62 -10.35
C GLU A 1173 -31.65 -19.27 -10.01
N ASP A 1174 -32.49 -18.39 -9.47
CA ASP A 1174 -32.05 -17.04 -9.13
C ASP A 1174 -31.78 -16.95 -7.63
N PRO A 1175 -30.52 -16.78 -7.21
CA PRO A 1175 -30.22 -16.78 -5.78
C PRO A 1175 -30.89 -15.68 -4.99
N VAL A 1176 -31.07 -14.50 -5.59
CA VAL A 1176 -31.62 -13.37 -4.84
C VAL A 1176 -33.14 -13.34 -4.92
N LEU A 1177 -33.68 -13.26 -6.14
CA LEU A 1177 -35.12 -13.19 -6.32
C LEU A 1177 -35.72 -14.57 -6.06
N THR A 1178 -36.00 -14.86 -4.78
CA THR A 1178 -36.42 -16.20 -4.39
C THR A 1178 -37.72 -16.61 -5.06
N ASN A 1179 -38.68 -15.71 -5.18
CA ASN A 1179 -39.98 -16.03 -5.74
C ASN A 1179 -40.18 -15.32 -7.07
N SER A 1180 -39.12 -15.25 -7.88
CA SER A 1180 -39.26 -14.74 -9.23
C SER A 1180 -40.13 -15.68 -10.05
N GLU A 1181 -40.44 -15.30 -11.29
CA GLU A 1181 -41.27 -16.17 -12.12
C GLU A 1181 -40.47 -17.38 -12.59
N ARG A 1182 -39.17 -17.20 -12.81
CA ARG A 1182 -38.32 -18.33 -13.18
C ARG A 1182 -38.28 -19.36 -12.07
N ASN A 1183 -38.14 -18.91 -10.81
CA ASN A 1183 -38.04 -19.84 -9.70
C ASN A 1183 -39.35 -20.56 -9.44
N LYS A 1184 -40.47 -19.97 -9.84
CA LYS A 1184 -41.75 -20.63 -9.64
C LYS A 1184 -41.92 -21.80 -10.61
N VAL A 1185 -41.43 -21.64 -11.84
CA VAL A 1185 -41.41 -22.75 -12.79
C VAL A 1185 -40.44 -23.83 -12.32
N LEU A 1186 -39.24 -23.42 -11.92
CA LEU A 1186 -38.21 -24.39 -11.52
C LEU A 1186 -38.62 -25.16 -10.27
N ARG A 1187 -39.52 -24.63 -9.46
CA ARG A 1187 -40.01 -25.39 -8.32
C ARG A 1187 -41.15 -26.32 -8.72
N TYR A 1188 -41.55 -26.30 -9.99
CA TYR A 1188 -42.41 -27.36 -10.50
C TYR A 1188 -41.58 -28.44 -11.18
N PHE A 1189 -40.42 -28.08 -11.70
CA PHE A 1189 -39.48 -29.08 -12.19
C PHE A 1189 -38.90 -29.90 -11.06
N ASP A 1190 -38.70 -29.28 -9.89
CA ASP A 1190 -38.04 -29.99 -8.79
C ASP A 1190 -38.86 -31.17 -8.33
N TYR A 1191 -40.19 -31.05 -8.34
CA TYR A 1191 -41.03 -32.20 -8.07
C TYR A 1191 -40.89 -33.26 -9.17
N VAL A 1192 -40.84 -32.81 -10.42
CA VAL A 1192 -40.75 -33.75 -11.54
C VAL A 1192 -39.43 -34.52 -11.48
N PHE A 1193 -38.34 -33.82 -11.19
CA PHE A 1193 -37.03 -34.47 -11.18
C PHE A 1193 -36.88 -35.39 -9.97
N THR A 1194 -37.39 -34.97 -8.80
CA THR A 1194 -37.29 -35.84 -7.64
C THR A 1194 -38.30 -36.98 -7.71
N GLY A 1195 -39.40 -36.79 -8.44
CA GLY A 1195 -40.31 -37.89 -8.66
C GLY A 1195 -39.68 -39.00 -9.48
N VAL A 1196 -38.82 -38.64 -10.41
CA VAL A 1196 -38.13 -39.64 -11.22
C VAL A 1196 -37.10 -40.38 -10.38
N PHE A 1197 -36.40 -39.66 -9.51
CA PHE A 1197 -35.32 -40.28 -8.74
C PHE A 1197 -35.85 -41.29 -7.74
N THR A 1198 -36.98 -40.98 -7.08
CA THR A 1198 -37.54 -41.93 -6.13
C THR A 1198 -38.01 -43.18 -6.83
N PHE A 1199 -38.77 -43.04 -7.92
CA PHE A 1199 -39.20 -44.19 -8.70
C PHE A 1199 -38.12 -44.71 -9.62
N GLU A 1200 -36.89 -44.26 -9.43
CA GLU A 1200 -35.69 -44.97 -9.84
C GLU A 1200 -34.96 -45.57 -8.68
N MET A 1201 -35.22 -45.09 -7.46
CA MET A 1201 -34.63 -45.70 -6.27
C MET A 1201 -35.45 -46.89 -5.80
N VAL A 1202 -36.77 -46.72 -5.67
CA VAL A 1202 -37.60 -47.77 -5.09
C VAL A 1202 -37.51 -49.05 -5.92
N ILE A 1203 -37.61 -48.96 -7.24
CA ILE A 1203 -37.47 -50.15 -8.07
C ILE A 1203 -36.06 -50.71 -7.96
N LYS A 1204 -35.08 -49.85 -7.73
CA LYS A 1204 -33.71 -50.33 -7.57
C LYS A 1204 -33.52 -51.02 -6.23
N MET A 1205 -34.20 -50.54 -5.19
CA MET A 1205 -34.06 -51.16 -3.88
C MET A 1205 -35.02 -52.33 -3.68
N ILE A 1206 -36.03 -52.49 -4.54
CA ILE A 1206 -36.83 -53.71 -4.52
C ILE A 1206 -36.11 -54.83 -5.25
N ASP A 1207 -35.42 -54.50 -6.34
CA ASP A 1207 -34.77 -55.50 -7.18
C ASP A 1207 -33.32 -55.74 -6.81
N GLN A 1208 -32.81 -55.11 -5.76
CA GLN A 1208 -31.44 -55.32 -5.32
C GLN A 1208 -31.32 -55.65 -3.84
N GLY A 1209 -32.33 -55.36 -3.04
CA GLY A 1209 -32.26 -55.61 -1.62
C GLY A 1209 -31.38 -54.61 -0.89
N LEU A 1210 -31.48 -54.63 0.43
CA LEU A 1210 -30.82 -53.62 1.26
C LEU A 1210 -29.75 -54.25 2.14
N TRP A 1222 -22.11 -45.16 -3.16
CA TRP A 1222 -22.75 -44.30 -4.14
C TRP A 1222 -24.27 -44.30 -3.98
N ASN A 1223 -24.83 -45.48 -3.72
CA ASN A 1223 -26.28 -45.59 -3.56
C ASN A 1223 -26.77 -44.90 -2.30
N ILE A 1224 -25.88 -44.61 -1.35
CA ILE A 1224 -26.25 -43.76 -0.22
C ILE A 1224 -26.44 -42.32 -0.70
N LEU A 1225 -25.57 -41.86 -1.60
CA LEU A 1225 -25.68 -40.51 -2.13
C LEU A 1225 -27.01 -40.31 -2.85
N ASP A 1226 -27.42 -41.30 -3.65
CA ASP A 1226 -28.75 -41.27 -4.25
C ASP A 1226 -29.82 -41.24 -3.17
N PHE A 1227 -29.64 -42.05 -2.14
CA PHE A 1227 -30.65 -42.15 -1.08
C PHE A 1227 -30.80 -40.83 -0.34
N VAL A 1228 -29.69 -40.15 -0.07
CA VAL A 1228 -29.75 -38.87 0.64
C VAL A 1228 -30.48 -37.83 -0.19
N VAL A 1229 -30.18 -37.76 -1.49
CA VAL A 1229 -30.74 -36.70 -2.34
C VAL A 1229 -32.25 -36.82 -2.43
N VAL A 1230 -32.75 -38.06 -2.56
CA VAL A 1230 -34.19 -38.24 -2.71
C VAL A 1230 -34.91 -37.97 -1.39
N VAL A 1231 -34.32 -38.37 -0.27
CA VAL A 1231 -34.93 -38.08 1.02
C VAL A 1231 -34.87 -36.59 1.31
N GLY A 1232 -33.70 -35.99 1.11
CA GLY A 1232 -33.57 -34.55 1.33
C GLY A 1232 -34.55 -33.75 0.52
N ALA A 1233 -34.89 -34.22 -0.67
CA ALA A 1233 -35.92 -33.56 -1.47
C ALA A 1233 -37.29 -33.74 -0.85
N LEU A 1234 -37.64 -34.98 -0.49
CA LEU A 1234 -38.96 -35.25 0.08
C LEU A 1234 -39.15 -34.52 1.39
N VAL A 1235 -38.13 -34.54 2.26
CA VAL A 1235 -38.24 -33.83 3.53
C VAL A 1235 -38.39 -32.34 3.28
N ALA A 1236 -37.66 -31.79 2.31
CA ALA A 1236 -37.82 -30.39 1.97
C ALA A 1236 -39.22 -30.10 1.44
N PHE A 1237 -39.72 -30.94 0.54
CA PHE A 1237 -41.05 -30.71 -0.02
C PHE A 1237 -42.14 -31.05 0.97
N ALA A 1238 -41.83 -31.86 1.98
CA ALA A 1238 -42.84 -32.19 2.98
C ALA A 1238 -43.04 -31.04 3.96
N LEU A 1239 -42.00 -30.68 4.71
CA LEU A 1239 -42.18 -29.76 5.82
C LEU A 1239 -42.39 -28.32 5.32
N ALA A 1240 -42.07 -28.06 4.06
CA ALA A 1240 -42.37 -26.74 3.50
C ALA A 1240 -43.82 -26.66 3.03
N ASN A 1241 -44.29 -27.70 2.35
CA ASN A 1241 -45.66 -27.68 1.84
C ASN A 1241 -46.68 -27.97 2.93
N ALA A 1242 -46.35 -28.86 3.88
CA ALA A 1242 -47.30 -29.23 4.92
C ALA A 1242 -47.67 -28.03 5.77
N LEU A 1243 -46.70 -27.48 6.49
CA LEU A 1243 -46.93 -26.29 7.30
C LEU A 1243 -46.05 -25.12 6.90
N GLY A 1244 -44.74 -25.30 6.88
CA GLY A 1244 -43.82 -24.24 6.49
C GLY A 1244 -43.59 -23.21 7.57
N THR A 1245 -44.48 -23.15 8.56
CA THR A 1245 -44.42 -22.21 9.66
C THR A 1245 -44.59 -22.95 10.98
N ASN A 1246 -44.76 -22.18 12.06
CA ASN A 1246 -45.06 -22.68 13.40
C ASN A 1246 -43.91 -23.43 14.03
N LYS A 1247 -42.73 -23.41 13.42
CA LYS A 1247 -41.51 -23.91 14.02
C LYS A 1247 -40.45 -22.81 13.98
N GLY A 1248 -39.56 -22.84 14.96
CA GLY A 1248 -38.56 -21.79 15.09
C GLY A 1248 -37.58 -21.71 13.94
N ARG A 1249 -37.71 -20.68 13.11
CA ARG A 1249 -36.71 -20.33 12.10
C ARG A 1249 -36.50 -21.48 11.12
N ASP A 1250 -37.59 -21.88 10.47
CA ASP A 1250 -37.58 -23.03 9.57
C ASP A 1250 -37.57 -22.65 8.10
N ILE A 1251 -37.47 -21.36 7.77
CA ILE A 1251 -37.22 -20.98 6.38
C ILE A 1251 -35.80 -21.36 6.01
N LYS A 1252 -34.86 -21.20 6.93
CA LYS A 1252 -33.48 -21.63 6.71
C LYS A 1252 -33.37 -23.15 6.61
N THR A 1253 -34.39 -23.88 7.07
CA THR A 1253 -34.30 -25.34 7.04
C THR A 1253 -34.39 -25.86 5.61
N ILE A 1254 -35.38 -25.41 4.84
CA ILE A 1254 -35.45 -25.84 3.45
C ILE A 1254 -34.31 -25.22 2.64
N LYS A 1255 -33.92 -23.99 2.96
CA LYS A 1255 -32.83 -23.34 2.24
C LYS A 1255 -31.52 -24.08 2.46
N SER A 1256 -31.43 -24.86 3.54
CA SER A 1256 -30.24 -25.66 3.79
C SER A 1256 -30.45 -27.13 3.47
N LEU A 1257 -31.68 -27.53 3.16
CA LEU A 1257 -31.94 -28.87 2.67
C LEU A 1257 -31.98 -28.93 1.16
N ARG A 1258 -32.19 -27.80 0.49
CA ARG A 1258 -32.12 -27.75 -0.96
C ARG A 1258 -30.70 -27.62 -1.48
N VAL A 1259 -29.73 -27.39 -0.59
CA VAL A 1259 -28.33 -27.44 -1.02
C VAL A 1259 -27.89 -28.87 -1.25
N LEU A 1260 -28.68 -29.84 -0.80
CA LEU A 1260 -28.44 -31.23 -1.14
C LEU A 1260 -28.67 -31.49 -2.62
N ARG A 1261 -29.52 -30.69 -3.27
CA ARG A 1261 -29.75 -30.86 -4.70
C ARG A 1261 -28.47 -30.71 -5.51
N VAL A 1262 -27.46 -30.04 -4.94
CA VAL A 1262 -26.18 -29.90 -5.63
C VAL A 1262 -25.52 -31.24 -5.87
N LEU A 1263 -25.94 -32.28 -5.18
CA LEU A 1263 -25.38 -33.61 -5.41
C LEU A 1263 -25.94 -34.27 -6.66
N ARG A 1264 -26.93 -33.68 -7.33
CA ARG A 1264 -27.44 -34.27 -8.56
C ARG A 1264 -26.38 -34.39 -9.65
N PRO A 1265 -25.52 -33.39 -9.90
CA PRO A 1265 -24.40 -33.63 -10.81
C PRO A 1265 -23.47 -34.75 -10.37
N LEU A 1266 -23.47 -35.10 -9.08
CA LEU A 1266 -22.60 -36.17 -8.62
C LEU A 1266 -23.18 -37.56 -8.88
N LYS A 1267 -24.45 -37.66 -9.27
CA LYS A 1267 -25.02 -38.96 -9.60
C LYS A 1267 -24.51 -39.49 -10.93
N THR A 1268 -23.91 -38.64 -11.76
CA THR A 1268 -23.43 -39.05 -13.06
C THR A 1268 -22.02 -39.64 -12.99
N ILE A 1269 -21.35 -39.56 -11.84
CA ILE A 1269 -20.00 -40.10 -11.72
C ILE A 1269 -20.01 -41.61 -11.88
N LYS A 1270 -21.04 -42.28 -11.37
CA LYS A 1270 -21.08 -43.73 -11.42
C LYS A 1270 -21.95 -44.25 -12.56
N ARG A 1271 -22.76 -43.38 -13.17
CA ARG A 1271 -23.54 -43.80 -14.33
C ARG A 1271 -22.68 -43.93 -15.57
N LEU A 1272 -21.55 -43.23 -15.62
CA LEU A 1272 -20.65 -43.28 -16.77
C LEU A 1272 -19.47 -44.17 -16.42
N PRO A 1273 -19.35 -45.35 -17.01
CA PRO A 1273 -18.24 -46.24 -16.64
C PRO A 1273 -16.86 -45.67 -16.95
N LYS A 1274 -16.78 -44.61 -17.75
CA LYS A 1274 -15.47 -44.01 -18.01
C LYS A 1274 -15.19 -42.82 -17.10
N LEU A 1275 -16.23 -42.11 -16.66
CA LEU A 1275 -16.02 -41.06 -15.67
C LEU A 1275 -15.69 -41.66 -14.31
N LYS A 1276 -16.35 -42.75 -13.95
CA LYS A 1276 -16.04 -43.45 -12.72
C LYS A 1276 -14.59 -43.95 -12.72
N ALA A 1277 -14.07 -44.34 -13.88
CA ALA A 1277 -12.70 -44.81 -13.96
C ALA A 1277 -11.71 -43.66 -13.81
N VAL A 1278 -12.16 -42.42 -13.94
CA VAL A 1278 -11.30 -41.26 -13.72
C VAL A 1278 -11.41 -40.80 -12.27
N PHE A 1279 -12.62 -40.88 -11.70
CA PHE A 1279 -12.79 -40.59 -10.29
C PHE A 1279 -11.99 -41.56 -9.43
N ASP A 1280 -11.99 -42.85 -9.81
CA ASP A 1280 -11.18 -43.82 -9.09
C ASP A 1280 -9.69 -43.65 -9.35
N CYS A 1281 -9.31 -42.85 -10.35
CA CYS A 1281 -7.90 -42.55 -10.55
C CYS A 1281 -7.45 -41.38 -9.69
N VAL A 1282 -8.35 -40.43 -9.43
CA VAL A 1282 -8.04 -39.36 -8.48
C VAL A 1282 -7.96 -39.91 -7.07
N VAL A 1283 -8.91 -40.75 -6.70
CA VAL A 1283 -8.92 -41.34 -5.36
C VAL A 1283 -7.69 -42.23 -5.17
N THR A 1284 -7.36 -43.04 -6.17
CA THR A 1284 -6.18 -43.89 -6.07
C THR A 1284 -4.91 -43.06 -6.03
N SER A 1285 -4.95 -41.82 -6.51
CA SER A 1285 -3.80 -40.94 -6.41
C SER A 1285 -3.82 -40.11 -5.14
N LEU A 1286 -4.95 -40.04 -4.47
CA LEU A 1286 -5.03 -39.39 -3.17
C LEU A 1286 -4.55 -40.33 -2.06
N LYS A 1287 -4.40 -41.62 -2.38
CA LYS A 1287 -3.94 -42.58 -1.39
C LYS A 1287 -2.44 -42.80 -1.51
N ASN A 1288 -1.84 -42.50 -2.66
CA ASN A 1288 -0.39 -42.53 -2.77
C ASN A 1288 0.23 -41.38 -1.99
N VAL A 1289 -0.31 -40.17 -2.15
CA VAL A 1289 0.09 -39.04 -1.31
C VAL A 1289 -0.90 -39.01 -0.15
N PHE A 1290 -0.67 -39.90 0.82
CA PHE A 1290 -1.38 -39.82 2.09
C PHE A 1290 -0.50 -40.07 3.29
N ASN A 1291 0.62 -40.75 3.14
CA ASN A 1291 1.62 -40.82 4.19
C ASN A 1291 2.58 -39.64 4.11
N ILE A 1292 2.49 -38.84 3.05
CA ILE A 1292 3.18 -37.56 2.99
C ILE A 1292 2.24 -36.41 3.30
N LEU A 1293 0.93 -36.57 3.08
CA LEU A 1293 -0.04 -35.59 3.51
C LEU A 1293 -0.36 -35.70 4.99
N ILE A 1294 0.37 -36.55 5.72
CA ILE A 1294 0.27 -36.64 7.17
C ILE A 1294 1.55 -36.06 7.76
N VAL A 1295 2.68 -36.31 7.10
CA VAL A 1295 3.89 -35.60 7.43
C VAL A 1295 3.77 -34.12 7.11
N TYR A 1296 3.07 -33.78 6.02
CA TYR A 1296 2.81 -32.37 5.72
C TYR A 1296 1.90 -31.75 6.78
N LYS A 1297 0.89 -32.50 7.21
CA LYS A 1297 -0.04 -31.98 8.21
C LYS A 1297 0.59 -31.93 9.60
N LEU A 1298 1.70 -32.63 9.80
CA LEU A 1298 2.35 -32.61 11.11
C LEU A 1298 3.43 -31.53 11.15
N PHE A 1299 4.10 -31.28 10.03
CA PHE A 1299 5.03 -30.15 9.98
C PHE A 1299 4.28 -28.83 9.94
N MET A 1300 3.15 -28.78 9.23
CA MET A 1300 2.30 -27.61 9.25
C MET A 1300 1.70 -27.34 10.63
N PHE A 1301 1.68 -28.35 11.50
CA PHE A 1301 1.21 -28.17 12.86
C PHE A 1301 2.30 -27.68 13.77
N ILE A 1302 3.54 -28.10 13.56
CA ILE A 1302 4.67 -27.58 14.33
C ILE A 1302 4.92 -26.12 13.98
N PHE A 1303 4.72 -25.73 12.74
CA PHE A 1303 4.86 -24.33 12.33
C PHE A 1303 3.67 -23.48 12.75
N ALA A 1304 2.53 -24.07 13.06
CA ALA A 1304 1.36 -23.34 13.51
C ALA A 1304 1.27 -23.27 15.02
N VAL A 1305 2.20 -23.91 15.72
CA VAL A 1305 2.28 -23.86 17.18
C VAL A 1305 3.42 -22.91 17.54
N ILE A 1306 4.43 -22.85 16.67
CA ILE A 1306 5.47 -21.85 16.83
C ILE A 1306 4.97 -20.47 16.39
N ALA A 1307 4.02 -20.42 15.47
CA ALA A 1307 3.44 -19.14 15.06
C ALA A 1307 2.43 -18.61 16.06
N VAL A 1308 1.91 -19.46 16.95
CA VAL A 1308 1.12 -18.94 18.06
C VAL A 1308 2.05 -18.36 19.12
N GLN A 1309 3.05 -19.12 19.55
CA GLN A 1309 3.96 -18.63 20.58
C GLN A 1309 4.82 -17.48 20.12
N LEU A 1310 4.55 -16.94 18.94
CA LEU A 1310 5.34 -15.87 18.36
C LEU A 1310 4.52 -14.67 17.95
N PHE A 1311 3.22 -14.83 17.66
CA PHE A 1311 2.36 -13.75 17.22
C PHE A 1311 1.00 -13.84 17.89
N LYS A 1312 0.93 -14.44 19.07
CA LYS A 1312 -0.33 -14.64 19.77
C LYS A 1312 -0.71 -13.36 20.51
N GLY A 1313 -1.83 -12.76 20.14
CA GLY A 1313 -2.27 -11.54 20.75
C GLY A 1313 -1.60 -10.30 20.23
N LYS A 1314 -0.56 -10.45 19.42
CA LYS A 1314 0.22 -9.34 18.91
C LYS A 1314 -0.28 -8.83 17.56
N PHE A 1315 -1.25 -9.50 16.95
CA PHE A 1315 -1.87 -9.03 15.71
C PHE A 1315 -3.08 -8.17 16.01
N PHE A 1316 -2.91 -7.18 16.86
CA PHE A 1316 -3.95 -6.21 17.17
C PHE A 1316 -3.48 -4.86 16.69
N TYR A 1317 -4.41 -4.01 16.30
CA TYR A 1317 -4.09 -2.69 15.81
C TYR A 1317 -5.29 -1.79 15.99
N CYS A 1318 -5.02 -0.50 16.08
CA CYS A 1318 -6.07 0.45 16.37
C CYS A 1318 -6.37 1.27 15.13
N THR A 1319 -7.65 1.58 14.92
CA THR A 1319 -8.03 2.39 13.77
C THR A 1319 -7.28 3.71 13.77
N ASP A 1320 -7.11 4.32 14.94
CA ASP A 1320 -6.32 5.53 15.10
C ASP A 1320 -4.87 5.13 15.37
N SER A 1321 -3.96 5.50 14.47
CA SER A 1321 -2.59 5.04 14.56
C SER A 1321 -1.93 5.47 15.85
N SER A 1322 -2.34 6.60 16.42
CA SER A 1322 -1.64 7.14 17.57
C SER A 1322 -1.92 6.32 18.84
N LYS A 1323 -3.15 5.87 19.01
CA LYS A 1323 -3.49 5.04 20.15
C LYS A 1323 -3.06 3.61 19.88
N ASP A 1324 -2.37 3.00 20.84
CA ASP A 1324 -1.92 1.62 20.68
C ASP A 1324 -2.21 0.78 21.92
N THR A 1325 -3.41 0.90 22.46
CA THR A 1325 -3.86 0.05 23.55
C THR A 1325 -5.38 0.08 23.56
N GLU A 1326 -5.99 -0.98 24.09
CA GLU A 1326 -7.44 -1.05 24.09
C GLU A 1326 -8.06 -0.03 25.03
N LYS A 1327 -7.33 0.36 26.07
CA LYS A 1327 -7.80 1.45 26.91
C LYS A 1327 -7.89 2.76 26.15
N GLU A 1328 -6.90 3.02 25.29
CA GLU A 1328 -6.85 4.28 24.57
C GLU A 1328 -7.82 4.33 23.41
N CYS A 1329 -8.05 3.21 22.73
CA CYS A 1329 -8.87 3.20 21.51
C CYS A 1329 -10.35 3.15 21.87
N ILE A 1330 -10.82 4.26 22.43
CA ILE A 1330 -12.24 4.51 22.60
C ILE A 1330 -12.48 5.95 22.16
N GLY A 1331 -13.64 6.20 21.55
CA GLY A 1331 -14.04 7.54 21.21
C GLY A 1331 -13.95 7.80 19.72
N ASN A 1332 -13.83 9.07 19.36
CA ASN A 1332 -13.77 9.49 17.98
C ASN A 1332 -12.37 10.01 17.69
N TYR A 1333 -12.06 10.17 16.41
CA TYR A 1333 -10.77 10.70 16.01
C TYR A 1333 -10.89 11.24 14.60
N VAL A 1334 -10.07 12.23 14.29
CA VAL A 1334 -10.04 12.85 12.97
C VAL A 1334 -9.14 12.01 12.06
N ASP A 1335 -9.69 11.56 10.94
CA ASP A 1335 -8.95 10.72 10.00
C ASP A 1335 -8.44 11.60 8.88
N HIS A 1336 -7.15 11.99 8.97
CA HIS A 1336 -6.54 12.79 7.91
C HIS A 1336 -6.05 11.93 6.75
N GLU A 1337 -5.90 10.63 6.96
CA GLU A 1337 -5.22 9.78 5.98
C GLU A 1337 -6.00 9.66 4.68
N LYS A 1338 -7.33 9.81 4.73
CA LYS A 1338 -8.11 9.79 3.51
C LYS A 1338 -7.95 11.06 2.68
N ASN A 1339 -7.27 12.07 3.21
CA ASN A 1339 -6.97 13.37 2.61
C ASN A 1339 -8.17 14.31 2.63
N LYS A 1340 -9.30 13.91 3.20
CA LYS A 1340 -10.50 14.73 3.20
C LYS A 1340 -11.00 15.08 4.60
N MET A 1341 -10.25 14.72 5.64
CA MET A 1341 -10.51 15.20 6.99
C MET A 1341 -11.92 14.84 7.47
N GLU A 1342 -12.17 13.55 7.64
CA GLU A 1342 -13.44 13.12 8.22
C GLU A 1342 -13.20 12.52 9.60
N VAL A 1343 -14.17 12.72 10.49
CA VAL A 1343 -14.06 12.27 11.87
C VAL A 1343 -14.62 10.85 11.97
N LYS A 1344 -13.79 9.92 12.43
CA LYS A 1344 -14.16 8.53 12.51
C LYS A 1344 -14.22 8.10 13.98
N GLY A 1345 -14.46 6.82 14.19
CA GLY A 1345 -14.48 6.24 15.52
C GLY A 1345 -13.29 5.29 15.71
N ARG A 1346 -12.71 5.35 16.89
CA ARG A 1346 -11.59 4.48 17.19
C ARG A 1346 -12.07 3.06 17.47
N GLU A 1347 -11.50 2.11 16.73
CA GLU A 1347 -11.83 0.70 16.92
C GLU A 1347 -10.58 -0.09 17.25
N TRP A 1348 -10.69 -1.05 18.17
CA TRP A 1348 -9.56 -1.91 18.50
C TRP A 1348 -9.82 -3.24 17.81
N LYS A 1349 -8.99 -3.56 16.81
CA LYS A 1349 -9.26 -4.65 15.89
C LYS A 1349 -8.06 -5.58 15.81
N ARG A 1350 -8.34 -6.82 15.39
CA ARG A 1350 -7.32 -7.73 14.90
C ARG A 1350 -7.20 -7.58 13.40
N HIS A 1351 -6.03 -7.94 12.88
CA HIS A 1351 -5.91 -8.13 11.45
C HIS A 1351 -6.77 -9.31 11.06
N GLU A 1352 -7.15 -9.36 9.78
CA GLU A 1352 -8.13 -10.37 9.36
C GLU A 1352 -7.56 -11.77 9.47
N PHE A 1353 -6.25 -11.91 9.37
CA PHE A 1353 -5.57 -13.20 9.44
C PHE A 1353 -4.64 -13.21 10.66
N HIS A 1354 -5.05 -13.94 11.69
CA HIS A 1354 -4.48 -13.88 13.02
C HIS A 1354 -3.29 -14.81 13.13
N TYR A 1355 -2.81 -14.96 14.37
CA TYR A 1355 -2.08 -16.12 14.81
C TYR A 1355 -2.52 -16.52 16.21
N ASP A 1356 -3.67 -16.02 16.66
CA ASP A 1356 -4.09 -16.04 18.06
C ASP A 1356 -4.60 -17.39 18.52
N ASN A 1357 -4.44 -18.44 17.72
CA ASN A 1357 -5.03 -19.73 18.04
C ASN A 1357 -4.53 -20.73 17.00
N ILE A 1358 -4.59 -22.01 17.34
CA ILE A 1358 -4.05 -23.02 16.43
C ILE A 1358 -4.97 -23.20 15.22
N ILE A 1359 -6.28 -23.05 15.41
CA ILE A 1359 -7.18 -23.07 14.27
C ILE A 1359 -6.96 -21.84 13.39
N TRP A 1360 -6.62 -20.71 14.01
CA TRP A 1360 -6.37 -19.48 13.27
C TRP A 1360 -4.95 -19.37 12.76
N ALA A 1361 -4.00 -20.09 13.33
CA ALA A 1361 -2.65 -20.10 12.80
C ALA A 1361 -2.47 -21.13 11.71
N LEU A 1362 -3.40 -22.07 11.57
CA LEU A 1362 -3.39 -23.01 10.46
C LEU A 1362 -4.08 -22.46 9.23
N LEU A 1363 -5.06 -21.58 9.40
CA LEU A 1363 -5.74 -20.96 8.28
C LEU A 1363 -4.95 -19.80 7.68
N THR A 1364 -4.21 -19.06 8.49
CA THR A 1364 -3.39 -17.96 8.00
C THR A 1364 -2.06 -18.45 7.49
N LEU A 1365 -1.78 -19.74 7.66
CA LEU A 1365 -0.53 -20.33 7.24
C LEU A 1365 -0.72 -21.27 6.07
N PHE A 1366 -1.93 -21.79 5.86
CA PHE A 1366 -2.35 -22.30 4.57
C PHE A 1366 -2.44 -21.19 3.55
N THR A 1367 -2.97 -20.03 3.96
CA THR A 1367 -3.02 -18.86 3.10
C THR A 1367 -1.64 -18.47 2.57
N VAL A 1368 -0.62 -18.57 3.41
CA VAL A 1368 0.74 -18.30 2.95
C VAL A 1368 1.19 -19.37 1.97
N SER A 1369 0.80 -20.62 2.20
CA SER A 1369 1.18 -21.71 1.30
C SER A 1369 0.60 -21.51 -0.09
N THR A 1370 -0.67 -21.12 -0.18
CA THR A 1370 -1.26 -20.79 -1.48
C THR A 1370 -0.74 -19.47 -2.04
N GLY A 1371 0.17 -18.81 -1.35
CA GLY A 1371 0.83 -17.62 -1.85
C GLY A 1371 0.11 -16.30 -1.64
N GLU A 1372 -1.21 -16.32 -1.67
CA GLU A 1372 -1.98 -15.08 -1.67
C GLU A 1372 -1.80 -14.32 -0.37
N GLY A 1373 -1.57 -13.01 -0.49
CA GLY A 1373 -1.56 -12.11 0.64
C GLY A 1373 -0.57 -12.47 1.73
N TRP A 1374 0.47 -13.21 1.40
CA TRP A 1374 1.52 -13.51 2.37
C TRP A 1374 2.40 -12.30 2.68
N PRO A 1375 2.58 -11.32 1.78
CA PRO A 1375 3.28 -10.10 2.20
C PRO A 1375 2.52 -9.27 3.21
N GLN A 1376 1.20 -9.25 3.14
CA GLN A 1376 0.43 -8.53 4.15
C GLN A 1376 0.41 -9.27 5.47
N VAL A 1377 0.81 -10.54 5.49
CA VAL A 1377 0.99 -11.25 6.74
C VAL A 1377 2.43 -11.16 7.21
N LEU A 1378 3.37 -11.05 6.28
CA LEU A 1378 4.75 -10.74 6.63
C LEU A 1378 4.86 -9.35 7.23
N GLN A 1379 4.14 -8.39 6.64
CA GLN A 1379 4.21 -7.01 7.11
C GLN A 1379 3.67 -6.88 8.52
N HIS A 1380 2.54 -7.50 8.80
CA HIS A 1380 1.98 -7.47 10.15
C HIS A 1380 2.83 -8.28 11.12
N SER A 1381 3.50 -9.34 10.66
CA SER A 1381 4.30 -10.17 11.54
C SER A 1381 5.62 -9.50 11.88
N VAL A 1382 6.14 -8.69 10.96
CA VAL A 1382 7.26 -7.83 11.29
C VAL A 1382 6.80 -6.68 12.18
N ASP A 1383 5.78 -5.95 11.74
CA ASP A 1383 5.35 -4.73 12.42
C ASP A 1383 4.61 -5.11 13.69
N VAL A 1384 5.34 -5.71 14.62
CA VAL A 1384 4.75 -6.31 15.81
C VAL A 1384 5.48 -5.81 17.04
N THR A 1385 4.74 -5.52 18.12
CA THR A 1385 5.38 -4.99 19.32
C THR A 1385 5.23 -5.91 20.52
N GLU A 1386 4.02 -6.16 21.01
CA GLU A 1386 3.80 -6.86 22.26
C GLU A 1386 2.33 -7.27 22.32
N GLU A 1387 1.99 -8.05 23.33
CA GLU A 1387 0.61 -8.51 23.46
C GLU A 1387 -0.30 -7.36 23.89
N ASP A 1388 -1.37 -7.17 23.13
CA ASP A 1388 -2.34 -6.11 23.36
C ASP A 1388 -1.69 -4.73 23.26
N ARG A 1389 -0.80 -4.58 22.29
CA ARG A 1389 -0.29 -3.28 21.88
C ARG A 1389 -0.28 -3.20 20.37
N GLY A 1390 -0.63 -2.03 19.86
CA GLY A 1390 -0.64 -1.78 18.43
C GLY A 1390 0.72 -1.98 17.82
N PRO A 1391 0.77 -1.99 16.49
CA PRO A 1391 2.02 -2.28 15.79
C PRO A 1391 3.02 -1.15 15.95
N SER A 1392 4.18 -1.35 15.32
CA SER A 1392 5.20 -0.32 15.20
C SER A 1392 6.06 -0.74 14.01
N ARG A 1393 6.04 0.05 12.95
CA ARG A 1393 6.56 -0.43 11.67
C ARG A 1393 8.03 -0.83 11.79
N SER A 1394 8.39 -1.88 11.07
CA SER A 1394 9.76 -2.38 10.92
C SER A 1394 10.38 -2.84 12.24
N ASN A 1395 9.62 -2.82 13.33
CA ASN A 1395 10.04 -3.52 14.52
C ASN A 1395 10.11 -5.01 14.22
N ARG A 1396 10.89 -5.75 15.01
CA ARG A 1396 10.95 -7.21 14.91
C ARG A 1396 11.12 -7.68 13.47
N MET A 1397 12.10 -7.09 12.79
CA MET A 1397 12.38 -7.49 11.42
C MET A 1397 12.98 -8.89 11.33
N GLU A 1398 13.34 -9.49 12.46
CA GLU A 1398 13.84 -10.85 12.47
C GLU A 1398 12.72 -11.87 12.40
N MET A 1399 11.46 -11.44 12.54
CA MET A 1399 10.33 -12.35 12.36
C MET A 1399 10.06 -12.64 10.90
N SER A 1400 10.89 -12.14 9.99
CA SER A 1400 10.82 -12.56 8.60
C SER A 1400 11.61 -13.83 8.34
N ILE A 1401 12.33 -14.34 9.34
CA ILE A 1401 12.98 -15.62 9.21
C ILE A 1401 11.98 -16.75 9.36
N PHE A 1402 10.90 -16.55 10.11
CA PHE A 1402 9.85 -17.55 10.18
C PHE A 1402 9.19 -17.76 8.83
N TYR A 1403 9.24 -16.75 7.96
CA TYR A 1403 8.53 -16.80 6.68
C TYR A 1403 9.42 -17.20 5.53
N VAL A 1404 10.74 -17.27 5.72
CA VAL A 1404 11.61 -17.80 4.69
C VAL A 1404 11.87 -19.26 4.99
N VAL A 1405 11.83 -19.62 6.28
CA VAL A 1405 11.95 -21.03 6.64
C VAL A 1405 10.64 -21.76 6.38
N TYR A 1406 9.52 -21.04 6.44
CA TYR A 1406 8.26 -21.66 6.03
C TYR A 1406 8.21 -21.89 4.54
N PHE A 1407 8.71 -20.95 3.75
CA PHE A 1407 8.65 -21.09 2.29
C PHE A 1407 9.61 -22.16 1.80
N VAL A 1408 10.83 -22.19 2.33
CA VAL A 1408 11.79 -23.20 1.91
C VAL A 1408 11.28 -24.60 2.22
N VAL A 1409 10.33 -24.73 3.12
CA VAL A 1409 9.84 -26.06 3.50
C VAL A 1409 8.53 -26.38 2.79
N PHE A 1410 7.48 -25.61 3.06
CA PHE A 1410 6.18 -26.07 2.58
C PHE A 1410 5.87 -25.72 1.13
N PRO A 1411 5.96 -24.45 0.69
CA PRO A 1411 5.69 -24.17 -0.72
C PRO A 1411 6.74 -24.69 -1.68
N PHE A 1412 8.01 -24.74 -1.27
CA PHE A 1412 9.05 -25.17 -2.17
C PHE A 1412 9.28 -26.67 -2.10
N PHE A 1413 9.61 -27.19 -0.92
CA PHE A 1413 9.94 -28.61 -0.81
C PHE A 1413 8.69 -29.49 -0.80
N PHE A 1414 7.82 -29.31 0.18
CA PHE A 1414 6.75 -30.28 0.40
C PHE A 1414 5.76 -30.32 -0.76
N VAL A 1415 5.39 -29.17 -1.30
CA VAL A 1415 4.43 -29.20 -2.40
C VAL A 1415 5.01 -29.89 -3.61
N ASN A 1416 6.32 -29.79 -3.81
CA ASN A 1416 6.99 -30.49 -4.90
C ASN A 1416 7.22 -31.97 -4.60
N ILE A 1417 6.98 -32.40 -3.35
CA ILE A 1417 6.92 -33.83 -3.04
C ILE A 1417 5.59 -34.41 -3.50
N PHE A 1418 4.52 -33.61 -3.44
CA PHE A 1418 3.22 -34.08 -3.91
C PHE A 1418 3.22 -34.21 -5.43
N VAL A 1419 3.76 -33.22 -6.13
CA VAL A 1419 3.81 -33.26 -7.59
C VAL A 1419 4.71 -34.40 -8.06
N ALA A 1420 5.66 -34.82 -7.24
CA ALA A 1420 6.60 -35.85 -7.64
C ALA A 1420 6.23 -37.24 -7.18
N LEU A 1421 5.36 -37.38 -6.17
CA LEU A 1421 4.83 -38.68 -5.84
C LEU A 1421 3.70 -39.10 -6.75
N ILE A 1422 3.17 -38.18 -7.56
CA ILE A 1422 2.08 -38.49 -8.46
C ILE A 1422 2.67 -38.75 -9.84
N ILE A 1423 3.73 -38.03 -10.18
CA ILE A 1423 4.46 -38.30 -11.42
C ILE A 1423 5.13 -39.66 -11.35
N ILE A 1424 5.79 -39.93 -10.22
CA ILE A 1424 6.56 -41.16 -10.07
C ILE A 1424 5.65 -42.38 -9.95
N THR A 1425 4.52 -42.24 -9.26
CA THR A 1425 3.62 -43.36 -8.99
C THR A 1425 2.36 -43.29 -9.83
N PHE A 1426 2.45 -42.90 -11.10
CA PHE A 1426 1.28 -42.83 -11.97
C PHE A 1426 1.22 -44.06 -12.85
N GLN A 1427 0.09 -44.77 -12.79
CA GLN A 1427 -0.11 -46.02 -13.52
C GLN A 1427 -0.90 -45.76 -14.79
N GLU A 1428 -0.53 -46.45 -15.86
CA GLU A 1428 -1.32 -46.42 -17.09
C GLU A 1428 -2.77 -46.75 -16.81
N GLN A 1429 -3.67 -46.05 -17.49
CA GLN A 1429 -5.10 -46.13 -17.21
C GLN A 1429 -5.60 -47.57 -17.33
N GLY A 1430 -5.55 -48.13 -18.53
CA GLY A 1430 -5.86 -49.53 -18.72
C GLY A 1430 -4.81 -50.26 -19.55
N ASP A 1431 -4.14 -51.23 -18.94
CA ASP A 1431 -3.13 -52.03 -19.62
C ASP A 1431 -3.31 -53.50 -19.23
N LYS A 1432 -4.23 -54.18 -19.91
CA LYS A 1432 -4.50 -55.59 -19.64
C LYS A 1432 -4.59 -56.35 -20.95
N MET A 1433 -3.80 -55.94 -21.94
CA MET A 1433 -3.81 -56.57 -23.26
C MET A 1433 -2.64 -57.53 -23.42
N MET A 1434 -2.86 -58.78 -22.99
CA MET A 1434 -1.93 -59.89 -23.12
C MET A 1434 -0.55 -59.54 -22.58
N GLU A 1435 -0.45 -59.28 -21.29
CA GLU A 1435 0.78 -58.78 -20.66
C GLU A 1435 1.13 -57.40 -21.19
N GLU A 1436 0.09 -56.61 -21.50
CA GLU A 1436 0.24 -55.31 -22.13
C GLU A 1436 1.05 -55.44 -23.41
N CYS A 1437 0.53 -56.24 -24.36
CA CYS A 1437 1.24 -56.50 -25.62
C CYS A 1437 2.62 -57.09 -25.37
N SER A 1438 2.65 -58.33 -24.88
CA SER A 1438 3.76 -58.94 -24.14
C SER A 1438 5.14 -58.46 -24.56
N LEU A 1439 5.45 -58.52 -25.86
CA LEU A 1439 6.76 -58.08 -26.31
C LEU A 1439 6.72 -56.61 -26.73
N GLU A 1440 5.83 -56.27 -27.65
CA GLU A 1440 5.76 -54.90 -28.18
C GLU A 1440 5.22 -53.93 -27.13
N LYS A 1441 6.08 -53.02 -26.67
CA LYS A 1441 5.71 -52.08 -25.62
C LYS A 1441 5.93 -50.66 -26.13
N ASN A 1442 5.98 -49.72 -25.19
CA ASN A 1442 5.91 -48.28 -25.47
C ASN A 1442 6.68 -47.86 -26.71
N GLU A 1443 7.98 -48.12 -26.74
CA GLU A 1443 8.75 -47.78 -27.95
C GLU A 1443 8.53 -48.83 -29.04
N ARG A 1444 8.30 -50.08 -28.66
CA ARG A 1444 8.19 -51.15 -29.64
C ARG A 1444 6.84 -51.10 -30.36
N ALA A 1445 5.77 -50.85 -29.62
CA ALA A 1445 4.44 -50.84 -30.24
C ALA A 1445 4.22 -49.57 -31.07
N CYS A 1446 4.63 -48.41 -30.54
CA CYS A 1446 4.31 -47.15 -31.21
C CYS A 1446 5.22 -46.88 -32.40
N ILE A 1447 6.36 -47.60 -32.48
CA ILE A 1447 7.24 -47.41 -33.62
C ILE A 1447 6.65 -48.00 -34.88
N ASP A 1448 5.67 -48.90 -34.74
CA ASP A 1448 5.05 -49.56 -35.87
C ASP A 1448 3.93 -48.68 -36.42
N PHE A 1449 4.33 -47.56 -37.00
CA PHE A 1449 3.41 -46.72 -37.77
C PHE A 1449 3.51 -47.01 -39.26
N ALA A 1450 4.20 -48.08 -39.66
CA ALA A 1450 4.16 -48.53 -41.04
C ALA A 1450 2.75 -48.87 -41.49
N ILE A 1451 1.80 -48.97 -40.55
CA ILE A 1451 0.40 -49.11 -40.90
C ILE A 1451 -0.06 -47.92 -41.73
N SER A 1452 0.56 -46.76 -41.53
CA SER A 1452 0.23 -45.54 -42.24
C SER A 1452 1.49 -44.94 -42.84
N ALA A 1453 1.36 -43.70 -43.31
CA ALA A 1453 2.44 -42.89 -43.87
C ALA A 1453 3.01 -43.47 -45.15
N LYS A 1454 2.25 -44.31 -45.85
CA LYS A 1454 2.66 -44.74 -47.19
C LYS A 1454 2.83 -43.59 -48.17
N PRO A 1455 1.85 -42.69 -48.35
CA PRO A 1455 1.96 -41.73 -49.46
C PRO A 1455 3.02 -40.67 -49.22
N LEU A 1456 3.40 -39.99 -50.30
CA LEU A 1456 4.30 -38.85 -50.27
C LEU A 1456 3.71 -37.71 -51.08
N THR A 1457 4.56 -36.77 -51.49
CA THR A 1457 4.17 -35.48 -52.06
C THR A 1457 3.05 -35.59 -53.09
N ARG A 1458 3.31 -36.28 -54.21
CA ARG A 1458 2.32 -36.55 -55.24
C ARG A 1458 1.65 -35.30 -55.80
N TYR A 1459 2.31 -34.15 -55.72
CA TYR A 1459 1.78 -32.95 -56.35
C TYR A 1459 2.45 -32.61 -57.67
N MET A 1460 3.23 -33.54 -58.23
CA MET A 1460 3.91 -33.29 -59.49
C MET A 1460 2.89 -33.10 -60.61
N PRO A 1461 2.97 -32.00 -61.37
CA PRO A 1461 2.14 -31.91 -62.58
C PRO A 1461 2.65 -32.79 -63.71
N GLN A 1462 3.98 -32.94 -63.81
CA GLN A 1462 4.61 -33.88 -64.75
C GLN A 1462 4.13 -33.67 -66.18
N ASN A 1463 4.08 -32.42 -66.63
CA ASN A 1463 3.58 -32.10 -67.95
C ASN A 1463 4.44 -31.14 -68.74
N ARG A 1464 5.31 -30.36 -68.09
CA ARG A 1464 5.99 -29.24 -68.75
C ARG A 1464 4.96 -28.31 -69.38
N HIS A 1465 3.86 -28.11 -68.65
CA HIS A 1465 2.63 -27.53 -69.18
C HIS A 1465 2.79 -26.02 -69.40
N THR A 1466 1.83 -25.45 -70.14
CA THR A 1466 1.88 -24.03 -70.47
C THR A 1466 1.81 -23.17 -69.22
N PHE A 1467 0.93 -23.51 -68.28
CA PHE A 1467 0.81 -22.78 -67.03
C PHE A 1467 1.21 -23.61 -65.82
N GLN A 1468 0.63 -24.80 -65.65
CA GLN A 1468 0.75 -25.51 -64.38
C GLN A 1468 2.20 -25.84 -64.07
N TYR A 1469 2.96 -26.32 -65.05
CA TYR A 1469 4.40 -26.46 -64.87
C TYR A 1469 5.09 -25.23 -65.46
N ARG A 1470 4.59 -24.07 -65.06
CA ARG A 1470 5.34 -22.84 -65.21
C ARG A 1470 5.29 -22.11 -63.87
N VAL A 1471 4.15 -22.20 -63.19
CA VAL A 1471 3.99 -21.57 -61.89
C VAL A 1471 4.46 -22.50 -60.78
N TRP A 1472 4.22 -23.81 -60.93
CA TRP A 1472 4.66 -24.74 -59.91
C TRP A 1472 6.17 -24.70 -59.74
N HIS A 1473 6.91 -24.51 -60.85
CA HIS A 1473 8.34 -24.32 -60.73
C HIS A 1473 8.67 -23.04 -59.98
N PHE A 1474 7.82 -22.02 -60.11
CA PHE A 1474 8.02 -20.78 -59.36
C PHE A 1474 7.71 -20.97 -57.89
N VAL A 1475 6.65 -21.72 -57.57
CA VAL A 1475 6.22 -21.86 -56.17
C VAL A 1475 7.29 -22.58 -55.36
N VAL A 1476 7.75 -23.72 -55.86
CA VAL A 1476 8.83 -24.50 -55.26
C VAL A 1476 10.17 -23.87 -55.63
N SER A 1477 11.26 -24.42 -55.08
CA SER A 1477 12.62 -23.95 -55.38
C SER A 1477 12.78 -22.51 -54.91
N PRO A 1478 12.97 -22.30 -53.59
CA PRO A 1478 12.76 -20.98 -52.99
C PRO A 1478 13.43 -19.81 -53.69
N SER A 1479 12.57 -19.01 -54.30
CA SER A 1479 12.73 -17.59 -54.57
C SER A 1479 11.35 -17.07 -54.22
N PHE A 1480 10.55 -18.01 -53.73
CA PHE A 1480 9.18 -17.81 -53.29
C PHE A 1480 8.98 -18.31 -51.86
N GLU A 1481 9.68 -19.39 -51.48
CA GLU A 1481 9.57 -19.92 -50.13
C GLU A 1481 10.24 -19.00 -49.12
N TYR A 1482 11.34 -18.35 -49.53
CA TYR A 1482 12.01 -17.38 -48.68
C TYR A 1482 11.53 -15.95 -48.91
N THR A 1483 10.91 -15.69 -50.05
CA THR A 1483 10.32 -14.38 -50.31
C THR A 1483 8.87 -14.29 -49.84
N ILE A 1484 8.32 -15.35 -49.25
CA ILE A 1484 7.06 -15.29 -48.52
C ILE A 1484 7.30 -15.52 -47.04
N MET A 1485 8.48 -16.03 -46.68
CA MET A 1485 8.95 -16.08 -45.31
C MET A 1485 9.60 -14.76 -44.93
N ALA A 1486 9.66 -13.80 -45.84
CA ALA A 1486 10.08 -12.44 -45.57
C ALA A 1486 8.93 -11.45 -45.57
N MET A 1487 7.82 -11.80 -46.21
CA MET A 1487 6.61 -10.99 -46.17
C MET A 1487 5.77 -11.25 -44.92
N ILE A 1488 5.85 -12.46 -44.37
CA ILE A 1488 5.29 -12.73 -43.05
C ILE A 1488 6.23 -12.33 -41.94
N ALA A 1489 7.43 -11.85 -42.26
CA ALA A 1489 8.35 -11.29 -41.28
C ALA A 1489 8.22 -9.79 -41.15
N LEU A 1490 7.93 -9.07 -42.23
CA LEU A 1490 7.61 -7.66 -42.14
C LEU A 1490 6.15 -7.41 -41.78
N ASN A 1491 5.28 -8.40 -41.99
CA ASN A 1491 3.87 -8.21 -41.61
C ASN A 1491 3.66 -8.44 -40.13
N THR A 1492 4.60 -9.09 -39.46
CA THR A 1492 4.57 -9.14 -38.00
C THR A 1492 5.28 -7.95 -37.38
N VAL A 1493 5.71 -6.99 -38.20
CA VAL A 1493 6.24 -5.73 -37.70
C VAL A 1493 5.26 -4.59 -37.90
N VAL A 1494 4.40 -4.68 -38.91
CA VAL A 1494 3.35 -3.67 -39.08
C VAL A 1494 2.13 -3.97 -38.22
N LEU A 1495 2.13 -5.09 -37.51
CA LEU A 1495 1.12 -5.35 -36.49
C LEU A 1495 1.55 -4.82 -35.13
N MET A 1496 2.86 -4.78 -34.87
CA MET A 1496 3.41 -4.22 -33.65
C MET A 1496 3.59 -2.71 -33.72
N MET A 1497 3.51 -2.13 -34.91
CA MET A 1497 3.72 -0.70 -35.08
C MET A 1497 2.46 0.12 -34.85
N LYS A 1498 1.33 -0.50 -34.58
CA LYS A 1498 0.17 0.25 -34.14
C LYS A 1498 0.39 0.76 -32.73
N TYR A 1499 0.02 2.03 -32.51
CA TYR A 1499 0.11 2.58 -31.17
C TYR A 1499 -0.95 3.66 -31.02
N TYR A 1500 -1.08 4.14 -29.79
CA TYR A 1500 -2.13 5.09 -29.45
C TYR A 1500 -1.69 6.51 -29.80
N SER A 1501 -2.60 7.24 -30.45
CA SER A 1501 -2.37 8.62 -30.88
C SER A 1501 -1.21 8.70 -31.89
N ALA A 1502 -1.45 8.09 -33.04
CA ALA A 1502 -0.53 8.19 -34.16
C ALA A 1502 -0.87 9.43 -35.00
N PRO A 1503 0.12 9.96 -35.74
CA PRO A 1503 -0.07 11.27 -36.38
C PRO A 1503 -1.06 11.29 -37.55
N CYS A 1504 -1.80 10.20 -37.76
CA CYS A 1504 -2.88 10.11 -38.73
C CYS A 1504 -2.34 10.05 -40.16
N THR A 1505 -1.04 10.22 -40.30
CA THR A 1505 -0.32 9.79 -41.49
C THR A 1505 0.55 8.58 -41.21
N TYR A 1506 0.78 8.28 -39.94
CA TYR A 1506 1.30 6.98 -39.54
C TYR A 1506 0.18 5.93 -39.63
N GLU A 1507 -1.02 6.30 -39.17
CA GLU A 1507 -2.18 5.43 -39.31
C GLU A 1507 -2.51 5.18 -40.77
N LEU A 1508 -2.10 6.08 -41.65
CA LEU A 1508 -2.39 5.92 -43.07
C LEU A 1508 -1.33 5.08 -43.76
N ALA A 1509 -0.08 5.18 -43.33
CA ALA A 1509 0.96 4.33 -43.89
C ALA A 1509 0.73 2.87 -43.55
N LEU A 1510 0.15 2.59 -42.37
CA LEU A 1510 -0.15 1.22 -42.00
C LEU A 1510 -1.34 0.68 -42.79
N LYS A 1511 -2.30 1.56 -43.12
CA LYS A 1511 -3.43 1.13 -43.92
C LYS A 1511 -2.99 0.67 -45.30
N TYR A 1512 -2.06 1.37 -45.92
CA TYR A 1512 -1.59 1.01 -47.25
C TYR A 1512 -0.52 -0.06 -47.22
N LEU A 1513 0.15 -0.26 -46.08
CA LEU A 1513 1.02 -1.42 -45.95
C LEU A 1513 0.22 -2.69 -45.75
N ASN A 1514 -0.82 -2.64 -44.90
CA ASN A 1514 -1.68 -3.81 -44.71
C ASN A 1514 -2.26 -4.28 -46.02
N ILE A 1515 -2.72 -3.35 -46.86
CA ILE A 1515 -3.18 -3.71 -48.20
C ILE A 1515 -2.05 -4.35 -48.99
N ALA A 1516 -0.83 -3.82 -48.88
CA ALA A 1516 0.27 -4.29 -49.71
C ALA A 1516 0.75 -5.67 -49.26
N PHE A 1517 0.31 -6.12 -48.08
CA PHE A 1517 0.59 -7.49 -47.68
C PHE A 1517 -0.59 -8.41 -47.97
N THR A 1518 -1.81 -7.89 -47.88
CA THR A 1518 -2.98 -8.70 -48.24
C THR A 1518 -2.92 -9.10 -49.71
N MET A 1519 -2.54 -8.19 -50.60
CA MET A 1519 -2.40 -8.55 -52.00
C MET A 1519 -1.33 -9.61 -52.19
N VAL A 1520 -0.18 -9.47 -51.52
CA VAL A 1520 0.89 -10.46 -51.63
C VAL A 1520 0.42 -11.81 -51.10
N PHE A 1521 -0.28 -11.80 -49.96
CA PHE A 1521 -0.78 -13.06 -49.40
C PHE A 1521 -1.95 -13.60 -50.20
N SER A 1522 -2.73 -12.73 -50.84
CA SER A 1522 -3.78 -13.20 -51.73
C SER A 1522 -3.21 -13.67 -53.05
N LEU A 1523 -2.17 -13.00 -53.55
CA LEU A 1523 -1.53 -13.45 -54.77
C LEU A 1523 -0.87 -14.81 -54.56
N GLU A 1524 -0.31 -15.03 -53.36
CA GLU A 1524 0.08 -16.37 -52.97
C GLU A 1524 -1.09 -17.35 -53.01
N CYS A 1525 -2.28 -16.91 -52.58
CA CYS A 1525 -3.42 -17.81 -52.51
C CYS A 1525 -3.85 -18.25 -53.90
N VAL A 1526 -4.04 -17.30 -54.82
CA VAL A 1526 -4.13 -17.71 -56.21
C VAL A 1526 -2.73 -17.61 -56.80
N LEU A 1527 -1.85 -18.48 -56.33
CA LEU A 1527 -0.69 -18.94 -57.06
C LEU A 1527 -0.39 -20.38 -56.67
N LYS A 1528 -1.21 -20.97 -55.80
CA LYS A 1528 -1.10 -22.34 -55.35
C LYS A 1528 -2.36 -23.15 -55.62
N VAL A 1529 -3.49 -22.49 -55.88
CA VAL A 1529 -4.61 -23.18 -56.51
C VAL A 1529 -4.25 -23.53 -57.95
N ILE A 1530 -3.51 -22.63 -58.61
CA ILE A 1530 -3.09 -22.88 -59.98
C ILE A 1530 -2.00 -23.95 -60.03
N ALA A 1531 -0.98 -23.80 -59.18
CA ALA A 1531 0.20 -24.63 -59.24
C ALA A 1531 0.04 -25.99 -58.56
N PHE A 1532 -1.07 -26.22 -57.85
CA PHE A 1532 -1.27 -27.48 -57.15
C PHE A 1532 -2.61 -28.09 -57.49
N GLY A 1533 -3.52 -27.29 -58.00
CA GLY A 1533 -4.87 -27.76 -58.20
C GLY A 1533 -5.73 -27.46 -57.00
N PHE A 1534 -7.02 -27.22 -57.25
CA PHE A 1534 -7.94 -26.79 -56.21
C PHE A 1534 -8.03 -27.83 -55.10
N LEU A 1535 -8.17 -29.11 -55.46
CA LEU A 1535 -8.41 -30.13 -54.45
C LEU A 1535 -7.13 -30.50 -53.70
N ASN A 1536 -5.98 -30.48 -54.39
CA ASN A 1536 -4.73 -30.73 -53.68
C ASN A 1536 -4.30 -29.55 -52.84
N TYR A 1537 -4.98 -28.41 -52.98
CA TYR A 1537 -4.67 -27.24 -52.16
C TYR A 1537 -5.36 -27.33 -50.80
N PHE A 1538 -6.66 -27.60 -50.80
CA PHE A 1538 -7.42 -27.71 -49.56
C PHE A 1538 -7.27 -29.09 -48.92
N ARG A 1539 -6.03 -29.55 -48.77
CA ARG A 1539 -5.78 -30.81 -48.08
C ARG A 1539 -4.55 -30.78 -47.19
N ASP A 1540 -3.96 -29.61 -46.95
CA ASP A 1540 -2.81 -29.49 -46.08
C ASP A 1540 -3.19 -28.96 -44.70
N THR A 1541 -4.30 -28.24 -44.60
CA THR A 1541 -4.85 -27.63 -43.39
C THR A 1541 -4.02 -26.43 -42.95
N TRP A 1542 -2.84 -26.25 -43.54
CA TRP A 1542 -2.10 -24.99 -43.45
C TRP A 1542 -2.37 -24.08 -44.63
N ASN A 1543 -3.28 -24.48 -45.52
CA ASN A 1543 -3.67 -23.62 -46.61
C ASN A 1543 -5.10 -23.11 -46.43
N ILE A 1544 -6.00 -23.99 -45.98
CA ILE A 1544 -7.33 -23.54 -45.61
C ILE A 1544 -7.29 -22.73 -44.33
N PHE A 1545 -6.11 -22.66 -43.70
CA PHE A 1545 -5.86 -21.62 -42.71
C PHE A 1545 -5.42 -20.33 -43.39
N ASP A 1546 -4.50 -20.43 -44.36
CA ASP A 1546 -4.05 -19.24 -45.07
C ASP A 1546 -5.10 -18.76 -46.05
N PHE A 1547 -6.07 -19.61 -46.38
CA PHE A 1547 -7.20 -19.17 -47.18
C PHE A 1547 -8.17 -18.35 -46.33
N ILE A 1548 -8.41 -18.80 -45.10
CA ILE A 1548 -9.39 -18.14 -44.24
C ILE A 1548 -8.88 -16.77 -43.81
N THR A 1549 -7.60 -16.68 -43.44
CA THR A 1549 -7.05 -15.41 -43.00
C THR A 1549 -7.06 -14.37 -44.12
N VAL A 1550 -6.89 -14.81 -45.36
CA VAL A 1550 -6.86 -13.84 -46.46
C VAL A 1550 -8.27 -13.50 -46.91
N ILE A 1551 -9.18 -14.48 -46.95
CA ILE A 1551 -10.56 -14.16 -47.29
C ILE A 1551 -11.22 -13.38 -46.17
N GLY A 1552 -10.68 -13.47 -44.95
CA GLY A 1552 -11.21 -12.68 -43.85
C GLY A 1552 -10.55 -11.32 -43.72
N SER A 1553 -9.37 -11.15 -44.32
CA SER A 1553 -8.72 -9.85 -44.33
C SER A 1553 -8.99 -9.07 -45.62
N ILE A 1554 -9.33 -9.75 -46.70
CA ILE A 1554 -9.83 -9.07 -47.89
C ILE A 1554 -11.13 -8.35 -47.55
N THR A 1555 -12.01 -9.02 -46.80
CA THR A 1555 -13.28 -8.42 -46.42
C THR A 1555 -13.15 -7.45 -45.25
N GLU A 1556 -11.98 -7.41 -44.60
CA GLU A 1556 -11.76 -6.38 -43.59
C GLU A 1556 -11.40 -5.06 -44.25
N ILE A 1557 -10.69 -5.12 -45.38
CA ILE A 1557 -10.38 -3.90 -46.13
C ILE A 1557 -11.62 -3.31 -46.76
N ILE A 1558 -12.54 -4.16 -47.24
CA ILE A 1558 -13.73 -3.68 -47.92
C ILE A 1558 -14.72 -3.06 -46.95
N LEU A 1559 -15.11 -3.81 -45.91
CA LEU A 1559 -16.14 -3.33 -44.99
C LEU A 1559 -15.68 -2.11 -44.21
N THR A 1560 -14.38 -1.97 -43.96
CA THR A 1560 -13.88 -0.75 -43.34
C THR A 1560 -13.67 0.36 -44.35
N ASP A 1561 -13.82 0.07 -45.64
CA ASP A 1561 -13.80 1.09 -46.68
C ASP A 1561 -15.22 1.53 -46.97
N SER A 1562 -15.41 2.28 -48.06
CA SER A 1562 -16.74 2.74 -48.43
C SER A 1562 -17.49 1.69 -49.25
N LYS A 1563 -18.61 2.09 -49.84
CA LYS A 1563 -19.51 1.33 -50.70
C LYS A 1563 -20.36 0.34 -49.90
N LEU A 1564 -20.10 0.15 -48.61
CA LEU A 1564 -20.91 -0.69 -47.75
C LEU A 1564 -20.89 -0.13 -46.34
N VAL A 1565 -22.04 -0.15 -45.69
CA VAL A 1565 -22.24 0.54 -44.42
C VAL A 1565 -22.15 -0.46 -43.28
N ASN A 1566 -21.63 0.00 -42.14
CA ASN A 1566 -21.48 -0.81 -40.94
C ASN A 1566 -22.68 -0.53 -40.04
N THR A 1567 -23.79 -1.21 -40.35
CA THR A 1567 -25.05 -1.02 -39.63
C THR A 1567 -25.72 -2.39 -39.49
N SER A 1568 -27.02 -2.37 -39.19
CA SER A 1568 -27.83 -3.56 -38.96
C SER A 1568 -27.37 -4.30 -37.71
N GLY A 1569 -26.83 -3.55 -36.74
CA GLY A 1569 -26.46 -4.11 -35.45
C GLY A 1569 -25.42 -5.21 -35.52
N PHE A 1570 -24.52 -5.15 -36.50
CA PHE A 1570 -23.46 -6.15 -36.61
C PHE A 1570 -22.15 -5.40 -36.81
N ASN A 1571 -21.08 -5.87 -36.18
CA ASN A 1571 -19.86 -5.10 -36.01
C ASN A 1571 -18.68 -5.77 -36.72
N MET A 1572 -17.90 -4.97 -37.44
CA MET A 1572 -16.71 -5.44 -38.13
C MET A 1572 -15.47 -5.44 -37.23
N SER A 1573 -15.66 -5.34 -35.91
CA SER A 1573 -14.50 -5.31 -35.02
C SER A 1573 -13.86 -6.68 -34.88
N PHE A 1574 -14.63 -7.77 -35.01
CA PHE A 1574 -14.04 -9.09 -34.87
C PHE A 1574 -13.18 -9.49 -36.05
N LEU A 1575 -13.27 -8.77 -37.17
CA LEU A 1575 -12.47 -9.09 -38.34
C LEU A 1575 -11.02 -8.71 -38.18
N LYS A 1576 -10.67 -7.95 -37.14
CA LYS A 1576 -9.29 -7.64 -36.86
C LYS A 1576 -8.50 -8.86 -36.43
N LEU A 1577 -9.17 -9.93 -36.00
CA LEU A 1577 -8.46 -11.14 -35.61
C LEU A 1577 -7.85 -11.84 -36.83
N PHE A 1578 -8.46 -11.67 -37.99
CA PHE A 1578 -8.00 -12.38 -39.17
C PHE A 1578 -6.65 -11.89 -39.66
N ARG A 1579 -6.39 -10.58 -39.56
CA ARG A 1579 -5.09 -10.05 -39.96
C ARG A 1579 -4.05 -10.14 -38.87
N ALA A 1580 -4.48 -10.28 -37.61
CA ALA A 1580 -3.58 -10.55 -36.51
C ALA A 1580 -3.31 -12.04 -36.33
N ALA A 1581 -3.94 -12.88 -37.14
CA ALA A 1581 -3.70 -14.32 -37.14
C ALA A 1581 -2.65 -14.73 -38.17
N ARG A 1582 -2.13 -13.77 -38.94
CA ARG A 1582 -1.00 -14.06 -39.81
C ARG A 1582 0.27 -14.23 -39.02
N LEU A 1583 0.25 -13.92 -37.73
CA LEU A 1583 1.38 -14.22 -36.85
C LEU A 1583 1.56 -15.71 -36.67
N ILE A 1584 0.48 -16.49 -36.71
CA ILE A 1584 0.58 -17.93 -36.56
C ILE A 1584 1.24 -18.57 -37.78
N LYS A 1585 1.30 -17.85 -38.90
CA LYS A 1585 2.04 -18.34 -40.05
C LYS A 1585 3.54 -18.43 -39.79
N LEU A 1586 4.03 -17.78 -38.75
CA LEU A 1586 5.42 -17.91 -38.30
C LEU A 1586 5.63 -19.20 -37.51
N LEU A 1587 4.61 -19.67 -36.81
CA LEU A 1587 4.64 -20.94 -36.10
C LEU A 1587 4.89 -22.12 -37.02
N ARG A 1588 4.58 -21.99 -38.31
CA ARG A 1588 4.76 -23.10 -39.25
C ARG A 1588 6.23 -23.51 -39.35
N GLN A 1589 7.15 -22.56 -39.32
CA GLN A 1589 8.57 -22.89 -39.32
C GLN A 1589 9.12 -23.03 -37.91
N GLY A 1590 8.46 -23.87 -37.13
CA GLY A 1590 8.90 -24.30 -35.82
C GLY A 1590 9.42 -25.72 -35.93
N TYR A 1591 8.52 -26.67 -35.68
CA TYR A 1591 8.74 -28.11 -35.79
C TYR A 1591 9.46 -28.63 -34.57
N THR A 1592 9.81 -27.74 -33.64
CA THR A 1592 9.99 -28.17 -32.27
C THR A 1592 8.96 -27.51 -31.37
N ILE A 1593 8.51 -26.31 -31.75
CA ILE A 1593 7.42 -25.65 -31.04
C ILE A 1593 6.08 -26.25 -31.43
N ARG A 1594 6.00 -26.82 -32.64
CA ARG A 1594 4.74 -27.40 -33.09
C ARG A 1594 4.57 -28.83 -32.58
N ILE A 1595 5.66 -29.57 -32.45
CA ILE A 1595 5.55 -30.94 -31.92
C ILE A 1595 5.22 -30.91 -30.43
N LEU A 1596 5.83 -30.00 -29.67
CA LEU A 1596 5.40 -29.79 -28.29
C LEU A 1596 3.92 -29.47 -28.22
N LEU A 1597 3.45 -28.56 -29.07
CA LEU A 1597 2.03 -28.25 -29.08
C LEU A 1597 1.22 -29.45 -29.56
N TRP A 1598 1.66 -30.09 -30.64
CA TRP A 1598 0.89 -31.21 -31.18
C TRP A 1598 0.82 -32.36 -30.19
N THR A 1599 1.97 -32.76 -29.65
CA THR A 1599 2.02 -33.88 -28.73
C THR A 1599 1.17 -33.63 -27.50
N PHE A 1600 1.22 -32.41 -26.96
CA PHE A 1600 0.51 -32.11 -25.73
C PHE A 1600 -0.96 -31.81 -25.94
N VAL A 1601 -1.38 -31.46 -27.16
CA VAL A 1601 -2.80 -31.27 -27.42
C VAL A 1601 -3.46 -32.57 -27.88
N GLN A 1602 -2.69 -33.48 -28.47
CA GLN A 1602 -3.22 -34.82 -28.73
C GLN A 1602 -3.55 -35.54 -27.42
N SER A 1603 -2.72 -35.35 -26.39
CA SER A 1603 -2.96 -36.04 -25.13
C SER A 1603 -4.00 -35.32 -24.28
N PHE A 1604 -4.43 -34.12 -24.70
CA PHE A 1604 -5.64 -33.53 -24.16
C PHE A 1604 -6.88 -34.04 -24.87
N LYS A 1605 -6.69 -34.78 -25.96
CA LYS A 1605 -7.81 -35.39 -26.66
C LYS A 1605 -8.00 -36.84 -26.25
N ALA A 1606 -6.98 -37.46 -25.68
CA ALA A 1606 -7.08 -38.80 -25.13
C ALA A 1606 -7.65 -38.82 -23.73
N LEU A 1607 -7.91 -37.66 -23.14
CA LEU A 1607 -8.47 -37.54 -21.79
C LEU A 1607 -9.66 -36.60 -21.81
N PRO A 1608 -10.75 -36.99 -22.48
CA PRO A 1608 -11.93 -36.13 -22.48
C PRO A 1608 -12.64 -36.10 -21.14
N TYR A 1609 -12.40 -37.10 -20.30
CA TYR A 1609 -13.13 -37.23 -19.03
C TYR A 1609 -12.34 -36.67 -17.85
N VAL A 1610 -11.02 -36.53 -17.99
CA VAL A 1610 -10.24 -35.91 -16.92
C VAL A 1610 -10.57 -34.43 -16.82
N CYS A 1611 -10.77 -33.76 -17.96
CA CYS A 1611 -11.29 -32.40 -17.94
C CYS A 1611 -12.80 -32.38 -18.03
N LEU A 1612 -13.44 -33.23 -17.23
CA LEU A 1612 -14.87 -33.21 -16.93
C LEU A 1612 -15.14 -33.43 -15.46
N LEU A 1613 -14.25 -34.09 -14.74
CA LEU A 1613 -14.29 -34.05 -13.27
C LEU A 1613 -13.90 -32.67 -12.77
N ILE A 1614 -12.96 -32.02 -13.46
CA ILE A 1614 -12.58 -30.65 -13.12
C ILE A 1614 -13.69 -29.68 -13.48
N ALA A 1615 -14.36 -29.90 -14.61
CA ALA A 1615 -15.50 -29.08 -14.98
C ALA A 1615 -16.74 -29.42 -14.18
N MET A 1616 -16.71 -30.51 -13.41
CA MET A 1616 -17.79 -30.81 -12.48
C MET A 1616 -17.49 -30.31 -11.09
N LEU A 1617 -16.21 -30.19 -10.72
CA LEU A 1617 -15.86 -29.47 -9.51
C LEU A 1617 -16.28 -28.01 -9.62
N PHE A 1618 -15.97 -27.37 -10.76
CA PHE A 1618 -16.36 -25.98 -10.94
C PHE A 1618 -17.86 -25.83 -11.06
N PHE A 1619 -18.56 -26.91 -11.43
CA PHE A 1619 -20.04 -26.85 -11.47
C PHE A 1619 -20.59 -26.90 -10.04
N ILE A 1620 -20.28 -27.98 -9.32
CA ILE A 1620 -20.77 -28.16 -7.91
C ILE A 1620 -20.55 -26.85 -7.15
N TYR A 1621 -19.28 -26.49 -6.89
CA TYR A 1621 -18.98 -25.27 -6.10
C TYR A 1621 -19.85 -24.11 -6.59
N ALA A 1622 -19.79 -23.80 -7.88
CA ALA A 1622 -20.61 -22.70 -8.44
C ALA A 1622 -22.01 -22.76 -7.84
N ILE A 1623 -22.74 -23.86 -8.09
CA ILE A 1623 -24.12 -24.02 -7.53
C ILE A 1623 -24.08 -23.66 -6.04
N ILE A 1624 -23.26 -24.37 -5.26
CA ILE A 1624 -23.16 -24.08 -3.80
C ILE A 1624 -23.08 -22.57 -3.59
N GLY A 1625 -22.02 -21.94 -4.10
CA GLY A 1625 -21.84 -20.48 -3.94
C GLY A 1625 -23.11 -19.70 -4.24
N MET A 1626 -23.93 -20.23 -5.16
CA MET A 1626 -25.19 -19.53 -5.55
C MET A 1626 -26.16 -19.52 -4.36
N GLN A 1627 -26.72 -20.68 -4.01
CA GLN A 1627 -27.70 -20.73 -2.92
C GLN A 1627 -27.13 -20.16 -1.62
N VAL A 1628 -25.87 -20.46 -1.33
CA VAL A 1628 -25.32 -20.11 -0.02
C VAL A 1628 -24.82 -18.68 0.00
N PHE A 1629 -24.12 -18.25 -1.05
CA PHE A 1629 -23.45 -16.96 -1.04
C PHE A 1629 -24.07 -15.99 -2.02
N GLY A 1630 -25.28 -16.29 -2.50
CA GLY A 1630 -25.80 -15.58 -3.65
C GLY A 1630 -26.49 -14.28 -3.36
N ASN A 1631 -26.97 -14.07 -2.14
CA ASN A 1631 -27.75 -12.90 -1.79
C ASN A 1631 -27.01 -11.94 -0.88
N ILE A 1632 -25.68 -12.05 -0.81
CA ILE A 1632 -24.88 -11.04 -0.12
C ILE A 1632 -24.99 -9.73 -0.88
N LYS A 1633 -25.14 -8.64 -0.15
CA LYS A 1633 -25.29 -7.33 -0.79
C LYS A 1633 -23.93 -6.85 -1.28
N LEU A 1634 -23.88 -6.42 -2.53
CA LEU A 1634 -22.62 -6.02 -3.12
C LEU A 1634 -22.15 -4.71 -2.51
N ASP A 1635 -20.90 -4.69 -2.06
CA ASP A 1635 -20.30 -3.51 -1.46
C ASP A 1635 -18.93 -3.32 -2.08
N GLU A 1636 -18.71 -2.15 -2.69
CA GLU A 1636 -17.48 -1.94 -3.45
C GLU A 1636 -16.24 -1.89 -2.57
N GLU A 1637 -16.41 -1.72 -1.26
CA GLU A 1637 -15.27 -1.81 -0.36
C GLU A 1637 -14.82 -3.26 -0.19
N SER A 1638 -15.75 -4.21 -0.28
CA SER A 1638 -15.43 -5.62 -0.08
C SER A 1638 -15.03 -6.25 -1.40
N HIS A 1639 -14.80 -7.55 -1.39
CA HIS A 1639 -14.42 -8.30 -2.59
C HIS A 1639 -15.58 -9.03 -3.23
N ILE A 1640 -16.77 -8.95 -2.65
CA ILE A 1640 -18.00 -9.32 -3.38
C ILE A 1640 -18.51 -8.02 -4.00
N ASN A 1641 -17.95 -7.68 -5.15
CA ASN A 1641 -18.19 -6.44 -5.85
C ASN A 1641 -19.37 -6.60 -6.81
N ARG A 1642 -19.52 -5.62 -7.70
CA ARG A 1642 -20.32 -5.83 -8.91
C ARG A 1642 -19.56 -6.66 -9.93
N HIS A 1643 -18.22 -6.60 -9.89
CA HIS A 1643 -17.38 -7.43 -10.74
C HIS A 1643 -17.38 -8.87 -10.27
N ASN A 1644 -17.21 -9.07 -8.97
CA ASN A 1644 -16.95 -10.36 -8.36
C ASN A 1644 -18.12 -10.65 -7.44
N ASN A 1645 -18.94 -11.65 -7.76
CA ASN A 1645 -20.04 -12.02 -6.89
C ASN A 1645 -20.52 -13.42 -7.23
N PHE A 1646 -21.56 -13.85 -6.51
CA PHE A 1646 -22.16 -15.17 -6.67
C PHE A 1646 -23.59 -15.08 -7.18
N ARG A 1647 -23.98 -13.98 -7.82
CA ARG A 1647 -25.39 -13.76 -8.11
C ARG A 1647 -25.86 -14.56 -9.31
N SER A 1648 -24.93 -15.12 -10.09
CA SER A 1648 -25.26 -15.79 -11.33
C SER A 1648 -24.32 -16.97 -11.52
N PHE A 1649 -24.74 -17.91 -12.36
CA PHE A 1649 -23.92 -19.09 -12.61
C PHE A 1649 -22.59 -18.70 -13.22
N PHE A 1650 -22.60 -17.78 -14.19
CA PHE A 1650 -21.37 -17.37 -14.83
C PHE A 1650 -20.64 -16.32 -14.01
N GLY A 1651 -21.36 -15.58 -13.17
CA GLY A 1651 -20.70 -14.65 -12.28
C GLY A 1651 -19.99 -15.34 -11.13
N SER A 1652 -20.41 -16.56 -10.80
CA SER A 1652 -19.79 -17.36 -9.77
C SER A 1652 -18.77 -18.34 -10.32
N LEU A 1653 -18.91 -18.74 -11.57
CA LEU A 1653 -17.87 -19.50 -12.26
C LEU A 1653 -16.63 -18.67 -12.52
N MET A 1654 -16.80 -17.35 -12.69
CA MET A 1654 -15.65 -16.46 -12.81
C MET A 1654 -15.04 -16.19 -11.44
N LEU A 1655 -15.84 -16.20 -10.38
CA LEU A 1655 -15.29 -16.05 -9.03
C LEU A 1655 -14.44 -17.23 -8.65
N LEU A 1656 -14.84 -18.44 -9.05
CA LEU A 1656 -14.07 -19.62 -8.73
C LEU A 1656 -12.83 -19.73 -9.60
N PHE A 1657 -12.90 -19.24 -10.83
CA PHE A 1657 -11.70 -19.21 -11.67
C PHE A 1657 -10.74 -18.13 -11.21
N ARG A 1658 -11.25 -16.96 -10.83
CA ARG A 1658 -10.42 -15.95 -10.21
C ARG A 1658 -9.78 -16.46 -8.93
N SER A 1659 -10.52 -17.24 -8.15
CA SER A 1659 -9.98 -17.84 -6.94
C SER A 1659 -9.09 -19.03 -7.21
N ALA A 1660 -9.40 -19.84 -8.23
CA ALA A 1660 -8.55 -20.98 -8.57
C ALA A 1660 -7.16 -20.51 -8.98
N THR A 1661 -7.08 -19.44 -9.76
CA THR A 1661 -5.82 -18.90 -10.21
C THR A 1661 -5.09 -18.13 -9.13
N GLY A 1662 -5.56 -18.20 -7.88
CA GLY A 1662 -4.86 -17.58 -6.79
C GLY A 1662 -4.83 -16.07 -6.88
N GLU A 1663 -5.98 -15.43 -6.73
CA GLU A 1663 -6.10 -13.98 -6.89
C GLU A 1663 -7.04 -13.45 -5.83
N ALA A 1664 -6.47 -13.05 -4.68
CA ALA A 1664 -7.23 -12.56 -3.55
C ALA A 1664 -8.38 -13.51 -3.21
N TRP A 1665 -8.11 -14.81 -3.25
CA TRP A 1665 -9.14 -15.79 -2.91
C TRP A 1665 -9.51 -15.73 -1.45
N GLN A 1666 -8.78 -14.94 -0.67
CA GLN A 1666 -8.88 -14.97 0.78
C GLN A 1666 -9.80 -13.86 1.27
N GLU A 1667 -9.86 -12.75 0.56
CA GLU A 1667 -10.82 -11.70 0.90
C GLU A 1667 -12.18 -11.97 0.29
N ILE A 1668 -12.25 -12.76 -0.78
CA ILE A 1668 -13.52 -13.31 -1.20
C ILE A 1668 -14.03 -14.28 -0.14
N MET A 1669 -13.12 -14.90 0.60
CA MET A 1669 -13.50 -15.76 1.71
C MET A 1669 -13.97 -14.93 2.89
N LEU A 1670 -13.27 -13.85 3.19
CA LEU A 1670 -13.63 -13.01 4.33
C LEU A 1670 -14.89 -12.21 4.05
N SER A 1671 -15.06 -11.71 2.83
CA SER A 1671 -16.25 -10.94 2.50
C SER A 1671 -17.44 -11.82 2.19
N CYS A 1672 -17.35 -13.13 2.44
CA CYS A 1672 -18.46 -14.04 2.34
C CYS A 1672 -18.84 -14.65 3.68
N LEU A 1673 -18.33 -14.12 4.78
CA LEU A 1673 -18.57 -14.72 6.09
C LEU A 1673 -19.94 -14.30 6.62
N GLY A 1674 -20.21 -14.66 7.85
CA GLY A 1674 -21.46 -14.34 8.48
C GLY A 1674 -21.58 -12.87 8.82
N GLU A 1675 -22.83 -12.43 8.98
CA GLU A 1675 -23.23 -11.10 9.36
C GLU A 1675 -22.98 -10.05 8.27
N LYS A 1676 -23.10 -10.43 7.00
CA LYS A 1676 -23.01 -9.45 5.93
C LYS A 1676 -24.39 -8.90 5.61
N GLY A 1677 -24.44 -7.94 4.68
CA GLY A 1677 -25.70 -7.40 4.25
C GLY A 1677 -26.49 -8.44 3.48
N CYS A 1678 -27.51 -7.96 2.77
CA CYS A 1678 -28.33 -8.87 1.98
C CYS A 1678 -29.08 -8.08 0.93
N GLU A 1679 -29.40 -8.76 -0.17
CA GLU A 1679 -30.08 -8.12 -1.28
C GLU A 1679 -31.58 -8.00 -0.99
N PRO A 1680 -32.23 -6.98 -1.52
CA PRO A 1680 -33.66 -6.76 -1.22
C PRO A 1680 -34.57 -7.92 -1.60
N ASP A 1681 -34.29 -8.58 -2.72
CA ASP A 1681 -35.03 -9.74 -3.24
C ASP A 1681 -36.36 -9.28 -3.84
N THR A 1682 -36.79 -8.07 -3.49
CA THR A 1682 -37.86 -7.31 -4.14
C THR A 1682 -39.10 -8.13 -4.45
N THR A 1683 -39.29 -9.28 -3.77
CA THR A 1683 -40.49 -10.08 -3.97
C THR A 1683 -40.98 -10.74 -2.68
N ALA A 1684 -40.34 -10.48 -1.55
CA ALA A 1684 -40.75 -11.05 -0.28
C ALA A 1684 -40.96 -9.91 0.70
N PRO A 1685 -42.12 -9.82 1.33
CA PRO A 1685 -42.40 -8.71 2.26
C PRO A 1685 -41.79 -8.87 3.65
N SER A 1686 -41.32 -10.06 4.01
CA SER A 1686 -40.70 -10.28 5.31
C SER A 1686 -39.19 -10.21 5.18
N GLY A 1687 -38.54 -9.96 6.32
CA GLY A 1687 -37.09 -9.82 6.33
C GLY A 1687 -36.59 -8.54 5.72
N GLN A 1688 -37.35 -7.44 5.86
CA GLN A 1688 -36.90 -6.17 5.32
C GLN A 1688 -35.65 -5.66 6.03
N ASN A 1689 -35.69 -5.64 7.37
CA ASN A 1689 -34.51 -5.31 8.17
C ASN A 1689 -33.91 -6.52 8.86
N GLU A 1690 -34.74 -7.51 9.21
CA GLU A 1690 -34.24 -8.79 9.67
C GLU A 1690 -33.60 -9.53 8.50
N ASN A 1691 -33.11 -10.74 8.76
CA ASN A 1691 -32.26 -11.45 7.80
C ASN A 1691 -31.11 -10.56 7.35
N GLU A 1692 -30.46 -9.94 8.33
CA GLU A 1692 -29.17 -9.32 8.13
C GLU A 1692 -28.07 -10.38 8.16
N ARG A 1693 -28.47 -11.64 8.05
CA ARG A 1693 -27.55 -12.77 7.98
C ARG A 1693 -27.71 -13.41 6.61
N CYS A 1694 -26.98 -12.91 5.62
CA CYS A 1694 -26.99 -13.52 4.30
C CYS A 1694 -25.64 -14.03 3.85
N GLY A 1695 -24.57 -13.82 4.62
CA GLY A 1695 -23.38 -14.62 4.49
C GLY A 1695 -23.41 -15.80 5.44
N THR A 1696 -22.33 -16.57 5.46
CA THR A 1696 -22.22 -17.70 6.36
C THR A 1696 -20.77 -17.94 6.72
N ASP A 1697 -20.54 -18.54 7.89
CA ASP A 1697 -19.21 -18.89 8.33
C ASP A 1697 -18.70 -20.18 7.72
N LEU A 1698 -19.48 -20.81 6.84
CA LEU A 1698 -18.99 -21.93 6.06
C LEU A 1698 -18.23 -21.49 4.83
N ALA A 1699 -17.82 -20.23 4.77
CA ALA A 1699 -16.93 -19.78 3.72
C ALA A 1699 -15.50 -20.25 3.96
N TYR A 1700 -15.18 -20.68 5.18
CA TYR A 1700 -13.85 -21.22 5.44
C TYR A 1700 -13.72 -22.61 4.84
N VAL A 1701 -14.76 -23.44 4.98
CA VAL A 1701 -14.75 -24.77 4.39
C VAL A 1701 -14.85 -24.67 2.87
N TYR A 1702 -15.67 -23.75 2.38
CA TYR A 1702 -15.93 -23.65 0.95
C TYR A 1702 -14.69 -23.22 0.19
N PHE A 1703 -13.93 -22.28 0.74
CA PHE A 1703 -12.78 -21.75 0.01
C PHE A 1703 -11.49 -22.50 0.31
N VAL A 1704 -11.33 -23.06 1.51
CA VAL A 1704 -10.14 -23.84 1.79
C VAL A 1704 -10.18 -25.15 1.04
N SER A 1705 -11.35 -25.77 0.95
CA SER A 1705 -11.46 -27.06 0.26
C SER A 1705 -11.31 -26.89 -1.25
N PHE A 1706 -11.92 -25.84 -1.81
CA PHE A 1706 -11.82 -25.63 -3.25
C PHE A 1706 -10.36 -25.44 -3.68
N ILE A 1707 -9.57 -24.78 -2.84
CA ILE A 1707 -8.15 -24.61 -3.17
C ILE A 1707 -7.42 -25.94 -3.12
N PHE A 1708 -7.85 -26.85 -2.23
CA PHE A 1708 -7.23 -28.17 -2.19
C PHE A 1708 -7.74 -29.06 -3.32
N PHE A 1709 -9.03 -29.01 -3.62
CA PHE A 1709 -9.57 -29.86 -4.67
C PHE A 1709 -9.13 -29.38 -6.05
N CYS A 1710 -9.23 -28.08 -6.32
CA CYS A 1710 -8.83 -27.58 -7.62
C CYS A 1710 -7.34 -27.83 -7.87
N SER A 1711 -6.51 -27.62 -6.87
CA SER A 1711 -5.08 -27.83 -7.03
C SER A 1711 -4.74 -29.31 -7.15
N PHE A 1712 -5.62 -30.18 -6.65
CA PHE A 1712 -5.37 -31.61 -6.74
C PHE A 1712 -5.94 -32.20 -8.02
N LEU A 1713 -7.12 -31.73 -8.45
CA LEU A 1713 -7.67 -32.21 -9.71
C LEU A 1713 -6.88 -31.70 -10.90
N MET A 1714 -6.34 -30.48 -10.79
CA MET A 1714 -5.47 -29.96 -11.83
C MET A 1714 -4.13 -30.66 -11.85
N LEU A 1715 -3.62 -31.08 -10.69
CA LEU A 1715 -2.37 -31.83 -10.65
C LEU A 1715 -2.52 -33.18 -11.32
N ASN A 1716 -3.65 -33.85 -11.13
CA ASN A 1716 -3.89 -35.12 -11.80
C ASN A 1716 -4.11 -34.95 -13.29
N LEU A 1717 -4.74 -33.85 -13.70
CA LEU A 1717 -4.82 -33.54 -15.12
C LEU A 1717 -3.45 -33.27 -15.70
N PHE A 1718 -2.60 -32.56 -14.95
CA PHE A 1718 -1.27 -32.24 -15.44
C PHE A 1718 -0.43 -33.50 -15.63
N VAL A 1719 -0.58 -34.47 -14.74
CA VAL A 1719 0.24 -35.68 -14.82
C VAL A 1719 -0.34 -36.66 -15.82
N ALA A 1720 -1.66 -36.78 -15.88
CA ALA A 1720 -2.27 -37.68 -16.86
C ALA A 1720 -2.00 -37.22 -18.28
N VAL A 1721 -1.60 -35.97 -18.47
CA VAL A 1721 -1.21 -35.45 -19.78
C VAL A 1721 0.29 -35.56 -19.99
N ILE A 1722 1.06 -35.34 -18.93
CA ILE A 1722 2.52 -35.50 -18.99
C ILE A 1722 2.87 -36.96 -19.23
N MET A 1723 2.23 -37.86 -18.51
CA MET A 1723 2.57 -39.27 -18.59
C MET A 1723 1.98 -39.95 -19.81
N ASP A 1724 1.00 -39.31 -20.46
CA ASP A 1724 0.55 -39.79 -21.76
C ASP A 1724 1.63 -39.59 -22.81
N ASN A 1725 2.34 -38.46 -22.73
CA ASN A 1725 3.42 -38.13 -23.65
C ASN A 1725 4.79 -38.43 -23.07
N PHE A 1726 4.88 -39.33 -22.09
CA PHE A 1726 6.16 -39.54 -21.43
C PHE A 1726 7.16 -40.23 -22.33
N GLU A 1727 6.71 -40.75 -23.47
CA GLU A 1727 7.66 -41.27 -24.45
C GLU A 1727 8.20 -40.16 -25.33
N TYR A 1728 7.36 -39.16 -25.63
CA TYR A 1728 7.87 -37.93 -26.22
C TYR A 1728 8.82 -37.22 -25.28
N LEU A 1729 8.41 -36.98 -24.04
CA LEU A 1729 9.19 -36.14 -23.13
C LEU A 1729 10.55 -36.72 -22.84
N THR A 1730 10.71 -38.03 -22.93
CA THR A 1730 11.98 -38.71 -22.65
C THR A 1730 12.71 -39.13 -23.92
N ARG A 1731 12.45 -38.49 -25.06
CA ARG A 1731 13.10 -38.92 -26.29
C ARG A 1731 14.60 -38.71 -26.15
N ASP A 1732 15.37 -39.60 -26.75
CA ASP A 1732 16.82 -39.51 -26.69
C ASP A 1732 17.37 -39.88 -28.06
N SER A 1733 18.27 -39.06 -28.57
CA SER A 1733 18.78 -39.21 -29.93
C SER A 1733 19.42 -40.58 -30.15
N SER A 1734 19.93 -41.19 -29.08
CA SER A 1734 20.55 -42.50 -29.18
C SER A 1734 19.55 -43.57 -29.61
N ILE A 1735 18.51 -43.78 -28.79
CA ILE A 1735 17.50 -44.80 -29.06
C ILE A 1735 16.69 -44.36 -30.27
N LEU A 1736 16.07 -45.31 -30.97
CA LEU A 1736 15.24 -45.02 -32.13
C LEU A 1736 13.78 -44.98 -31.73
N GLY A 1737 13.09 -43.95 -32.19
CA GLY A 1737 11.68 -43.78 -31.93
C GLY A 1737 10.96 -43.18 -33.14
N PRO A 1738 9.67 -42.88 -32.99
CA PRO A 1738 8.92 -42.28 -34.10
C PRO A 1738 9.53 -40.96 -34.55
N HIS A 1739 10.31 -40.33 -33.68
CA HIS A 1739 11.07 -39.16 -34.05
C HIS A 1739 12.07 -39.49 -35.15
N HIS A 1740 12.80 -40.59 -34.95
CA HIS A 1740 13.94 -40.93 -35.79
C HIS A 1740 13.49 -41.75 -36.97
N LEU A 1741 12.19 -41.71 -37.29
CA LEU A 1741 11.64 -42.56 -38.33
C LEU A 1741 10.92 -41.73 -39.39
N ASP A 1742 10.44 -40.55 -39.02
CA ASP A 1742 9.86 -39.65 -40.02
C ASP A 1742 10.93 -39.22 -41.02
N GLU A 1743 12.19 -39.27 -40.62
CA GLU A 1743 13.30 -39.06 -41.56
C GLU A 1743 13.15 -39.95 -42.78
N PHE A 1744 12.83 -41.23 -42.55
CA PHE A 1744 12.60 -42.17 -43.64
C PHE A 1744 11.51 -41.68 -44.57
N VAL A 1745 10.46 -41.11 -44.01
CA VAL A 1745 9.41 -40.50 -44.83
C VAL A 1745 9.98 -39.31 -45.60
N ARG A 1746 10.77 -38.48 -44.92
CA ARG A 1746 11.34 -37.31 -45.57
C ARG A 1746 12.37 -37.70 -46.62
N VAL A 1747 13.39 -38.48 -46.24
CA VAL A 1747 14.49 -38.77 -47.16
C VAL A 1747 13.99 -39.47 -48.41
N TRP A 1748 12.86 -40.17 -48.31
CA TRP A 1748 12.27 -40.80 -49.49
C TRP A 1748 11.84 -39.73 -50.49
N ALA A 1749 11.34 -38.60 -50.00
CA ALA A 1749 10.78 -37.57 -50.87
C ALA A 1749 11.81 -36.92 -51.79
N GLU A 1750 13.03 -36.65 -51.30
CA GLU A 1750 14.00 -35.98 -52.15
C GLU A 1750 14.49 -36.86 -53.30
N TYR A 1751 14.18 -38.15 -53.29
CA TYR A 1751 14.61 -39.05 -54.36
C TYR A 1751 13.47 -39.90 -54.91
N ASP A 1752 12.27 -39.75 -54.39
CA ASP A 1752 11.06 -40.29 -55.01
C ASP A 1752 10.42 -39.31 -55.99
N ARG A 1753 10.39 -38.03 -55.62
CA ARG A 1753 9.81 -36.97 -56.45
C ARG A 1753 8.44 -37.38 -56.98
N ALA A 1754 7.62 -37.93 -56.08
CA ALA A 1754 6.21 -38.22 -56.34
C ALA A 1754 6.03 -39.32 -57.39
N ALA A 1755 7.14 -39.91 -57.83
CA ALA A 1755 7.07 -40.84 -58.95
C ALA A 1755 7.53 -42.25 -58.60
N CYS A 1756 8.76 -42.39 -58.12
CA CYS A 1756 9.41 -43.70 -58.06
C CYS A 1756 9.27 -44.33 -56.67
N GLY A 1757 8.02 -44.70 -56.34
CA GLY A 1757 7.77 -45.40 -55.08
C GLY A 1757 8.32 -46.81 -55.09
N ARG A 1758 8.59 -47.33 -56.29
CA ARG A 1758 9.21 -48.64 -56.44
C ARG A 1758 10.73 -48.51 -56.43
N ILE A 1759 11.23 -47.52 -55.67
CA ILE A 1759 12.58 -46.97 -55.79
C ILE A 1759 13.65 -48.03 -56.02
N HIS A 1760 14.55 -47.75 -56.96
CA HIS A 1760 15.64 -48.64 -57.31
C HIS A 1760 16.63 -48.70 -56.15
N TYR A 1761 17.28 -49.87 -56.01
CA TYR A 1761 17.93 -50.22 -54.76
C TYR A 1761 19.34 -49.66 -54.61
N THR A 1762 19.81 -48.86 -55.58
CA THR A 1762 21.09 -48.18 -55.41
C THR A 1762 21.04 -47.22 -54.23
N GLU A 1763 19.90 -46.56 -54.02
CA GLU A 1763 19.77 -45.59 -52.95
C GLU A 1763 19.77 -46.21 -51.57
N MET A 1764 19.49 -47.51 -51.46
CA MET A 1764 19.50 -48.20 -50.16
C MET A 1764 20.83 -48.00 -49.45
N TYR A 1765 21.92 -47.88 -50.21
CA TYR A 1765 23.18 -47.46 -49.61
C TYR A 1765 23.25 -45.93 -49.53
N GLU A 1766 22.83 -45.25 -50.60
CA GLU A 1766 22.91 -43.79 -50.64
C GLU A 1766 22.05 -43.16 -49.53
N MET A 1767 20.86 -43.71 -49.32
CA MET A 1767 19.94 -43.17 -48.32
C MET A 1767 20.49 -43.36 -46.91
N LEU A 1768 21.09 -44.50 -46.63
CA LEU A 1768 21.59 -44.80 -45.28
C LEU A 1768 22.80 -43.93 -44.94
N THR A 1769 23.69 -43.70 -45.91
CA THR A 1769 24.82 -42.81 -45.66
C THR A 1769 24.35 -41.39 -45.37
N LEU A 1770 23.37 -40.90 -46.12
CA LEU A 1770 22.84 -39.56 -45.93
C LEU A 1770 22.30 -39.37 -44.52
N MET A 1771 21.46 -40.30 -44.06
CA MET A 1771 20.89 -40.21 -42.73
C MET A 1771 21.95 -40.50 -41.67
N SER A 1772 21.61 -40.18 -40.44
CA SER A 1772 22.43 -40.45 -39.27
C SER A 1772 21.79 -41.54 -38.43
N PRO A 1773 22.54 -42.12 -37.48
CA PRO A 1773 21.93 -43.08 -36.58
C PRO A 1773 20.83 -42.42 -35.75
N PRO A 1774 19.90 -43.21 -35.20
CA PRO A 1774 19.83 -44.67 -35.24
C PRO A 1774 19.01 -45.26 -36.40
N LEU A 1775 18.64 -44.44 -37.39
CA LEU A 1775 17.90 -44.99 -38.52
C LEU A 1775 18.83 -45.26 -39.69
N GLY A 1776 19.52 -44.24 -40.18
CA GLY A 1776 20.45 -44.43 -41.27
C GLY A 1776 21.75 -45.05 -40.80
N LEU A 1777 22.44 -45.74 -41.71
CA LEU A 1777 23.74 -46.29 -41.36
C LEU A 1777 24.72 -45.18 -41.00
N GLY A 1778 24.73 -44.10 -41.77
CA GLY A 1778 25.67 -43.02 -41.57
C GLY A 1778 26.72 -42.98 -42.64
N LYS A 1779 27.26 -41.79 -42.91
CA LYS A 1779 28.26 -41.61 -43.95
C LYS A 1779 29.69 -41.62 -43.42
N ARG A 1780 29.90 -41.63 -42.11
CA ARG A 1780 31.24 -41.53 -41.55
C ARG A 1780 31.94 -42.89 -41.54
N CYS A 1781 31.36 -43.87 -40.84
CA CYS A 1781 31.97 -45.19 -40.67
C CYS A 1781 31.06 -46.25 -41.26
N PRO A 1782 31.21 -46.55 -42.56
CA PRO A 1782 30.41 -47.61 -43.18
C PRO A 1782 31.00 -49.00 -43.03
N SER A 1783 31.90 -49.20 -42.07
CA SER A 1783 32.73 -50.41 -41.92
C SER A 1783 31.88 -51.67 -42.06
N LYS A 1784 32.50 -52.76 -42.53
CA LYS A 1784 31.82 -54.01 -42.88
C LYS A 1784 31.05 -54.61 -41.71
N VAL A 1785 31.63 -54.63 -40.51
CA VAL A 1785 30.88 -55.11 -39.35
C VAL A 1785 29.72 -54.19 -39.04
N ALA A 1786 29.91 -52.87 -39.20
CA ALA A 1786 28.78 -51.96 -39.07
C ALA A 1786 27.76 -52.16 -40.18
N TYR A 1787 28.22 -52.37 -41.41
CA TYR A 1787 27.31 -52.51 -42.54
C TYR A 1787 26.62 -53.86 -42.59
N LYS A 1788 27.23 -54.93 -42.05
CA LYS A 1788 26.59 -56.23 -42.10
C LYS A 1788 25.29 -56.28 -41.29
N ARG A 1789 25.04 -55.26 -40.47
CA ARG A 1789 23.70 -55.02 -39.96
C ARG A 1789 22.69 -54.98 -41.10
N LEU A 1790 23.05 -54.38 -42.23
CA LEU A 1790 22.21 -54.47 -43.43
C LEU A 1790 22.15 -55.89 -43.96
N VAL A 1791 23.25 -56.64 -43.85
CA VAL A 1791 23.20 -58.06 -44.20
C VAL A 1791 22.33 -58.82 -43.19
N LEU A 1792 22.44 -58.47 -41.91
CA LEU A 1792 21.51 -59.01 -40.92
C LEU A 1792 20.09 -58.56 -41.24
N MET A 1793 19.94 -57.45 -41.95
CA MET A 1793 18.64 -56.95 -42.40
C MET A 1793 18.41 -57.48 -43.82
N ASN A 1794 18.08 -58.78 -43.89
CA ASN A 1794 18.00 -59.49 -45.16
C ASN A 1794 16.77 -59.07 -45.97
N MET A 1795 16.78 -57.85 -46.47
CA MET A 1795 15.67 -57.33 -47.25
C MET A 1795 15.53 -58.13 -48.55
N PRO A 1796 14.33 -58.57 -48.91
CA PRO A 1796 14.15 -59.27 -50.19
C PRO A 1796 14.18 -58.29 -51.35
N VAL A 1797 14.42 -58.84 -52.54
CA VAL A 1797 14.37 -58.08 -53.78
C VAL A 1797 13.44 -58.78 -54.75
N ALA A 1798 12.79 -57.98 -55.59
CA ALA A 1798 11.89 -58.51 -56.62
C ALA A 1798 12.68 -58.72 -57.92
N GLU A 1799 11.96 -59.00 -59.01
CA GLU A 1799 12.60 -59.14 -60.31
C GLU A 1799 13.22 -57.85 -60.81
N ASP A 1800 12.78 -56.70 -60.30
CA ASP A 1800 13.20 -55.40 -60.78
C ASP A 1800 14.32 -54.80 -59.93
N MET A 1801 14.90 -55.59 -59.03
CA MET A 1801 15.93 -55.11 -58.10
C MET A 1801 15.40 -53.93 -57.30
N THR A 1802 14.17 -54.06 -56.80
CA THR A 1802 13.46 -52.98 -56.14
C THR A 1802 12.92 -53.45 -54.81
N VAL A 1803 12.66 -52.48 -53.92
CA VAL A 1803 12.22 -52.76 -52.56
C VAL A 1803 10.88 -52.08 -52.32
N HIS A 1804 10.27 -52.38 -51.18
CA HIS A 1804 8.99 -51.81 -50.81
C HIS A 1804 9.16 -50.80 -49.69
N PHE A 1805 8.51 -49.64 -49.81
CA PHE A 1805 8.59 -48.60 -48.79
C PHE A 1805 8.16 -49.11 -47.43
N THR A 1806 7.02 -49.80 -47.38
CA THR A 1806 6.55 -50.38 -46.12
C THR A 1806 7.51 -51.45 -45.62
N SER A 1807 7.96 -52.33 -46.52
CA SER A 1807 8.90 -53.38 -46.13
C SER A 1807 10.23 -52.80 -45.70
N THR A 1808 10.72 -51.80 -46.44
CA THR A 1808 12.01 -51.19 -46.11
C THR A 1808 11.95 -50.52 -44.74
N LEU A 1809 10.84 -49.86 -44.44
CA LEU A 1809 10.70 -49.14 -43.18
C LEU A 1809 10.79 -50.08 -41.98
N MET A 1810 10.11 -51.23 -42.05
CA MET A 1810 10.09 -52.16 -40.92
C MET A 1810 11.47 -52.74 -40.63
N ALA A 1811 12.19 -53.14 -41.68
CA ALA A 1811 13.47 -53.82 -41.48
C ALA A 1811 14.47 -52.89 -40.81
N LEU A 1812 14.40 -51.60 -41.13
CA LEU A 1812 15.23 -50.61 -40.43
C LEU A 1812 14.85 -50.54 -38.96
N ILE A 1813 13.54 -50.56 -38.67
CA ILE A 1813 13.07 -50.60 -37.28
C ILE A 1813 13.58 -51.85 -36.58
N ARG A 1814 13.35 -52.99 -37.22
CA ARG A 1814 13.49 -54.28 -36.56
C ARG A 1814 14.94 -54.53 -36.12
N THR A 1815 15.89 -54.14 -36.97
CA THR A 1815 17.29 -54.28 -36.63
C THR A 1815 17.73 -53.23 -35.60
N ALA A 1816 17.22 -52.01 -35.73
CA ALA A 1816 17.65 -50.93 -34.83
C ALA A 1816 17.12 -51.16 -33.42
N LEU A 1817 15.87 -51.58 -33.28
CA LEU A 1817 15.30 -51.87 -31.97
C LEU A 1817 15.56 -53.31 -31.52
N ASP A 1818 16.27 -54.09 -32.34
CA ASP A 1818 16.56 -55.50 -32.04
C ASP A 1818 15.27 -56.26 -31.75
N ILE A 1819 14.26 -56.07 -32.57
CA ILE A 1819 12.96 -56.72 -32.38
C ILE A 1819 13.03 -58.10 -33.03
N LYS A 1820 13.16 -59.15 -32.22
CA LYS A 1820 13.15 -60.53 -32.69
C LYS A 1820 14.21 -60.78 -33.77
N ILE A 1821 15.39 -60.19 -33.59
CA ILE A 1821 16.47 -60.35 -34.56
C ILE A 1821 17.35 -61.52 -34.14
N ALA A 1822 17.55 -62.47 -35.05
CA ALA A 1822 18.37 -63.64 -34.81
C ALA A 1822 19.72 -63.50 -35.51
N LYS A 1823 20.61 -64.44 -35.23
CA LYS A 1823 21.95 -64.42 -35.81
C LYS A 1823 21.96 -64.88 -37.27
N GLY A 1824 21.09 -65.81 -37.64
CA GLY A 1824 21.05 -66.32 -38.99
C GLY A 1824 20.34 -67.66 -39.03
N GLY A 1825 20.09 -68.10 -40.26
CA GLY A 1825 19.39 -69.36 -40.48
C GLY A 1825 17.89 -69.21 -40.35
N ALA A 1826 17.22 -70.36 -40.40
CA ALA A 1826 15.76 -70.39 -40.29
C ALA A 1826 15.27 -69.99 -38.91
N ASP A 1827 16.14 -69.98 -37.89
CA ASP A 1827 15.74 -69.47 -36.58
C ASP A 1827 15.33 -68.01 -36.67
N ARG A 1828 15.90 -67.27 -37.63
CA ARG A 1828 15.41 -65.93 -37.94
C ARG A 1828 13.95 -65.97 -38.38
N GLN A 1829 13.61 -66.92 -39.25
CA GLN A 1829 12.23 -67.06 -39.70
C GLN A 1829 11.34 -67.69 -38.64
N GLN A 1830 11.91 -68.44 -37.71
CA GLN A 1830 11.12 -69.00 -36.61
C GLN A 1830 10.54 -67.88 -35.75
N LEU A 1831 11.33 -66.84 -35.49
CA LEU A 1831 10.81 -65.68 -34.78
C LEU A 1831 9.91 -64.84 -35.66
N ASP A 1832 10.09 -64.92 -36.98
CA ASP A 1832 9.22 -64.17 -37.89
C ASP A 1832 7.79 -64.65 -37.83
N SER A 1833 7.58 -65.94 -37.52
CA SER A 1833 6.24 -66.45 -37.30
C SER A 1833 5.57 -65.70 -36.16
N GLU A 1834 6.29 -65.51 -35.05
CA GLU A 1834 5.80 -64.65 -33.98
C GLU A 1834 5.64 -63.22 -34.47
N LEU A 1835 6.62 -62.72 -35.23
CA LEU A 1835 6.56 -61.35 -35.73
C LEU A 1835 5.27 -61.09 -36.48
N GLN A 1836 4.82 -62.08 -37.26
CA GLN A 1836 3.49 -62.00 -37.86
C GLN A 1836 2.41 -62.11 -36.78
N LYS A 1837 2.52 -63.13 -35.93
CA LYS A 1837 1.45 -63.47 -34.99
C LYS A 1837 1.22 -62.35 -33.98
N GLU A 1838 2.29 -61.77 -33.44
CA GLU A 1838 2.16 -60.70 -32.46
C GLU A 1838 1.38 -59.52 -33.04
N THR A 1839 1.56 -59.26 -34.33
CA THR A 1839 0.91 -58.13 -34.97
C THR A 1839 -0.61 -58.27 -34.97
N LEU A 1840 -1.11 -59.49 -35.25
CA LEU A 1840 -2.56 -59.69 -35.34
C LEU A 1840 -3.25 -59.38 -34.02
N ALA A 1841 -2.72 -59.91 -32.92
CA ALA A 1841 -3.35 -59.69 -31.63
C ALA A 1841 -3.34 -58.21 -31.25
N ILE A 1842 -2.42 -57.45 -31.83
CA ILE A 1842 -2.42 -55.99 -31.64
C ILE A 1842 -3.28 -55.33 -32.71
N TRP A 1843 -2.92 -55.52 -33.98
CA TRP A 1843 -3.64 -54.94 -35.12
C TRP A 1843 -4.12 -56.07 -36.02
N PRO A 1844 -5.34 -56.58 -35.79
CA PRO A 1844 -5.91 -57.57 -36.72
C PRO A 1844 -6.41 -56.96 -38.01
N HIS A 1845 -6.45 -55.63 -38.11
CA HIS A 1845 -6.99 -54.97 -39.29
C HIS A 1845 -6.08 -55.14 -40.49
N LEU A 1846 -4.87 -55.66 -40.31
CA LEU A 1846 -3.96 -55.88 -41.42
C LEU A 1846 -4.20 -57.25 -42.04
N SER A 1847 -4.18 -57.29 -43.37
CA SER A 1847 -4.38 -58.54 -44.10
C SER A 1847 -3.10 -59.35 -44.06
N GLN A 1848 -3.06 -60.46 -44.80
CA GLN A 1848 -1.88 -61.32 -44.78
C GLN A 1848 -0.79 -60.79 -45.72
N LYS A 1849 -1.19 -60.18 -46.84
CA LYS A 1849 -0.21 -59.57 -47.73
C LYS A 1849 0.57 -58.48 -47.02
N MET A 1850 -0.14 -57.53 -46.41
CA MET A 1850 0.55 -56.45 -45.70
C MET A 1850 1.22 -56.96 -44.43
N LEU A 1851 0.70 -58.05 -43.86
CA LEU A 1851 1.46 -58.78 -42.86
C LEU A 1851 2.77 -59.28 -43.45
N ASP A 1852 2.70 -59.98 -44.58
CA ASP A 1852 3.90 -60.42 -45.27
C ASP A 1852 4.66 -59.25 -45.88
N LEU A 1853 3.99 -58.11 -46.06
CA LEU A 1853 4.72 -56.89 -46.38
C LEU A 1853 5.51 -56.39 -45.17
N LEU A 1854 4.90 -56.43 -43.99
CA LEU A 1854 5.60 -56.03 -42.78
C LEU A 1854 6.60 -57.09 -42.34
N VAL A 1855 6.30 -58.35 -42.60
CA VAL A 1855 7.20 -59.46 -42.30
C VAL A 1855 7.46 -60.22 -43.59
N PRO A 1856 8.51 -59.85 -44.35
CA PRO A 1856 8.69 -60.42 -45.69
C PRO A 1856 8.88 -61.92 -45.72
N MET A 1857 9.54 -62.51 -44.72
CA MET A 1857 9.96 -63.91 -44.72
C MET A 1857 10.64 -64.26 -46.05
N PRO A 1858 11.71 -63.54 -46.41
CA PRO A 1858 12.31 -63.74 -47.73
C PRO A 1858 12.84 -65.16 -47.90
N LYS A 1859 12.67 -65.70 -49.11
CA LYS A 1859 13.18 -67.03 -49.42
C LYS A 1859 14.67 -66.96 -49.76
N ALA A 1860 15.44 -67.90 -49.22
CA ALA A 1860 16.89 -67.75 -49.14
C ALA A 1860 17.58 -67.68 -50.49
N SER A 1861 17.13 -68.46 -51.47
CA SER A 1861 17.82 -68.56 -52.76
C SER A 1861 17.91 -67.20 -53.46
N ASP A 1862 16.93 -66.33 -53.24
CA ASP A 1862 16.98 -64.99 -53.81
C ASP A 1862 18.09 -64.17 -53.18
N LEU A 1863 18.75 -63.35 -53.98
CA LEU A 1863 19.85 -62.51 -53.51
C LEU A 1863 19.32 -61.33 -52.70
N THR A 1864 19.26 -61.48 -51.38
CA THR A 1864 18.76 -60.41 -50.54
C THR A 1864 19.71 -59.21 -50.57
N VAL A 1865 19.19 -58.05 -50.17
CA VAL A 1865 19.95 -56.81 -50.28
C VAL A 1865 21.27 -56.92 -49.53
N GLY A 1866 21.24 -57.55 -48.35
CA GLY A 1866 22.49 -57.82 -47.65
C GLY A 1866 23.41 -58.74 -48.44
N LYS A 1867 22.82 -59.75 -49.09
CA LYS A 1867 23.61 -60.67 -49.90
C LYS A 1867 24.13 -60.00 -51.17
N ILE A 1868 23.40 -59.01 -51.70
CA ILE A 1868 23.87 -58.29 -52.88
C ILE A 1868 25.21 -57.62 -52.59
N TYR A 1869 25.31 -56.94 -51.44
CA TYR A 1869 26.53 -56.21 -51.12
C TYR A 1869 27.53 -57.09 -50.39
N ALA A 1870 27.10 -58.23 -49.87
CA ALA A 1870 28.05 -59.17 -49.28
C ALA A 1870 28.83 -59.92 -50.35
N ALA A 1871 28.24 -60.10 -51.52
CA ALA A 1871 28.89 -60.82 -52.61
C ALA A 1871 30.00 -59.97 -53.24
N PHE B 1 -6.90 79.72 -28.60
CA PHE B 1 -6.71 79.77 -27.15
C PHE B 1 -7.06 81.15 -26.60
N PRO B 2 -8.17 81.25 -25.88
CA PRO B 2 -8.52 82.51 -25.24
C PRO B 2 -7.46 82.95 -24.24
N SER B 3 -7.32 84.26 -24.08
CA SER B 3 -6.30 84.80 -23.20
C SER B 3 -6.60 84.44 -21.75
N ALA B 4 -5.58 84.58 -20.90
CA ALA B 4 -5.70 84.20 -19.50
C ALA B 4 -6.80 85.01 -18.80
N VAL B 5 -6.85 86.32 -19.07
CA VAL B 5 -7.82 87.17 -18.40
C VAL B 5 -9.25 86.83 -18.84
N THR B 6 -9.42 86.45 -20.11
CA THR B 6 -10.74 86.10 -20.61
C THR B 6 -11.35 84.94 -19.84
N ILE B 7 -10.68 83.78 -19.87
CA ILE B 7 -11.20 82.62 -19.14
C ILE B 7 -11.09 82.82 -17.63
N LYS B 8 -10.22 83.72 -17.17
CA LYS B 8 -10.23 84.07 -15.75
C LYS B 8 -11.54 84.76 -15.37
N SER B 9 -12.03 85.65 -16.23
CA SER B 9 -13.33 86.26 -15.99
C SER B 9 -14.45 85.25 -16.15
N TRP B 10 -14.29 84.31 -17.09
CA TRP B 10 -15.21 83.18 -17.19
C TRP B 10 -15.33 82.46 -15.86
N VAL B 11 -14.18 82.13 -15.26
CA VAL B 11 -14.14 81.42 -13.99
C VAL B 11 -14.76 82.27 -12.89
N ASP B 12 -14.47 83.57 -12.89
CA ASP B 12 -15.07 84.45 -11.88
C ASP B 12 -16.58 84.44 -11.98
N LYS B 13 -17.10 84.54 -13.21
CA LYS B 13 -18.55 84.55 -13.41
C LYS B 13 -19.16 83.24 -12.93
N MET B 14 -18.57 82.11 -13.33
CA MET B 14 -19.17 80.82 -12.97
C MET B 14 -19.06 80.56 -11.47
N GLN B 15 -17.95 80.97 -10.85
CA GLN B 15 -17.79 80.76 -9.41
C GLN B 15 -18.72 81.65 -8.61
N GLU B 16 -18.92 82.89 -9.03
CA GLU B 16 -19.90 83.75 -8.35
C GLU B 16 -21.30 83.21 -8.53
N ASP B 17 -21.60 82.68 -9.72
CA ASP B 17 -22.89 82.03 -9.94
C ASP B 17 -23.09 80.87 -8.97
N LEU B 18 -22.10 79.99 -8.86
CA LEU B 18 -22.22 78.83 -7.97
C LEU B 18 -22.36 79.26 -6.52
N VAL B 19 -21.53 80.22 -6.07
CA VAL B 19 -21.58 80.66 -4.68
C VAL B 19 -22.93 81.27 -4.36
N THR B 20 -23.43 82.15 -5.25
CA THR B 20 -24.73 82.77 -5.02
C THR B 20 -25.85 81.73 -5.00
N LEU B 21 -25.82 80.79 -5.95
CA LEU B 21 -26.85 79.76 -5.98
C LEU B 21 -26.86 78.94 -4.71
N ALA B 22 -25.68 78.51 -4.25
CA ALA B 22 -25.62 77.67 -3.06
C ALA B 22 -26.05 78.44 -1.82
N LYS B 23 -25.50 79.64 -1.62
CA LYS B 23 -25.82 80.39 -0.41
C LYS B 23 -27.23 80.96 -0.42
N THR B 24 -27.90 80.96 -1.58
CA THR B 24 -29.29 81.39 -1.60
C THR B 24 -30.25 80.21 -1.49
N ALA B 25 -29.87 79.06 -2.03
CA ALA B 25 -30.75 77.90 -2.00
C ALA B 25 -30.68 77.20 -0.64
N SER B 26 -29.47 76.92 -0.16
CA SER B 26 -29.33 76.18 1.10
C SER B 26 -29.86 76.98 2.28
N GLY B 27 -29.44 78.24 2.38
CA GLY B 27 -29.86 79.06 3.49
C GLY B 27 -28.84 79.14 4.61
N VAL B 28 -27.57 79.34 4.24
CA VAL B 28 -26.48 79.33 5.21
C VAL B 28 -26.68 80.41 6.26
N ASN B 29 -26.69 81.68 5.84
CA ASN B 29 -26.72 82.76 6.82
C ASN B 29 -28.07 82.87 7.51
N GLN B 30 -29.15 82.39 6.89
CA GLN B 30 -30.43 82.35 7.61
C GLN B 30 -30.43 81.30 8.71
N LEU B 31 -29.84 80.12 8.45
CA LEU B 31 -29.70 79.15 9.52
C LEU B 31 -28.77 79.67 10.61
N VAL B 32 -27.74 80.42 10.22
CA VAL B 32 -26.90 81.10 11.20
C VAL B 32 -27.72 82.07 12.03
N ASP B 33 -28.63 82.80 11.37
CA ASP B 33 -29.50 83.74 12.08
C ASP B 33 -30.35 83.01 13.12
N ILE B 34 -30.93 81.88 12.74
CA ILE B 34 -31.70 81.08 13.70
C ILE B 34 -30.84 80.69 14.89
N TYR B 35 -29.66 80.12 14.60
CA TYR B 35 -28.83 79.58 15.66
C TYR B 35 -28.37 80.66 16.63
N GLU B 36 -27.96 81.82 16.11
CA GLU B 36 -27.61 82.92 17.01
C GLU B 36 -28.82 83.57 17.66
N LYS B 37 -30.01 83.46 17.06
CA LYS B 37 -31.21 84.02 17.67
C LYS B 37 -31.63 83.21 18.88
N TYR B 38 -31.37 81.91 18.87
CA TYR B 38 -31.83 81.03 19.95
C TYR B 38 -30.72 80.66 20.93
N GLN B 39 -29.84 81.60 21.27
CA GLN B 39 -28.85 81.35 22.31
C GLN B 39 -29.48 81.04 23.65
N ASP B 40 -30.76 81.37 23.84
CA ASP B 40 -31.43 81.13 25.10
C ASP B 40 -31.95 79.71 25.25
N LEU B 41 -32.04 78.93 24.17
CA LEU B 41 -32.53 77.56 24.26
C LEU B 41 -31.41 76.54 24.39
N TYR B 42 -30.16 76.98 24.47
CA TYR B 42 -29.03 76.08 24.67
C TYR B 42 -27.85 76.86 25.20
N THR B 43 -26.89 76.13 25.77
CA THR B 43 -25.66 76.71 26.28
C THR B 43 -24.48 75.98 25.65
N VAL B 44 -23.47 76.73 25.23
CA VAL B 44 -22.28 76.14 24.63
C VAL B 44 -21.38 75.61 25.75
N GLU B 45 -21.10 74.31 25.70
CA GLU B 45 -20.26 73.71 26.71
C GLU B 45 -18.90 73.34 26.13
N PRO B 46 -17.84 73.42 26.91
CA PRO B 46 -16.51 73.08 26.39
C PRO B 46 -16.23 71.60 26.37
N ASN B 47 -15.38 71.18 25.44
CA ASN B 47 -14.82 69.83 25.43
C ASN B 47 -13.39 69.93 25.92
N ASN B 48 -13.24 69.89 27.24
CA ASN B 48 -11.90 69.93 27.84
C ASN B 48 -11.23 68.59 27.61
N ALA B 49 -10.41 68.52 26.57
CA ALA B 49 -9.92 67.24 26.07
C ALA B 49 -9.15 66.48 27.15
N ARG B 50 -8.39 67.20 27.98
CA ARG B 50 -7.66 66.53 29.04
C ARG B 50 -8.62 65.83 30.01
N GLN B 51 -9.69 66.52 30.41
CA GLN B 51 -10.66 65.91 31.31
C GLN B 51 -11.35 64.73 30.67
N LEU B 52 -11.76 64.86 29.41
CA LEU B 52 -12.44 63.75 28.74
C LEU B 52 -11.54 62.54 28.62
N VAL B 53 -10.27 62.75 28.27
CA VAL B 53 -9.34 61.65 28.13
C VAL B 53 -9.12 60.96 29.46
N GLU B 54 -8.91 61.73 30.53
CA GLU B 54 -8.71 61.09 31.83
C GLU B 54 -9.96 60.36 32.30
N ILE B 55 -11.14 60.94 32.05
CA ILE B 55 -12.38 60.30 32.48
C ILE B 55 -12.57 58.97 31.76
N ALA B 56 -12.42 58.95 30.44
CA ALA B 56 -12.62 57.72 29.71
C ALA B 56 -11.52 56.71 30.02
N ALA B 57 -10.30 57.18 30.27
CA ALA B 57 -9.23 56.25 30.62
C ALA B 57 -9.48 55.59 31.96
N ARG B 58 -9.98 56.33 32.95
CA ARG B 58 -10.22 55.72 34.24
C ARG B 58 -11.47 54.84 34.20
N ASP B 59 -12.44 55.17 33.34
CA ASP B 59 -13.56 54.25 33.15
C ASP B 59 -13.12 52.93 32.52
N ILE B 60 -12.25 52.99 31.51
CA ILE B 60 -11.75 51.77 30.91
C ILE B 60 -10.90 50.99 31.90
N GLU B 61 -10.11 51.69 32.71
CA GLU B 61 -9.35 51.03 33.76
C GLU B 61 -10.27 50.33 34.76
N LYS B 62 -11.38 50.98 35.11
CA LYS B 62 -12.32 50.38 36.05
C LYS B 62 -12.96 49.13 35.46
N LEU B 63 -13.33 49.18 34.18
CA LEU B 63 -13.89 47.99 33.53
C LEU B 63 -12.89 46.84 33.53
N LEU B 64 -11.66 47.12 33.10
CA LEU B 64 -10.67 46.06 33.02
C LEU B 64 -10.30 45.53 34.40
N SER B 65 -10.32 46.37 35.42
CA SER B 65 -10.02 45.88 36.77
C SER B 65 -11.20 45.10 37.34
N ASN B 66 -12.42 45.43 36.94
CA ASN B 66 -13.56 44.59 37.28
C ASN B 66 -13.38 43.18 36.74
N ARG B 67 -13.05 43.07 35.45
CA ARG B 67 -12.85 41.73 34.90
C ARG B 67 -11.61 41.07 35.49
N SER B 68 -10.60 41.84 35.87
CA SER B 68 -9.42 41.27 36.53
C SER B 68 -9.79 40.67 37.88
N LYS B 69 -10.65 41.34 38.64
CA LYS B 69 -11.08 40.80 39.93
C LYS B 69 -11.94 39.56 39.74
N ALA B 70 -12.76 39.53 38.69
CA ALA B 70 -13.51 38.31 38.37
C ALA B 70 -12.56 37.15 38.09
N LEU B 71 -11.50 37.42 37.32
CA LEU B 71 -10.51 36.39 37.06
C LEU B 71 -9.82 35.93 38.34
N VAL B 72 -9.51 36.86 39.23
CA VAL B 72 -8.85 36.50 40.49
C VAL B 72 -9.75 35.58 41.29
N ARG B 73 -11.04 35.90 41.38
CA ARG B 73 -11.98 35.06 42.13
C ARG B 73 -12.04 33.66 41.53
N LEU B 74 -12.15 33.59 40.20
CA LEU B 74 -12.26 32.29 39.55
C LEU B 74 -11.00 31.45 39.76
N ALA B 75 -9.83 32.07 39.64
CA ALA B 75 -8.59 31.29 39.77
C ALA B 75 -8.37 30.87 41.21
N LEU B 76 -8.73 31.72 42.17
CA LEU B 76 -8.65 31.33 43.58
C LEU B 76 -9.50 30.09 43.83
N GLU B 77 -10.76 30.11 43.40
CA GLU B 77 -11.61 28.96 43.66
C GLU B 77 -11.12 27.72 42.91
N ALA B 78 -10.64 27.88 41.68
CA ALA B 78 -10.17 26.73 40.93
C ALA B 78 -8.99 26.06 41.62
N GLU B 79 -8.00 26.84 42.03
CA GLU B 79 -6.85 26.26 42.72
C GLU B 79 -7.26 25.60 44.03
N LYS B 80 -8.10 26.29 44.81
CA LYS B 80 -8.50 25.76 46.11
C LYS B 80 -9.31 24.47 45.97
N VAL B 81 -10.18 24.40 44.97
CA VAL B 81 -11.03 23.23 44.79
C VAL B 81 -10.21 22.04 44.27
N GLN B 82 -9.33 22.29 43.31
CA GLN B 82 -8.52 21.18 42.82
C GLN B 82 -7.55 20.68 43.87
N ALA B 83 -7.04 21.57 44.73
CA ALA B 83 -6.15 21.14 45.79
C ALA B 83 -6.84 20.21 46.79
N ALA B 84 -8.16 20.21 46.83
CA ALA B 84 -8.95 19.39 47.74
C ALA B 84 -9.76 18.36 46.97
N HIS B 85 -9.15 17.76 45.95
CA HIS B 85 -9.81 16.76 45.12
C HIS B 85 -9.04 15.46 45.22
N GLN B 86 -9.77 14.34 45.28
CA GLN B 86 -9.19 13.02 45.42
C GLN B 86 -9.41 12.22 44.15
N TRP B 87 -8.33 11.63 43.63
CA TRP B 87 -8.38 10.91 42.37
C TRP B 87 -9.38 9.76 42.45
N ARG B 88 -9.83 9.32 41.28
CA ARG B 88 -10.77 8.21 41.18
C ARG B 88 -10.53 7.46 39.87
N GLU B 89 -11.16 6.29 39.76
CA GLU B 89 -11.25 5.59 38.48
C GLU B 89 -12.63 4.97 38.28
N ASP B 90 -13.59 5.25 39.17
CA ASP B 90 -14.89 4.57 39.17
C ASP B 90 -16.00 5.61 39.12
N PHE B 91 -16.46 5.93 37.93
CA PHE B 91 -17.51 6.93 37.74
C PHE B 91 -18.81 6.33 37.26
N ALA B 92 -18.96 5.00 37.33
CA ALA B 92 -20.24 4.40 36.99
C ALA B 92 -21.29 4.69 38.05
N SER B 93 -20.90 4.59 39.32
CA SER B 93 -21.81 4.90 40.42
C SER B 93 -21.84 6.39 40.72
N ASN B 94 -20.68 7.03 40.77
CA ASN B 94 -20.56 8.46 41.09
C ASN B 94 -20.56 9.22 39.77
N GLU B 95 -21.75 9.49 39.25
CA GLU B 95 -21.88 10.18 37.97
C GLU B 95 -21.29 11.58 38.05
N VAL B 96 -20.71 12.01 36.92
CA VAL B 96 -20.36 13.41 36.70
C VAL B 96 -21.39 13.98 35.75
N VAL B 97 -22.22 14.88 36.26
CA VAL B 97 -23.32 15.45 35.49
C VAL B 97 -22.87 16.79 34.91
N TYR B 98 -22.96 16.91 33.59
CA TYR B 98 -22.41 18.07 32.91
C TYR B 98 -23.09 18.21 31.55
N TYR B 99 -23.05 19.42 31.01
CA TYR B 99 -23.61 19.71 29.69
C TYR B 99 -22.46 19.68 28.69
N ASN B 100 -22.58 18.83 27.67
CA ASN B 100 -21.58 18.81 26.62
C ASN B 100 -22.07 19.69 25.47
N ALA B 101 -21.30 20.74 25.15
CA ALA B 101 -21.75 21.76 24.22
C ALA B 101 -22.12 21.21 22.86
N LYS B 102 -21.52 20.10 22.46
CA LYS B 102 -21.83 19.49 21.17
C LYS B 102 -22.85 18.38 21.33
N ASP B 103 -24.10 18.80 21.51
CA ASP B 103 -25.22 17.90 21.77
C ASP B 103 -26.38 18.24 20.86
N ASP B 104 -27.36 17.34 20.82
CA ASP B 104 -28.54 17.52 19.99
C ASP B 104 -29.69 18.08 20.81
N LEU B 105 -30.34 19.12 20.28
CA LEU B 105 -31.45 19.77 20.95
C LEU B 105 -32.67 18.87 21.08
N ASP B 106 -32.78 17.83 20.27
CA ASP B 106 -33.90 16.91 20.38
C ASP B 106 -33.85 16.16 21.70
N PRO B 107 -34.99 15.94 22.36
CA PRO B 107 -35.00 15.18 23.61
C PRO B 107 -34.69 13.71 23.40
N GLU B 108 -33.42 13.38 23.19
CA GLU B 108 -32.96 12.01 22.95
C GLU B 108 -32.15 11.56 24.15
N LYS B 109 -32.70 10.60 24.90
CA LYS B 109 -32.02 10.12 26.11
C LYS B 109 -30.75 9.35 25.80
N ASN B 110 -30.66 8.72 24.63
CA ASN B 110 -29.56 7.85 24.27
C ASN B 110 -28.32 8.61 23.78
N ASP B 111 -28.24 9.91 24.07
CA ASP B 111 -27.10 10.74 23.66
C ASP B 111 -26.03 10.83 24.75
N SER B 112 -26.18 10.06 25.82
CA SER B 112 -25.33 10.18 26.99
C SER B 112 -24.15 9.21 26.94
N GLU B 113 -23.33 9.25 27.98
CA GLU B 113 -22.15 8.37 27.96
C GLU B 113 -22.19 7.55 29.23
N PRO B 114 -21.56 6.37 29.25
CA PRO B 114 -21.60 5.46 30.41
C PRO B 114 -21.22 6.13 31.72
N GLY B 115 -20.04 6.74 31.80
CA GLY B 115 -19.57 7.32 33.04
C GLY B 115 -20.20 8.65 33.45
N SER B 116 -20.92 9.32 32.54
CA SER B 116 -21.43 10.65 32.83
C SER B 116 -22.86 10.77 32.35
N GLN B 117 -23.68 11.44 33.15
CA GLN B 117 -25.06 11.76 32.79
C GLN B 117 -25.14 13.20 32.33
N ARG B 118 -25.64 13.40 31.12
CA ARG B 118 -25.64 14.72 30.50
C ARG B 118 -26.84 15.54 30.96
N ILE B 119 -26.67 16.86 30.95
CA ILE B 119 -27.75 17.79 31.25
C ILE B 119 -28.45 18.17 29.96
N LYS B 120 -29.76 18.35 30.04
CA LYS B 120 -30.55 18.90 28.93
C LYS B 120 -31.01 20.29 29.35
N PRO B 121 -30.34 21.34 28.90
CA PRO B 121 -30.62 22.69 29.41
C PRO B 121 -31.82 23.33 28.73
N VAL B 122 -32.31 24.40 29.37
CA VAL B 122 -33.37 25.24 28.84
C VAL B 122 -32.74 26.54 28.38
N PHE B 123 -32.74 26.78 27.08
CA PHE B 123 -32.03 27.90 26.47
C PHE B 123 -32.99 29.07 26.25
N ILE B 124 -32.68 30.20 26.86
CA ILE B 124 -33.40 31.44 26.63
C ILE B 124 -32.59 32.28 25.65
N GLU B 125 -33.23 33.30 25.10
CA GLU B 125 -32.59 34.18 24.12
C GLU B 125 -32.11 35.45 24.81
N ASP B 126 -30.82 35.74 24.66
CA ASP B 126 -30.22 36.94 25.22
C ASP B 126 -29.60 37.76 24.10
N ALA B 127 -29.99 39.03 24.03
CA ALA B 127 -29.45 39.92 23.00
C ALA B 127 -28.09 40.45 23.39
N ASN B 128 -27.70 40.29 24.65
CA ASN B 128 -26.35 40.64 25.08
C ASN B 128 -25.33 39.75 24.38
N PHE B 129 -25.64 38.46 24.24
CA PHE B 129 -24.77 37.51 23.55
C PHE B 129 -25.22 37.24 22.12
N GLY B 130 -26.51 37.38 21.82
CA GLY B 130 -26.99 37.14 20.48
C GLY B 130 -27.22 35.70 20.12
N ARG B 131 -27.25 34.80 21.10
CA ARG B 131 -27.42 33.38 20.85
C ARG B 131 -28.33 32.80 21.93
N GLN B 132 -28.37 31.48 22.02
CA GLN B 132 -29.11 30.81 23.08
C GLN B 132 -28.22 30.71 24.32
N ILE B 133 -28.70 31.21 25.45
CA ILE B 133 -27.92 31.25 26.68
C ILE B 133 -28.78 30.69 27.81
N SER B 134 -28.15 29.90 28.68
CA SER B 134 -28.82 29.43 29.89
C SER B 134 -27.86 29.67 31.06
N TYR B 135 -28.25 30.56 31.96
CA TYR B 135 -27.37 30.95 33.05
C TYR B 135 -27.43 30.01 34.24
N GLN B 136 -27.91 28.78 34.08
CA GLN B 136 -28.00 27.89 35.23
C GLN B 136 -26.74 27.03 35.39
N HIS B 137 -25.97 26.84 34.33
CA HIS B 137 -24.79 25.99 34.41
C HIS B 137 -23.84 26.36 33.28
N ALA B 138 -22.62 25.82 33.33
CA ALA B 138 -21.61 26.09 32.33
C ALA B 138 -21.48 24.91 31.37
N ALA B 139 -21.44 25.22 30.08
CA ALA B 139 -21.24 24.19 29.07
C ALA B 139 -19.81 23.66 29.15
N VAL B 140 -19.58 22.54 28.47
CA VAL B 140 -18.25 21.95 28.39
C VAL B 140 -17.96 21.67 26.92
N HIS B 141 -16.76 22.01 26.47
CA HIS B 141 -16.30 21.66 25.15
C HIS B 141 -15.17 20.66 25.28
N ILE B 142 -15.29 19.54 24.60
CA ILE B 142 -14.29 18.48 24.62
C ILE B 142 -13.88 18.23 23.18
N PRO B 143 -12.61 18.39 22.82
CA PRO B 143 -12.23 18.27 21.40
C PRO B 143 -12.60 16.91 20.85
N THR B 144 -12.87 16.88 19.54
CA THR B 144 -13.27 15.64 18.90
C THR B 144 -12.20 14.57 19.01
N ASP B 145 -10.95 14.95 19.18
CA ASP B 145 -9.84 14.02 19.27
C ASP B 145 -9.61 13.52 20.69
N ILE B 146 -10.41 13.96 21.65
CA ILE B 146 -10.27 13.61 23.06
C ILE B 146 -11.55 12.91 23.51
N TYR B 147 -11.40 11.73 24.11
CA TYR B 147 -12.54 10.97 24.60
C TYR B 147 -13.09 11.60 25.86
N GLU B 148 -14.42 11.76 25.91
CA GLU B 148 -15.09 12.40 27.02
C GLU B 148 -15.39 11.45 28.18
N GLY B 149 -14.90 10.22 28.13
CA GLY B 149 -15.19 9.27 29.17
C GLY B 149 -13.95 8.77 29.90
N SER B 150 -12.78 9.18 29.44
CA SER B 150 -11.54 8.72 30.06
C SER B 150 -11.46 9.23 31.50
N THR B 151 -10.43 8.77 32.21
CA THR B 151 -10.34 9.11 33.63
C THR B 151 -9.90 10.54 33.83
N ILE B 152 -8.96 11.02 33.02
CA ILE B 152 -8.51 12.41 33.14
C ILE B 152 -9.66 13.36 32.87
N VAL B 153 -10.41 13.12 31.80
CA VAL B 153 -11.53 13.98 31.45
C VAL B 153 -12.60 13.95 32.53
N LEU B 154 -12.90 12.77 33.06
CA LEU B 154 -13.96 12.68 34.06
C LEU B 154 -13.55 13.35 35.37
N ASN B 155 -12.27 13.26 35.75
CA ASN B 155 -11.83 13.95 36.95
C ASN B 155 -11.87 15.46 36.75
N GLU B 156 -11.46 15.93 35.57
CA GLU B 156 -11.57 17.35 35.26
C GLU B 156 -13.02 17.82 35.26
N LEU B 157 -13.92 16.97 34.79
CA LEU B 157 -15.35 17.30 34.82
C LEU B 157 -15.90 17.26 36.24
N ASN B 158 -15.23 16.54 37.14
CA ASN B 158 -15.70 16.52 38.52
C ASN B 158 -15.26 17.78 39.27
N TRP B 159 -13.95 18.04 39.32
CA TRP B 159 -13.55 19.12 40.22
C TRP B 159 -13.89 20.52 39.69
N THR B 160 -14.62 20.63 38.58
CA THR B 160 -14.94 21.92 37.98
C THR B 160 -16.44 22.21 38.00
N SER B 161 -17.13 21.99 39.12
CA SER B 161 -18.49 22.49 39.29
C SER B 161 -18.57 23.61 40.32
N ALA B 162 -17.64 23.63 41.27
CA ALA B 162 -17.41 24.87 42.00
C ALA B 162 -17.18 26.02 41.04
N LEU B 163 -16.60 25.73 39.88
CA LEU B 163 -16.49 26.72 38.83
C LEU B 163 -17.87 27.18 38.36
N ASP B 164 -18.82 26.25 38.26
CA ASP B 164 -20.19 26.67 37.94
C ASP B 164 -20.70 27.68 38.96
N GLU B 165 -20.52 27.37 40.24
CA GLU B 165 -21.02 28.27 41.28
C GLU B 165 -20.34 29.64 41.20
N VAL B 166 -19.02 29.66 41.01
CA VAL B 166 -18.30 30.92 40.98
C VAL B 166 -18.60 31.71 39.72
N PHE B 167 -18.79 31.03 38.59
CA PHE B 167 -19.26 31.71 37.38
C PHE B 167 -20.56 32.45 37.65
N LYS B 168 -21.52 31.75 38.25
CA LYS B 168 -22.82 32.38 38.51
C LYS B 168 -22.68 33.55 39.46
N LYS B 169 -21.87 33.40 40.50
CA LYS B 169 -21.70 34.47 41.48
C LYS B 169 -20.93 35.65 40.90
N ASN B 170 -20.03 35.39 39.94
CA ASN B 170 -19.35 36.47 39.23
C ASN B 170 -20.33 37.26 38.37
N ARG B 171 -21.21 36.56 37.66
CA ARG B 171 -22.15 37.30 36.80
C ARG B 171 -23.17 38.06 37.62
N GLU B 172 -23.56 37.52 38.79
CA GLU B 172 -24.51 38.25 39.62
C GLU B 172 -23.96 39.60 40.05
N GLU B 173 -22.68 39.66 40.43
CA GLU B 173 -22.06 40.91 40.84
C GLU B 173 -21.87 41.89 39.69
N ASP B 174 -21.60 41.40 38.47
CA ASP B 174 -21.38 42.27 37.32
C ASP B 174 -22.24 41.81 36.15
N PRO B 175 -23.51 42.22 36.09
CA PRO B 175 -24.44 41.68 35.08
C PRO B 175 -23.99 41.81 33.64
N SER B 176 -22.97 42.60 33.33
CA SER B 176 -22.58 42.86 31.95
C SER B 176 -21.52 41.89 31.44
N LEU B 177 -21.24 40.84 32.19
CA LEU B 177 -20.10 39.99 31.88
C LEU B 177 -20.40 39.08 30.69
N LEU B 178 -19.44 38.98 29.78
CA LEU B 178 -19.51 38.03 28.68
C LEU B 178 -18.87 36.71 29.10
N TRP B 179 -18.56 35.87 28.12
CA TRP B 179 -17.99 34.54 28.39
C TRP B 179 -16.89 34.62 29.44
N GLN B 180 -17.00 33.74 30.42
CA GLN B 180 -15.91 33.46 31.35
C GLN B 180 -15.69 31.96 31.31
N VAL B 181 -14.44 31.56 31.19
CA VAL B 181 -14.12 30.20 30.76
C VAL B 181 -12.85 29.73 31.44
N PHE B 182 -12.84 28.46 31.83
CA PHE B 182 -11.65 27.78 32.31
C PHE B 182 -11.14 26.92 31.18
N GLY B 183 -10.00 27.28 30.62
CA GLY B 183 -9.41 26.47 29.57
C GLY B 183 -8.49 25.43 30.16
N SER B 184 -8.95 24.20 30.26
CA SER B 184 -8.21 23.18 31.00
C SER B 184 -7.04 22.66 30.19
N ALA B 185 -5.99 22.25 30.88
CA ALA B 185 -4.81 21.73 30.21
C ALA B 185 -4.97 20.29 29.76
N THR B 186 -6.15 19.70 29.96
CA THR B 186 -6.48 18.39 29.43
C THR B 186 -7.31 18.47 28.17
N GLY B 187 -7.58 19.67 27.67
CA GLY B 187 -8.35 19.87 26.47
C GLY B 187 -9.72 20.48 26.69
N LEU B 188 -10.23 20.45 27.91
CA LEU B 188 -11.58 20.95 28.16
C LEU B 188 -11.62 22.46 28.14
N ALA B 189 -12.77 23.00 27.73
CA ALA B 189 -13.12 24.38 28.01
C ALA B 189 -14.48 24.37 28.68
N ARG B 190 -14.62 25.14 29.75
CA ARG B 190 -15.86 25.17 30.52
C ARG B 190 -16.29 26.64 30.64
N TYR B 191 -17.03 27.13 29.67
CA TYR B 191 -17.45 28.52 29.66
C TYR B 191 -18.83 28.66 30.30
N TYR B 192 -19.05 29.77 31.01
CA TYR B 192 -20.22 29.82 31.88
C TYR B 192 -21.54 29.87 31.12
N PRO B 193 -21.86 30.92 30.35
CA PRO B 193 -23.21 30.94 29.80
C PRO B 193 -23.37 29.77 28.87
N ALA B 194 -24.16 28.79 29.29
CA ALA B 194 -24.27 27.56 28.55
C ALA B 194 -24.94 27.82 27.22
N SER B 195 -24.19 27.67 26.14
CA SER B 195 -24.71 27.81 24.80
C SER B 195 -24.18 26.66 23.97
N PRO B 196 -24.92 26.22 22.96
CA PRO B 196 -24.40 25.17 22.08
C PRO B 196 -23.12 25.64 21.43
N TRP B 197 -22.26 24.69 21.08
CA TRP B 197 -21.03 25.05 20.41
C TRP B 197 -21.33 25.79 19.12
N VAL B 198 -20.42 26.71 18.76
CA VAL B 198 -20.78 27.85 17.92
C VAL B 198 -21.38 27.41 16.59
N ASP B 199 -20.75 26.46 15.92
CA ASP B 199 -21.34 26.01 14.66
C ASP B 199 -21.09 24.54 14.35
N ASN B 200 -20.57 23.76 15.28
CA ASN B 200 -20.10 22.40 15.00
C ASN B 200 -20.59 21.38 16.02
N SER B 201 -21.88 21.40 16.35
CA SER B 201 -22.45 20.34 17.18
C SER B 201 -22.38 19.01 16.44
N ARG B 202 -23.18 18.88 15.37
CA ARG B 202 -23.12 17.71 14.48
C ARG B 202 -23.55 18.21 13.10
N THR B 203 -22.59 18.60 12.27
CA THR B 203 -22.93 19.21 10.99
C THR B 203 -21.95 18.82 9.89
N PRO B 204 -22.43 18.40 8.73
CA PRO B 204 -21.54 17.93 7.66
C PRO B 204 -20.66 19.03 7.10
N ASN B 205 -19.52 18.62 6.53
CA ASN B 205 -18.53 19.50 5.90
C ASN B 205 -17.81 20.33 6.94
N LYS B 206 -18.25 20.18 8.19
CA LYS B 206 -17.88 21.07 9.27
C LYS B 206 -17.34 20.21 10.40
N ILE B 207 -16.02 20.10 10.43
CA ILE B 207 -15.32 19.32 11.45
C ILE B 207 -14.77 20.28 12.49
N ASP B 208 -14.86 19.90 13.76
CA ASP B 208 -14.53 20.80 14.86
C ASP B 208 -13.07 20.58 15.24
N LEU B 209 -12.21 21.48 14.80
CA LEU B 209 -10.79 21.41 15.12
C LEU B 209 -10.42 22.32 16.29
N TYR B 210 -11.41 22.88 16.98
CA TYR B 210 -11.14 23.74 18.13
C TYR B 210 -10.45 22.94 19.23
N ASP B 211 -9.46 23.57 19.85
CA ASP B 211 -8.79 22.98 21.00
C ASP B 211 -8.36 24.16 21.86
N VAL B 212 -8.86 24.22 23.10
CA VAL B 212 -8.66 25.42 23.91
C VAL B 212 -7.18 25.70 24.13
N ARG B 213 -6.36 24.67 24.15
CA ARG B 213 -4.94 24.83 24.45
C ARG B 213 -4.18 25.48 23.31
N ARG B 214 -4.82 25.67 22.16
CA ARG B 214 -4.22 26.31 21.01
C ARG B 214 -4.72 27.72 20.79
N ARG B 215 -5.65 28.18 21.60
CA ARG B 215 -6.22 29.50 21.42
C ARG B 215 -5.21 30.57 21.80
N PRO B 216 -5.32 31.77 21.21
CA PRO B 216 -4.36 32.83 21.55
C PRO B 216 -4.33 33.18 23.03
N TRP B 217 -5.48 33.20 23.70
CA TRP B 217 -5.49 33.60 25.10
C TRP B 217 -4.87 32.54 25.99
N TYR B 218 -5.12 31.26 25.69
CA TYR B 218 -4.46 30.21 26.46
C TYR B 218 -2.96 30.26 26.27
N ILE B 219 -2.50 30.31 25.01
CA ILE B 219 -1.07 30.34 24.74
C ILE B 219 -0.44 31.56 25.39
N GLN B 220 -1.20 32.64 25.51
CA GLN B 220 -0.71 33.83 26.18
C GLN B 220 -0.56 33.61 27.68
N GLY B 221 -1.56 33.02 28.32
CA GLY B 221 -1.50 32.84 29.76
C GLY B 221 -0.70 31.64 30.23
N ALA B 222 -0.42 30.70 29.34
CA ALA B 222 0.24 29.45 29.70
C ALA B 222 1.75 29.60 29.88
N ALA B 223 2.35 30.66 29.35
CA ALA B 223 3.80 30.84 29.42
C ALA B 223 4.11 32.28 29.08
N SER B 224 5.41 32.58 29.04
CA SER B 224 5.97 33.90 28.76
C SER B 224 6.45 33.99 27.32
N PRO B 225 6.71 35.20 26.81
CA PRO B 225 7.10 35.33 25.40
C PRO B 225 8.38 34.59 25.08
N LYS B 226 8.43 34.04 23.87
CA LYS B 226 9.48 33.13 23.43
C LYS B 226 10.49 33.84 22.55
N ASP B 227 11.59 33.15 22.26
CA ASP B 227 12.49 33.46 21.15
C ASP B 227 12.74 32.14 20.43
N MET B 228 11.82 31.74 19.55
CA MET B 228 12.02 30.46 18.89
C MET B 228 13.01 30.58 17.75
N LEU B 229 13.69 29.47 17.47
CA LEU B 229 14.45 29.38 16.23
C LEU B 229 14.23 27.96 15.72
N ILE B 230 13.24 27.80 14.85
CA ILE B 230 12.92 26.49 14.31
C ILE B 230 14.03 26.04 13.36
N LEU B 231 14.81 25.03 13.78
CA LEU B 231 15.76 24.38 12.90
C LEU B 231 15.08 23.22 12.19
N VAL B 232 14.61 23.49 10.98
CA VAL B 232 14.21 22.41 10.10
C VAL B 232 15.46 21.69 9.62
N ASP B 233 15.35 20.39 9.40
CA ASP B 233 16.47 19.58 8.91
C ASP B 233 16.07 19.06 7.54
N VAL B 234 16.32 19.87 6.52
CA VAL B 234 16.06 19.46 5.12
C VAL B 234 17.35 18.88 4.59
N SER B 235 17.55 17.61 4.86
CA SER B 235 18.61 16.82 4.26
C SER B 235 17.96 15.77 3.37
N GLY B 236 18.78 14.88 2.81
CA GLY B 236 18.24 13.92 1.87
C GLY B 236 17.21 13.00 2.50
N SER B 237 17.51 12.47 3.68
CA SER B 237 16.70 11.41 4.25
C SER B 237 15.31 11.86 4.67
N VAL B 238 15.10 13.17 4.85
CA VAL B 238 13.79 13.66 5.27
C VAL B 238 12.85 13.87 4.10
N SER B 239 13.28 13.57 2.88
CA SER B 239 12.42 13.80 1.73
C SER B 239 11.29 12.79 1.71
N GLY B 240 10.28 13.07 0.90
CA GLY B 240 9.13 12.20 0.85
C GLY B 240 8.02 12.65 1.78
N LEU B 241 7.60 11.77 2.68
CA LEU B 241 6.55 12.09 3.64
C LEU B 241 7.09 12.87 4.83
N THR B 242 8.30 12.54 5.29
CA THR B 242 8.87 13.22 6.43
C THR B 242 8.95 14.72 6.19
N LEU B 243 9.23 15.14 4.95
CA LEU B 243 9.32 16.56 4.66
C LEU B 243 7.96 17.21 4.67
N LYS B 244 6.94 16.52 4.16
CA LYS B 244 5.58 17.06 4.20
C LYS B 244 5.12 17.24 5.63
N LEU B 245 5.40 16.26 6.48
CA LEU B 245 5.07 16.39 7.90
C LEU B 245 5.90 17.46 8.57
N ILE B 246 7.16 17.64 8.16
CA ILE B 246 7.99 18.68 8.76
C ILE B 246 7.45 20.05 8.44
N ARG B 247 7.04 20.28 7.19
CA ARG B 247 6.53 21.61 6.85
C ARG B 247 5.16 21.86 7.47
N THR B 248 4.31 20.83 7.55
CA THR B 248 3.04 21.00 8.25
C THR B 248 3.26 21.27 9.73
N SER B 249 4.23 20.59 10.35
CA SER B 249 4.54 20.81 11.75
C SER B 249 5.08 22.20 11.99
N VAL B 250 5.92 22.69 11.09
CA VAL B 250 6.46 24.03 11.24
C VAL B 250 5.37 25.08 11.10
N SER B 251 4.43 24.89 10.17
CA SER B 251 3.33 25.84 10.06
C SER B 251 2.45 25.81 11.31
N GLU B 252 2.12 24.61 11.81
CA GLU B 252 1.31 24.52 13.01
C GLU B 252 2.05 24.94 14.26
N MET B 253 3.37 25.05 14.20
CA MET B 253 4.13 25.55 15.34
C MET B 253 4.23 27.07 15.31
N LEU B 254 4.45 27.64 14.12
CA LEU B 254 4.34 29.08 13.96
C LEU B 254 2.96 29.56 14.35
N GLU B 255 1.93 28.73 14.18
CA GLU B 255 0.59 29.12 14.59
C GLU B 255 0.44 29.34 16.10
N THR B 256 1.37 28.86 16.92
CA THR B 256 1.32 29.05 18.37
C THR B 256 2.16 30.24 18.81
N LEU B 257 2.38 31.22 17.94
CA LEU B 257 3.23 32.35 18.23
C LEU B 257 2.40 33.63 18.24
N SER B 258 2.65 34.47 19.23
CA SER B 258 1.90 35.71 19.40
C SER B 258 2.68 36.85 18.74
N ASP B 259 2.27 38.08 19.00
CA ASP B 259 2.98 39.25 18.53
C ASP B 259 4.10 39.65 19.48
N ASP B 260 4.17 39.05 20.66
CA ASP B 260 5.24 39.29 21.61
C ASP B 260 6.39 38.30 21.45
N ASP B 261 6.15 37.20 20.76
CA ASP B 261 7.16 36.17 20.52
C ASP B 261 7.92 36.49 19.25
N PHE B 262 9.20 36.18 19.24
CA PHE B 262 10.05 36.40 18.08
C PHE B 262 10.51 35.05 17.56
N VAL B 263 10.53 34.90 16.24
CA VAL B 263 10.79 33.61 15.63
C VAL B 263 11.60 33.80 14.36
N ASN B 264 12.43 32.80 14.05
CA ASN B 264 13.05 32.66 12.75
C ASN B 264 13.14 31.18 12.44
N VAL B 265 13.21 30.85 11.15
CA VAL B 265 13.28 29.47 10.71
C VAL B 265 14.57 29.29 9.92
N ALA B 266 15.38 28.32 10.33
CA ALA B 266 16.62 27.97 9.66
C ALA B 266 16.53 26.53 9.18
N SER B 267 17.35 26.18 8.21
CA SER B 267 17.38 24.84 7.66
C SER B 267 18.81 24.47 7.30
N PHE B 268 19.22 23.25 7.67
CA PHE B 268 20.62 22.86 7.58
C PHE B 268 20.78 21.50 6.92
N ASN B 269 21.68 21.42 5.95
CA ASN B 269 22.12 20.15 5.36
C ASN B 269 23.56 20.31 4.91
N SER B 270 24.49 19.93 5.78
CA SER B 270 25.94 20.09 5.57
C SER B 270 26.33 21.56 5.57
N ASN B 271 25.35 22.46 5.65
CA ASN B 271 25.55 23.88 5.90
C ASN B 271 24.19 24.49 6.21
N ALA B 272 24.16 25.42 7.16
CA ALA B 272 22.91 26.00 7.64
C ALA B 272 22.64 27.33 6.96
N GLN B 273 21.36 27.61 6.75
CA GLN B 273 20.92 28.85 6.15
C GLN B 273 19.50 29.13 6.60
N ASP B 274 19.07 30.37 6.50
CA ASP B 274 17.69 30.72 6.75
C ASP B 274 16.84 30.22 5.59
N VAL B 275 15.54 30.06 5.84
CA VAL B 275 14.66 29.65 4.75
C VAL B 275 14.04 30.85 4.07
N SER B 276 14.01 32.01 4.73
CA SER B 276 13.30 33.17 4.21
C SER B 276 14.24 34.34 3.97
N CYS B 277 13.66 35.50 3.66
CA CYS B 277 14.44 36.71 3.46
C CYS B 277 14.95 37.33 4.75
N PHE B 278 14.44 36.87 5.91
CA PHE B 278 14.91 37.38 7.18
C PHE B 278 16.23 36.73 7.56
N GLN B 279 17.02 37.44 8.36
CA GLN B 279 18.31 36.94 8.81
C GLN B 279 18.50 37.10 10.31
N HIS B 280 17.43 37.39 11.05
CA HIS B 280 17.49 37.55 12.48
C HIS B 280 16.11 37.24 13.03
N LEU B 281 16.02 37.07 14.34
CA LEU B 281 14.73 36.86 15.00
C LEU B 281 13.82 38.04 14.67
N VAL B 282 12.75 37.76 13.93
CA VAL B 282 11.77 38.77 13.57
C VAL B 282 10.52 38.54 14.40
N GLN B 283 9.75 39.61 14.60
CA GLN B 283 8.52 39.49 15.37
C GLN B 283 7.56 38.54 14.67
N ALA B 284 6.80 37.80 15.46
CA ALA B 284 5.91 36.78 14.91
C ALA B 284 4.51 37.34 14.71
N ASN B 285 4.42 38.45 13.97
CA ASN B 285 3.11 38.98 13.65
C ASN B 285 2.55 38.24 12.44
N VAL B 286 1.42 38.74 11.92
CA VAL B 286 0.72 38.00 10.87
C VAL B 286 1.55 37.94 9.60
N ARG B 287 2.16 39.06 9.21
CA ARG B 287 2.83 39.15 7.93
C ARG B 287 4.14 38.37 7.93
N ASN B 288 4.92 38.49 9.02
CA ASN B 288 6.14 37.73 9.12
C ASN B 288 5.88 36.22 9.21
N LYS B 289 4.85 35.83 9.96
CA LYS B 289 4.50 34.42 10.01
C LYS B 289 4.09 33.91 8.64
N LYS B 290 3.36 34.72 7.87
CA LYS B 290 2.98 34.30 6.53
C LYS B 290 4.20 34.18 5.62
N VAL B 291 5.16 35.08 5.75
CA VAL B 291 6.38 34.99 4.96
C VAL B 291 7.14 33.72 5.30
N LEU B 292 7.26 33.42 6.60
CA LEU B 292 7.99 32.23 7.01
C LEU B 292 7.28 30.97 6.55
N LYS B 293 5.95 30.96 6.60
CA LYS B 293 5.20 29.80 6.11
C LYS B 293 5.39 29.61 4.61
N ASP B 294 5.34 30.70 3.85
CA ASP B 294 5.54 30.60 2.41
C ASP B 294 6.97 30.18 2.05
N ALA B 295 7.95 30.52 2.89
CA ALA B 295 9.31 30.08 2.63
C ALA B 295 9.48 28.62 3.01
N VAL B 296 8.82 28.17 4.07
CA VAL B 296 8.94 26.78 4.50
C VAL B 296 8.25 25.86 3.49
N ASN B 297 7.11 26.27 2.95
CA ASN B 297 6.44 25.44 1.96
C ASN B 297 7.25 25.31 0.67
N ASN B 298 8.27 26.12 0.46
CA ASN B 298 9.12 26.07 -0.72
C ASN B 298 10.43 25.34 -0.45
N ILE B 299 10.50 24.61 0.66
CA ILE B 299 11.75 24.04 1.12
C ILE B 299 11.90 22.66 0.51
N THR B 300 13.14 22.30 0.18
CA THR B 300 13.43 21.03 -0.50
C THR B 300 14.50 20.28 0.28
N ALA B 301 14.49 18.96 0.13
CA ALA B 301 15.31 18.06 0.93
C ALA B 301 16.41 17.46 0.07
N LYS B 302 17.67 17.74 0.40
CA LYS B 302 18.79 17.24 -0.37
C LYS B 302 20.09 17.47 0.40
N GLY B 303 20.90 16.43 0.51
CA GLY B 303 22.23 16.55 1.07
C GLY B 303 22.37 15.85 2.41
N ILE B 304 23.62 15.71 2.83
CA ILE B 304 23.98 15.08 4.10
C ILE B 304 23.69 16.06 5.23
N THR B 305 23.72 15.59 6.47
CA THR B 305 23.39 16.44 7.60
C THR B 305 24.63 16.73 8.44
N ASP B 306 24.75 17.98 8.89
CA ASP B 306 25.77 18.36 9.86
C ASP B 306 25.05 19.07 11.00
N TYR B 307 24.91 18.39 12.14
CA TYR B 307 24.18 18.98 13.26
C TYR B 307 24.94 20.15 13.85
N LYS B 308 26.27 20.12 13.81
CA LYS B 308 27.05 21.19 14.42
C LYS B 308 26.93 22.49 13.64
N LYS B 309 26.95 22.41 12.31
CA LYS B 309 26.78 23.61 11.50
C LYS B 309 25.37 24.18 11.61
N GLY B 310 24.40 23.40 12.07
CA GLY B 310 23.05 23.91 12.21
C GLY B 310 22.83 24.49 13.59
N PHE B 311 23.37 23.83 14.61
CA PHE B 311 23.24 24.36 15.96
C PHE B 311 24.12 25.58 16.18
N SER B 312 25.25 25.68 15.48
CA SER B 312 26.02 26.92 15.54
C SER B 312 25.21 28.07 14.97
N PHE B 313 24.53 27.85 13.85
CA PHE B 313 23.67 28.88 13.28
C PHE B 313 22.56 29.26 14.25
N ALA B 314 21.94 28.26 14.88
CA ALA B 314 20.84 28.53 15.80
C ALA B 314 21.30 29.38 16.98
N PHE B 315 22.39 28.98 17.63
CA PHE B 315 22.87 29.72 18.79
C PHE B 315 23.39 31.10 18.40
N GLU B 316 24.08 31.21 17.26
CA GLU B 316 24.57 32.51 16.82
C GLU B 316 23.43 33.45 16.48
N GLN B 317 22.30 32.93 15.99
CA GLN B 317 21.15 33.79 15.78
C GLN B 317 20.45 34.14 17.08
N LEU B 318 20.49 33.26 18.06
CA LEU B 318 19.89 33.60 19.35
C LEU B 318 20.77 34.52 20.18
N LEU B 319 22.03 34.74 19.80
CA LEU B 319 22.91 35.68 20.48
C LEU B 319 22.97 37.03 19.80
N ASN B 320 22.10 37.30 18.84
CA ASN B 320 22.09 38.56 18.08
C ASN B 320 21.19 39.54 18.82
N TYR B 321 21.81 40.47 19.55
CA TYR B 321 21.07 41.47 20.32
C TYR B 321 20.97 42.81 19.61
N ASN B 322 21.48 42.93 18.39
CA ASN B 322 21.32 44.17 17.64
C ASN B 322 19.89 44.38 17.17
N VAL B 323 19.05 43.35 17.21
CA VAL B 323 17.68 43.45 16.74
C VAL B 323 16.76 43.53 17.96
N SER B 324 15.52 43.93 17.72
CA SER B 324 14.52 43.88 18.77
C SER B 324 14.16 42.43 19.06
N ARG B 325 14.10 42.10 20.34
CA ARG B 325 13.87 40.72 20.74
C ARG B 325 12.92 40.69 21.92
N ALA B 326 12.41 39.51 22.21
CA ALA B 326 11.80 39.23 23.50
C ALA B 326 12.88 38.55 24.33
N ASN B 327 13.58 39.32 25.15
CA ASN B 327 14.76 38.81 25.82
C ASN B 327 14.36 37.81 26.89
N CYS B 328 13.75 36.70 26.46
CA CYS B 328 13.12 35.76 27.37
C CYS B 328 12.88 34.46 26.63
N ASN B 329 12.91 33.35 27.38
CA ASN B 329 12.55 32.03 26.86
C ASN B 329 13.17 31.77 25.49
N LYS B 330 14.51 31.76 25.47
CA LYS B 330 15.22 31.42 24.24
C LYS B 330 15.09 29.93 23.99
N ILE B 331 14.73 29.55 22.77
CA ILE B 331 14.36 28.18 22.45
C ILE B 331 14.95 27.81 21.09
N ILE B 332 15.21 26.52 20.91
CA ILE B 332 15.56 25.96 19.60
C ILE B 332 14.66 24.76 19.37
N MET B 333 13.99 24.72 18.23
CA MET B 333 13.13 23.61 17.85
C MET B 333 13.80 22.87 16.72
N LEU B 334 14.11 21.60 16.92
CA LEU B 334 14.81 20.81 15.93
C LEU B 334 13.84 19.85 15.26
N PHE B 335 13.52 20.10 14.00
CA PHE B 335 12.56 19.28 13.27
C PHE B 335 13.30 18.30 12.38
N THR B 336 13.92 17.33 13.00
CA THR B 336 14.69 16.29 12.33
C THR B 336 13.87 15.01 12.29
N ASP B 337 14.50 13.92 11.84
CA ASP B 337 13.90 12.59 11.96
C ASP B 337 14.70 11.70 12.88
N GLY B 338 16.02 11.66 12.72
CA GLY B 338 16.87 10.88 13.60
C GLY B 338 18.26 10.83 13.04
N GLY B 339 19.20 10.54 13.92
CA GLY B 339 20.60 10.52 13.52
C GLY B 339 21.46 9.90 14.59
N GLU B 340 22.77 10.00 14.39
CA GLU B 340 23.75 9.41 15.28
C GLU B 340 24.76 10.44 15.74
N GLU B 341 24.32 11.68 15.96
CA GLU B 341 25.22 12.78 16.32
C GLU B 341 24.60 13.54 17.48
N ARG B 342 25.17 13.36 18.67
CA ARG B 342 24.70 14.10 19.84
C ARG B 342 25.24 15.53 19.82
N ALA B 343 26.44 15.72 19.26
CA ALA B 343 27.07 17.03 19.17
C ALA B 343 27.20 17.67 20.55
N GLN B 344 27.73 16.89 21.49
CA GLN B 344 27.94 17.38 22.85
C GLN B 344 28.86 18.58 22.90
N GLU B 345 29.79 18.68 21.95
CA GLU B 345 30.74 19.78 21.96
C GLU B 345 30.06 21.11 21.69
N ILE B 346 29.15 21.14 20.72
CA ILE B 346 28.54 22.42 20.33
C ILE B 346 27.64 22.92 21.45
N PHE B 347 26.93 22.02 22.13
CA PHE B 347 26.13 22.40 23.28
C PHE B 347 27.02 22.84 24.43
N ASN B 348 28.14 22.16 24.63
CA ASN B 348 29.08 22.54 25.69
C ASN B 348 29.64 23.94 25.45
N LYS B 349 29.94 24.28 24.21
CA LYS B 349 30.54 25.58 23.91
C LYS B 349 29.50 26.70 23.93
N TYR B 350 28.37 26.49 23.27
CA TYR B 350 27.38 27.55 23.09
C TYR B 350 26.35 27.62 24.20
N ASN B 351 25.89 26.47 24.71
CA ASN B 351 24.86 26.44 25.73
C ASN B 351 25.42 25.73 26.95
N LYS B 352 26.17 26.47 27.77
CA LYS B 352 26.85 25.87 28.91
C LYS B 352 26.06 26.01 30.19
N ASP B 353 25.72 27.24 30.59
CA ASP B 353 24.87 27.46 31.75
C ASP B 353 23.40 27.29 31.45
N LYS B 354 23.07 26.77 30.26
CA LYS B 354 21.73 26.33 29.90
C LYS B 354 20.72 27.46 29.97
N LYS B 355 21.04 28.55 29.26
CA LYS B 355 20.08 29.62 29.04
C LYS B 355 19.07 29.28 27.94
N VAL B 356 19.47 28.46 26.98
CA VAL B 356 18.67 28.14 25.81
C VAL B 356 18.17 26.72 25.94
N ARG B 357 16.85 26.53 25.83
CA ARG B 357 16.31 25.19 25.79
C ARG B 357 16.45 24.59 24.40
N VAL B 358 16.23 23.28 24.30
CA VAL B 358 16.25 22.60 23.00
C VAL B 358 15.12 21.58 22.99
N PHE B 359 14.13 21.81 22.13
CA PHE B 359 13.05 20.87 21.92
C PHE B 359 13.30 20.13 20.62
N THR B 360 13.35 18.80 20.69
CA THR B 360 13.70 17.98 19.54
C THR B 360 12.48 17.17 19.12
N PHE B 361 12.12 17.28 17.85
CA PHE B 361 10.97 16.58 17.29
C PHE B 361 11.47 15.53 16.32
N SER B 362 10.98 14.29 16.48
CA SER B 362 11.31 13.23 15.55
C SER B 362 10.14 13.04 14.62
N VAL B 363 10.11 13.87 13.59
CA VAL B 363 9.02 13.88 12.62
C VAL B 363 9.18 12.71 11.67
N GLY B 364 8.08 12.05 11.35
CA GLY B 364 8.05 11.06 10.31
C GLY B 364 7.87 9.65 10.86
N GLN B 365 7.44 8.76 9.99
CA GLN B 365 7.29 7.34 10.27
C GLN B 365 8.52 6.65 9.67
N HIS B 366 9.49 6.34 10.52
CA HIS B 366 10.78 5.86 10.07
C HIS B 366 11.38 5.00 11.17
N ASN B 367 12.66 4.64 11.02
CA ASN B 367 13.29 3.74 11.96
C ASN B 367 14.73 4.17 12.24
N TYR B 368 15.10 5.42 11.96
CA TYR B 368 16.43 5.88 12.30
C TYR B 368 16.58 6.06 13.80
N ASP B 369 17.83 6.08 14.26
CA ASP B 369 18.11 6.16 15.68
C ASP B 369 17.61 7.48 16.27
N ARG B 370 16.86 7.38 17.36
CA ARG B 370 16.36 8.55 18.08
C ARG B 370 17.06 8.74 19.41
N GLY B 371 18.31 8.30 19.53
CA GLY B 371 19.05 8.43 20.76
C GLY B 371 19.60 9.83 20.98
N PRO B 372 20.36 10.34 20.01
CA PRO B 372 20.82 11.73 20.13
C PRO B 372 19.69 12.73 20.18
N ILE B 373 18.60 12.46 19.47
CA ILE B 373 17.47 13.39 19.46
C ILE B 373 16.79 13.44 20.81
N GLN B 374 16.70 12.30 21.50
CA GLN B 374 16.17 12.28 22.86
C GLN B 374 17.17 12.81 23.87
N TRP B 375 18.46 12.73 23.58
CA TRP B 375 19.46 13.27 24.48
C TRP B 375 19.53 14.78 24.44
N MET B 376 19.50 15.37 23.24
CA MET B 376 19.58 16.82 23.09
C MET B 376 18.55 17.52 23.94
N ALA B 377 17.36 16.96 24.05
CA ALA B 377 16.32 17.55 24.88
C ALA B 377 16.67 17.48 26.36
N CYS B 378 17.25 16.36 26.79
CA CYS B 378 17.52 16.17 28.21
C CYS B 378 18.59 17.12 28.71
N GLU B 379 19.73 17.16 28.02
CA GLU B 379 20.85 17.96 28.51
C GLU B 379 20.54 19.45 28.46
N ASN B 380 19.54 19.87 27.69
CA ASN B 380 19.29 21.28 27.42
C ASN B 380 17.86 21.67 27.78
N LYS B 381 17.41 21.25 28.95
CA LYS B 381 16.17 21.76 29.55
C LYS B 381 14.93 21.41 28.75
N GLY B 382 15.06 20.68 27.65
CA GLY B 382 13.98 20.59 26.70
C GLY B 382 12.99 19.47 26.91
N TYR B 383 12.47 18.95 25.81
CA TYR B 383 11.50 17.88 25.78
C TYR B 383 11.54 17.28 24.39
N TYR B 384 11.24 15.99 24.29
CA TYR B 384 11.34 15.27 23.03
C TYR B 384 9.96 14.84 22.58
N TYR B 385 9.61 15.20 21.35
CA TYR B 385 8.29 14.94 20.80
C TYR B 385 8.41 14.06 19.57
N GLU B 386 7.34 13.32 19.28
CA GLU B 386 7.29 12.44 18.12
C GLU B 386 6.05 12.78 17.31
N ILE B 387 6.24 12.98 16.01
CA ILE B 387 5.15 13.33 15.13
C ILE B 387 5.13 12.35 13.97
N PRO B 388 4.58 11.15 14.16
CA PRO B 388 4.66 10.12 13.12
C PRO B 388 3.66 10.29 11.98
N SER B 389 2.64 11.12 12.13
CA SER B 389 1.65 11.25 11.07
C SER B 389 0.86 12.53 11.29
N ILE B 390 0.24 12.99 10.20
CA ILE B 390 -0.70 14.11 10.30
C ILE B 390 -1.85 13.70 11.21
N GLY B 391 -2.06 14.49 12.27
CA GLY B 391 -2.90 14.11 13.39
C GLY B 391 -2.15 14.10 14.70
N ALA B 392 -0.86 13.83 14.65
CA ALA B 392 0.06 14.12 15.75
C ALA B 392 0.75 15.47 15.56
N ILE B 393 0.41 16.19 14.49
CA ILE B 393 0.98 17.52 14.26
C ILE B 393 0.50 18.49 15.33
N ARG B 394 -0.76 18.34 15.75
CA ARG B 394 -1.46 19.43 16.41
C ARG B 394 -1.34 19.40 17.92
N ILE B 395 -0.70 18.38 18.49
CA ILE B 395 -0.67 18.30 19.95
C ILE B 395 0.71 18.63 20.51
N ASN B 396 1.77 18.33 19.77
CA ASN B 396 3.11 18.46 20.33
C ASN B 396 3.56 19.91 20.50
N THR B 397 3.00 20.82 19.72
CA THR B 397 3.24 22.24 19.95
C THR B 397 2.55 22.72 21.23
N GLN B 398 1.30 22.31 21.42
CA GLN B 398 0.65 22.52 22.70
C GLN B 398 1.54 22.02 23.83
N GLU B 399 2.20 20.88 23.60
CA GLU B 399 3.01 20.29 24.65
C GLU B 399 4.29 21.10 24.93
N TYR B 400 4.90 21.70 23.90
CA TYR B 400 6.07 22.51 24.26
C TYR B 400 5.63 23.71 25.09
N LEU B 401 4.42 24.23 24.81
CA LEU B 401 3.88 25.26 25.69
C LEU B 401 3.71 24.75 27.10
N ASP B 402 3.31 23.48 27.24
CA ASP B 402 3.21 22.88 28.57
C ASP B 402 4.57 22.89 29.28
N VAL B 403 5.64 22.62 28.54
CA VAL B 403 6.97 22.58 29.15
C VAL B 403 7.43 23.97 29.56
N LEU B 404 7.22 24.98 28.71
CA LEU B 404 7.74 26.31 28.98
C LEU B 404 7.17 26.96 30.23
N GLY B 405 6.07 26.45 30.76
CA GLY B 405 5.43 27.10 31.87
C GLY B 405 5.83 26.62 33.24
N ARG B 406 6.92 25.86 33.35
CA ARG B 406 7.42 25.50 34.68
C ARG B 406 7.92 26.70 35.45
N PRO B 407 8.91 27.47 34.96
CA PRO B 407 9.42 28.58 35.78
C PRO B 407 8.37 29.60 36.11
N MET B 408 7.28 29.65 35.35
CA MET B 408 6.18 30.53 35.68
C MET B 408 5.45 30.03 36.91
N VAL B 409 5.30 28.71 37.03
CA VAL B 409 4.66 28.12 38.20
C VAL B 409 5.55 28.25 39.43
N LEU B 410 6.85 27.96 39.27
CA LEU B 410 7.75 28.00 40.42
C LEU B 410 7.86 29.39 41.02
N ALA B 411 7.47 30.41 40.26
CA ALA B 411 7.31 31.77 40.81
C ALA B 411 5.84 31.92 41.17
N GLY B 412 5.50 31.46 42.37
CA GLY B 412 4.13 31.19 42.76
C GLY B 412 3.08 32.24 42.49
N ASP B 413 3.16 33.38 43.18
CA ASP B 413 2.11 34.37 43.07
C ASP B 413 2.56 35.63 42.36
N LYS B 414 3.84 35.73 41.99
CA LYS B 414 4.26 36.80 41.09
C LYS B 414 3.73 36.58 39.68
N ALA B 415 3.53 35.32 39.30
CA ALA B 415 3.12 34.99 37.93
C ALA B 415 1.63 35.15 37.71
N LYS B 416 0.84 35.29 38.77
CA LYS B 416 -0.62 35.36 38.63
C LYS B 416 -1.01 36.81 38.45
N GLN B 417 -0.82 37.30 37.22
CA GLN B 417 -1.22 38.64 36.83
C GLN B 417 -2.05 38.56 35.56
N VAL B 418 -3.02 39.46 35.44
CA VAL B 418 -3.97 39.43 34.34
C VAL B 418 -3.34 40.06 33.11
N GLN B 419 -3.43 39.37 31.98
CA GLN B 419 -2.91 39.84 30.71
C GLN B 419 -4.04 39.91 29.70
N TRP B 420 -4.08 40.98 28.92
CA TRP B 420 -5.14 41.19 27.96
C TRP B 420 -4.64 40.90 26.55
N THR B 421 -5.49 40.27 25.74
CA THR B 421 -5.12 39.72 24.46
C THR B 421 -5.34 40.75 23.35
N ASN B 422 -4.67 40.55 22.22
CA ASN B 422 -4.96 41.34 21.03
C ASN B 422 -6.42 41.18 20.65
N VAL B 423 -6.88 42.05 19.75
CA VAL B 423 -8.29 42.06 19.38
C VAL B 423 -8.54 40.96 18.37
N TYR B 424 -9.20 39.90 18.81
CA TYR B 424 -9.50 38.76 17.94
C TYR B 424 -11.00 38.58 17.85
N LEU B 425 -11.43 37.73 16.92
CA LEU B 425 -12.84 37.42 16.79
C LEU B 425 -13.20 36.22 17.66
N ASP B 426 -14.26 36.37 18.45
CA ASP B 426 -14.64 35.34 19.42
C ASP B 426 -15.05 34.05 18.70
N ALA B 427 -14.71 32.92 19.32
CA ALA B 427 -15.09 31.63 18.77
C ALA B 427 -16.60 31.51 18.67
N LEU B 428 -17.32 31.78 19.75
CA LEU B 428 -18.77 31.86 19.73
C LEU B 428 -19.15 33.30 19.41
N GLU B 429 -19.78 33.51 18.26
CA GLU B 429 -19.78 34.80 17.57
C GLU B 429 -20.30 35.97 18.40
N LEU B 430 -19.41 36.90 18.74
CA LEU B 430 -19.76 38.26 19.14
C LEU B 430 -18.82 39.31 18.58
N GLY B 431 -18.01 38.99 17.59
CA GLY B 431 -17.21 40.00 16.94
C GLY B 431 -15.87 40.21 17.60
N LEU B 432 -15.43 41.47 17.68
CA LEU B 432 -14.12 41.80 18.22
C LEU B 432 -14.18 41.76 19.74
N VAL B 433 -13.28 40.99 20.35
CA VAL B 433 -13.22 40.87 21.80
C VAL B 433 -11.77 40.83 22.23
N ILE B 434 -11.48 41.36 23.40
CA ILE B 434 -10.25 41.03 24.10
C ILE B 434 -10.60 40.20 25.31
N THR B 435 -9.63 39.45 25.80
CA THR B 435 -9.86 38.55 26.92
C THR B 435 -8.70 38.62 27.88
N GLY B 436 -9.01 38.68 29.17
CA GLY B 436 -8.00 38.64 30.22
C GLY B 436 -7.78 37.21 30.65
N THR B 437 -6.52 36.87 30.90
CA THR B 437 -6.15 35.51 31.21
C THR B 437 -5.38 35.45 32.52
N LEU B 438 -5.65 34.40 33.29
CA LEU B 438 -4.94 34.15 34.53
C LEU B 438 -4.68 32.66 34.64
N PRO B 439 -3.41 32.24 34.73
CA PRO B 439 -3.12 30.82 34.85
C PRO B 439 -3.56 30.27 36.19
N VAL B 440 -3.93 29.00 36.19
CA VAL B 440 -4.40 28.32 37.39
C VAL B 440 -3.40 27.21 37.70
N PHE B 441 -2.82 27.26 38.90
CA PHE B 441 -1.74 26.38 39.29
C PHE B 441 -2.28 25.17 40.05
N ASN B 442 -1.41 24.18 40.23
CA ASN B 442 -1.75 22.96 40.94
C ASN B 442 -1.22 23.04 42.36
N ILE B 443 -2.11 22.81 43.34
CA ILE B 443 -1.87 23.18 44.73
C ILE B 443 -2.10 21.96 45.63
N THR B 444 -2.00 20.76 45.06
CA THR B 444 -2.32 19.56 45.85
C THR B 444 -1.40 19.42 47.05
N GLY B 445 -0.10 19.50 46.84
CA GLY B 445 0.83 19.41 47.96
C GLY B 445 1.38 20.77 48.37
N GLN B 446 0.80 21.35 49.43
CA GLN B 446 1.20 22.68 49.87
C GLN B 446 1.09 22.75 51.39
N PHE B 447 2.18 23.17 52.03
CA PHE B 447 2.34 23.26 53.48
C PHE B 447 2.24 21.91 54.17
N GLU B 448 2.09 20.83 53.42
CA GLU B 448 2.38 19.47 53.86
C GLU B 448 3.24 18.81 52.80
N ASN B 449 4.30 19.54 52.42
CA ASN B 449 5.05 19.34 51.18
C ASN B 449 5.26 17.86 50.84
N LYS B 450 4.85 17.50 49.63
CA LYS B 450 4.93 16.13 49.13
C LYS B 450 5.83 16.09 47.89
N THR B 451 5.82 14.94 47.22
CA THR B 451 6.78 14.66 46.15
C THR B 451 6.74 15.69 45.03
N ASN B 452 5.56 16.30 44.78
CA ASN B 452 5.36 17.22 43.65
C ASN B 452 5.69 16.54 42.33
N LEU B 453 4.91 15.49 42.02
CA LEU B 453 5.10 14.75 40.77
C LEU B 453 4.94 15.66 39.57
N LYS B 454 3.74 16.20 39.39
CA LYS B 454 3.41 17.10 38.29
C LYS B 454 2.89 18.45 38.79
N ASN B 455 3.49 18.96 39.86
CA ASN B 455 3.10 20.23 40.47
C ASN B 455 3.80 21.39 39.88
N GLN B 456 4.51 21.19 38.78
CA GLN B 456 5.14 22.27 38.04
C GLN B 456 4.32 22.73 36.84
N LEU B 457 3.37 21.92 36.40
CA LEU B 457 2.45 22.29 35.33
C LEU B 457 1.31 23.13 35.89
N ILE B 458 0.56 23.75 34.99
CA ILE B 458 -0.62 24.51 35.35
C ILE B 458 -1.84 23.63 35.15
N LEU B 459 -2.95 24.01 35.79
CA LEU B 459 -4.21 23.33 35.55
C LEU B 459 -4.82 23.78 34.24
N GLY B 460 -4.57 25.03 33.86
CA GLY B 460 -5.25 25.63 32.75
C GLY B 460 -5.08 27.12 32.81
N VAL B 461 -5.99 27.84 32.14
CA VAL B 461 -5.95 29.30 32.11
C VAL B 461 -7.37 29.80 32.20
N MET B 462 -7.65 30.67 33.17
CA MET B 462 -8.94 31.34 33.22
C MET B 462 -9.00 32.41 32.14
N GLY B 463 -10.21 32.74 31.71
CA GLY B 463 -10.34 33.74 30.68
C GLY B 463 -11.71 34.38 30.65
N VAL B 464 -11.78 35.70 30.59
CA VAL B 464 -13.04 36.43 30.58
C VAL B 464 -13.02 37.41 29.41
N ASP B 465 -14.06 37.36 28.59
CA ASP B 465 -14.13 38.19 27.40
C ASP B 465 -14.59 39.60 27.74
N VAL B 466 -13.90 40.58 27.15
CA VAL B 466 -14.37 41.95 27.14
C VAL B 466 -14.59 42.34 25.68
N SER B 467 -15.82 42.74 25.36
CA SER B 467 -16.16 43.06 23.98
C SER B 467 -15.81 44.50 23.68
N LEU B 468 -15.42 44.76 22.42
CA LEU B 468 -15.06 46.11 22.05
C LEU B 468 -16.25 47.04 21.99
N GLU B 469 -17.47 46.51 22.03
CA GLU B 469 -18.64 47.36 22.18
C GLU B 469 -18.84 47.74 23.64
N ASP B 470 -18.31 46.95 24.56
CA ASP B 470 -18.29 47.34 25.97
C ASP B 470 -17.33 48.49 26.22
N ILE B 471 -16.29 48.62 25.39
CA ILE B 471 -15.34 49.71 25.56
C ILE B 471 -15.80 50.98 24.86
N LYS B 472 -16.51 50.85 23.75
CA LYS B 472 -16.99 52.01 23.01
C LYS B 472 -18.13 52.73 23.71
N ARG B 473 -18.69 52.16 24.78
CA ARG B 473 -19.66 52.88 25.59
C ARG B 473 -19.01 53.68 26.71
N LEU B 474 -17.75 53.40 27.02
CA LEU B 474 -17.01 54.21 27.98
C LEU B 474 -16.38 55.42 27.32
N THR B 475 -16.43 55.52 26.00
CA THR B 475 -15.86 56.63 25.23
C THR B 475 -16.95 57.17 24.31
N PRO B 476 -17.84 58.02 24.83
CA PRO B 476 -18.95 58.52 24.02
C PRO B 476 -18.48 59.64 23.09
N ARG B 477 -18.87 59.53 21.81
CA ARG B 477 -18.38 60.43 20.78
C ARG B 477 -19.40 61.46 20.34
N PHE B 478 -20.62 61.43 20.89
CA PHE B 478 -21.68 62.29 20.39
C PHE B 478 -21.66 63.69 20.99
N THR B 479 -20.69 64.00 21.85
CA THR B 479 -20.44 65.37 22.25
C THR B 479 -19.30 65.99 21.44
N LEU B 480 -18.67 65.23 20.56
CA LEU B 480 -17.59 65.68 19.72
C LEU B 480 -18.11 65.96 18.31
N CYS B 481 -17.30 66.69 17.53
CA CYS B 481 -17.59 66.78 16.11
C CYS B 481 -17.31 65.45 15.43
N PRO B 482 -17.93 65.19 14.27
CA PRO B 482 -17.75 63.89 13.62
C PRO B 482 -16.31 63.57 13.28
N ASN B 483 -15.47 64.58 13.08
CA ASN B 483 -14.07 64.37 12.79
C ASN B 483 -13.28 63.96 14.03
N GLY B 484 -13.80 64.19 15.22
CA GLY B 484 -13.14 63.78 16.43
C GLY B 484 -13.55 62.37 16.85
N TYR B 485 -12.65 61.72 17.58
CA TYR B 485 -12.87 60.34 18.00
C TYR B 485 -11.88 59.98 19.10
N TYR B 486 -12.13 58.84 19.72
CA TYR B 486 -11.17 58.24 20.64
C TYR B 486 -10.41 57.14 19.92
N PHE B 487 -9.24 56.81 20.46
CA PHE B 487 -8.55 55.60 20.03
C PHE B 487 -7.52 55.21 21.08
N ALA B 488 -7.31 53.91 21.22
CA ALA B 488 -6.37 53.34 22.17
C ALA B 488 -5.30 52.57 21.42
N ILE B 489 -4.38 51.97 22.17
CA ILE B 489 -3.18 51.40 21.56
C ILE B 489 -2.58 50.39 22.53
N ASP B 490 -2.02 49.31 21.97
CA ASP B 490 -1.25 48.35 22.74
C ASP B 490 0.13 48.95 23.01
N PRO B 491 1.01 48.20 23.68
CA PRO B 491 2.43 48.56 23.61
C PRO B 491 3.12 48.06 22.36
N ASN B 492 2.45 47.26 21.53
CA ASN B 492 2.96 46.94 20.20
C ASN B 492 2.45 47.89 19.14
N GLY B 493 1.63 48.87 19.53
CA GLY B 493 1.10 49.83 18.58
C GLY B 493 -0.23 49.45 17.97
N TYR B 494 -0.66 48.20 18.09
CA TYR B 494 -1.94 47.78 17.55
C TYR B 494 -3.07 48.51 18.26
N VAL B 495 -4.04 48.97 17.49
CA VAL B 495 -5.14 49.77 18.01
C VAL B 495 -6.17 48.84 18.65
N LEU B 496 -6.31 48.94 19.97
CA LEU B 496 -7.44 48.30 20.63
C LEU B 496 -8.76 48.90 20.18
N LEU B 497 -8.83 50.22 20.13
CA LEU B 497 -10.06 50.94 19.81
C LEU B 497 -9.72 51.99 18.76
N HIS B 498 -10.43 51.97 17.64
CA HIS B 498 -10.18 52.94 16.59
C HIS B 498 -11.38 52.97 15.65
N PRO B 499 -11.77 54.15 15.15
CA PRO B 499 -12.91 54.21 14.23
C PRO B 499 -12.67 53.49 12.92
N ASN B 500 -11.42 53.19 12.58
CA ASN B 500 -11.09 52.52 11.33
C ASN B 500 -10.83 51.02 11.53
N LEU B 501 -11.32 50.53 12.68
CA LEU B 501 -11.20 49.10 13.06
C LEU B 501 -12.55 48.47 12.82
N GLN B 502 -12.64 47.54 11.89
CA GLN B 502 -13.96 47.00 11.54
C GLN B 502 -13.95 45.53 11.87
N PRO B 503 -15.08 44.93 12.27
CA PRO B 503 -15.06 43.52 12.51
C PRO B 503 -14.59 42.74 11.28
N LYS B 504 -13.34 42.28 11.15
CA LYS B 504 -12.98 41.47 9.95
C LYS B 504 -11.52 41.05 9.93
N PRO B 505 -11.14 39.81 9.55
CA PRO B 505 -9.75 39.36 9.69
C PRO B 505 -8.83 40.16 8.81
N ILE B 506 -7.63 40.41 9.31
CA ILE B 506 -6.69 41.30 8.65
C ILE B 506 -6.08 40.58 7.46
N GLY B 507 -6.06 41.27 6.31
CA GLY B 507 -5.44 40.70 5.13
C GLY B 507 -3.93 40.66 5.28
N VAL B 508 -3.31 39.70 4.59
CA VAL B 508 -1.88 39.48 4.76
C VAL B 508 -1.19 39.43 3.40
N GLY B 509 -1.97 39.25 2.34
CA GLY B 509 -1.40 39.23 1.01
C GLY B 509 -2.46 38.97 -0.04
N ILE B 510 -2.01 38.94 -1.28
CA ILE B 510 -2.90 38.65 -2.40
C ILE B 510 -3.43 37.22 -2.27
N PRO B 511 -4.74 37.01 -2.38
CA PRO B 511 -5.28 35.66 -2.20
C PRO B 511 -4.86 34.74 -3.33
N THR B 512 -4.86 33.44 -3.04
CA THR B 512 -4.56 32.42 -4.03
C THR B 512 -5.85 31.96 -4.72
N GLN B 528 -8.83 32.55 12.00
CA GLN B 528 -8.58 32.36 13.42
C GLN B 528 -7.31 33.09 13.87
N GLU B 529 -7.00 34.19 13.19
CA GLU B 529 -5.86 35.02 13.52
C GLU B 529 -6.34 36.33 14.13
N PRO B 530 -5.54 36.95 14.99
CA PRO B 530 -5.97 38.19 15.63
C PRO B 530 -6.04 39.33 14.65
N VAL B 531 -6.96 40.26 14.92
CA VAL B 531 -7.11 41.47 14.11
C VAL B 531 -6.16 42.50 14.72
N THR B 532 -4.90 42.45 14.32
CA THR B 532 -3.87 43.34 14.84
C THR B 532 -3.61 44.40 13.79
N LEU B 533 -4.33 45.51 13.90
CA LEU B 533 -4.16 46.65 13.01
C LEU B 533 -3.27 47.66 13.70
N ASP B 534 -2.09 47.90 13.14
CA ASP B 534 -1.20 48.87 13.73
C ASP B 534 -1.82 50.26 13.68
N PHE B 535 -1.31 51.15 14.53
CA PHE B 535 -1.86 52.50 14.57
C PHE B 535 -1.57 53.23 13.26
N LEU B 536 -0.31 53.21 12.81
CA LEU B 536 0.09 53.91 11.60
C LEU B 536 -0.58 53.35 10.36
N ASP B 537 -1.05 52.10 10.41
CA ASP B 537 -1.76 51.51 9.29
C ASP B 537 -3.26 51.67 9.38
N ALA B 538 -3.76 52.37 10.42
CA ALA B 538 -5.17 52.66 10.52
C ALA B 538 -5.50 54.07 10.06
N GLU B 539 -4.51 54.94 10.02
CA GLU B 539 -4.67 56.32 9.55
C GLU B 539 -3.64 56.61 8.47
N LEU B 540 -3.53 57.89 8.10
CA LEU B 540 -2.46 58.32 7.22
C LEU B 540 -1.25 58.71 8.05
N GLU B 541 -0.13 58.09 7.74
CA GLU B 541 1.07 58.18 8.57
C GLU B 541 1.83 59.45 8.25
N ASN B 542 2.09 60.25 9.28
CA ASN B 542 2.98 61.39 9.24
C ASN B 542 4.30 61.00 9.91
N ASP B 543 5.16 62.00 10.10
CA ASP B 543 6.30 61.82 10.98
C ASP B 543 5.97 62.34 12.38
N ILE B 544 5.04 63.28 12.49
CA ILE B 544 4.54 63.70 13.80
C ILE B 544 3.72 62.59 14.44
N LYS B 545 2.94 61.87 13.64
CA LYS B 545 2.11 60.79 14.20
C LYS B 545 2.97 59.63 14.66
N VAL B 546 4.10 59.37 13.99
CA VAL B 546 5.03 58.36 14.50
C VAL B 546 5.57 58.76 15.85
N GLU B 547 5.89 60.04 16.01
CA GLU B 547 6.32 60.55 17.31
C GLU B 547 5.23 60.36 18.35
N ILE B 548 3.98 60.69 18.01
CA ILE B 548 2.88 60.57 18.95
C ILE B 548 2.66 59.12 19.35
N ARG B 549 2.79 58.20 18.39
CA ARG B 549 2.67 56.78 18.68
C ARG B 549 3.76 56.32 19.63
N ASN B 550 5.00 56.72 19.38
CA ASN B 550 6.10 56.31 20.27
C ASN B 550 5.96 56.97 21.65
N LYS B 551 5.33 58.14 21.71
CA LYS B 551 5.08 58.78 23.00
C LYS B 551 3.99 58.03 23.77
N MET B 552 2.94 57.61 23.07
CA MET B 552 1.85 56.88 23.72
C MET B 552 2.31 55.53 24.23
N ILE B 553 3.08 54.80 23.41
CA ILE B 553 3.48 53.45 23.78
C ILE B 553 4.30 53.46 25.06
N ASP B 554 5.12 54.51 25.24
CA ASP B 554 5.88 54.66 26.47
C ASP B 554 5.00 54.93 27.69
N GLY B 555 3.69 55.00 27.52
CA GLY B 555 2.79 55.13 28.64
C GLY B 555 2.79 56.48 29.32
N GLU B 556 3.17 57.54 28.63
CA GLU B 556 3.18 58.85 29.24
C GLU B 556 2.18 59.79 28.57
N SER B 557 1.76 60.81 29.33
CA SER B 557 0.73 61.73 28.90
C SER B 557 1.34 62.84 28.05
N GLY B 558 0.49 63.56 27.34
CA GLY B 558 0.97 64.63 26.49
C GLY B 558 -0.18 65.28 25.73
N GLU B 559 0.20 66.11 24.76
CA GLU B 559 -0.74 66.82 23.92
C GLU B 559 0.04 67.43 22.76
N LYS B 560 -0.60 67.46 21.59
CA LYS B 560 0.09 67.93 20.39
C LYS B 560 -0.93 68.36 19.36
N THR B 561 -0.92 69.63 18.99
CA THR B 561 -1.75 70.15 17.92
C THR B 561 -0.87 70.40 16.70
N PHE B 562 -1.37 70.05 15.53
CA PHE B 562 -0.59 70.11 14.30
C PHE B 562 -1.53 69.91 13.12
N ARG B 563 -0.98 69.98 11.91
CA ARG B 563 -1.76 69.93 10.67
C ARG B 563 -1.55 68.58 10.01
N THR B 564 -2.65 67.89 9.73
CA THR B 564 -2.61 66.51 9.28
C THR B 564 -3.13 66.39 7.86
N LEU B 565 -3.20 65.15 7.38
CA LEU B 565 -3.81 64.78 6.11
C LEU B 565 -4.88 63.75 6.46
N VAL B 566 -6.14 64.18 6.49
CA VAL B 566 -7.23 63.34 6.98
C VAL B 566 -7.96 62.73 5.78
N LYS B 567 -7.69 61.47 5.50
CA LYS B 567 -8.44 60.75 4.46
C LYS B 567 -9.91 60.75 4.82
N SER B 568 -10.76 60.95 3.81
CA SER B 568 -12.19 61.03 4.05
C SER B 568 -12.78 59.65 4.30
N GLN B 569 -14.01 59.63 4.83
CA GLN B 569 -14.63 58.37 5.22
C GLN B 569 -14.94 57.50 4.02
N ASP B 570 -15.15 58.11 2.85
CA ASP B 570 -15.45 57.35 1.64
C ASP B 570 -14.20 56.94 0.89
N GLU B 571 -13.01 57.28 1.40
CA GLU B 571 -11.74 56.80 0.84
C GLU B 571 -11.55 57.27 -0.59
N ARG B 572 -11.99 58.50 -0.89
CA ARG B 572 -11.83 59.07 -2.22
C ARG B 572 -11.26 60.48 -2.20
N TYR B 573 -11.15 61.11 -1.04
CA TYR B 573 -10.62 62.46 -0.93
C TYR B 573 -9.69 62.54 0.26
N ILE B 574 -8.93 63.62 0.32
CA ILE B 574 -8.03 63.90 1.43
C ILE B 574 -8.16 65.37 1.77
N ASP B 575 -8.18 65.67 3.07
CA ASP B 575 -8.30 67.05 3.55
C ASP B 575 -7.06 67.39 4.35
N LYS B 576 -6.76 68.69 4.43
CA LYS B 576 -5.59 69.17 5.16
C LYS B 576 -6.06 69.60 6.56
N GLY B 577 -6.26 68.60 7.41
CA GLY B 577 -6.93 68.80 8.67
C GLY B 577 -6.07 69.51 9.70
N ASN B 578 -6.68 69.75 10.86
CA ASN B 578 -6.08 70.55 11.93
C ASN B 578 -6.52 69.91 13.24
N ARG B 579 -5.72 68.97 13.75
CA ARG B 579 -6.12 68.12 14.85
C ARG B 579 -5.32 68.41 16.11
N THR B 580 -5.81 67.89 17.23
CA THR B 580 -5.16 68.04 18.54
C THR B 580 -5.22 66.68 19.23
N TYR B 581 -4.09 65.98 19.28
CA TYR B 581 -4.02 64.67 19.91
C TYR B 581 -3.68 64.82 21.39
N THR B 582 -4.68 64.63 22.25
CA THR B 582 -4.46 64.52 23.68
C THR B 582 -4.52 63.05 24.06
N TRP B 583 -3.58 62.61 24.91
CA TRP B 583 -3.53 61.21 25.29
C TRP B 583 -3.05 61.09 26.72
N THR B 584 -3.46 60.00 27.36
CA THR B 584 -3.00 59.63 28.69
C THR B 584 -2.92 58.12 28.75
N PRO B 585 -2.08 57.56 29.62
CA PRO B 585 -2.06 56.11 29.79
C PRO B 585 -3.25 55.63 30.61
N VAL B 586 -3.71 54.43 30.29
CA VAL B 586 -4.75 53.76 31.09
C VAL B 586 -4.04 53.11 32.27
N ASN B 587 -4.30 53.60 33.47
CA ASN B 587 -3.55 53.19 34.64
C ASN B 587 -3.78 51.70 34.94
N GLY B 588 -2.73 51.05 35.41
CA GLY B 588 -2.81 49.65 35.74
C GLY B 588 -3.04 48.75 34.56
N THR B 589 -2.71 49.20 33.35
CA THR B 589 -2.91 48.42 32.14
C THR B 589 -1.86 48.85 31.13
N ASP B 590 -1.64 48.02 30.14
CA ASP B 590 -0.66 48.31 29.10
C ASP B 590 -1.18 49.25 28.02
N TYR B 591 -2.46 49.59 28.04
CA TYR B 591 -3.06 50.39 26.98
C TYR B 591 -2.73 51.87 27.17
N SER B 592 -3.22 52.68 26.24
CA SER B 592 -3.01 54.13 26.27
C SER B 592 -4.07 54.78 25.43
N LEU B 593 -4.88 55.64 26.04
CA LEU B 593 -6.04 56.23 25.39
C LEU B 593 -5.67 57.59 24.82
N ALA B 594 -6.27 57.94 23.69
CA ALA B 594 -6.08 59.23 23.07
C ALA B 594 -7.38 59.71 22.44
N LEU B 595 -7.56 61.03 22.42
CA LEU B 595 -8.75 61.66 21.88
C LEU B 595 -8.32 62.63 20.79
N VAL B 596 -8.72 62.35 19.56
CA VAL B 596 -8.44 63.24 18.43
C VAL B 596 -9.54 64.29 18.36
N LEU B 597 -9.15 65.54 18.21
CA LEU B 597 -10.16 66.58 18.29
C LEU B 597 -9.80 67.78 17.42
N PRO B 598 -10.67 68.16 16.48
CA PRO B 598 -10.39 69.35 15.66
C PRO B 598 -10.41 70.61 16.51
N THR B 599 -9.93 71.70 15.92
CA THR B 599 -9.87 72.97 16.65
C THR B 599 -11.26 73.58 16.83
N TYR B 600 -12.15 73.41 15.86
CA TYR B 600 -13.51 73.91 15.97
C TYR B 600 -14.40 73.00 16.82
N SER B 601 -13.84 71.94 17.40
CA SER B 601 -14.60 70.98 18.17
C SER B 601 -14.38 71.11 19.67
N PHE B 602 -13.80 72.24 20.11
CA PHE B 602 -13.60 72.44 21.53
C PHE B 602 -14.87 72.93 22.23
N TYR B 603 -15.93 73.21 21.48
CA TYR B 603 -17.21 73.60 22.06
C TYR B 603 -18.32 72.81 21.38
N TYR B 604 -19.44 72.67 22.08
CA TYR B 604 -20.59 71.97 21.50
C TYR B 604 -21.86 72.52 22.13
N ILE B 605 -22.99 72.01 21.65
CA ILE B 605 -24.31 72.50 22.05
C ILE B 605 -24.92 71.53 23.04
N LYS B 606 -25.20 72.03 24.25
CA LYS B 606 -25.94 71.28 25.27
C LYS B 606 -27.37 71.81 25.28
N ALA B 607 -28.30 71.02 24.76
CA ALA B 607 -29.69 71.45 24.64
C ALA B 607 -30.33 71.54 26.02
N LYS B 608 -30.73 72.75 26.41
CA LYS B 608 -31.39 72.98 27.69
C LYS B 608 -32.88 73.15 27.44
N LEU B 609 -33.58 72.02 27.41
CA LEU B 609 -35.02 71.97 27.17
C LEU B 609 -35.67 71.30 28.38
N GLU B 610 -36.02 72.09 29.39
CA GLU B 610 -36.58 71.54 30.62
C GLU B 610 -37.97 72.10 30.93
N GLU B 611 -38.70 72.61 29.93
CA GLU B 611 -40.04 73.11 30.15
C GLU B 611 -41.11 72.03 30.07
N THR B 612 -40.74 70.83 29.61
CA THR B 612 -41.61 69.65 29.57
C THR B 612 -42.66 69.80 28.46
N ILE B 613 -42.72 70.99 27.85
CA ILE B 613 -43.68 71.24 26.78
C ILE B 613 -42.96 71.75 25.54
N THR B 614 -41.78 72.33 25.72
CA THR B 614 -40.97 72.74 24.58
C THR B 614 -40.47 71.53 23.80
N GLN B 615 -40.06 70.48 24.52
CA GLN B 615 -39.68 69.25 23.85
C GLN B 615 -40.83 68.67 23.04
N ALA B 616 -42.05 68.77 23.59
CA ALA B 616 -43.22 68.32 22.85
C ALA B 616 -43.48 69.18 21.61
N ARG B 617 -43.32 70.51 21.77
CA ARG B 617 -43.61 71.43 20.67
C ARG B 617 -42.54 71.35 19.59
N TYR B 618 -41.40 70.72 19.89
CA TYR B 618 -40.46 70.37 18.84
C TYR B 618 -40.70 68.96 18.31
N SER B 619 -41.21 68.06 19.16
CA SER B 619 -41.30 66.66 18.80
C SER B 619 -42.45 66.39 17.84
N GLU B 620 -43.56 67.15 17.94
CA GLU B 620 -44.69 66.80 17.07
C GLU B 620 -44.35 66.97 15.60
N THR B 621 -43.27 67.70 15.29
CA THR B 621 -42.89 68.05 13.93
C THR B 621 -42.15 66.93 13.20
N LEU B 622 -41.80 65.84 13.89
CA LEU B 622 -41.04 64.76 13.29
C LEU B 622 -41.91 63.63 12.73
N LYS B 623 -43.21 63.66 12.97
CA LYS B 623 -44.07 62.55 12.58
C LYS B 623 -44.06 62.38 11.06
N PRO B 624 -44.07 61.12 10.57
CA PRO B 624 -44.03 60.85 9.13
C PRO B 624 -45.37 61.01 8.43
N ASP B 625 -46.07 62.11 8.74
CA ASP B 625 -47.31 62.48 8.05
C ASP B 625 -47.19 63.93 7.60
N ASN B 626 -46.35 64.69 8.30
CA ASN B 626 -46.09 66.09 7.99
C ASN B 626 -44.97 66.27 6.98
N PHE B 627 -44.71 65.27 6.13
CA PHE B 627 -43.59 65.38 5.21
C PHE B 627 -43.91 66.20 3.97
N GLU B 628 -44.57 67.34 4.15
CA GLU B 628 -44.64 68.38 3.13
C GLU B 628 -44.43 69.78 3.68
N GLU B 629 -44.79 70.05 4.93
CA GLU B 629 -44.43 71.30 5.58
C GLU B 629 -42.94 71.30 5.91
N SER B 630 -42.45 70.18 6.43
CA SER B 630 -41.03 69.90 6.57
C SER B 630 -40.60 68.93 5.47
N GLY B 631 -39.29 68.70 5.40
CA GLY B 631 -38.77 67.80 4.39
C GLY B 631 -38.91 66.34 4.77
N TYR B 632 -38.11 65.51 4.11
CA TYR B 632 -38.02 64.09 4.39
C TYR B 632 -36.88 63.86 5.37
N THR B 633 -37.19 63.34 6.54
CA THR B 633 -36.21 63.25 7.61
C THR B 633 -35.75 61.81 7.84
N PHE B 634 -34.51 61.68 8.30
CA PHE B 634 -33.98 60.43 8.81
C PHE B 634 -33.44 60.67 10.21
N ILE B 635 -33.53 59.66 11.06
CA ILE B 635 -33.09 59.76 12.45
C ILE B 635 -31.86 58.87 12.62
N ALA B 636 -30.80 59.44 13.17
CA ALA B 636 -29.58 58.67 13.38
C ALA B 636 -29.85 57.56 14.39
N PRO B 637 -29.56 56.31 14.06
CA PRO B 637 -29.86 55.22 14.99
C PRO B 637 -28.89 55.16 16.15
N ARG B 638 -29.09 56.01 17.14
CA ARG B 638 -28.23 56.04 18.32
C ARG B 638 -28.92 55.34 19.48
N ASP B 639 -28.22 55.27 20.61
CA ASP B 639 -28.80 54.77 21.85
C ASP B 639 -29.56 55.90 22.53
N TYR B 640 -30.69 56.27 21.93
CA TYR B 640 -31.56 57.23 22.58
C TYR B 640 -32.08 56.69 23.89
N CYS B 641 -32.40 55.39 23.93
CA CYS B 641 -32.57 54.63 25.17
C CYS B 641 -32.97 53.18 24.99
N ASN B 642 -32.90 52.46 26.11
CA ASN B 642 -32.78 51.01 26.09
C ASN B 642 -33.99 50.34 25.49
N ASP B 643 -35.18 50.92 25.69
CA ASP B 643 -36.39 50.40 25.06
C ASP B 643 -36.32 50.49 23.54
N LEU B 644 -35.79 51.59 23.00
CA LEU B 644 -35.56 51.69 21.57
C LEU B 644 -34.54 50.66 21.14
N LYS B 645 -34.86 49.94 20.07
CA LYS B 645 -33.95 49.00 19.44
C LYS B 645 -33.72 49.45 18.01
N ILE B 646 -32.47 49.74 17.67
CA ILE B 646 -32.14 50.32 16.38
C ILE B 646 -32.30 49.27 15.29
N SER B 647 -32.70 49.72 14.10
CA SER B 647 -32.90 48.84 12.97
C SER B 647 -32.30 49.47 11.72
N ASP B 648 -32.26 48.69 10.64
CA ASP B 648 -31.79 49.23 9.37
C ASP B 648 -32.93 49.77 8.53
N ASN B 649 -34.15 49.30 8.78
CA ASN B 649 -35.35 49.89 8.20
C ASN B 649 -35.59 51.22 8.92
N ASN B 650 -35.07 52.31 8.34
CA ASN B 650 -35.01 53.58 9.06
C ASN B 650 -36.39 54.11 9.42
N THR B 651 -37.39 53.87 8.57
CA THR B 651 -38.74 54.33 8.88
C THR B 651 -39.29 53.67 10.14
N GLU B 652 -38.95 52.40 10.38
CA GLU B 652 -39.32 51.77 11.64
C GLU B 652 -38.68 52.50 12.82
N PHE B 653 -37.41 52.88 12.68
CA PHE B 653 -36.75 53.58 13.78
C PHE B 653 -37.42 54.93 14.02
N LEU B 654 -37.76 55.66 12.94
CA LEU B 654 -38.45 56.93 13.10
C LEU B 654 -39.78 56.74 13.81
N LEU B 655 -40.55 55.71 13.42
CA LEU B 655 -41.79 55.42 14.11
C LEU B 655 -41.55 55.16 15.59
N ASN B 656 -40.81 54.09 15.90
CA ASN B 656 -40.57 53.73 17.30
C ASN B 656 -40.04 54.90 18.10
N PHE B 657 -39.21 55.74 17.49
CA PHE B 657 -38.73 56.94 18.15
C PHE B 657 -39.89 57.87 18.48
N ASN B 658 -40.86 58.01 17.55
CA ASN B 658 -42.01 58.86 17.83
C ASN B 658 -42.85 58.30 18.98
N GLU B 659 -43.15 56.99 18.98
CA GLU B 659 -43.92 56.45 20.10
C GLU B 659 -43.18 56.59 21.42
N PHE B 660 -41.87 56.34 21.44
CA PHE B 660 -41.15 56.46 22.70
C PHE B 660 -40.96 57.92 23.11
N ILE B 661 -41.13 58.85 22.17
CA ILE B 661 -41.27 60.24 22.54
C ILE B 661 -42.63 60.49 23.20
N ASP B 662 -43.68 59.82 22.69
CA ASP B 662 -45.04 60.09 23.14
C ASP B 662 -45.17 59.99 24.65
N ARG B 663 -44.65 58.92 25.25
CA ARG B 663 -44.63 58.76 26.72
C ARG B 663 -43.17 58.74 27.15
N LYS B 664 -42.61 59.93 27.38
CA LYS B 664 -41.22 60.09 27.76
C LYS B 664 -41.04 60.62 29.18
N THR B 665 -41.99 61.42 29.68
CA THR B 665 -41.88 61.99 31.02
C THR B 665 -41.66 60.93 32.10
N PRO B 666 -42.38 59.79 32.13
CA PRO B 666 -42.08 58.79 33.15
C PRO B 666 -40.69 58.17 33.01
N ASN B 667 -40.04 58.29 31.85
CA ASN B 667 -38.73 57.69 31.63
C ASN B 667 -37.62 58.66 32.01
N ASN B 668 -37.70 59.18 33.25
CA ASN B 668 -36.65 60.06 33.74
C ASN B 668 -35.37 59.29 34.09
N PRO B 669 -35.40 58.27 34.95
CA PRO B 669 -34.17 57.49 35.20
C PRO B 669 -33.89 56.45 34.14
N SER B 670 -34.62 56.45 33.04
CA SER B 670 -34.44 55.46 32.00
C SER B 670 -33.47 55.91 30.93
N CYS B 671 -33.74 57.03 30.27
CA CYS B 671 -32.96 57.42 29.10
C CYS B 671 -32.63 58.90 29.02
N ASN B 672 -31.43 59.16 28.49
CA ASN B 672 -30.65 60.38 28.71
C ASN B 672 -31.32 61.60 28.09
N ALA B 673 -31.32 62.70 28.84
CA ALA B 673 -31.85 63.96 28.32
C ALA B 673 -30.95 64.57 27.28
N ASP B 674 -29.64 64.25 27.30
CA ASP B 674 -28.69 64.92 26.41
C ASP B 674 -29.01 64.66 24.95
N LEU B 675 -28.94 63.39 24.53
CA LEU B 675 -29.14 63.07 23.11
C LEU B 675 -30.55 63.40 22.66
N ILE B 676 -31.55 63.10 23.50
CA ILE B 676 -32.94 63.32 23.10
C ILE B 676 -33.22 64.82 22.95
N ASN B 677 -32.76 65.63 23.90
CA ASN B 677 -32.95 67.07 23.81
C ASN B 677 -32.19 67.64 22.63
N ARG B 678 -30.96 67.17 22.40
CA ARG B 678 -30.16 67.69 21.28
C ARG B 678 -30.83 67.38 19.96
N VAL B 679 -31.35 66.16 19.80
CA VAL B 679 -31.98 65.79 18.53
C VAL B 679 -33.29 66.53 18.35
N LEU B 680 -34.07 66.71 19.43
CA LEU B 680 -35.33 67.46 19.30
C LEU B 680 -35.06 68.91 18.95
N LEU B 681 -34.06 69.53 19.58
CA LEU B 681 -33.71 70.91 19.26
C LEU B 681 -33.20 71.05 17.84
N ASP B 682 -32.42 70.07 17.36
CA ASP B 682 -31.96 70.12 15.98
C ASP B 682 -33.13 69.96 15.02
N ALA B 683 -34.09 69.10 15.35
CA ALA B 683 -35.29 68.99 14.53
C ALA B 683 -36.03 70.33 14.49
N GLY B 684 -36.10 71.00 15.63
CA GLY B 684 -36.76 72.31 15.66
C GLY B 684 -36.06 73.33 14.78
N PHE B 685 -34.73 73.42 14.87
CA PHE B 685 -34.02 74.39 14.06
C PHE B 685 -34.11 74.05 12.57
N THR B 686 -34.03 72.77 12.23
CA THR B 686 -34.16 72.38 10.83
C THR B 686 -35.55 72.69 10.29
N ASN B 687 -36.59 72.39 11.06
CA ASN B 687 -37.95 72.69 10.62
C ASN B 687 -38.16 74.19 10.46
N GLU B 688 -37.66 74.98 11.41
CA GLU B 688 -37.84 76.42 11.34
C GLU B 688 -37.17 77.03 10.12
N LEU B 689 -36.15 76.39 9.56
CA LEU B 689 -35.60 76.80 8.29
C LEU B 689 -36.36 76.26 7.09
N VAL B 690 -36.82 75.00 7.14
CA VAL B 690 -37.61 74.47 6.04
C VAL B 690 -38.93 75.23 5.90
N GLN B 691 -39.43 75.79 6.99
CA GLN B 691 -40.66 76.59 6.96
C GLN B 691 -40.41 78.04 6.54
N ASN B 692 -39.48 78.72 7.20
CA ASN B 692 -39.35 80.16 7.04
C ASN B 692 -38.39 80.56 5.93
N TYR B 693 -37.75 79.60 5.27
CA TYR B 693 -36.92 79.96 4.12
C TYR B 693 -37.10 79.06 2.90
N TRP B 694 -37.59 77.83 3.05
CA TRP B 694 -37.79 76.96 1.89
C TRP B 694 -39.26 76.77 1.52
N SER B 695 -40.12 76.52 2.51
CA SER B 695 -41.55 76.39 2.22
C SER B 695 -42.13 77.65 1.61
N LYS B 696 -41.65 78.82 2.03
CA LYS B 696 -42.09 80.09 1.47
C LYS B 696 -41.69 80.27 0.02
N GLN B 697 -40.72 79.52 -0.47
CA GLN B 697 -40.22 79.64 -1.84
C GLN B 697 -40.57 78.43 -2.69
N LYS B 698 -40.41 77.23 -2.14
CA LYS B 698 -41.05 76.00 -2.63
C LYS B 698 -40.44 75.45 -3.91
N ASN B 699 -39.61 76.23 -4.61
CA ASN B 699 -38.96 75.73 -5.83
C ASN B 699 -37.92 76.70 -6.38
N ILE B 700 -36.76 76.18 -6.78
CA ILE B 700 -35.76 76.95 -7.50
C ILE B 700 -35.37 76.16 -8.74
N LYS B 701 -35.03 76.89 -9.82
CA LYS B 701 -34.78 76.26 -11.10
C LYS B 701 -33.49 75.43 -11.08
N GLY B 702 -32.40 76.03 -10.61
CA GLY B 702 -31.11 75.36 -10.70
C GLY B 702 -30.99 74.12 -9.83
N VAL B 703 -31.60 74.15 -8.66
CA VAL B 703 -31.42 73.06 -7.69
C VAL B 703 -32.28 71.86 -8.08
N LYS B 704 -31.99 70.73 -7.45
CA LYS B 704 -32.84 69.55 -7.52
C LYS B 704 -33.25 69.01 -6.16
N ALA B 705 -32.45 69.23 -5.12
CA ALA B 705 -32.79 68.83 -3.77
C ALA B 705 -32.05 69.68 -2.76
N ARG B 706 -32.78 70.33 -1.86
CA ARG B 706 -32.20 71.14 -0.79
C ARG B 706 -32.31 70.36 0.50
N PHE B 707 -31.16 70.05 1.12
CA PHE B 707 -31.14 69.28 2.35
C PHE B 707 -30.21 69.93 3.36
N VAL B 708 -30.38 69.54 4.62
CA VAL B 708 -29.48 69.91 5.70
C VAL B 708 -29.22 68.68 6.55
N VAL B 709 -27.98 68.52 7.00
CA VAL B 709 -27.62 67.48 7.96
C VAL B 709 -27.14 68.16 9.22
N THR B 710 -27.30 67.50 10.36
CA THR B 710 -26.90 68.06 11.64
C THR B 710 -26.22 66.99 12.46
N ASP B 711 -25.32 67.42 13.35
CA ASP B 711 -24.63 66.47 14.23
C ASP B 711 -25.58 65.81 15.22
N GLY B 712 -26.76 66.39 15.45
CA GLY B 712 -27.70 65.77 16.35
C GLY B 712 -28.41 64.57 15.74
N GLY B 713 -28.43 64.49 14.42
CA GLY B 713 -29.02 63.35 13.75
C GLY B 713 -30.13 63.71 12.79
N ILE B 714 -30.53 64.98 12.77
CA ILE B 714 -31.62 65.43 11.92
C ILE B 714 -31.06 65.76 10.54
N THR B 715 -31.64 65.14 9.52
CA THR B 715 -31.14 65.22 8.14
C THR B 715 -32.28 65.40 7.15
N ARG B 716 -33.18 66.33 7.43
CA ARG B 716 -34.32 66.58 6.53
C ARG B 716 -33.84 66.98 5.14
N VAL B 717 -34.48 66.40 4.12
CA VAL B 717 -34.31 66.78 2.72
C VAL B 717 -35.67 67.22 2.19
N TYR B 718 -35.67 68.32 1.42
CA TYR B 718 -36.94 69.02 1.18
C TYR B 718 -37.89 68.24 0.28
N PRO B 719 -37.56 67.95 -0.98
CA PRO B 719 -38.63 67.54 -1.93
C PRO B 719 -39.34 66.25 -1.55
N LYS B 720 -38.73 65.38 -0.75
CA LYS B 720 -39.30 64.11 -0.31
C LYS B 720 -39.34 63.13 -1.48
N GLU B 721 -39.05 63.62 -2.68
CA GLU B 721 -38.96 62.78 -3.87
C GLU B 721 -37.51 62.50 -4.24
N ALA B 722 -36.66 63.53 -4.16
CA ALA B 722 -35.22 63.31 -4.27
C ALA B 722 -34.66 62.64 -3.02
N GLY B 723 -35.36 62.72 -1.89
CA GLY B 723 -34.99 61.94 -0.73
C GLY B 723 -35.17 60.45 -0.91
N GLU B 724 -36.01 60.06 -1.88
CA GLU B 724 -36.07 58.65 -2.27
C GLU B 724 -34.80 58.25 -3.00
N ASN B 725 -34.06 59.21 -3.53
CA ASN B 725 -32.76 59.00 -4.13
C ASN B 725 -31.62 59.31 -3.17
N TRP B 726 -31.91 59.40 -1.87
CA TRP B 726 -30.93 59.72 -0.85
C TRP B 726 -30.45 58.43 -0.19
N GLN B 727 -29.21 58.04 -0.49
CA GLN B 727 -28.62 56.83 0.05
C GLN B 727 -27.54 57.12 1.08
N GLU B 728 -27.39 58.37 1.51
CA GLU B 728 -26.42 58.69 2.54
C GLU B 728 -26.80 58.04 3.86
N ASN B 729 -25.80 57.76 4.68
CA ASN B 729 -26.02 57.07 5.94
C ASN B 729 -26.89 57.91 6.87
N PRO B 730 -27.92 57.35 7.49
CA PRO B 730 -28.71 58.13 8.46
C PRO B 730 -27.87 58.66 9.61
N GLU B 731 -26.89 57.90 10.06
CA GLU B 731 -26.02 58.35 11.15
C GLU B 731 -25.12 59.46 10.63
N THR B 732 -25.45 60.71 10.99
CA THR B 732 -24.76 61.85 10.42
C THR B 732 -23.28 61.84 10.75
N TYR B 733 -22.97 61.08 11.79
CA TYR B 733 -21.56 60.97 12.24
C TYR B 733 -20.82 59.97 11.35
N GLU B 734 -21.45 59.41 10.33
CA GLU B 734 -20.84 58.47 9.39
C GLU B 734 -21.00 58.86 7.94
N ASP B 735 -21.40 60.10 7.63
CA ASP B 735 -21.47 60.54 6.25
C ASP B 735 -20.16 61.19 5.83
N SER B 736 -19.62 60.71 4.71
CA SER B 736 -18.34 61.24 4.23
C SER B 736 -18.44 62.70 3.86
N PHE B 737 -19.56 63.11 3.22
CA PHE B 737 -19.69 64.49 2.79
C PHE B 737 -19.80 65.44 3.97
N TYR B 738 -20.43 65.01 5.06
CA TYR B 738 -20.60 65.88 6.22
C TYR B 738 -19.25 66.13 6.91
N LYS B 739 -18.53 65.07 7.24
CA LYS B 739 -17.21 65.23 7.83
C LYS B 739 -16.26 65.96 6.88
N ARG B 740 -16.43 65.75 5.57
CA ARG B 740 -15.64 66.50 4.60
C ARG B 740 -15.94 67.98 4.66
N SER B 741 -17.22 68.34 4.71
CA SER B 741 -17.62 69.75 4.70
C SER B 741 -17.22 70.44 5.99
N LEU B 742 -17.09 69.70 7.09
CA LEU B 742 -16.59 70.31 8.31
C LEU B 742 -15.18 70.86 8.14
N ASP B 743 -14.31 70.15 7.42
CA ASP B 743 -12.91 70.56 7.32
C ASP B 743 -12.75 71.81 6.46
N ASN B 744 -13.13 71.73 5.20
CA ASN B 744 -12.94 72.85 4.28
C ASN B 744 -13.93 73.96 4.61
N ASP B 745 -13.41 75.16 4.89
CA ASP B 745 -14.24 76.32 5.21
C ASP B 745 -14.78 76.98 3.94
N ASN B 746 -15.38 76.17 3.08
CA ASN B 746 -15.91 76.62 1.80
C ASN B 746 -16.88 75.55 1.30
N TYR B 747 -17.33 75.70 0.05
CA TYR B 747 -18.27 74.77 -0.55
C TYR B 747 -17.49 73.60 -1.15
N VAL B 748 -17.99 72.39 -0.96
CA VAL B 748 -17.34 71.18 -1.43
C VAL B 748 -18.29 70.41 -2.33
N PHE B 749 -17.81 70.00 -3.49
CA PHE B 749 -18.59 69.27 -4.48
C PHE B 749 -18.25 67.79 -4.35
N THR B 750 -19.21 67.01 -3.86
CA THR B 750 -19.04 65.57 -3.74
C THR B 750 -19.39 64.92 -5.07
N ALA B 751 -18.38 64.50 -5.81
CA ALA B 751 -18.61 63.87 -7.09
C ALA B 751 -19.37 62.56 -6.92
N PRO B 752 -20.42 62.35 -7.71
CA PRO B 752 -21.21 61.12 -7.58
C PRO B 752 -20.39 59.89 -7.96
N TYR B 753 -20.79 58.76 -7.38
CA TYR B 753 -20.09 57.51 -7.57
C TYR B 753 -20.35 56.99 -8.98
N PHE B 754 -19.29 56.83 -9.76
CA PHE B 754 -19.43 56.34 -11.13
C PHE B 754 -19.89 54.89 -11.15
N ASN B 755 -20.85 54.60 -12.02
CA ASN B 755 -21.33 53.23 -12.28
C ASN B 755 -21.76 52.53 -11.00
N LYS B 756 -22.56 53.21 -10.19
CA LYS B 756 -23.18 52.62 -9.01
C LYS B 756 -24.67 52.50 -9.32
N SER B 757 -25.14 51.25 -9.43
CA SER B 757 -26.54 51.00 -9.77
C SER B 757 -27.46 51.54 -8.68
N GLY B 758 -28.21 52.58 -8.99
CA GLY B 758 -29.10 53.19 -8.02
C GLY B 758 -29.54 54.58 -8.43
N PRO B 759 -29.54 55.51 -7.46
CA PRO B 759 -30.00 56.88 -7.75
C PRO B 759 -29.15 57.60 -8.78
N GLY B 760 -27.95 57.11 -9.09
CA GLY B 760 -27.16 57.68 -10.17
C GLY B 760 -26.82 59.14 -9.96
N ALA B 761 -26.73 59.86 -11.07
CA ALA B 761 -26.40 61.29 -11.06
C ALA B 761 -27.50 62.17 -11.61
N TYR B 762 -27.99 61.90 -12.83
CA TYR B 762 -28.99 62.76 -13.46
C TYR B 762 -30.23 62.89 -12.60
N GLU B 763 -30.78 61.76 -12.13
CA GLU B 763 -31.97 61.77 -11.31
C GLU B 763 -31.66 61.98 -9.83
N SER B 764 -30.40 62.20 -9.49
CA SER B 764 -30.01 62.54 -8.12
C SER B 764 -29.39 63.91 -8.01
N GLY B 765 -28.36 64.20 -8.79
CA GLY B 765 -27.65 65.46 -8.72
C GLY B 765 -26.23 65.30 -8.22
N ILE B 766 -25.66 66.43 -7.80
CA ILE B 766 -24.32 66.48 -7.24
C ILE B 766 -24.39 67.25 -5.93
N MET B 767 -23.80 66.68 -4.87
CA MET B 767 -23.87 67.31 -3.57
C MET B 767 -22.96 68.52 -3.49
N VAL B 768 -23.48 69.62 -2.96
CA VAL B 768 -22.71 70.81 -2.64
C VAL B 768 -23.08 71.24 -1.23
N SER B 769 -22.09 71.44 -0.38
CA SER B 769 -22.40 71.62 1.04
C SER B 769 -21.42 72.59 1.67
N LYS B 770 -21.89 73.26 2.72
CA LYS B 770 -21.08 74.18 3.50
C LYS B 770 -21.49 74.09 4.96
N ALA B 771 -20.54 74.36 5.85
CA ALA B 771 -20.75 74.22 7.27
C ALA B 771 -21.14 75.56 7.91
N VAL B 772 -22.15 75.50 8.77
CA VAL B 772 -22.60 76.67 9.53
C VAL B 772 -21.47 77.14 10.43
N GLU B 773 -21.38 78.46 10.63
CA GLU B 773 -20.24 79.10 11.28
C GLU B 773 -20.69 80.08 12.35
N ILE B 774 -21.56 79.62 13.26
CA ILE B 774 -22.15 80.55 14.21
C ILE B 774 -21.13 80.92 15.29
N TYR B 775 -21.40 82.04 15.97
CA TYR B 775 -20.63 82.47 17.13
C TYR B 775 -21.59 82.69 18.29
N ILE B 776 -21.31 82.06 19.43
CA ILE B 776 -22.11 82.22 20.64
C ILE B 776 -21.16 82.67 21.74
N GLN B 777 -21.27 83.93 22.14
CA GLN B 777 -20.35 84.54 23.10
C GLN B 777 -18.90 84.42 22.64
N GLY B 778 -18.70 84.59 21.34
CA GLY B 778 -17.36 84.52 20.78
C GLY B 778 -16.81 83.12 20.64
N LYS B 779 -17.67 82.11 20.64
CA LYS B 779 -17.26 80.72 20.51
C LYS B 779 -17.73 80.17 19.18
N LEU B 780 -16.77 79.85 18.31
CA LEU B 780 -17.10 79.36 16.97
C LEU B 780 -17.64 77.94 17.05
N LEU B 781 -18.67 77.65 16.26
CA LEU B 781 -19.30 76.34 16.24
C LEU B 781 -19.67 75.97 14.82
N LYS B 782 -19.74 74.66 14.56
CA LYS B 782 -20.20 74.13 13.29
C LYS B 782 -21.21 73.02 13.56
N PRO B 783 -22.45 73.37 13.91
CA PRO B 783 -23.42 72.35 14.28
C PRO B 783 -24.03 71.59 13.12
N ALA B 784 -24.07 72.17 11.92
CA ALA B 784 -24.79 71.54 10.82
C ALA B 784 -24.18 71.97 9.50
N VAL B 785 -24.48 71.19 8.46
CA VAL B 785 -24.00 71.45 7.11
C VAL B 785 -25.19 71.39 6.16
N VAL B 786 -25.53 72.55 5.59
CA VAL B 786 -26.59 72.64 4.59
C VAL B 786 -26.04 72.22 3.25
N GLY B 787 -26.78 71.34 2.56
CA GLY B 787 -26.31 70.80 1.30
C GLY B 787 -27.34 70.96 0.21
N ILE B 788 -26.86 71.27 -0.99
CA ILE B 788 -27.69 71.42 -2.16
C ILE B 788 -27.30 70.37 -3.19
N LYS B 789 -28.28 69.57 -3.62
CA LYS B 789 -28.08 68.59 -4.68
C LYS B 789 -28.37 69.29 -6.00
N ILE B 790 -27.37 70.00 -6.51
CA ILE B 790 -27.55 70.81 -7.71
C ILE B 790 -27.94 69.92 -8.88
N ASP B 791 -29.01 70.30 -9.57
CA ASP B 791 -29.44 69.58 -10.76
C ASP B 791 -28.41 69.72 -11.86
N VAL B 792 -28.12 68.61 -12.54
CA VAL B 792 -27.03 68.58 -13.51
C VAL B 792 -27.43 69.28 -14.80
N ASN B 793 -28.72 69.26 -15.15
CA ASN B 793 -29.15 69.80 -16.44
C ASN B 793 -29.08 71.32 -16.44
N SER B 794 -29.58 71.96 -15.38
CA SER B 794 -29.50 73.42 -15.30
C SER B 794 -28.06 73.89 -15.28
N TRP B 795 -27.19 73.12 -14.60
CA TRP B 795 -25.79 73.52 -14.51
C TRP B 795 -25.06 73.31 -15.82
N ILE B 796 -25.37 72.24 -16.56
CA ILE B 796 -24.75 72.07 -17.86
C ILE B 796 -25.28 73.11 -18.84
N GLU B 797 -26.53 73.55 -18.68
CA GLU B 797 -27.04 74.64 -19.50
C GLU B 797 -26.29 75.94 -19.21
N ASN B 798 -26.13 76.27 -17.93
CA ASN B 798 -25.39 77.48 -17.57
C ASN B 798 -23.92 77.38 -17.96
N PHE B 799 -23.38 76.17 -18.07
CA PHE B 799 -21.99 75.99 -18.49
C PHE B 799 -21.81 76.06 -19.99
N THR B 800 -22.76 75.55 -20.77
CA THR B 800 -22.59 75.52 -22.22
C THR B 800 -22.67 76.90 -22.86
N LYS B 801 -22.80 77.97 -22.07
CA LYS B 801 -22.61 79.32 -22.60
C LYS B 801 -21.12 79.63 -22.60
N THR B 802 -20.32 78.72 -23.13
CA THR B 802 -18.87 78.84 -23.19
C THR B 802 -18.38 78.11 -24.44
N SER B 803 -17.06 78.04 -24.58
CA SER B 803 -16.47 77.35 -25.72
C SER B 803 -16.71 75.85 -25.60
N ILE B 804 -17.16 75.23 -26.70
CA ILE B 804 -17.34 73.80 -26.78
C ILE B 804 -16.69 73.30 -28.06
N ARG B 805 -15.98 72.19 -27.96
CA ARG B 805 -15.27 71.58 -29.09
C ARG B 805 -14.33 72.58 -29.78
N MET B 822 -11.70 73.29 -27.07
CA MET B 822 -11.84 71.86 -27.29
C MET B 822 -12.64 71.23 -26.16
N ASP B 823 -12.01 71.10 -24.99
CA ASP B 823 -12.72 70.64 -23.80
C ASP B 823 -12.33 71.49 -22.61
N CYS B 824 -13.33 72.12 -21.99
CA CYS B 824 -13.17 72.85 -20.73
C CYS B 824 -13.85 72.05 -19.64
N VAL B 825 -13.05 71.46 -18.76
CA VAL B 825 -13.54 70.47 -17.81
C VAL B 825 -13.51 71.05 -16.40
N ILE B 826 -14.29 70.43 -15.52
CA ILE B 826 -14.40 70.84 -14.12
C ILE B 826 -13.94 69.69 -13.25
N LEU B 827 -12.95 69.95 -12.40
CA LEU B 827 -12.39 68.94 -11.53
C LEU B 827 -12.36 69.46 -10.10
N ASP B 828 -12.35 68.55 -9.14
CA ASP B 828 -12.36 68.87 -7.72
C ASP B 828 -11.14 68.21 -7.05
N ASP B 829 -11.08 68.32 -5.72
CA ASP B 829 -10.13 67.54 -4.97
C ASP B 829 -10.30 66.07 -5.29
N GLY B 830 -9.21 65.38 -5.58
CA GLY B 830 -9.25 64.02 -6.04
C GLY B 830 -9.41 63.86 -7.53
N GLY B 831 -9.48 64.96 -8.27
CA GLY B 831 -9.49 64.89 -9.72
C GLY B 831 -10.68 64.15 -10.31
N PHE B 832 -11.88 64.44 -9.82
CA PHE B 832 -13.08 63.77 -10.29
C PHE B 832 -13.86 64.65 -11.25
N LEU B 833 -14.56 64.02 -12.18
CA LEU B 833 -15.15 64.70 -13.33
C LEU B 833 -16.55 65.18 -12.98
N LEU B 834 -16.67 66.43 -12.56
CA LEU B 834 -17.99 67.02 -12.32
C LEU B 834 -18.79 67.09 -13.62
N MET B 835 -18.18 67.64 -14.67
CA MET B 835 -18.74 67.59 -16.01
C MET B 835 -17.68 68.03 -16.99
N ALA B 836 -18.07 68.08 -18.26
CA ALA B 836 -17.27 68.70 -19.29
C ALA B 836 -18.18 69.41 -20.29
N ASN B 837 -17.60 70.22 -21.15
CA ASN B 837 -18.34 70.83 -22.26
C ASN B 837 -18.55 69.87 -23.42
N HIS B 838 -17.95 68.68 -23.34
CA HIS B 838 -17.97 67.75 -24.47
C HIS B 838 -19.34 67.14 -24.72
N ASP B 839 -20.22 67.14 -23.73
CA ASP B 839 -21.55 66.52 -23.74
C ASP B 839 -21.49 65.01 -23.87
N ASP B 840 -20.29 64.42 -23.96
CA ASP B 840 -20.11 62.98 -23.85
C ASP B 840 -19.42 62.57 -22.56
N TYR B 841 -18.48 63.37 -22.07
CA TYR B 841 -17.89 63.11 -20.76
C TYR B 841 -18.97 63.13 -19.68
N THR B 842 -19.93 64.04 -19.81
CA THR B 842 -21.02 64.13 -18.84
C THR B 842 -21.82 62.85 -18.74
N ASN B 843 -21.77 61.99 -19.76
CA ASN B 843 -22.37 60.67 -19.63
C ASN B 843 -21.65 59.84 -18.57
N GLN B 844 -20.33 59.92 -18.54
CA GLN B 844 -19.54 59.32 -17.45
C GLN B 844 -19.26 60.35 -16.36
N ILE B 845 -20.33 60.98 -15.88
CA ILE B 845 -20.23 61.95 -14.80
C ILE B 845 -19.90 61.24 -13.50
N GLY B 846 -18.95 61.79 -12.75
CA GLY B 846 -18.54 61.20 -11.50
C GLY B 846 -17.42 60.18 -11.59
N ARG B 847 -16.74 60.11 -12.73
CA ARG B 847 -15.60 59.21 -12.87
C ARG B 847 -14.31 59.94 -12.53
N PHE B 848 -13.29 59.17 -12.19
CA PHE B 848 -11.96 59.74 -12.04
C PHE B 848 -11.46 60.24 -13.39
N PHE B 849 -10.90 61.45 -13.40
CA PHE B 849 -10.50 62.04 -14.66
C PHE B 849 -9.37 61.25 -15.30
N GLY B 850 -8.58 60.53 -14.50
CA GLY B 850 -7.51 59.70 -15.03
C GLY B 850 -7.96 58.50 -15.80
N GLU B 851 -9.20 58.08 -15.60
CA GLU B 851 -9.73 56.94 -16.34
C GLU B 851 -10.05 57.31 -17.79
N ILE B 852 -9.97 58.58 -18.14
CA ILE B 852 -10.36 59.04 -19.47
C ILE B 852 -9.14 59.58 -20.24
N ASP B 853 -8.50 60.62 -19.70
CA ASP B 853 -7.35 61.26 -20.35
C ASP B 853 -6.21 61.35 -19.35
N PRO B 854 -5.57 60.23 -19.04
CA PRO B 854 -4.61 60.20 -17.93
C PRO B 854 -3.42 61.14 -18.09
N SER B 855 -2.97 61.38 -19.32
CA SER B 855 -1.79 62.20 -19.55
C SER B 855 -1.97 63.59 -18.94
N LEU B 856 -3.19 64.13 -19.02
CA LEU B 856 -3.49 65.46 -18.50
C LEU B 856 -3.08 65.59 -17.05
N MET B 857 -3.68 64.78 -16.18
CA MET B 857 -3.41 64.94 -14.77
C MET B 857 -2.15 64.23 -14.31
N ARG B 858 -1.57 63.33 -15.10
CA ARG B 858 -0.21 62.91 -14.80
C ARG B 858 0.74 64.09 -14.92
N HIS B 859 0.65 64.82 -16.03
CA HIS B 859 1.38 66.08 -16.15
C HIS B 859 1.04 66.99 -14.97
N LEU B 860 -0.26 67.18 -14.71
CA LEU B 860 -0.71 68.08 -13.65
C LEU B 860 -0.07 67.72 -12.30
N VAL B 861 0.00 66.43 -11.99
CA VAL B 861 0.71 65.98 -10.80
C VAL B 861 2.16 66.45 -10.86
N ASN B 862 2.77 66.38 -12.04
CA ASN B 862 4.15 66.85 -12.11
C ASN B 862 4.30 68.36 -11.98
N ILE B 863 3.30 69.15 -12.40
CA ILE B 863 3.30 70.57 -12.03
C ILE B 863 3.14 70.73 -10.53
N SER B 864 2.68 69.68 -9.84
CA SER B 864 2.35 69.72 -8.41
C SER B 864 1.16 70.64 -8.16
N VAL B 865 0.09 70.43 -8.91
CA VAL B 865 -1.23 70.94 -8.57
C VAL B 865 -1.98 69.82 -7.88
N TYR B 866 -1.57 68.58 -8.15
CA TYR B 866 -2.14 67.38 -7.57
C TYR B 866 -1.03 66.59 -6.89
N ALA B 867 -1.01 66.60 -5.56
CA ALA B 867 -0.21 65.62 -4.85
C ALA B 867 -0.99 64.33 -4.76
N PHE B 868 -0.44 63.34 -4.07
CA PHE B 868 -1.17 62.10 -3.84
C PHE B 868 -0.56 61.37 -2.65
N ASN B 869 -1.29 60.37 -2.18
CA ASN B 869 -0.81 59.46 -1.13
C ASN B 869 -1.30 58.06 -1.40
N LYS B 870 -0.38 57.11 -1.35
CA LYS B 870 -0.70 55.70 -1.43
C LYS B 870 -0.67 55.13 -0.02
N SER B 871 -1.76 54.51 0.39
CA SER B 871 -1.86 53.86 1.69
C SER B 871 -2.54 52.52 1.51
N TYR B 872 -2.25 51.59 2.40
CA TYR B 872 -2.78 50.24 2.32
C TYR B 872 -3.96 50.09 3.28
N ASP B 873 -4.91 49.27 2.88
CA ASP B 873 -6.05 48.92 3.71
C ASP B 873 -5.95 47.42 3.93
N TYR B 874 -5.24 47.02 4.99
CA TYR B 874 -5.01 45.62 5.28
C TYR B 874 -6.29 44.85 5.57
N GLN B 875 -7.42 45.55 5.67
CA GLN B 875 -8.62 44.95 6.22
C GLN B 875 -9.77 45.07 5.22
N SER B 876 -9.48 44.86 3.95
CA SER B 876 -10.45 45.04 2.86
C SER B 876 -10.66 43.72 2.13
N VAL B 877 -11.91 43.50 1.71
CA VAL B 877 -12.31 42.26 1.05
C VAL B 877 -11.83 42.28 -0.39
N CYS B 878 -11.57 41.10 -0.95
CA CYS B 878 -10.80 41.00 -2.19
C CYS B 878 -11.29 39.78 -2.97
N GLU B 879 -11.35 39.91 -4.28
CA GLU B 879 -11.84 38.83 -5.13
C GLU B 879 -10.82 37.69 -5.16
N PRO B 880 -11.26 36.43 -5.14
CA PRO B 880 -10.30 35.31 -5.15
C PRO B 880 -9.68 35.15 -6.52
N GLY B 881 -8.39 35.46 -6.62
CA GLY B 881 -7.63 35.33 -7.84
C GLY B 881 -7.15 33.90 -8.07
N ALA B 882 -6.57 33.71 -9.26
CA ALA B 882 -5.99 32.44 -9.66
C ALA B 882 -4.47 32.53 -9.59
N ALA B 883 -3.85 31.54 -8.95
CA ALA B 883 -2.40 31.53 -8.79
C ALA B 883 -1.68 31.44 -10.14
N SER B 944 -15.89 32.20 -0.02
CA SER B 944 -16.33 33.05 -1.12
C SER B 944 -15.31 34.15 -1.39
N LYS B 945 -15.18 35.07 -0.45
CA LYS B 945 -14.27 36.21 -0.58
C LYS B 945 -13.27 36.21 0.57
N GLN B 946 -12.05 36.65 0.28
CA GLN B 946 -10.94 36.56 1.21
C GLN B 946 -10.35 37.95 1.47
N SER B 947 -9.80 38.12 2.68
CA SER B 947 -9.17 39.37 3.09
C SER B 947 -7.88 39.59 2.30
N CYS B 948 -7.53 40.85 2.12
CA CYS B 948 -6.59 41.22 1.08
C CYS B 948 -6.06 42.63 1.25
N ILE B 949 -4.75 42.80 1.30
CA ILE B 949 -4.16 44.13 1.33
C ILE B 949 -4.48 44.81 0.00
N THR B 950 -5.08 45.99 0.06
CA THR B 950 -5.45 46.72 -1.14
C THR B 950 -4.92 48.14 -1.05
N GLU B 951 -3.88 48.43 -1.83
CA GLU B 951 -3.31 49.76 -1.89
C GLU B 951 -4.33 50.70 -2.50
N GLN B 952 -4.52 51.85 -1.88
CA GLN B 952 -5.48 52.83 -2.35
C GLN B 952 -4.84 54.21 -2.38
N THR B 953 -5.32 55.05 -3.29
CA THR B 953 -4.72 56.34 -3.56
C THR B 953 -5.78 57.43 -3.45
N GLN B 954 -5.37 58.61 -3.02
CA GLN B 954 -6.23 59.78 -3.01
C GLN B 954 -5.42 60.97 -3.49
N TYR B 955 -6.12 61.95 -4.05
CA TYR B 955 -5.48 63.14 -4.62
C TYR B 955 -6.08 64.38 -3.98
N PHE B 956 -5.31 65.47 -4.03
CA PHE B 956 -5.73 66.72 -3.42
C PHE B 956 -4.86 67.85 -3.96
N PHE B 957 -5.39 69.07 -3.88
CA PHE B 957 -4.68 70.25 -4.37
C PHE B 957 -3.43 70.47 -3.51
N ASP B 958 -2.26 70.22 -4.09
CA ASP B 958 -1.02 70.37 -3.35
C ASP B 958 -0.72 71.83 -3.04
N ASN B 959 -0.81 72.70 -4.04
CA ASN B 959 -0.44 74.10 -3.91
C ASN B 959 -1.64 74.94 -3.52
N ASP B 960 -1.36 76.13 -2.99
CA ASP B 960 -2.38 77.09 -2.63
C ASP B 960 -2.62 78.12 -3.73
N SER B 961 -1.86 78.07 -4.83
CA SER B 961 -2.06 79.01 -5.92
C SER B 961 -3.36 78.69 -6.65
N LYS B 962 -3.80 79.65 -7.47
CA LYS B 962 -5.11 79.57 -8.11
C LYS B 962 -5.06 79.41 -9.62
N SER B 963 -3.95 79.74 -10.26
CA SER B 963 -3.81 79.66 -11.71
C SER B 963 -2.59 78.83 -12.08
N PHE B 964 -2.79 77.86 -12.96
CA PHE B 964 -1.73 77.00 -13.46
C PHE B 964 -1.91 76.80 -14.96
N SER B 965 -0.90 77.21 -15.73
CA SER B 965 -0.96 77.14 -17.18
C SER B 965 0.27 76.44 -17.71
N GLY B 966 0.16 75.91 -18.92
CA GLY B 966 1.28 75.27 -19.56
C GLY B 966 0.85 74.60 -20.85
N VAL B 967 1.78 73.85 -21.42
CA VAL B 967 1.53 73.06 -22.61
C VAL B 967 1.90 71.61 -22.30
N LEU B 968 0.97 70.69 -22.53
CA LEU B 968 1.19 69.29 -22.24
C LEU B 968 2.11 68.70 -23.29
N ASP B 969 3.12 67.95 -22.83
CA ASP B 969 4.17 67.43 -23.72
C ASP B 969 3.80 66.01 -24.15
N CYS B 970 2.69 65.93 -24.90
CA CYS B 970 2.25 64.65 -25.44
C CYS B 970 3.25 64.16 -26.48
N GLY B 971 3.15 62.86 -26.80
CA GLY B 971 4.07 62.26 -27.73
C GLY B 971 4.04 62.89 -29.11
N ASN B 972 5.10 63.62 -29.44
CA ASN B 972 5.29 64.29 -30.73
C ASN B 972 4.20 65.30 -31.04
N CYS B 973 3.37 65.66 -30.07
CA CYS B 973 2.32 66.66 -30.27
C CYS B 973 2.40 67.66 -29.13
N SER B 974 1.53 68.67 -29.18
CA SER B 974 1.47 69.67 -28.13
C SER B 974 0.02 69.89 -27.73
N ARG B 975 -0.22 69.95 -26.42
CA ARG B 975 -1.54 70.20 -25.86
C ARG B 975 -1.46 71.40 -24.94
N ILE B 976 -2.23 72.44 -25.23
CA ILE B 976 -2.22 73.67 -24.46
C ILE B 976 -3.36 73.62 -23.43
N PHE B 977 -3.04 74.02 -22.20
CA PHE B 977 -4.03 73.96 -21.13
C PHE B 977 -3.85 75.16 -20.21
N HIS B 978 -4.90 75.45 -19.45
CA HIS B 978 -4.83 76.43 -18.37
C HIS B 978 -5.76 76.00 -17.26
N GLY B 979 -5.21 75.86 -16.05
CA GLY B 979 -6.00 75.47 -14.90
C GLY B 979 -6.26 76.64 -13.98
N GLU B 980 -7.53 76.97 -13.78
CA GLU B 980 -7.93 78.06 -12.90
C GLU B 980 -8.77 77.49 -11.76
N LYS B 981 -8.33 77.73 -10.53
CA LYS B 981 -9.02 77.22 -9.36
C LYS B 981 -10.08 78.24 -8.93
N LEU B 982 -11.34 77.83 -8.98
CA LEU B 982 -12.44 78.71 -8.58
C LEU B 982 -12.27 79.09 -7.11
N MET B 983 -12.47 80.38 -6.83
CA MET B 983 -12.30 80.88 -5.48
C MET B 983 -13.43 80.43 -4.56
N ASN B 984 -13.10 80.26 -3.28
CA ASN B 984 -14.07 79.93 -2.23
C ASN B 984 -14.84 78.65 -2.58
N THR B 985 -14.10 77.65 -3.06
CA THR B 985 -14.67 76.33 -3.34
C THR B 985 -13.51 75.36 -3.58
N ASN B 986 -13.87 74.11 -3.83
CA ASN B 986 -12.89 73.04 -4.05
C ASN B 986 -12.81 72.61 -5.51
N LEU B 987 -13.23 73.47 -6.43
CA LEU B 987 -13.29 73.12 -7.85
C LEU B 987 -12.17 73.80 -8.61
N ILE B 988 -11.71 73.14 -9.68
CA ILE B 988 -10.72 73.70 -10.58
C ILE B 988 -11.29 73.72 -12.00
N PHE B 989 -10.86 74.71 -12.78
CA PHE B 989 -11.26 74.85 -14.17
C PHE B 989 -10.04 74.61 -15.05
N ILE B 990 -10.01 73.45 -15.70
CA ILE B 990 -8.92 73.09 -16.60
C ILE B 990 -9.34 73.49 -18.00
N MET B 991 -8.69 74.52 -18.54
CA MET B 991 -8.98 75.01 -19.89
C MET B 991 -7.92 74.47 -20.85
N VAL B 992 -8.07 73.19 -21.19
CA VAL B 992 -7.21 72.57 -22.19
C VAL B 992 -7.83 72.76 -23.57
N GLU B 993 -6.98 73.07 -24.56
CA GLU B 993 -7.44 73.20 -25.94
C GLU B 993 -6.64 72.21 -26.79
N SER B 994 -7.05 70.95 -26.75
CA SER B 994 -6.53 69.92 -27.65
C SER B 994 -7.39 68.68 -27.59
N LYS B 995 -8.05 68.31 -28.68
CA LYS B 995 -8.85 67.09 -28.72
C LYS B 995 -8.75 66.48 -30.11
N GLY B 996 -8.79 65.15 -30.15
CA GLY B 996 -8.65 64.43 -31.39
C GLY B 996 -7.23 64.36 -31.92
N THR B 997 -6.26 64.76 -31.11
CA THR B 997 -4.85 64.72 -31.51
C THR B 997 -4.30 63.32 -31.28
N CYS B 998 -2.97 63.19 -31.35
CA CYS B 998 -2.34 61.89 -31.17
C CYS B 998 -2.63 61.36 -29.77
N PRO B 999 -2.74 60.04 -29.60
CA PRO B 999 -3.07 59.47 -28.27
C PRO B 999 -1.82 59.30 -27.42
N CYS B 1000 -1.85 59.89 -26.22
CA CYS B 1000 -0.82 59.66 -25.21
C CYS B 1000 -1.33 58.77 -24.07
N ASP B 1001 -2.41 58.04 -24.29
CA ASP B 1001 -3.01 57.19 -23.27
C ASP B 1001 -2.27 55.85 -23.22
N THR B 1002 -1.02 55.92 -22.75
CA THR B 1002 -0.21 54.70 -22.63
C THR B 1002 -0.70 53.83 -21.48
N ARG B 1003 -0.96 54.42 -20.32
CA ARG B 1003 -1.53 53.73 -19.17
C ARG B 1003 -2.66 54.59 -18.64
N LEU B 1004 -3.18 54.23 -17.48
CA LEU B 1004 -4.22 55.02 -16.83
C LEU B 1004 -3.87 55.21 -15.36
N LEU B 1005 -4.42 56.27 -14.77
CA LEU B 1005 -4.34 56.49 -13.34
C LEU B 1005 -5.63 55.96 -12.72
N ILE B 1006 -5.56 54.74 -12.20
CA ILE B 1006 -6.74 54.10 -11.61
C ILE B 1006 -6.74 54.39 -10.11
N GLN B 1007 -7.54 55.36 -9.68
CA GLN B 1007 -7.69 55.68 -8.26
C GLN B 1007 -8.80 54.80 -7.70
N ALA B 1008 -8.45 53.57 -7.34
CA ALA B 1008 -9.41 52.62 -6.82
C ALA B 1008 -8.68 51.62 -5.94
N GLU B 1009 -9.44 50.86 -5.17
CA GLU B 1009 -8.86 49.86 -4.29
C GLU B 1009 -8.36 48.69 -5.12
N GLN B 1010 -7.13 48.80 -5.60
CA GLN B 1010 -6.55 47.77 -6.46
C GLN B 1010 -5.83 46.72 -5.60
N THR B 1011 -6.09 45.45 -5.89
CA THR B 1011 -5.41 44.38 -5.19
C THR B 1011 -3.90 44.51 -5.35
N SER B 1012 -3.18 44.41 -4.25
CA SER B 1012 -1.73 44.48 -4.28
C SER B 1012 -1.17 43.65 -3.15
N ASP B 1013 0.11 43.31 -3.26
CA ASP B 1013 0.82 42.84 -2.10
C ASP B 1013 1.05 44.01 -1.16
N GLY B 1014 1.36 43.71 0.10
CA GLY B 1014 1.59 44.75 1.06
C GLY B 1014 2.95 45.36 0.89
N PRO B 1015 3.41 46.11 1.90
CA PRO B 1015 4.81 46.56 1.88
C PRO B 1015 5.72 45.36 2.00
N ASN B 1016 6.93 45.49 1.47
CA ASN B 1016 7.86 44.38 1.46
C ASN B 1016 8.26 44.05 2.89
N PRO B 1017 7.79 42.93 3.45
CA PRO B 1017 8.06 42.63 4.85
C PRO B 1017 9.51 42.28 5.12
N CYS B 1018 10.30 42.00 4.09
CA CYS B 1018 11.73 41.79 4.30
C CYS B 1018 12.47 43.09 4.51
N ASP B 1019 11.84 44.22 4.21
CA ASP B 1019 12.46 45.54 4.36
C ASP B 1019 12.08 46.19 5.68
N MET B 1020 10.83 46.00 6.12
CA MET B 1020 10.37 46.58 7.37
C MET B 1020 10.67 45.72 8.59
N VAL B 1021 11.62 44.80 8.48
CA VAL B 1021 12.19 44.16 9.66
C VAL B 1021 13.61 44.64 9.93
N LYS B 1022 14.19 45.45 9.04
CA LYS B 1022 15.49 46.03 9.30
C LYS B 1022 15.38 47.25 10.20
N GLN B 1023 14.38 48.10 9.97
CA GLN B 1023 14.07 49.23 10.83
C GLN B 1023 12.58 49.18 11.20
N PRO B 1024 12.21 48.23 12.07
CA PRO B 1024 10.81 48.07 12.42
C PRO B 1024 10.33 49.17 13.35
N ARG B 1025 9.01 49.31 13.42
CA ARG B 1025 8.41 50.35 14.24
C ARG B 1025 8.77 50.15 15.70
N TYR B 1026 8.68 51.25 16.46
CA TYR B 1026 8.96 51.16 17.89
C TYR B 1026 7.92 50.27 18.55
N ARG B 1027 8.35 49.54 19.57
CA ARG B 1027 7.53 48.51 20.17
C ARG B 1027 8.12 48.15 21.52
N LYS B 1028 7.29 48.11 22.56
CA LYS B 1028 7.73 47.81 23.91
C LYS B 1028 7.18 46.46 24.35
N GLY B 1029 8.08 45.55 24.73
CA GLY B 1029 7.68 44.22 25.11
C GLY B 1029 7.19 44.17 26.54
N PRO B 1030 6.66 43.02 26.95
CA PRO B 1030 6.18 42.88 28.33
C PRO B 1030 7.32 43.09 29.33
N ASP B 1031 6.97 43.70 30.46
CA ASP B 1031 8.00 44.10 31.42
C ASP B 1031 8.61 42.88 32.12
N VAL B 1032 7.79 41.92 32.50
CA VAL B 1032 8.22 40.80 33.35
C VAL B 1032 7.92 39.48 32.65
N CYS B 1033 8.86 38.54 32.76
CA CYS B 1033 8.66 37.21 32.24
C CYS B 1033 9.49 36.24 33.08
N PHE B 1034 9.05 34.99 33.11
CA PHE B 1034 9.60 33.98 34.00
C PHE B 1034 10.24 32.87 33.18
N ASP B 1035 11.57 32.74 33.29
CA ASP B 1035 12.30 31.62 32.74
C ASP B 1035 13.46 31.29 33.66
N ASN B 1036 14.09 30.14 33.41
CA ASN B 1036 15.33 29.73 34.07
C ASN B 1036 15.19 29.81 35.60
N ASN B 1037 14.34 28.95 36.11
CA ASN B 1037 14.22 28.74 37.56
C ASN B 1037 14.99 27.50 37.95
N VAL B 1038 15.80 27.65 39.01
CA VAL B 1038 16.73 26.58 39.41
C VAL B 1038 16.02 25.41 40.09
N LEU B 1039 14.91 25.64 40.77
CA LEU B 1039 14.15 24.58 41.40
C LEU B 1039 13.43 23.69 40.40
N GLU B 1040 13.58 23.97 39.11
CA GLU B 1040 12.86 23.24 38.07
C GLU B 1040 13.38 21.81 37.94
N ASP B 1041 12.48 20.90 37.59
CA ASP B 1041 12.78 19.47 37.52
C ASP B 1041 12.98 19.06 36.07
N TYR B 1042 14.23 18.89 35.68
CA TYR B 1042 14.60 18.66 34.28
C TYR B 1042 14.48 17.21 33.87
N THR B 1043 14.06 16.32 34.77
CA THR B 1043 14.11 14.88 34.55
C THR B 1043 12.98 14.36 33.69
N ASP B 1044 12.31 15.24 32.95
CA ASP B 1044 11.08 14.88 32.26
C ASP B 1044 11.17 15.14 30.76
N CYS B 1045 12.21 14.61 30.10
CA CYS B 1045 12.34 14.82 28.66
C CYS B 1045 11.25 14.06 27.89
N GLY B 1046 11.26 12.74 27.99
CA GLY B 1046 10.30 11.94 27.25
C GLY B 1046 10.91 11.02 26.23
N PRO C 227 30.11 -92.52 16.06
CA PRO C 227 29.44 -92.23 17.33
C PRO C 227 27.92 -92.42 17.25
N SER C 228 27.24 -92.30 18.38
CA SER C 228 25.79 -92.47 18.42
C SER C 228 25.07 -91.24 17.85
N MET C 229 25.28 -90.08 18.47
CA MET C 229 24.84 -88.81 17.91
C MET C 229 26.04 -87.99 17.48
N ARG C 230 26.02 -87.52 16.25
CA ARG C 230 27.08 -86.68 15.72
C ARG C 230 27.16 -85.40 16.53
N PRO C 231 28.33 -85.03 17.06
CA PRO C 231 28.41 -83.83 17.90
C PRO C 231 28.21 -82.56 17.10
N ILE C 232 27.78 -81.51 17.79
CA ILE C 232 27.53 -80.21 17.19
C ILE C 232 28.68 -79.29 17.54
N ILE C 233 29.31 -78.71 16.52
CA ILE C 233 30.40 -77.76 16.70
C ILE C 233 30.21 -76.61 15.73
N LEU C 234 30.33 -75.39 16.24
CA LEU C 234 30.03 -74.17 15.50
C LEU C 234 31.32 -73.42 15.18
N VAL C 235 31.32 -72.74 14.04
CA VAL C 235 32.51 -72.05 13.55
C VAL C 235 32.08 -71.09 12.45
N GLY C 236 32.90 -70.09 12.18
CA GLY C 236 32.77 -69.33 10.95
C GLY C 236 32.90 -67.82 10.98
N PRO C 237 32.38 -67.13 12.01
CA PRO C 237 32.51 -65.67 12.03
C PRO C 237 33.96 -65.20 12.04
N SER C 238 34.69 -65.59 13.09
CA SER C 238 36.09 -65.19 13.27
C SER C 238 36.70 -66.15 14.29
N LEU C 239 37.88 -65.79 14.79
CA LEU C 239 38.53 -66.58 15.81
C LEU C 239 37.67 -66.63 17.08
N LYS C 240 37.60 -67.80 17.70
CA LYS C 240 36.97 -67.89 19.00
C LYS C 240 37.82 -67.20 20.05
N GLY C 241 37.16 -66.75 21.12
CA GLY C 241 37.78 -65.89 22.10
C GLY C 241 37.50 -64.41 21.87
N TYR C 242 37.43 -63.98 20.62
CA TYR C 242 37.01 -62.62 20.31
C TYR C 242 35.53 -62.46 20.60
N GLU C 243 35.16 -61.27 21.08
CA GLU C 243 33.80 -61.05 21.56
C GLU C 243 32.76 -61.31 20.47
N VAL C 244 33.13 -61.06 19.21
CA VAL C 244 32.16 -61.19 18.11
C VAL C 244 31.74 -62.65 17.97
N THR C 245 32.68 -63.54 17.67
CA THR C 245 32.35 -64.95 17.50
C THR C 245 31.88 -65.55 18.83
N ASP C 246 32.48 -65.12 19.94
CA ASP C 246 32.05 -65.63 21.25
C ASP C 246 30.56 -65.39 21.46
N MET C 247 30.13 -64.14 21.30
CA MET C 247 28.71 -63.84 21.50
C MET C 247 27.84 -64.47 20.44
N MET C 248 28.32 -64.58 19.21
CA MET C 248 27.55 -65.23 18.15
C MET C 248 27.21 -66.66 18.56
N GLN C 249 28.25 -67.43 18.92
CA GLN C 249 28.05 -68.82 19.30
C GLN C 249 27.25 -68.94 20.59
N LYS C 250 27.48 -68.05 21.56
CA LYS C 250 26.77 -68.16 22.82
C LYS C 250 25.28 -67.85 22.66
N ALA C 251 24.94 -66.89 21.79
CA ALA C 251 23.54 -66.64 21.49
C ALA C 251 22.90 -67.84 20.79
N LEU C 252 23.62 -68.44 19.82
CA LEU C 252 23.07 -69.61 19.16
C LEU C 252 22.86 -70.76 20.15
N PHE C 253 23.79 -70.94 21.07
CA PHE C 253 23.66 -72.01 22.07
C PHE C 253 22.56 -71.71 23.07
N ASP C 254 22.35 -70.43 23.39
CA ASP C 254 21.21 -70.07 24.22
C ASP C 254 19.90 -70.40 23.53
N PHE C 255 19.83 -70.17 22.22
CA PHE C 255 18.67 -70.63 21.46
C PHE C 255 18.50 -72.13 21.56
N LEU C 256 19.58 -72.88 21.35
CA LEU C 256 19.52 -74.34 21.43
C LEU C 256 19.02 -74.79 22.79
N LYS C 257 19.54 -74.20 23.86
CA LYS C 257 19.13 -74.56 25.21
C LYS C 257 17.65 -74.25 25.44
N HIS C 258 17.29 -72.96 25.36
CA HIS C 258 15.94 -72.58 25.78
C HIS C 258 14.85 -73.03 24.82
N ARG C 259 15.20 -73.46 23.60
CA ARG C 259 14.19 -74.07 22.74
C ARG C 259 14.10 -75.58 22.93
N PHE C 260 15.26 -76.24 23.10
CA PHE C 260 15.33 -77.68 23.22
C PHE C 260 15.65 -78.09 24.66
N ASP C 261 15.10 -77.37 25.63
CA ASP C 261 15.42 -77.60 27.03
C ASP C 261 15.04 -79.01 27.45
N GLY C 262 16.03 -79.76 27.94
CA GLY C 262 15.82 -81.13 28.33
C GLY C 262 16.17 -82.16 27.29
N ARG C 263 16.85 -81.78 26.22
CA ARG C 263 17.28 -82.74 25.20
C ARG C 263 18.73 -82.61 24.79
N ILE C 264 19.35 -81.43 24.93
CA ILE C 264 20.77 -81.23 24.65
C ILE C 264 21.45 -80.78 25.94
N SER C 265 22.61 -81.39 26.22
CA SER C 265 23.51 -80.93 27.27
C SER C 265 24.67 -80.19 26.64
N ILE C 266 25.00 -79.04 27.22
CA ILE C 266 26.04 -78.15 26.70
C ILE C 266 27.34 -78.43 27.45
N THR C 267 28.42 -78.62 26.71
CA THR C 267 29.73 -78.89 27.31
C THR C 267 30.72 -77.84 26.84
N ARG C 268 31.60 -77.43 27.75
CA ARG C 268 32.67 -76.49 27.44
C ARG C 268 33.99 -77.24 27.33
N VAL C 269 34.73 -76.98 26.25
CA VAL C 269 35.96 -77.71 25.95
C VAL C 269 37.12 -76.73 26.02
N THR C 270 38.18 -77.13 26.73
CA THR C 270 39.39 -76.34 26.85
C THR C 270 40.62 -77.09 26.37
N ALA C 271 40.46 -78.30 25.83
CA ALA C 271 41.56 -79.09 25.32
C ALA C 271 41.51 -79.11 23.80
N ASP C 272 42.69 -79.06 23.17
CA ASP C 272 42.78 -79.00 21.71
C ASP C 272 42.33 -80.33 21.13
N ILE C 273 41.13 -80.37 20.56
CA ILE C 273 40.61 -81.58 19.94
C ILE C 273 41.44 -82.01 18.73
N SER C 274 41.98 -81.06 17.98
CA SER C 274 42.77 -81.40 16.80
C SER C 274 44.02 -82.21 17.14
N LEU C 275 44.48 -82.16 18.40
CA LEU C 275 45.67 -82.87 18.81
C LEU C 275 45.41 -84.32 19.19
N ALA C 276 44.17 -84.78 19.12
CA ALA C 276 43.84 -86.16 19.45
C ALA C 276 44.40 -87.12 18.40
N GLU C 301 45.80 -85.03 28.85
CA GLU C 301 44.50 -84.43 29.13
C GLU C 301 43.76 -84.11 27.85
N VAL C 302 44.48 -84.08 26.72
CA VAL C 302 43.86 -83.83 25.43
C VAL C 302 42.87 -84.93 25.09
N GLN C 303 43.28 -86.19 25.26
CA GLN C 303 42.38 -87.30 24.98
C GLN C 303 41.53 -87.65 26.18
N SER C 304 41.76 -86.99 27.32
CA SER C 304 40.99 -87.30 28.52
C SER C 304 39.52 -86.93 28.36
N GLU C 305 39.21 -85.96 27.52
CA GLU C 305 37.84 -85.47 27.40
C GLU C 305 37.10 -86.05 26.19
N ILE C 306 37.79 -86.75 25.29
CA ILE C 306 37.13 -87.25 24.09
C ILE C 306 36.07 -88.28 24.44
N GLU C 307 36.40 -89.21 25.35
CA GLU C 307 35.41 -90.20 25.77
C GLU C 307 34.33 -89.55 26.63
N ARG C 308 34.67 -88.46 27.33
CA ARG C 308 33.67 -87.69 28.04
C ARG C 308 32.64 -87.13 27.08
N ILE C 309 33.08 -86.61 25.93
CA ILE C 309 32.14 -86.21 24.89
C ILE C 309 31.39 -87.42 24.36
N PHE C 310 32.09 -88.54 24.17
CA PHE C 310 31.43 -89.77 23.71
C PHE C 310 30.35 -90.20 24.68
N GLU C 311 30.65 -90.22 25.99
CA GLU C 311 29.71 -90.81 26.93
C GLU C 311 28.51 -89.89 27.21
N LEU C 312 28.59 -88.62 26.81
CA LEU C 312 27.36 -87.83 26.69
C LEU C 312 26.74 -88.01 25.32
N ALA C 313 27.55 -88.31 24.30
CA ALA C 313 27.04 -88.65 22.98
C ALA C 313 26.54 -90.09 22.91
N ARG C 314 26.91 -90.92 23.89
CA ARG C 314 26.44 -92.30 23.96
C ARG C 314 25.19 -92.44 24.83
N THR C 315 24.41 -91.38 24.98
CA THR C 315 23.18 -91.40 25.77
C THR C 315 21.97 -91.03 24.93
N LEU C 316 22.02 -91.25 23.62
CA LEU C 316 20.89 -91.01 22.72
C LEU C 316 20.44 -89.55 22.76
N GLN C 317 21.38 -88.65 23.05
CA GLN C 317 21.08 -87.24 23.25
C GLN C 317 22.14 -86.38 22.59
N LEU C 318 21.71 -85.28 21.97
CA LEU C 318 22.62 -84.40 21.28
C LEU C 318 23.43 -83.55 22.26
N VAL C 319 24.64 -83.18 21.85
CA VAL C 319 25.56 -82.38 22.66
C VAL C 319 26.12 -81.26 21.77
N ALA C 320 26.19 -80.06 22.33
CA ALA C 320 26.82 -78.92 21.67
C ALA C 320 28.22 -78.72 22.23
N LEU C 321 29.21 -78.62 21.34
CA LEU C 321 30.61 -78.60 21.72
C LEU C 321 31.13 -77.17 21.70
N ASP C 322 31.33 -76.61 22.90
CA ASP C 322 31.85 -75.24 23.05
C ASP C 322 33.37 -75.27 23.01
N ALA C 323 33.90 -75.61 21.82
CA ALA C 323 35.34 -75.61 21.61
C ALA C 323 35.89 -74.19 21.68
N ASP C 324 37.20 -74.10 21.85
CA ASP C 324 37.86 -72.80 21.99
C ASP C 324 39.17 -72.72 21.21
N THR C 325 39.48 -73.71 20.37
CA THR C 325 40.72 -73.70 19.61
C THR C 325 40.55 -74.06 18.13
N ILE C 326 39.40 -74.59 17.71
CA ILE C 326 39.17 -74.93 16.32
C ILE C 326 38.42 -73.79 15.64
N ASN C 327 39.00 -73.27 14.56
CA ASN C 327 38.39 -72.18 13.79
C ASN C 327 38.60 -72.43 12.30
N HIS C 328 38.38 -73.67 11.86
CA HIS C 328 38.56 -74.01 10.45
C HIS C 328 37.94 -75.35 10.13
N PRO C 329 37.44 -75.55 8.90
CA PRO C 329 36.95 -76.88 8.52
C PRO C 329 38.06 -77.89 8.32
N ALA C 330 39.16 -77.48 7.66
CA ALA C 330 40.28 -78.39 7.45
C ALA C 330 41.06 -78.67 8.73
N GLN C 331 41.03 -77.74 9.69
CA GLN C 331 41.76 -77.95 10.94
C GLN C 331 41.19 -79.10 11.76
N LEU C 332 39.96 -79.54 11.45
CA LEU C 332 39.39 -80.73 12.08
C LEU C 332 38.94 -81.72 11.03
N SER C 333 39.73 -81.91 9.97
CA SER C 333 39.46 -82.96 9.00
C SER C 333 40.15 -84.26 9.34
N LYS C 334 40.86 -84.33 10.47
CA LYS C 334 41.63 -85.51 10.83
C LYS C 334 40.97 -86.33 11.92
N THR C 335 40.27 -85.70 12.85
CA THR C 335 39.72 -86.41 14.00
C THR C 335 38.57 -87.32 13.58
N SER C 336 38.30 -88.31 14.43
CA SER C 336 37.24 -89.28 14.22
C SER C 336 35.91 -88.87 14.86
N LEU C 337 35.83 -87.64 15.38
CA LEU C 337 34.59 -87.21 16.04
C LEU C 337 33.44 -87.11 15.05
N ALA C 338 33.75 -86.75 13.80
CA ALA C 338 32.75 -86.58 12.74
C ALA C 338 31.59 -85.69 13.18
N PRO C 339 31.86 -84.43 13.57
CA PRO C 339 30.79 -83.57 14.06
C PRO C 339 29.94 -83.04 12.90
N ILE C 340 28.85 -82.38 13.28
CA ILE C 340 28.05 -81.63 12.32
C ILE C 340 28.53 -80.20 12.32
N ILE C 341 29.01 -79.74 11.16
CA ILE C 341 29.71 -78.47 11.04
C ILE C 341 28.72 -77.44 10.52
N VAL C 342 28.06 -76.75 11.43
CA VAL C 342 27.18 -75.64 11.09
C VAL C 342 28.04 -74.39 10.93
N TYR C 343 27.81 -73.65 9.85
CA TYR C 343 28.66 -72.51 9.48
C TYR C 343 27.88 -71.22 9.69
N ILE C 344 28.31 -70.43 10.68
CA ILE C 344 27.76 -69.10 10.91
C ILE C 344 28.49 -68.17 9.93
N LYS C 345 27.86 -67.94 8.78
CA LYS C 345 28.52 -67.29 7.65
C LYS C 345 28.27 -65.79 7.68
N ILE C 346 29.32 -65.03 7.41
CA ILE C 346 29.23 -63.59 7.18
C ILE C 346 29.49 -63.39 5.69
N THR C 347 28.62 -62.62 5.02
CA THR C 347 28.60 -62.55 3.58
C THR C 347 29.20 -61.27 3.02
N SER C 348 30.00 -60.55 3.81
CA SER C 348 30.62 -59.33 3.34
C SER C 348 31.71 -58.91 4.32
N PRO C 349 32.87 -58.47 3.84
CA PRO C 349 33.87 -57.93 4.77
C PRO C 349 33.42 -56.66 5.47
N LYS C 350 32.67 -55.78 4.78
CA LYS C 350 32.36 -54.46 5.31
C LYS C 350 31.52 -54.55 6.59
N VAL C 351 30.49 -55.40 6.56
CA VAL C 351 29.71 -55.63 7.77
C VAL C 351 30.59 -56.18 8.88
N LEU C 352 31.60 -56.96 8.53
CA LEU C 352 32.49 -57.53 9.54
C LEU C 352 33.33 -56.46 10.21
N GLN C 353 33.96 -55.58 9.43
CA GLN C 353 34.73 -54.51 10.06
C GLN C 353 33.84 -53.60 10.88
N ARG C 354 32.64 -53.25 10.36
CA ARG C 354 31.74 -52.41 11.13
C ARG C 354 31.34 -53.07 12.44
N LEU C 355 31.04 -54.37 12.40
CA LEU C 355 30.63 -55.10 13.60
C LEU C 355 31.75 -55.10 14.64
N ILE C 356 32.97 -55.46 14.24
CA ILE C 356 34.06 -55.51 15.20
C ILE C 356 34.36 -54.12 15.77
N LYS C 357 34.36 -53.10 14.90
CA LYS C 357 34.62 -51.75 15.38
C LYS C 357 33.56 -51.30 16.38
N SER C 358 32.30 -51.65 16.11
CA SER C 358 31.21 -51.23 17.00
C SER C 358 31.25 -51.95 18.34
N ARG C 359 32.03 -53.02 18.48
CA ARG C 359 32.07 -53.79 19.71
C ARG C 359 33.24 -53.30 20.59
N GLY C 360 33.08 -52.09 21.09
CA GLY C 360 34.08 -51.50 21.96
C GLY C 360 35.35 -51.13 21.21
N LYS C 361 36.42 -50.91 21.98
CA LYS C 361 37.72 -50.56 21.42
C LYS C 361 38.80 -51.61 21.70
N SER C 362 38.59 -52.51 22.67
CA SER C 362 39.58 -53.55 22.92
C SER C 362 39.73 -54.45 21.70
N GLN C 363 38.63 -54.78 21.03
CA GLN C 363 38.66 -55.51 19.78
C GLN C 363 39.16 -54.67 18.61
N SER C 364 39.05 -53.33 18.69
CA SER C 364 39.47 -52.47 17.60
C SER C 364 40.96 -52.60 17.30
N LYS C 365 41.77 -53.02 18.27
CA LYS C 365 43.19 -53.25 18.03
C LYS C 365 43.46 -54.62 17.42
N HIS C 366 42.42 -55.45 17.24
CA HIS C 366 42.58 -56.79 16.69
C HIS C 366 41.74 -56.97 15.43
N LEU C 367 41.33 -55.87 14.81
CA LEU C 367 40.47 -55.95 13.63
C LEU C 367 41.16 -56.68 12.49
N ASN C 368 42.43 -56.39 12.26
CA ASN C 368 43.14 -56.93 11.09
C ASN C 368 43.23 -58.45 11.14
N VAL C 369 43.58 -59.01 12.31
CA VAL C 369 43.76 -60.46 12.40
C VAL C 369 42.43 -61.18 12.25
N GLN C 370 41.36 -60.65 12.85
CA GLN C 370 40.05 -61.26 12.68
C GLN C 370 39.59 -61.19 11.23
N ILE C 371 39.86 -60.06 10.56
CA ILE C 371 39.50 -59.95 9.14
C ILE C 371 40.27 -60.98 8.32
N ALA C 372 41.56 -61.16 8.61
CA ALA C 372 42.36 -62.12 7.87
C ALA C 372 41.83 -63.54 8.07
N ALA C 373 41.52 -63.91 9.32
CA ALA C 373 41.01 -65.25 9.57
C ALA C 373 39.63 -65.45 8.95
N SER C 374 38.82 -64.40 8.93
CA SER C 374 37.51 -64.50 8.29
C SER C 374 37.66 -64.70 6.78
N GLU C 375 38.62 -64.01 6.17
CA GLU C 375 38.92 -64.25 4.76
C GLU C 375 39.35 -65.70 4.54
N LYS C 376 40.27 -66.19 5.39
CA LYS C 376 40.73 -67.57 5.30
C LYS C 376 39.57 -68.54 5.38
N LEU C 377 38.63 -68.31 6.31
CA LEU C 377 37.43 -69.13 6.39
C LEU C 377 36.59 -69.01 5.12
N ALA C 378 36.47 -67.81 4.58
CA ALA C 378 35.64 -67.60 3.39
C ALA C 378 36.15 -68.41 2.21
N GLN C 379 37.47 -68.44 2.01
CA GLN C 379 37.99 -69.22 0.88
C GLN C 379 37.86 -70.72 1.06
N CYS C 380 37.49 -71.19 2.25
CA CYS C 380 37.28 -72.62 2.44
C CYS C 380 36.10 -73.08 1.60
N PRO C 381 36.14 -74.29 1.04
CA PRO C 381 35.06 -74.74 0.18
C PRO C 381 33.76 -74.87 0.95
N PRO C 382 32.63 -74.62 0.30
CA PRO C 382 31.34 -74.64 1.05
C PRO C 382 30.93 -76.01 1.55
N GLU C 383 31.24 -77.08 0.81
CA GLU C 383 30.80 -78.40 1.23
C GLU C 383 31.49 -78.89 2.50
N MET C 384 32.59 -78.25 2.90
CA MET C 384 33.25 -78.61 4.15
C MET C 384 32.42 -78.26 5.37
N PHE C 385 31.34 -77.51 5.21
CA PHE C 385 30.41 -77.19 6.29
C PHE C 385 29.10 -77.93 6.09
N ASP C 386 28.62 -78.55 7.15
CA ASP C 386 27.37 -79.30 7.06
C ASP C 386 26.18 -78.38 6.81
N ILE C 387 26.14 -77.24 7.50
CA ILE C 387 25.06 -76.27 7.38
C ILE C 387 25.68 -74.92 7.05
N ILE C 388 24.90 -74.08 6.35
CA ILE C 388 25.29 -72.71 6.07
C ILE C 388 24.28 -71.79 6.76
N LEU C 389 24.79 -70.86 7.57
CA LEU C 389 23.96 -69.87 8.25
C LEU C 389 24.52 -68.49 7.93
N ASP C 390 24.09 -67.94 6.80
CA ASP C 390 24.37 -66.55 6.44
C ASP C 390 23.19 -65.64 6.73
N GLU C 391 22.14 -66.16 7.36
CA GLU C 391 20.94 -65.38 7.60
C GLU C 391 21.20 -64.26 8.60
N ASN C 392 20.49 -63.15 8.43
CA ASN C 392 20.68 -61.98 9.26
C ASN C 392 19.86 -62.04 10.55
N GLN C 393 18.56 -62.29 10.42
CA GLN C 393 17.68 -62.30 11.58
C GLN C 393 17.92 -63.54 12.44
N LEU C 394 17.81 -63.36 13.75
CA LEU C 394 17.97 -64.48 14.67
C LEU C 394 16.93 -65.56 14.40
N GLU C 395 15.69 -65.16 14.11
CA GLU C 395 14.64 -66.12 13.86
C GLU C 395 14.96 -67.01 12.66
N ASP C 396 15.49 -66.43 11.59
CA ASP C 396 15.74 -67.21 10.38
C ASP C 396 16.78 -68.29 10.61
N ALA C 397 17.94 -67.92 11.14
CA ALA C 397 19.00 -68.91 11.35
C ALA C 397 18.64 -69.89 12.45
N CYS C 398 17.93 -69.41 13.48
CA CYS C 398 17.47 -70.31 14.53
C CYS C 398 16.52 -71.37 13.97
N GLU C 399 15.57 -70.96 13.13
CA GLU C 399 14.67 -71.92 12.51
C GLU C 399 15.41 -72.85 11.55
N HIS C 400 16.41 -72.31 10.84
CA HIS C 400 17.18 -73.15 9.91
C HIS C 400 17.91 -74.26 10.66
N LEU C 401 18.67 -73.89 11.69
CA LEU C 401 19.40 -74.88 12.48
C LEU C 401 18.44 -75.81 13.22
N ALA C 402 17.33 -75.28 13.74
CA ALA C 402 16.37 -76.11 14.45
C ALA C 402 15.74 -77.15 13.53
N GLU C 403 15.41 -76.75 12.29
CA GLU C 403 14.83 -77.71 11.36
C GLU C 403 15.85 -78.76 10.94
N TYR C 404 17.11 -78.37 10.75
CA TYR C 404 18.11 -79.38 10.39
C TYR C 404 18.33 -80.36 11.55
N LEU C 405 18.41 -79.85 12.79
CA LEU C 405 18.56 -80.73 13.93
C LEU C 405 17.34 -81.61 14.13
N GLU C 406 16.15 -81.07 13.83
CA GLU C 406 14.93 -81.87 13.90
C GLU C 406 14.96 -82.99 12.86
N ALA C 407 15.44 -82.71 11.65
CA ALA C 407 15.59 -83.75 10.65
C ALA C 407 16.54 -84.84 11.13
N TYR C 408 17.67 -84.43 11.70
CA TYR C 408 18.61 -85.41 12.23
C TYR C 408 17.98 -86.24 13.35
N TRP C 409 17.22 -85.58 14.23
CA TRP C 409 16.62 -86.28 15.37
C TRP C 409 15.54 -87.25 14.92
N LYS C 410 14.78 -86.89 13.88
CA LYS C 410 13.77 -87.81 13.36
C LYS C 410 14.41 -88.96 12.60
N ALA C 411 15.55 -88.70 11.95
CA ALA C 411 16.28 -89.79 11.31
C ALA C 411 16.87 -90.75 12.33
N THR C 412 17.34 -90.23 13.46
CA THR C 412 17.88 -91.08 14.52
C THR C 412 17.16 -90.84 15.84
C1 NAG D . 1.54 62.29 1.20
C2 NAG D . 2.99 61.98 0.88
C3 NAG D . 3.91 63.00 1.55
C4 NAG D . 3.47 64.41 1.19
C5 NAG D . 1.96 64.61 1.40
C6 NAG D . 1.47 65.93 0.85
C7 NAG D . 3.30 60.13 2.50
C8 NAG D . 3.71 58.71 2.66
N2 NAG D . 3.35 60.62 1.25
O3 NAG D . 5.25 62.78 1.15
O4 NAG D . 4.16 65.34 2.02
O5 NAG D . 1.22 63.58 0.73
O6 NAG D . 1.52 66.95 1.84
O7 NAG D . 2.92 60.81 3.45
C1 NAG D . 5.03 66.15 1.23
C2 NAG D . 5.74 67.11 2.17
C3 NAG D . 6.71 68.01 1.39
C4 NAG D . 7.67 67.15 0.58
C5 NAG D . 6.91 66.17 -0.30
C6 NAG D . 7.81 65.19 -1.01
C7 NAG D . 4.71 67.88 4.26
C8 NAG D . 3.67 68.77 4.87
N2 NAG D . 4.80 67.92 2.92
O3 NAG D . 7.42 68.83 2.31
O4 NAG D . 8.47 67.98 -0.26
O5 NAG D . 6.01 65.38 0.51
O6 NAG D . 8.61 64.46 -0.10
O7 NAG D . 5.44 67.17 4.94
C1 BMA D . 9.78 68.20 0.34
C2 BMA D . 10.66 68.94 -0.69
C3 BMA D . 11.92 69.51 -0.05
C4 BMA D . 11.61 70.23 1.27
C5 BMA D . 10.87 69.28 2.20
C6 BMA D . 10.52 69.92 3.54
O2 BMA D . 9.96 70.04 -1.27
O3 BMA D . 12.61 70.38 -0.92
O4 BMA D . 12.81 70.66 1.89
O5 BMA D . 9.63 68.94 1.56
O6 BMA D . 9.23 70.49 3.44
C1 NAG E . -2.02 18.11 40.42
C2 NAG E . -2.68 17.25 39.35
C3 NAG E . -3.22 15.96 39.99
C4 NAG E . -2.12 15.25 40.77
C5 NAG E . -1.43 16.21 41.74
C6 NAG E . -0.21 15.62 42.40
C7 NAG E . -4.29 17.58 37.53
C8 NAG E . -5.40 18.42 37.00
N2 NAG E . -3.77 17.97 38.70
O3 NAG E . -3.72 15.09 38.99
O4 NAG E . -2.72 14.20 41.53
O5 NAG E . -0.98 17.38 41.04
O6 NAG E . 0.85 16.57 42.47
O7 NAG E . -3.90 16.58 36.94
C1 NAG E . -2.04 12.95 41.27
C2 NAG E . -2.58 11.94 42.27
C3 NAG E . -1.90 10.59 42.06
C4 NAG E . -2.03 10.15 40.61
C5 NAG E . -1.57 11.26 39.66
C6 NAG E . -1.81 10.95 38.21
C7 NAG E . -1.25 12.66 44.22
C8 NAG E . -1.32 13.13 45.64
N2 NAG E . -2.43 12.40 43.64
O3 NAG E . -2.49 9.62 42.92
O4 NAG E . -1.24 8.98 40.38
O5 NAG E . -2.27 12.47 39.94
O6 NAG E . -3.13 11.30 37.82
O7 NAG E . -0.18 12.53 43.64
C1 BMA E . -2.12 7.90 40.03
C2 BMA E . -1.32 6.89 39.17
C3 BMA E . -2.17 5.66 38.89
C4 BMA E . -2.82 5.10 40.17
C5 BMA E . -3.55 6.21 40.93
C6 BMA E . -4.10 5.75 42.26
O2 BMA E . -0.18 6.43 39.87
O3 BMA E . -1.42 4.65 38.23
O4 BMA E . -3.73 4.07 39.85
O5 BMA E . -2.62 7.26 41.20
O6 BMA E . -3.06 5.84 43.23
C1 NAG F . -27.38 79.13 -14.42
C2 NAG F . -27.28 78.86 -12.91
C3 NAG F . -28.42 79.54 -12.16
C4 NAG F . -28.52 81.00 -12.58
C5 NAG F . -28.92 81.08 -14.05
C6 NAG F . -28.20 82.16 -14.82
C7 NAG F . -26.51 76.87 -11.70
C8 NAG F . -26.64 75.38 -11.56
N2 NAG F . -27.27 77.43 -12.64
O3 NAG F . -28.18 79.46 -10.77
O4 NAG F . -29.50 81.64 -11.78
O5 NAG F . -28.66 79.83 -14.72
O6 NAG F . -28.05 81.80 -16.19
O7 NAG F . -25.74 77.52 -11.02
C1 NAG F . -29.23 83.05 -11.61
C2 NAG F . -30.39 83.67 -10.83
C3 NAG F . -30.14 85.17 -10.63
C4 NAG F . -28.77 85.41 -10.00
C5 NAG F . -27.67 84.67 -10.78
C6 NAG F . -26.32 84.74 -10.11
C7 NAG F . -32.70 82.88 -10.93
C8 NAG F . -33.93 82.73 -11.78
N2 NAG F . -31.65 83.45 -11.52
O3 NAG F . -31.20 85.72 -9.85
O4 NAG F . -28.46 86.80 -10.02
O5 NAG F . -28.00 83.27 -10.90
O6 NAG F . -25.71 86.01 -10.31
O7 NAG F . -32.67 82.50 -9.76
C1 BMA F . -30.91 85.92 -8.45
C2 BMA F . -31.14 87.43 -8.15
C3 BMA F . -30.96 87.70 -6.66
C4 BMA F . -31.79 86.73 -5.82
C5 BMA F . -31.45 85.27 -6.20
C6 BMA F . -32.27 84.26 -5.43
O2 BMA F . -32.47 87.80 -8.47
O3 BMA F . -31.30 89.04 -6.34
O4 BMA F . -31.53 86.93 -4.44
O5 BMA F . -31.72 85.10 -7.61
O6 BMA F . -32.24 84.61 -4.05
CAA Y01 G . 8.76 -2.06 -43.30
CBA Y01 G . 7.28 -1.82 -43.07
CAB Y01 G . 6.59 -1.44 -44.36
CAN Y01 G . 7.05 -0.77 -41.97
CAJ Y01 G . 8.23 0.12 -41.68
CAO Y01 G . 8.07 1.51 -42.29
CBB Y01 G . 8.40 2.68 -41.35
CAC Y01 G . 9.91 2.83 -41.18
CBE Y01 G . 7.72 3.95 -41.86
CAP Y01 G . 6.32 3.65 -42.48
CAQ Y01 G . 5.36 4.75 -42.01
CBG Y01 G . 6.30 5.87 -41.57
CBI Y01 G . 7.45 5.13 -40.86
CAE Y01 G . 7.04 4.57 -39.49
CAU Y01 G . 8.58 6.16 -40.70
CAS Y01 G . 8.11 7.40 -39.94
CBF Y01 G . 6.86 8.06 -40.54
CBD Y01 G . 5.74 7.04 -40.79
CAK Y01 G . 4.59 7.70 -41.55
CAI Y01 G . 4.21 9.01 -40.94
CAZ Y01 G . 4.98 9.73 -40.14
CAV Y01 G . 4.50 11.06 -39.62
CBH Y01 G . 6.38 9.29 -39.72
CAD Y01 G . 6.36 9.00 -38.20
CAT Y01 G . 7.34 10.48 -39.99
CAR Y01 G . 6.84 11.82 -39.45
CBC Y01 G . 5.48 12.14 -39.99
OAW Y01 G . 5.00 13.39 -39.39
CAY Y01 G . 4.71 14.40 -40.20
OAG Y01 G . 3.76 15.12 -40.05
CAM Y01 G . 5.71 14.53 -41.33
CAL Y01 G . 5.18 14.33 -42.73
CAX Y01 G . 3.82 13.66 -42.82
OAH Y01 G . 3.78 12.41 -42.70
OAF Y01 G . 2.82 14.38 -42.98
C27 R16 H . 7.76 7.99 -33.86
C28 R16 H . 7.62 6.87 -34.86
C29 R16 H . 8.65 5.77 -34.66
C30 R16 H . 8.52 4.62 -35.63
C31 R16 H . 9.52 3.53 -35.41
C32 R16 H . 9.38 2.36 -36.36
C33 R16 H . 10.40 1.27 -36.15
C34 R16 H . 10.32 0.14 -37.15
C35 R16 H . 11.38 -0.91 -36.97
C36 R16 H . 11.39 -1.97 -38.04
C27 R16 I . 33.95 -23.27 -18.75
C28 R16 I . 33.48 -22.65 -17.46
C29 R16 I . 32.96 -21.25 -17.64
C30 R16 I . 31.72 -21.13 -18.50
C31 R16 I . 31.34 -19.71 -18.82
C32 R16 I . 30.97 -18.87 -17.62
C33 R16 I . 29.60 -19.15 -17.05
C34 R16 I . 29.24 -18.25 -15.89
C35 R16 I . 29.45 -16.79 -16.15
C36 R16 I . 28.21 -15.94 -16.05
C37 R16 I . 27.60 -15.88 -14.68
C38 R16 I . 26.43 -14.93 -14.57
C39 R16 I . 26.77 -13.50 -14.93
C40 R16 I . 25.60 -12.55 -14.95
C41 R16 I . 25.00 -12.11 -13.64
C42 R16 I . 24.03 -13.07 -13.00
CAA Y01 J . 9.29 -28.91 11.27
CBA Y01 J . 10.78 -28.64 11.13
CAB Y01 J . 11.57 -29.92 11.36
CAN Y01 J . 11.24 -27.53 12.08
CAJ Y01 J . 10.69 -26.16 11.79
CAO Y01 J . 11.18 -25.13 12.76
CBB Y01 J . 12.47 -24.38 12.34
CAC Y01 J . 13.09 -25.02 11.10
CBE Y01 J . 12.19 -22.88 12.17
CAP Y01 J . 10.67 -22.59 12.17
CAQ Y01 J . 10.45 -21.24 12.88
CBG Y01 J . 11.85 -20.67 13.04
CBI Y01 J . 12.77 -21.89 13.22
CAE Y01 J . 12.68 -22.48 14.63
CAU Y01 J . 14.19 -21.36 12.95
CAS Y01 J . 14.55 -20.23 13.93
CBF Y01 J . 13.53 -19.09 14.01
CBD Y01 J . 12.08 -19.59 14.08
CAK Y01 J . 11.12 -18.42 13.88
CAI Y01 J . 11.58 -17.18 14.56
CAZ Y01 J . 12.70 -17.09 15.28
CAV Y01 J . 12.91 -15.96 16.25
CBH Y01 J . 13.84 -18.09 15.16
CAD Y01 J . 13.98 -18.82 16.51
CAT Y01 J . 15.11 -17.28 14.85
CAR Y01 J . 15.36 -16.14 15.85
CBC Y01 J . 14.19 -15.21 15.96
OAW Y01 J . 14.42 -14.32 17.10
CAY Y01 J . 13.38 -13.64 17.58
OAG Y01 J . 12.78 -12.81 16.96
CAM Y01 J . 13.08 -14.00 19.01
CAL Y01 J . 13.02 -12.86 20.01
CAX Y01 J . 12.15 -11.68 19.61
OAH Y01 J . 11.06 -11.91 19.05
OAF Y01 J . 12.58 -10.53 19.84
C27 R16 K . 15.82 -3.02 8.97
C28 R16 K . 16.41 -2.85 10.34
C29 R16 K . 17.33 -3.97 10.75
C30 R16 K . 16.65 -5.32 10.72
C31 R16 K . 17.57 -6.49 11.01
C32 R16 K . 16.94 -7.82 10.73
C33 R16 K . 17.88 -9.00 10.84
C34 R16 K . 17.28 -10.29 10.33
C35 R16 K . 16.89 -10.25 8.88
C36 R16 K . 15.99 -11.37 8.44
C37 R16 K . 15.57 -11.30 7.00
C38 R16 K . 16.63 -11.75 6.03
C39 R16 K . 16.72 -13.24 5.85
C40 R16 K . 17.87 -13.70 4.99
C41 R16 K . 17.76 -15.10 4.46
C42 R16 K . 16.66 -15.26 3.44
CAA Y01 L . -3.43 -32.69 18.00
CBA Y01 L . -4.11 -32.15 19.25
CAB Y01 L . -4.50 -33.31 20.16
CAN Y01 L . -5.32 -31.29 18.89
CAJ Y01 L . -5.91 -30.48 20.03
CAO Y01 L . -7.06 -29.58 19.60
CBB Y01 L . -6.68 -28.18 19.08
CAC Y01 L . -5.95 -28.28 17.75
CBE Y01 L . -7.92 -27.27 18.98
CAP Y01 L . -9.23 -28.03 18.66
CAQ Y01 L . -10.38 -27.14 19.18
CBG Y01 L . -9.67 -25.83 19.54
CBI Y01 L . -8.33 -26.30 20.14
CAE Y01 L . -8.52 -27.06 21.45
CAU Y01 L . -7.46 -25.05 20.33
CAS Y01 L . -8.16 -24.01 21.19
CBF Y01 L . -9.54 -23.59 20.64
CBD Y01 L . -10.44 -24.81 20.38
CAK Y01 L . -11.70 -24.37 19.66
CAI Y01 L . -12.28 -23.11 20.21
CAZ Y01 L . -11.67 -22.30 21.06
CAV Y01 L . -12.35 -21.06 21.59
CBH Y01 L . -10.23 -22.52 21.52
CAD Y01 L . -10.27 -22.93 23.01
CAT Y01 L . -9.49 -21.17 21.38
CAR Y01 L . -10.28 -20.14 20.56
CBC Y01 L . -11.60 -19.80 21.20
OAW Y01 L . -11.36 -19.00 22.40
CAY Y01 L . -12.38 -18.39 23.01
OAG Y01 L . -13.41 -18.93 23.28
CAM Y01 L . -12.11 -16.94 23.23
CAL Y01 L . -11.90 -16.49 24.66
CAX Y01 L . -10.70 -17.11 25.34
OAH Y01 L . -9.63 -16.47 25.34
OAF Y01 L . -10.83 -18.23 25.87
C27 R16 M . -13.76 -20.62 12.42
C28 R16 M . -12.30 -20.64 12.78
C29 R16 M . -11.38 -20.80 11.60
C30 R16 M . -11.66 -22.03 10.79
C31 R16 M . -10.59 -22.37 9.77
C32 R16 M . -10.88 -23.61 8.97
C33 R16 M . -9.71 -24.14 8.19
C34 R16 M . -8.51 -24.48 9.05
C35 R16 M . -7.53 -25.44 8.42
C36 R16 M . -7.03 -25.02 7.07
C37 R16 M . -6.11 -26.02 6.42
C38 R16 M . -4.83 -26.25 7.17
C39 R16 M . -3.89 -27.24 6.52
CAA Y01 N . -10.62 -28.03 -20.28
CBA Y01 N . -10.28 -27.56 -18.88
CAB Y01 N . -8.88 -28.02 -18.48
CAN Y01 N . -11.33 -28.03 -17.86
CAJ Y01 N . -12.70 -27.44 -18.03
CAO Y01 N . -12.76 -25.92 -17.91
CBB Y01 N . -12.44 -25.35 -16.53
CAC Y01 N . -10.94 -25.12 -16.33
CBE Y01 N . -13.29 -24.11 -16.17
CAP Y01 N . -12.72 -23.39 -14.91
CAQ Y01 N . -12.87 -21.89 -15.16
CBG Y01 N . -14.01 -21.85 -16.16
CBI Y01 N . -13.63 -22.95 -17.16
CAE Y01 N . -12.41 -22.54 -17.99
CAU Y01 N . -14.86 -23.14 -18.06
CAS Y01 N . -15.32 -21.83 -18.72
CBF Y01 N . -15.58 -20.69 -17.71
CBD Y01 N . -14.39 -20.51 -16.77
CAK Y01 N . -14.73 -19.51 -15.67
CAI Y01 N . -15.48 -18.33 -16.17
CAZ Y01 N . -15.99 -18.22 -17.38
CAV Y01 N . -16.63 -16.92 -17.83
CBH Y01 N . -16.02 -19.36 -18.39
CAD Y01 N . -15.08 -18.99 -19.55
CAT Y01 N . -17.46 -19.50 -18.92
CAR Y01 N . -18.06 -18.17 -19.40
CBC Y01 N . -18.05 -17.14 -18.31
OAW Y01 N . -18.50 -15.84 -18.80
CAY Y01 N . -19.76 -15.67 -19.17
OAG Y01 N . -20.53 -16.56 -19.41
CAM Y01 N . -20.13 -14.21 -19.21
CAL Y01 N . -19.12 -13.22 -18.64
CAX Y01 N . -18.86 -13.34 -17.15
OAH Y01 N . -19.38 -12.50 -16.40
OAF Y01 N . -18.12 -14.25 -16.74
P 3PE O . -15.75 -2.92 -29.04
N 3PE O . -19.60 -0.51 -26.75
O11 3PE O . -16.50 -4.18 -28.40
O12 3PE O . -16.24 -2.71 -30.45
O13 3PE O . -16.34 -1.73 -28.15
O14 3PE O . -14.27 -3.04 -28.78
C11 3PE O . -17.78 -1.64 -27.98
C12 3PE O . -18.13 -0.58 -26.97
C1 3PE O . -16.56 -5.45 -29.12
C2 3PE O . -15.20 -6.11 -29.16
C3 3PE O . -14.52 -6.13 -27.82
O31 3PE O . -13.55 -7.21 -27.80
O32 3PE O . -12.87 -6.46 -25.82
C31 3PE O . -12.83 -7.30 -26.69
C32 3PE O . -12.02 -8.56 -26.63
C33 3PE O . -12.17 -9.43 -27.82
C34 3PE O . -11.39 -10.73 -27.70
C35 3PE O . -11.51 -11.61 -28.92
C36 3PE O . -11.01 -13.03 -28.73
C37 3PE O . -9.53 -13.19 -28.62
C38 3PE O . -9.07 -14.63 -28.58
C39 3PE O . -7.58 -14.80 -28.48
O21 3PE O . -15.31 -7.49 -29.65
O22 3PE O . -16.17 -6.87 -31.63
C21 3PE O . -15.73 -7.71 -30.90
C22 3PE O . -15.55 -9.14 -31.30
C23 3PE O . -14.87 -9.98 -30.27
C24 3PE O . -14.50 -11.35 -30.79
C25 3PE O . -15.64 -12.07 -31.46
C26 3PE O . -15.31 -13.46 -31.95
C27 3PE O . -14.91 -14.42 -30.86
C28 3PE O . -14.71 -15.83 -31.33
CAA Y01 P . -30.16 -27.65 -23.97
CBA Y01 P . -30.29 -26.80 -22.72
CAB Y01 P . -29.63 -25.45 -22.91
CAN Y01 P . -29.71 -27.54 -21.49
CAJ Y01 P . -30.41 -28.82 -21.06
CAO Y01 P . -31.61 -28.59 -20.17
CBB Y01 P . -32.87 -28.06 -20.88
CAC Y01 P . -33.47 -29.14 -21.79
CBE Y01 P . -33.90 -27.47 -19.89
CAP Y01 P . -34.16 -28.33 -18.61
CAQ Y01 P . -34.88 -27.37 -17.64
CBG Y01 P . -35.05 -26.09 -18.44
CBI Y01 P . -33.77 -26.04 -19.30
CAE Y01 P . -32.51 -25.88 -18.44
CAU Y01 P . -33.91 -24.88 -20.29
CAS Y01 P . -34.21 -23.57 -19.57
CBF Y01 P . -35.50 -23.66 -18.75
CBD Y01 P . -35.44 -24.80 -17.73
CAK Y01 P . -36.80 -24.97 -17.05
CAI Y01 P . -37.56 -23.69 -16.87
CAZ Y01 P . -37.21 -22.50 -17.33
CAV Y01 P . -38.08 -21.29 -17.08
CBH Y01 P . -35.93 -22.29 -18.15
CAD Y01 P . -34.86 -21.70 -17.22
CAT Y01 P . -36.20 -21.31 -19.32
CAR Y01 P . -37.05 -20.10 -18.95
CBC Y01 P . -38.36 -20.55 -18.37
OAW Y01 P . -39.22 -19.40 -18.13
CAY Y01 P . -38.76 -18.38 -17.42
OAG Y01 P . -38.34 -18.47 -16.29
CAM Y01 P . -38.80 -17.08 -18.18
CAL Y01 P . -39.56 -15.95 -17.54
CAX Y01 P . -39.31 -14.59 -18.16
OAH Y01 P . -38.90 -13.67 -17.41
OAF Y01 P . -39.50 -14.44 -19.38
C27 R16 Q . 13.48 -16.61 -23.07
C28 R16 Q . 12.30 -15.67 -23.17
C29 R16 Q . 11.11 -16.11 -22.36
C30 R16 Q . 9.88 -15.23 -22.49
C31 R16 Q . 10.09 -13.80 -22.03
C32 R16 Q . 8.85 -12.96 -22.11
C33 R16 Q . 9.02 -11.55 -21.60
C34 R16 Q . 7.75 -10.73 -21.60
C35 R16 Q . 7.89 -9.35 -21.04
C27 R16 R . 15.10 -42.81 10.03
C28 R16 R . 14.15 -41.65 9.93
C29 R16 R . 12.75 -42.06 9.53
C30 R16 R . 11.78 -40.91 9.35
C31 R16 R . 10.40 -41.34 8.91
C32 R16 R . 9.48 -40.20 8.55
C33 R16 R . 10.05 -39.26 7.51
C34 R16 R . 9.04 -38.34 6.87
C35 R16 R . 9.63 -37.36 5.88
C36 R16 R . 10.44 -36.24 6.52
C37 R16 R . 10.86 -35.16 5.57
C38 R16 R . 11.43 -33.94 6.26
C39 R16 R . 11.70 -32.76 5.34
C40 R16 R . 12.01 -31.48 6.06
C41 R16 R . 12.22 -30.26 5.20
C42 R16 R . 13.46 -30.30 4.36
CA CA S . -1.15 -14.27 -6.82
C27 R16 T . 9.21 -5.26 -21.91
C28 R16 T . 8.19 -4.19 -21.58
C29 R16 T . 8.76 -2.95 -20.96
C30 R16 T . 7.83 -1.77 -21.05
C31 R16 T . 8.49 -0.55 -21.60
C32 R16 T . 7.52 0.53 -22.01
C33 R16 T . 8.04 1.41 -23.10
C34 R16 T . 7.18 2.60 -23.37
C35 R16 T . 7.90 3.73 -24.04
CAA Y01 U . 12.50 -6.20 -32.86
CBA Y01 U . 11.19 -6.17 -33.64
CAB Y01 U . 10.82 -7.58 -34.09
CAN Y01 U . 11.27 -5.20 -34.82
CAJ Y01 U . 10.63 -3.86 -34.59
CAO Y01 U . 9.60 -3.88 -33.50
CBB Y01 U . 9.81 -2.86 -32.36
CAC Y01 U . 11.30 -2.64 -32.12
CBE Y01 U . 9.07 -1.55 -32.68
CAP Y01 U . 7.83 -1.78 -33.58
CAQ Y01 U . 6.79 -0.71 -33.22
CBG Y01 U . 7.53 0.22 -32.27
CBI Y01 U . 8.50 -0.70 -31.51
CAE Y01 U . 7.75 -1.61 -30.50
CAU Y01 U . 9.49 0.21 -30.77
CAS Y01 U . 8.77 1.21 -29.86
CBF Y01 U . 7.71 2.05 -30.59
CBD Y01 U . 6.74 1.18 -31.40
CAK Y01 U . 5.84 2.06 -32.26
CAI Y01 U . 5.40 3.31 -31.57
CAZ Y01 U . 5.86 3.74 -30.40
CAV Y01 U . 5.28 4.97 -29.74
CBH Y01 U . 6.98 3.04 -29.64
CAD Y01 U . 6.36 2.31 -28.43
CAT Y01 U . 8.00 4.09 -29.15
CAR Y01 U . 7.36 5.32 -28.49
CBC Y01 U . 6.35 5.96 -29.40
OAW Y01 U . 5.73 7.09 -28.71
CAY Y01 U . 5.92 8.31 -29.21
OAG Y01 U . 5.38 8.71 -30.20
CAM Y01 U . 6.90 9.10 -28.38
CAL Y01 U . 8.35 8.96 -28.76
CAX Y01 U . 8.61 8.43 -30.16
OAH Y01 U . 9.21 7.35 -30.28
OAF Y01 U . 8.21 9.11 -31.14
C1 NAG V . -5.23 75.53 12.33
C2 NAG V . -3.70 75.52 12.20
C3 NAG V . -3.16 76.95 12.10
C4 NAG V . -3.87 77.72 10.99
C5 NAG V . -5.37 77.70 11.24
C6 NAG V . -6.15 78.36 10.14
C7 NAG V . -1.83 74.40 13.33
C8 NAG V . -1.38 73.71 14.58
N2 NAG V . -3.10 74.83 13.33
O3 NAG V . -1.76 76.92 11.86
O4 NAG V . -3.41 79.06 10.94
O5 NAG V . -5.81 76.34 11.29
O6 NAG V . -6.80 77.40 9.32
O7 NAG V . -1.09 74.54 12.36
C1 NAG W . -2.80 57.50 36.75
C2 NAG W . -3.68 58.74 36.62
C3 NAG W . -2.84 60.00 36.86
C4 NAG W . -2.10 59.91 38.18
C5 NAG W . -1.30 58.61 38.25
C6 NAG W . -0.65 58.39 39.59
C7 NAG W . -5.65 58.81 35.17
C8 NAG W . -6.15 58.85 33.75
N2 NAG W . -4.33 58.80 35.32
O3 NAG W . -3.70 61.14 36.86
O4 NAG W . -1.20 61.01 38.31
O5 NAG W . -2.18 57.49 38.02
O6 NAG W . -1.16 57.23 40.23
O7 NAG W . -6.41 58.77 36.12
C1 NAG X . -38.59 48.77 6.38
C2 NAG X . -38.99 49.02 4.92
C3 NAG X . -40.19 49.96 4.86
C4 NAG X . -41.32 49.43 5.71
C5 NAG X . -40.84 49.19 7.14
C6 NAG X . -41.89 48.58 8.02
C7 NAG X . -36.92 48.80 3.61
C8 NAG X . -35.85 49.53 2.86
N2 NAG X . -37.87 49.56 4.16
O3 NAG X . -40.62 50.09 3.50
O4 NAG X . -42.40 50.37 5.73
O5 NAG X . -39.72 48.30 7.13
O6 NAG X . -41.61 47.21 8.28
O7 NAG X . -36.91 47.58 3.74
C1 NAG Y . 8.42 65.26 -14.05
C2 NAG Y . 8.84 64.28 -12.93
C3 NAG Y . 10.32 63.88 -13.08
C4 NAG Y . 10.60 63.38 -14.49
C5 NAG Y . 10.17 64.43 -15.51
C6 NAG Y . 10.35 63.98 -16.93
C7 NAG Y . 9.26 65.86 -11.07
C8 NAG Y . 8.84 66.25 -9.68
N2 NAG Y . 8.59 64.82 -11.61
O3 NAG Y . 10.64 62.88 -12.13
O4 NAG Y . 11.99 63.13 -14.64
O5 NAG Y . 8.78 64.71 -15.34
O6 NAG Y . 9.56 62.84 -17.22
O7 NAG Y . 10.14 66.46 -11.67
C1 NAG Z . -16.36 14.86 42.85
C2 NAG Z . -17.08 16.11 43.35
C3 NAG Z . -17.77 15.82 44.68
C4 NAG Z . -18.69 14.61 44.54
C5 NAG Z . -17.90 13.41 44.00
C6 NAG Z . -18.79 12.22 43.72
C7 NAG Z . -16.51 18.49 43.29
C8 NAG Z . -15.43 19.51 43.48
N2 NAG Z . -16.15 17.22 43.49
O3 NAG Z . -18.53 16.95 45.07
O4 NAG Z . -19.22 14.27 45.82
O5 NAG Z . -17.28 13.77 42.75
O6 NAG Z . -19.92 12.59 42.94
O7 NAG Z . -17.65 18.81 42.97
CA CA AA . 19.54 12.83 7.18
C1 NAG BA . -17.66 47.08 38.40
C2 NAG BA . -18.69 47.83 37.56
C3 NAG BA . -19.77 48.46 38.43
C4 NAG BA . -20.38 47.41 39.36
C5 NAG BA . -19.28 46.75 40.17
C6 NAG BA . -19.78 45.65 41.07
C7 NAG BA . -18.11 48.89 35.41
C8 NAG BA . -17.40 50.02 34.73
N2 NAG BA . -18.04 48.86 36.75
O3 NAG BA . -20.79 49.03 37.61
O4 NAG BA . -21.33 48.01 40.22
O5 NAG BA . -18.33 46.16 39.29
O6 NAG BA . -19.53 45.94 42.43
O7 NAG BA . -18.72 48.03 34.78
C1 NAG CA . 11.21 28.87 -4.25
C2 NAG CA . 12.56 28.17 -4.38
C3 NAG CA . 13.18 28.47 -5.74
C4 NAG CA . 12.20 28.13 -6.85
C5 NAG CA . 10.87 28.82 -6.63
C6 NAG CA . 9.81 28.42 -7.63
C7 NAG CA . 14.44 27.80 -2.84
C8 NAG CA . 15.27 28.37 -1.74
N2 NAG CA . 13.46 28.58 -3.30
O3 NAG CA . 14.37 27.71 -5.89
O4 NAG CA . 12.74 28.56 -8.11
O5 NAG CA . 10.35 28.48 -5.33
O6 NAG CA . 9.85 27.02 -7.89
O7 NAG CA . 14.64 26.67 -3.29
C1 NAG DA . 25.97 43.84 16.09
C2 NAG DA . 26.71 43.25 14.89
C3 NAG DA . 28.19 43.07 15.22
C4 NAG DA . 28.77 44.38 15.71
C5 NAG DA . 27.95 44.95 16.86
C6 NAG DA . 28.41 46.32 17.29
C7 NAG DA . 25.98 40.90 15.24
C8 NAG DA . 25.33 39.72 14.60
N2 NAG DA . 26.11 41.99 14.46
O3 NAG DA . 28.87 42.62 14.06
O4 NAG DA . 30.12 44.17 16.15
O5 NAG DA . 26.58 45.08 16.46
O6 NAG DA . 27.84 47.33 16.47
O7 NAG DA . 26.37 40.88 16.41
#